data_4LQL
#
_entry.id   4LQL
#
_cell.length_a   85.201
_cell.length_b   184.831
_cell.length_c   186.347
_cell.angle_alpha   90.00
_cell.angle_beta   90.00
_cell.angle_gamma   90.00
#
_symmetry.space_group_name_H-M   'P 21 21 21'
#
_entity_poly.entity_id   1
_entity_poly.type   'polypeptide(L)'
_entity_poly.pdbx_seq_one_letter_code
;MRKMQDYKFWFVVGSQPLYGPEALAEVEKDARKLVDGLNKGGKLDYPVEFKLVATTADSITKFMKEANYNDDVAGVITWM
HTFSPAKNWIRGTELLQKPLLHLATQFLNNIPFDSIDMDYMNLHQSAHGDREYAYINSRLNVPAASVYGWWGDADVQEQI
ADWQHVAVAYNESFHIKIARFGDTMRDVAVTEGDKVAAQIKLGWTVDYYPTNELVAVVNGIAEDEIDAAYKDLEANYDLV
EGDNDHEKYVHNVRYQLREYLGIKKFLDDNGYDAFTDNFQDLEGLEQLPGLAVQLLMIDGYGFGPEGDFKMAGLTRLLKI
AADNKQTALMEDYTLDLRHGHEAIMGSHMLEVDPTLASDKPRVEVHPLGIGGKDDPARLVFTGAEGKGYDITLSYFDDGY
KFIGYPVDCKTPEAEMPKLPVAKQMWTPEIGLAEGAKQWMKYGGGHHTVLTLALSEEQLEQLARLFKVDFINIK
;
_entity_poly.pdbx_strand_id   A,B,C,D,E,F
#
# COMPACT_ATOMS: atom_id res chain seq x y z
N MET A 1 -49.08 -3.06 -9.89
CA MET A 1 -48.41 -4.21 -10.49
C MET A 1 -47.37 -4.86 -9.54
N ARG A 2 -46.08 -4.69 -9.81
CA ARG A 2 -45.04 -5.34 -8.99
C ARG A 2 -44.83 -4.64 -7.64
N LYS A 3 -43.59 -4.64 -7.14
CA LYS A 3 -43.23 -3.81 -5.99
C LYS A 3 -42.83 -2.43 -6.50
N MET A 4 -42.81 -2.31 -7.83
CA MET A 4 -42.51 -1.07 -8.53
C MET A 4 -43.82 -0.32 -8.77
N GLN A 5 -44.57 -0.13 -7.70
CA GLN A 5 -45.80 0.67 -7.70
C GLN A 5 -45.51 1.90 -6.87
N ASP A 6 -44.23 2.23 -6.78
CA ASP A 6 -43.78 3.30 -5.92
C ASP A 6 -42.57 4.07 -6.49
N TYR A 7 -41.81 3.46 -7.41
CA TYR A 7 -40.55 4.05 -7.83
C TYR A 7 -40.56 5.19 -8.89
N LYS A 8 -39.89 6.31 -8.53
CA LYS A 8 -39.70 7.50 -9.39
C LYS A 8 -38.22 7.66 -9.77
N PHE A 9 -37.91 8.82 -10.39
CA PHE A 9 -36.56 9.27 -10.73
C PHE A 9 -36.50 10.80 -10.89
N TRP A 10 -35.94 11.52 -9.90
CA TRP A 10 -35.85 13.00 -9.89
C TRP A 10 -34.88 13.58 -10.93
N PHE A 11 -35.36 14.17 -12.01
CA PHE A 11 -34.44 14.77 -13.02
C PHE A 11 -34.00 16.17 -12.59
N VAL A 12 -32.73 16.49 -12.80
CA VAL A 12 -32.31 17.90 -12.72
C VAL A 12 -31.47 18.36 -13.90
N VAL A 13 -31.95 19.46 -14.50
CA VAL A 13 -31.18 20.28 -15.40
C VAL A 13 -30.45 21.27 -14.51
N GLY A 14 -29.16 21.47 -14.78
CA GLY A 14 -28.31 22.27 -13.93
C GLY A 14 -27.88 23.61 -14.50
N SER A 15 -27.88 24.64 -13.65
CA SER A 15 -27.61 26.02 -14.06
C SER A 15 -27.16 26.91 -12.90
N GLN A 16 -27.05 28.21 -13.13
CA GLN A 16 -26.74 29.13 -12.03
C GLN A 16 -27.47 30.45 -12.24
N PRO A 17 -27.99 31.04 -11.14
CA PRO A 17 -28.75 32.29 -11.12
C PRO A 17 -27.90 33.49 -11.57
N LEU A 18 -26.62 33.24 -11.84
CA LEU A 18 -25.73 34.23 -12.48
C LEU A 18 -25.65 34.04 -13.99
N TYR A 19 -26.75 33.58 -14.58
CA TYR A 19 -26.84 33.37 -16.03
C TYR A 19 -28.05 34.13 -16.51
N GLY A 20 -28.80 34.65 -15.55
CA GLY A 20 -29.90 35.53 -15.85
C GLY A 20 -31.23 34.83 -15.85
N PRO A 21 -32.12 35.24 -14.94
CA PRO A 21 -33.54 34.83 -14.97
C PRO A 21 -34.18 35.19 -16.31
N GLU A 22 -33.69 34.57 -17.38
CA GLU A 22 -34.11 34.90 -18.73
C GLU A 22 -33.74 33.76 -19.66
N ALA A 23 -32.61 33.12 -19.37
CA ALA A 23 -32.24 31.89 -20.07
C ALA A 23 -32.75 30.72 -19.25
N LEU A 24 -32.75 30.90 -17.92
CA LEU A 24 -33.27 29.89 -16.99
C LEU A 24 -34.54 29.27 -17.52
N ALA A 25 -35.39 30.09 -18.13
CA ALA A 25 -36.68 29.65 -18.64
C ALA A 25 -36.54 28.74 -19.85
N GLU A 26 -35.33 28.65 -20.40
CA GLU A 26 -35.07 27.76 -21.54
C GLU A 26 -34.53 26.40 -21.10
N VAL A 27 -33.73 26.42 -20.03
CA VAL A 27 -33.25 25.18 -19.41
C VAL A 27 -34.31 24.54 -18.55
N GLU A 28 -35.30 25.34 -18.13
CA GLU A 28 -36.49 24.80 -17.45
C GLU A 28 -37.41 24.37 -18.57
N LYS A 29 -37.23 24.97 -19.74
CA LYS A 29 -38.03 24.63 -20.91
C LYS A 29 -37.50 23.38 -21.58
N ASP A 30 -36.17 23.33 -21.78
CA ASP A 30 -35.51 22.13 -22.30
C ASP A 30 -35.52 21.04 -21.22
N ALA A 31 -35.88 21.41 -20.00
CA ALA A 31 -35.91 20.48 -18.91
C ALA A 31 -36.92 19.43 -19.23
N ARG A 32 -38.17 19.83 -19.22
CA ARG A 32 -39.26 18.89 -19.24
C ARG A 32 -39.40 18.26 -20.63
N LYS A 33 -39.00 18.99 -21.67
CA LYS A 33 -39.04 18.48 -23.04
C LYS A 33 -38.32 17.13 -23.14
N LEU A 34 -37.13 17.05 -22.55
CA LEU A 34 -36.42 15.78 -22.45
C LEU A 34 -37.34 14.75 -21.80
N VAL A 35 -37.74 15.08 -20.58
CA VAL A 35 -38.36 14.14 -19.64
C VAL A 35 -39.69 13.57 -20.09
N ASP A 36 -40.52 14.42 -20.66
CA ASP A 36 -41.82 13.95 -21.15
C ASP A 36 -41.65 13.23 -22.48
N GLY A 37 -40.54 13.51 -23.19
CA GLY A 37 -40.17 12.74 -24.35
C GLY A 37 -39.48 11.46 -23.95
N LEU A 38 -39.07 11.40 -22.69
CA LEU A 38 -38.50 10.19 -22.11
C LEU A 38 -39.58 9.39 -21.38
N ASN A 39 -40.42 10.09 -20.64
CA ASN A 39 -41.57 9.52 -19.97
C ASN A 39 -42.53 8.82 -20.92
N LYS A 40 -42.53 9.23 -22.19
CA LYS A 40 -43.52 8.74 -23.16
C LYS A 40 -43.32 7.33 -23.71
N GLY A 41 -42.35 7.20 -24.61
CA GLY A 41 -42.21 5.96 -25.36
C GLY A 41 -40.84 5.65 -25.95
N GLY A 42 -39.83 5.71 -25.10
CA GLY A 42 -38.56 5.08 -25.40
C GLY A 42 -38.60 3.78 -24.62
N LYS A 43 -39.79 3.49 -24.13
CA LYS A 43 -40.02 2.45 -23.15
C LYS A 43 -39.02 2.66 -22.03
N LEU A 44 -39.38 3.54 -21.11
CA LEU A 44 -38.66 3.64 -19.84
C LEU A 44 -39.52 2.95 -18.82
N ASP A 45 -38.91 2.01 -18.13
CA ASP A 45 -39.58 1.25 -17.09
C ASP A 45 -40.29 2.13 -16.08
N TYR A 46 -39.62 3.17 -15.63
CA TYR A 46 -40.14 3.99 -14.54
C TYR A 46 -40.19 5.49 -14.90
N PRO A 47 -41.21 6.20 -14.42
CA PRO A 47 -41.28 7.59 -14.83
C PRO A 47 -40.11 8.44 -14.33
N VAL A 48 -39.98 9.66 -14.86
CA VAL A 48 -39.00 10.66 -14.43
C VAL A 48 -39.69 11.97 -14.11
N GLU A 49 -39.68 12.36 -12.83
CA GLU A 49 -40.27 13.65 -12.39
C GLU A 49 -39.25 14.77 -12.58
N PHE A 50 -39.57 15.84 -13.32
CA PHE A 50 -38.61 16.97 -13.41
C PHE A 50 -38.73 17.80 -12.15
N LYS A 51 -37.59 18.03 -11.51
CA LYS A 51 -37.55 18.63 -10.21
C LYS A 51 -36.85 19.96 -10.24
N LEU A 52 -36.67 20.58 -9.07
CA LEU A 52 -36.18 21.95 -8.98
C LEU A 52 -34.73 22.19 -9.45
N VAL A 53 -34.60 22.87 -10.60
CA VAL A 53 -33.34 23.36 -11.19
C VAL A 53 -32.23 23.70 -10.19
N ALA A 54 -31.00 23.47 -10.62
CA ALA A 54 -29.87 23.52 -9.72
C ALA A 54 -29.10 24.74 -10.05
N THR A 55 -29.04 25.70 -9.13
CA THR A 55 -28.33 26.95 -9.39
C THR A 55 -27.23 27.21 -8.36
N THR A 56 -27.65 27.53 -7.15
CA THR A 56 -26.77 27.71 -6.00
C THR A 56 -26.38 26.35 -5.45
N ALA A 57 -25.44 26.31 -4.49
CA ALA A 57 -25.08 25.07 -3.80
C ALA A 57 -26.17 24.68 -2.84
N ASP A 58 -27.03 25.62 -2.52
CA ASP A 58 -28.03 25.34 -1.55
C ASP A 58 -29.20 24.76 -2.30
N SER A 59 -29.28 25.12 -3.57
CA SER A 59 -30.29 24.56 -4.44
C SER A 59 -30.05 23.06 -4.43
N ILE A 60 -28.80 22.70 -4.63
CA ILE A 60 -28.38 21.32 -4.80
C ILE A 60 -28.32 20.55 -3.48
N THR A 61 -27.74 21.15 -2.44
CA THR A 61 -27.62 20.41 -1.18
C THR A 61 -29.01 20.03 -0.76
N LYS A 62 -29.94 20.97 -0.86
CA LYS A 62 -31.36 20.71 -0.62
C LYS A 62 -31.80 19.53 -1.45
N PHE A 63 -31.99 19.75 -2.76
CA PHE A 63 -32.18 18.73 -3.78
C PHE A 63 -31.72 17.33 -3.40
N MET A 64 -30.43 17.07 -3.65
CA MET A 64 -29.85 15.75 -3.35
C MET A 64 -30.09 15.27 -1.90
N LYS A 65 -30.38 16.18 -0.96
CA LYS A 65 -30.71 15.85 0.42
C LYS A 65 -32.16 15.38 0.50
N GLU A 66 -33.05 16.08 -0.19
CA GLU A 66 -34.44 15.66 -0.25
C GLU A 66 -34.59 14.28 -0.91
N ALA A 67 -33.95 14.10 -2.06
CA ALA A 67 -33.95 12.80 -2.71
C ALA A 67 -33.43 11.68 -1.84
N ASN A 68 -33.04 11.95 -0.60
CA ASN A 68 -32.55 10.89 0.27
C ASN A 68 -33.57 10.54 1.34
N TYR A 69 -34.61 11.36 1.44
CA TYR A 69 -35.70 11.08 2.36
C TYR A 69 -36.88 10.37 1.64
N ASN A 70 -37.15 10.75 0.40
CA ASN A 70 -38.25 10.12 -0.37
C ASN A 70 -38.00 8.66 -0.90
N ASP A 71 -38.38 7.67 -0.08
CA ASP A 71 -37.95 6.29 -0.27
C ASP A 71 -38.41 5.71 -1.60
N ASP A 72 -39.29 6.42 -2.26
CA ASP A 72 -39.80 5.97 -3.53
C ASP A 72 -39.07 6.69 -4.67
N VAL A 73 -37.93 7.33 -4.31
CA VAL A 73 -37.03 7.94 -5.29
C VAL A 73 -35.85 7.00 -5.45
N ALA A 74 -35.76 6.33 -6.58
CA ALA A 74 -34.75 5.30 -6.74
C ALA A 74 -33.46 5.85 -7.31
N GLY A 75 -33.53 7.04 -7.91
CA GLY A 75 -32.38 7.64 -8.58
C GLY A 75 -32.50 9.13 -8.89
N VAL A 76 -31.40 9.68 -9.36
CA VAL A 76 -31.35 11.07 -9.79
C VAL A 76 -30.97 10.95 -11.24
N ILE A 77 -31.54 11.75 -12.12
CA ILE A 77 -30.98 11.84 -13.45
C ILE A 77 -30.45 13.26 -13.70
N THR A 78 -29.13 13.43 -13.68
CA THR A 78 -28.55 14.77 -13.69
C THR A 78 -27.75 15.13 -14.96
N TRP A 79 -28.14 16.24 -15.57
CA TRP A 79 -27.54 16.71 -16.80
C TRP A 79 -27.46 18.20 -16.73
N MET A 80 -26.31 18.73 -17.09
CA MET A 80 -26.08 20.16 -17.04
C MET A 80 -26.28 20.64 -18.47
N HIS A 81 -27.08 21.69 -18.60
CA HIS A 81 -27.59 22.24 -19.87
C HIS A 81 -26.80 23.50 -20.24
N THR A 82 -26.12 24.06 -19.23
CA THR A 82 -25.29 25.25 -19.39
C THR A 82 -23.87 24.92 -19.04
N PHE A 83 -23.52 25.21 -17.79
CA PHE A 83 -22.18 25.02 -17.24
C PHE A 83 -22.31 25.39 -15.77
N SER A 84 -22.87 24.50 -14.96
CA SER A 84 -23.18 24.85 -13.57
C SER A 84 -21.99 24.56 -12.68
N PRO A 85 -21.12 25.55 -12.55
CA PRO A 85 -19.73 25.33 -12.20
C PRO A 85 -19.59 24.48 -10.95
N ALA A 86 -19.19 23.23 -11.12
CA ALA A 86 -19.40 22.19 -10.11
C ALA A 86 -19.17 22.51 -8.63
N LYS A 87 -18.23 23.38 -8.28
CA LYS A 87 -17.97 23.66 -6.87
C LYS A 87 -19.22 24.12 -6.09
N ASN A 88 -20.37 24.15 -6.76
CA ASN A 88 -21.66 24.41 -6.14
C ASN A 88 -22.36 23.05 -5.93
N TRP A 89 -21.84 22.03 -6.59
CA TRP A 89 -22.37 20.67 -6.48
C TRP A 89 -21.78 19.80 -5.37
N ILE A 90 -20.66 20.24 -4.78
CA ILE A 90 -19.92 19.34 -3.91
C ILE A 90 -20.72 18.83 -2.70
N ARG A 91 -21.09 19.70 -1.75
CA ARG A 91 -21.79 19.23 -0.54
C ARG A 91 -23.00 18.40 -0.97
N GLY A 92 -23.68 18.92 -2.00
CA GLY A 92 -24.79 18.24 -2.65
C GLY A 92 -24.59 16.75 -2.80
N THR A 93 -23.51 16.35 -3.49
CA THR A 93 -23.21 14.93 -3.69
C THR A 93 -22.08 14.34 -2.81
N GLU A 94 -21.71 15.06 -1.77
CA GLU A 94 -20.96 14.50 -0.68
C GLU A 94 -22.02 13.75 0.05
N LEU A 95 -23.20 14.36 0.15
CA LEU A 95 -24.22 13.80 1.02
C LEU A 95 -25.29 12.96 0.32
N LEU A 96 -25.16 12.76 -1.00
CA LEU A 96 -26.11 11.88 -1.69
C LEU A 96 -25.95 10.38 -1.43
N GLN A 97 -27.01 9.77 -0.91
CA GLN A 97 -27.03 8.36 -0.62
C GLN A 97 -27.54 7.51 -1.81
N LYS A 98 -28.31 8.11 -2.71
CA LYS A 98 -28.97 7.47 -3.89
C LYS A 98 -28.08 7.13 -5.11
N PRO A 99 -28.65 6.51 -6.15
CA PRO A 99 -27.75 6.38 -7.29
C PRO A 99 -27.81 7.53 -8.28
N LEU A 100 -26.67 7.91 -8.86
CA LEU A 100 -26.56 9.02 -9.80
C LEU A 100 -26.27 8.62 -11.25
N LEU A 101 -27.14 9.12 -12.14
CA LEU A 101 -27.01 8.96 -13.60
C LEU A 101 -26.79 10.29 -14.32
N HIS A 102 -25.55 10.56 -14.73
CA HIS A 102 -25.19 11.76 -15.51
C HIS A 102 -25.24 11.44 -16.99
N LEU A 103 -26.21 12.03 -17.69
CA LEU A 103 -26.39 11.82 -19.12
C LEU A 103 -25.85 13.04 -19.85
N ALA A 104 -24.82 12.86 -20.65
CA ALA A 104 -24.20 14.02 -21.25
C ALA A 104 -24.86 14.33 -22.56
N THR A 105 -26.17 14.55 -22.52
CA THR A 105 -26.88 14.87 -23.75
C THR A 105 -27.01 16.38 -23.96
N GLN A 106 -27.62 16.76 -25.09
CA GLN A 106 -27.87 18.17 -25.43
C GLN A 106 -29.33 18.36 -25.88
N PHE A 107 -29.67 19.59 -26.29
CA PHE A 107 -30.99 19.83 -26.84
C PHE A 107 -31.13 19.18 -28.22
N LEU A 108 -30.85 19.95 -29.27
CA LEU A 108 -30.94 19.44 -30.64
C LEU A 108 -29.69 18.63 -30.99
N ASN A 109 -29.68 18.01 -32.17
CA ASN A 109 -28.53 17.21 -32.59
C ASN A 109 -27.43 18.03 -33.28
N ASN A 110 -27.52 18.15 -34.59
CA ASN A 110 -26.55 18.90 -35.36
C ASN A 110 -26.31 20.30 -34.82
N ILE A 111 -25.23 20.94 -35.28
CA ILE A 111 -25.00 22.33 -34.95
C ILE A 111 -25.62 23.18 -36.07
N PRO A 112 -26.56 24.07 -35.71
CA PRO A 112 -27.23 24.91 -36.71
C PRO A 112 -26.35 26.10 -37.10
N PHE A 113 -25.34 25.82 -37.93
CA PHE A 113 -24.29 26.80 -38.23
C PHE A 113 -24.82 28.11 -38.81
N ASP A 114 -26.02 28.05 -39.39
CA ASP A 114 -26.67 29.21 -39.98
C ASP A 114 -27.33 30.14 -38.95
N SER A 115 -27.74 29.60 -37.79
CA SER A 115 -28.38 30.40 -36.75
C SER A 115 -27.82 30.17 -35.33
N ILE A 116 -26.70 30.81 -35.03
CA ILE A 116 -25.99 30.59 -33.76
C ILE A 116 -25.13 31.77 -33.26
N ASP A 117 -25.21 32.07 -31.97
CA ASP A 117 -24.30 33.03 -31.31
C ASP A 117 -24.27 32.85 -29.79
N MET A 118 -23.52 33.71 -29.10
CA MET A 118 -23.36 33.59 -27.65
C MET A 118 -24.62 33.90 -26.83
N ASP A 119 -25.59 34.60 -27.43
CA ASP A 119 -26.86 34.86 -26.77
C ASP A 119 -27.61 33.54 -26.70
N TYR A 120 -27.31 32.67 -27.66
CA TYR A 120 -27.91 31.36 -27.72
C TYR A 120 -26.92 30.28 -27.30
N MET A 121 -25.71 30.70 -26.88
CA MET A 121 -24.70 29.76 -26.41
C MET A 121 -24.43 29.91 -24.90
N ASN A 122 -25.01 30.92 -24.26
CA ASN A 122 -25.07 30.92 -22.79
C ASN A 122 -26.31 30.12 -22.41
N LEU A 123 -26.34 28.92 -22.98
CA LEU A 123 -27.49 28.01 -23.05
C LEU A 123 -27.07 27.02 -24.14
N HIS A 124 -27.23 25.72 -23.90
CA HIS A 124 -26.72 24.68 -24.81
C HIS A 124 -25.19 24.69 -24.97
N GLN A 125 -24.51 24.90 -23.84
CA GLN A 125 -23.05 24.79 -23.78
C GLN A 125 -22.65 23.53 -23.01
N SER A 126 -23.53 22.54 -23.05
CA SER A 126 -23.42 21.31 -22.26
C SER A 126 -22.22 20.43 -22.60
N ALA A 127 -21.73 20.56 -23.84
CA ALA A 127 -20.55 19.80 -24.27
C ALA A 127 -19.30 20.09 -23.44
N HIS A 128 -19.35 21.15 -22.62
CA HIS A 128 -18.23 21.52 -21.76
C HIS A 128 -18.60 21.79 -20.31
N GLY A 129 -19.85 21.53 -19.95
CA GLY A 129 -20.36 21.88 -18.64
C GLY A 129 -20.96 20.68 -17.94
N ASP A 130 -21.11 19.59 -18.69
CA ASP A 130 -21.34 18.28 -18.09
C ASP A 130 -19.96 17.66 -17.85
N ARG A 131 -18.96 18.16 -18.58
CA ARG A 131 -17.56 17.76 -18.39
C ARG A 131 -16.98 18.30 -17.07
N GLU A 132 -17.32 19.55 -16.74
CA GLU A 132 -17.07 20.04 -15.39
C GLU A 132 -17.93 19.31 -14.36
N TYR A 133 -19.19 18.99 -14.66
CA TYR A 133 -19.93 18.08 -13.79
C TYR A 133 -19.09 16.82 -13.66
N ALA A 134 -18.48 16.40 -14.76
CA ALA A 134 -17.63 15.21 -14.69
C ALA A 134 -16.45 15.21 -13.65
N TYR A 135 -15.69 16.32 -13.53
CA TYR A 135 -14.55 16.41 -12.56
C TYR A 135 -14.98 16.07 -11.16
N ILE A 136 -16.23 16.41 -10.85
CA ILE A 136 -16.60 16.51 -9.47
C ILE A 136 -17.20 15.22 -8.95
N ASN A 137 -17.78 14.43 -9.85
CA ASN A 137 -18.32 13.13 -9.46
C ASN A 137 -17.26 12.07 -9.71
N SER A 138 -15.99 12.48 -9.65
CA SER A 138 -14.86 11.58 -9.88
C SER A 138 -13.78 11.91 -8.87
N ARG A 139 -13.47 13.20 -8.74
CA ARG A 139 -12.63 13.67 -7.65
C ARG A 139 -13.19 13.06 -6.35
N LEU A 140 -14.51 13.15 -6.19
CA LEU A 140 -15.18 12.60 -5.02
C LEU A 140 -15.29 11.08 -5.08
N ASN A 141 -14.99 10.55 -6.26
CA ASN A 141 -15.22 9.15 -6.57
C ASN A 141 -16.67 8.76 -6.29
N VAL A 142 -17.63 9.30 -7.02
CA VAL A 142 -19.00 8.81 -6.86
C VAL A 142 -19.18 7.55 -7.71
N PRO A 143 -20.15 6.71 -7.33
CA PRO A 143 -20.29 5.43 -8.02
C PRO A 143 -20.94 5.60 -9.42
N ALA A 144 -21.75 6.64 -9.57
CA ALA A 144 -21.88 7.39 -10.84
C ALA A 144 -22.05 6.68 -12.19
N ALA A 145 -23.29 6.53 -12.68
CA ALA A 145 -23.49 5.92 -14.01
C ALA A 145 -23.13 6.92 -15.15
N SER A 146 -23.43 6.58 -16.43
CA SER A 146 -23.14 7.50 -17.56
C SER A 146 -23.58 7.04 -18.96
N VAL A 147 -24.28 7.89 -19.70
CA VAL A 147 -24.61 7.68 -21.13
C VAL A 147 -24.11 8.88 -21.97
N TYR A 148 -23.91 8.69 -23.26
CA TYR A 148 -23.73 9.81 -24.19
C TYR A 148 -24.81 9.67 -25.25
N GLY A 149 -25.24 10.76 -25.87
CA GLY A 149 -26.28 10.67 -26.90
C GLY A 149 -27.62 11.41 -26.78
N TRP A 150 -28.41 11.42 -27.85
CA TRP A 150 -29.61 12.25 -27.89
C TRP A 150 -30.77 11.69 -27.07
N TRP A 151 -31.37 12.52 -26.23
CA TRP A 151 -32.41 12.09 -25.29
C TRP A 151 -33.51 11.25 -25.96
N GLY A 152 -33.98 11.70 -27.13
CA GLY A 152 -35.06 11.02 -27.81
C GLY A 152 -34.61 9.82 -28.63
N ASP A 153 -33.33 9.83 -29.01
CA ASP A 153 -32.70 8.76 -29.78
C ASP A 153 -32.97 7.39 -29.14
N ALA A 154 -32.86 6.34 -29.93
CA ALA A 154 -33.17 5.01 -29.45
C ALA A 154 -32.13 4.51 -28.44
N ASP A 155 -30.93 4.17 -28.92
CA ASP A 155 -29.91 3.57 -28.06
C ASP A 155 -29.84 4.32 -26.74
N VAL A 156 -29.57 5.61 -26.83
CA VAL A 156 -29.48 6.46 -25.66
C VAL A 156 -30.74 6.43 -24.77
N GLN A 157 -31.88 5.98 -25.30
CA GLN A 157 -33.10 5.88 -24.50
C GLN A 157 -33.14 4.52 -23.84
N GLU A 158 -32.30 3.61 -24.36
CA GLU A 158 -32.16 2.23 -23.84
C GLU A 158 -30.93 2.06 -22.97
N GLN A 159 -29.90 2.86 -23.22
CA GLN A 159 -28.90 3.03 -22.21
C GLN A 159 -29.70 3.58 -21.01
N ILE A 160 -30.19 4.83 -21.04
CA ILE A 160 -31.02 5.38 -19.91
C ILE A 160 -32.06 4.46 -19.25
N ALA A 161 -32.85 3.79 -20.10
CA ALA A 161 -33.72 2.71 -19.67
C ALA A 161 -32.96 1.86 -18.72
N ASP A 162 -31.98 1.13 -19.28
CA ASP A 162 -31.20 0.11 -18.57
C ASP A 162 -30.60 0.54 -17.20
N TRP A 163 -30.14 1.78 -17.07
CA TRP A 163 -29.77 2.30 -15.74
C TRP A 163 -30.92 2.31 -14.71
N GLN A 164 -32.09 2.79 -15.13
CA GLN A 164 -33.23 2.90 -14.24
C GLN A 164 -33.36 1.58 -13.49
N HIS A 165 -33.19 0.49 -14.25
CA HIS A 165 -33.54 -0.84 -13.78
C HIS A 165 -32.40 -1.53 -12.99
N VAL A 166 -31.17 -1.00 -13.07
CA VAL A 166 -30.04 -1.44 -12.21
C VAL A 166 -29.82 -0.53 -10.97
N ALA A 167 -30.82 0.27 -10.67
CA ALA A 167 -30.82 1.24 -9.60
C ALA A 167 -31.99 0.90 -8.72
N VAL A 168 -32.94 0.25 -9.38
CA VAL A 168 -34.16 -0.33 -8.81
C VAL A 168 -33.73 -1.64 -8.24
N ALA A 169 -32.51 -1.99 -8.62
CA ALA A 169 -31.68 -2.87 -7.83
C ALA A 169 -31.26 -2.20 -6.48
N TYR A 170 -30.33 -1.23 -6.51
CA TYR A 170 -29.75 -0.66 -5.30
C TYR A 170 -30.77 -0.53 -4.14
N ASN A 171 -31.63 0.49 -4.15
CA ASN A 171 -32.60 0.72 -3.07
C ASN A 171 -33.31 -0.55 -2.56
N GLU A 172 -33.43 -1.59 -3.39
CA GLU A 172 -34.26 -2.75 -3.03
C GLU A 172 -33.52 -3.95 -2.43
N SER A 173 -32.23 -3.79 -2.14
CA SER A 173 -31.36 -4.89 -1.83
C SER A 173 -30.84 -4.67 -0.44
N PHE A 174 -31.21 -3.55 0.13
CA PHE A 174 -30.84 -3.30 1.51
C PHE A 174 -32.09 -3.75 2.18
N HIS A 175 -33.10 -3.91 1.33
CA HIS A 175 -34.43 -4.31 1.70
C HIS A 175 -34.69 -5.85 1.63
N ILE A 176 -33.76 -6.60 1.02
CA ILE A 176 -33.89 -8.05 0.90
C ILE A 176 -33.70 -8.80 2.21
N LYS A 177 -34.75 -9.51 2.66
CA LYS A 177 -34.64 -10.40 3.82
C LYS A 177 -34.51 -11.87 3.38
N ILE A 178 -33.75 -12.66 4.15
CA ILE A 178 -33.48 -14.05 3.81
C ILE A 178 -33.55 -14.96 5.02
N ALA A 179 -34.72 -15.52 5.32
CA ALA A 179 -34.79 -16.52 6.38
C ALA A 179 -34.40 -17.89 5.84
N ARG A 180 -33.34 -18.47 6.43
CA ARG A 180 -32.77 -19.75 5.98
C ARG A 180 -33.23 -20.92 6.86
N PHE A 181 -33.63 -22.03 6.25
CA PHE A 181 -34.09 -23.18 7.04
C PHE A 181 -32.99 -24.19 7.28
N GLY A 182 -31.96 -23.71 7.99
CA GLY A 182 -30.79 -24.51 8.31
C GLY A 182 -29.51 -23.85 7.86
N ASP A 183 -28.37 -24.38 8.29
CA ASP A 183 -27.07 -23.78 7.94
C ASP A 183 -26.33 -24.43 6.76
N THR A 184 -25.07 -24.06 6.56
CA THR A 184 -24.37 -24.50 5.37
C THR A 184 -24.16 -26.02 5.43
N MET A 185 -24.47 -26.71 4.33
CA MET A 185 -24.28 -28.16 4.22
C MET A 185 -22.87 -28.50 4.67
N ARG A 186 -22.79 -29.33 5.71
CA ARG A 186 -21.58 -29.56 6.51
C ARG A 186 -20.28 -29.60 5.74
N ASP A 187 -19.25 -28.93 6.30
CA ASP A 187 -17.91 -28.74 5.73
C ASP A 187 -17.77 -28.10 4.30
N VAL A 188 -18.55 -27.04 3.99
CA VAL A 188 -18.64 -26.43 2.63
C VAL A 188 -18.30 -24.90 2.49
N ALA A 189 -17.59 -24.57 1.40
CA ALA A 189 -16.82 -23.32 1.24
C ALA A 189 -17.50 -22.11 0.57
N VAL A 190 -17.82 -22.23 -0.72
CA VAL A 190 -18.45 -21.12 -1.45
C VAL A 190 -19.89 -20.76 -1.04
N THR A 191 -20.70 -21.72 -0.61
CA THR A 191 -21.94 -21.29 0.02
C THR A 191 -21.67 -20.43 1.27
N GLU A 192 -20.69 -20.79 2.10
CA GLU A 192 -20.33 -19.96 3.27
C GLU A 192 -19.71 -18.64 2.80
N GLY A 193 -19.54 -17.68 3.71
CA GLY A 193 -19.24 -16.32 3.33
C GLY A 193 -19.56 -15.52 4.59
N ASP A 194 -19.51 -14.18 4.55
CA ASP A 194 -19.70 -13.44 5.78
C ASP A 194 -20.94 -12.59 5.68
N LYS A 195 -21.73 -12.60 6.76
CA LYS A 195 -23.13 -12.19 6.76
C LYS A 195 -23.33 -10.76 7.20
N VAL A 196 -22.63 -10.37 8.27
CA VAL A 196 -22.43 -8.95 8.59
C VAL A 196 -21.97 -8.28 7.29
N ALA A 197 -20.70 -8.45 6.92
CA ALA A 197 -20.13 -7.97 5.66
C ALA A 197 -21.01 -8.04 4.41
N ALA A 198 -21.94 -8.98 4.34
CA ALA A 198 -22.90 -9.01 3.22
C ALA A 198 -24.04 -8.02 3.40
N GLN A 199 -24.22 -7.61 4.65
CA GLN A 199 -25.32 -6.76 5.06
C GLN A 199 -24.93 -5.29 5.12
N ILE A 200 -23.64 -5.02 5.24
CA ILE A 200 -23.13 -3.66 5.09
C ILE A 200 -23.03 -3.35 3.61
N LYS A 201 -22.42 -4.27 2.89
CA LYS A 201 -22.14 -4.12 1.48
C LYS A 201 -23.35 -4.34 0.60
N LEU A 202 -23.58 -5.60 0.24
CA LEU A 202 -24.80 -6.04 -0.43
C LEU A 202 -26.11 -5.52 0.20
N GLY A 203 -26.23 -5.56 1.52
CA GLY A 203 -27.42 -5.08 2.18
C GLY A 203 -28.52 -6.10 2.51
N TRP A 204 -28.73 -7.00 1.56
CA TRP A 204 -29.34 -8.30 1.79
C TRP A 204 -29.24 -8.74 3.26
N THR A 205 -30.35 -9.07 3.91
CA THR A 205 -30.30 -9.54 5.30
C THR A 205 -30.32 -11.08 5.41
N VAL A 206 -29.73 -11.60 6.49
CA VAL A 206 -29.62 -13.04 6.66
C VAL A 206 -30.00 -13.43 8.09
N ASP A 207 -31.06 -14.21 8.22
CA ASP A 207 -31.64 -14.57 9.52
C ASP A 207 -32.10 -16.03 9.49
N TYR A 208 -32.00 -16.75 10.61
CA TYR A 208 -32.06 -18.22 10.54
C TYR A 208 -33.22 -18.93 11.20
N TYR A 209 -33.99 -19.64 10.39
CA TYR A 209 -35.25 -20.27 10.79
C TYR A 209 -35.09 -21.76 11.09
N PRO A 210 -35.23 -22.13 12.37
CA PRO A 210 -35.12 -23.54 12.76
C PRO A 210 -36.15 -24.38 12.03
N THR A 211 -35.75 -25.36 11.21
CA THR A 211 -36.69 -26.12 10.36
C THR A 211 -38.01 -26.53 11.01
N ASN A 212 -37.99 -26.61 12.34
CA ASN A 212 -39.17 -26.83 13.18
C ASN A 212 -40.27 -25.74 13.12
N GLU A 213 -39.89 -24.48 12.98
CA GLU A 213 -40.87 -23.42 12.94
C GLU A 213 -41.54 -23.41 11.58
N LEU A 214 -40.90 -24.01 10.59
CA LEU A 214 -41.52 -24.13 9.28
C LEU A 214 -42.33 -25.40 9.30
N VAL A 215 -42.06 -26.22 10.32
CA VAL A 215 -42.83 -27.44 10.55
C VAL A 215 -44.22 -27.08 11.07
N ALA A 216 -44.30 -26.42 12.22
CA ALA A 216 -45.59 -25.93 12.74
C ALA A 216 -46.42 -25.01 11.80
N VAL A 217 -45.93 -24.81 10.57
CA VAL A 217 -46.56 -23.93 9.57
C VAL A 217 -47.05 -24.72 8.36
N VAL A 218 -46.24 -25.69 7.93
CA VAL A 218 -46.49 -26.45 6.71
C VAL A 218 -47.62 -27.45 6.92
N ASN A 219 -47.79 -27.86 8.17
CA ASN A 219 -48.82 -28.80 8.57
C ASN A 219 -50.05 -28.06 9.01
N GLY A 220 -49.83 -26.85 9.50
CA GLY A 220 -50.90 -25.93 9.82
C GLY A 220 -51.47 -25.24 8.60
N ILE A 221 -51.35 -25.88 7.44
CA ILE A 221 -52.04 -25.45 6.23
C ILE A 221 -53.46 -26.02 6.25
N ALA A 222 -54.43 -25.25 5.75
CA ALA A 222 -55.81 -25.71 5.64
C ALA A 222 -55.99 -26.64 4.44
N GLU A 223 -56.60 -27.81 4.67
CA GLU A 223 -56.57 -28.95 3.73
C GLU A 223 -57.03 -28.66 2.29
N ASP A 224 -58.10 -27.89 2.16
CA ASP A 224 -58.65 -27.57 0.84
C ASP A 224 -57.91 -26.43 0.12
N GLU A 225 -56.97 -25.81 0.81
CA GLU A 225 -56.02 -24.89 0.18
C GLU A 225 -55.16 -25.71 -0.77
N ILE A 226 -54.96 -26.97 -0.41
CA ILE A 226 -54.10 -27.89 -1.15
C ILE A 226 -54.75 -28.46 -2.42
N ASP A 227 -55.90 -29.12 -2.23
CA ASP A 227 -56.63 -29.75 -3.34
C ASP A 227 -57.30 -28.71 -4.24
N ALA A 228 -57.19 -27.44 -3.84
CA ALA A 228 -57.47 -26.34 -4.74
C ALA A 228 -56.35 -26.34 -5.77
N ALA A 229 -55.15 -26.05 -5.28
CA ALA A 229 -53.93 -26.02 -6.08
C ALA A 229 -53.73 -27.24 -6.97
N TYR A 230 -53.99 -28.44 -6.43
CA TYR A 230 -53.82 -29.71 -7.14
C TYR A 230 -54.82 -29.91 -8.29
N LYS A 231 -55.30 -28.79 -8.85
CA LYS A 231 -56.20 -28.78 -10.00
C LYS A 231 -56.36 -27.33 -10.44
N ASP A 232 -55.78 -26.41 -9.67
CA ASP A 232 -55.82 -25.00 -10.01
C ASP A 232 -54.90 -24.74 -11.20
N LEU A 233 -53.80 -25.46 -11.24
CA LEU A 233 -52.88 -25.34 -12.37
C LEU A 233 -52.53 -26.70 -12.93
N GLU A 234 -53.46 -27.65 -12.83
CA GLU A 234 -53.31 -28.94 -13.50
C GLU A 234 -53.67 -28.79 -14.99
N ALA A 235 -54.23 -27.63 -15.35
CA ALA A 235 -54.44 -27.29 -16.75
C ALA A 235 -53.31 -26.40 -17.23
N ASN A 236 -52.18 -26.48 -16.52
CA ASN A 236 -50.96 -25.75 -16.88
C ASN A 236 -49.79 -26.69 -17.19
N TYR A 237 -49.93 -27.97 -16.83
CA TYR A 237 -48.83 -28.92 -16.94
C TYR A 237 -49.23 -30.33 -17.38
N ASP A 238 -48.78 -30.75 -18.57
CA ASP A 238 -48.98 -32.11 -19.04
C ASP A 238 -48.21 -33.09 -18.15
N LEU A 239 -48.86 -33.58 -17.10
CA LEU A 239 -48.22 -34.44 -16.10
C LEU A 239 -47.79 -35.84 -16.60
N VAL A 240 -47.45 -36.72 -15.66
CA VAL A 240 -46.94 -38.07 -15.98
C VAL A 240 -47.72 -39.17 -15.26
N GLU A 241 -47.40 -40.43 -15.59
CA GLU A 241 -48.06 -41.58 -14.97
C GLU A 241 -47.62 -41.81 -13.53
N GLY A 242 -48.30 -41.12 -12.61
CA GLY A 242 -47.95 -41.12 -11.20
C GLY A 242 -48.50 -39.86 -10.55
N ASP A 243 -48.75 -38.84 -11.36
CA ASP A 243 -49.31 -37.60 -10.87
C ASP A 243 -50.83 -37.67 -10.78
N ASN A 244 -51.43 -38.39 -11.72
CA ASN A 244 -52.90 -38.50 -11.84
C ASN A 244 -53.61 -38.89 -10.55
N ASP A 245 -54.91 -38.62 -10.47
CA ASP A 245 -55.71 -39.05 -9.33
C ASP A 245 -55.67 -40.58 -9.22
N HIS A 246 -56.23 -41.13 -8.15
CA HIS A 246 -56.24 -42.57 -7.89
C HIS A 246 -54.82 -43.16 -7.70
N GLU A 247 -53.85 -42.60 -8.43
CA GLU A 247 -52.57 -43.26 -8.66
C GLU A 247 -51.70 -43.54 -7.43
N LYS A 248 -50.52 -44.09 -7.73
CA LYS A 248 -49.57 -44.53 -6.73
C LYS A 248 -48.70 -43.38 -6.20
N TYR A 249 -48.50 -42.36 -7.02
CA TYR A 249 -47.59 -41.29 -6.67
C TYR A 249 -48.25 -39.91 -6.52
N VAL A 250 -49.58 -39.86 -6.47
CA VAL A 250 -50.28 -38.58 -6.35
C VAL A 250 -50.08 -37.97 -4.97
N HIS A 251 -49.97 -38.82 -3.95
CA HIS A 251 -49.84 -38.37 -2.57
C HIS A 251 -48.64 -37.44 -2.39
N ASN A 252 -47.71 -37.48 -3.34
CA ASN A 252 -46.53 -36.63 -3.29
C ASN A 252 -46.63 -35.37 -4.17
N VAL A 253 -47.82 -34.79 -4.25
CA VAL A 253 -48.03 -33.45 -4.81
C VAL A 253 -48.89 -32.70 -3.79
N ARG A 254 -49.55 -33.47 -2.93
CA ARG A 254 -50.29 -32.93 -1.79
C ARG A 254 -49.41 -32.94 -0.54
N TYR A 255 -48.35 -33.77 -0.58
CA TYR A 255 -47.33 -33.76 0.47
C TYR A 255 -46.19 -32.84 0.05
N GLN A 256 -46.33 -32.32 -1.16
CA GLN A 256 -45.44 -31.31 -1.74
C GLN A 256 -46.06 -29.94 -1.57
N LEU A 257 -47.22 -29.74 -2.19
CA LEU A 257 -47.93 -28.46 -2.12
C LEU A 257 -47.94 -27.83 -0.73
N ARG A 258 -48.04 -28.65 0.32
CA ARG A 258 -47.96 -28.16 1.70
C ARG A 258 -46.64 -27.43 1.99
N GLU A 259 -45.62 -27.66 1.17
CA GLU A 259 -44.41 -26.86 1.22
C GLU A 259 -44.67 -25.44 0.70
N TYR A 260 -44.87 -25.29 -0.62
CA TYR A 260 -45.05 -23.98 -1.27
C TYR A 260 -45.95 -23.02 -0.53
N LEU A 261 -47.16 -23.46 -0.22
CA LEU A 261 -48.08 -22.60 0.48
C LEU A 261 -47.74 -22.58 1.98
N GLY A 262 -46.87 -23.51 2.40
CA GLY A 262 -46.38 -23.51 3.76
C GLY A 262 -45.11 -22.67 3.89
N ILE A 263 -44.45 -22.43 2.76
CA ILE A 263 -43.28 -21.56 2.70
C ILE A 263 -43.63 -20.14 2.22
N LYS A 264 -44.22 -20.02 1.02
CA LYS A 264 -44.73 -18.73 0.53
C LYS A 264 -45.47 -17.97 1.63
N LYS A 265 -46.38 -18.66 2.31
CA LYS A 265 -47.16 -18.03 3.36
C LYS A 265 -46.45 -18.04 4.71
N PHE A 266 -45.14 -18.23 4.72
CA PHE A 266 -44.37 -18.09 5.95
C PHE A 266 -43.42 -16.90 5.81
N LEU A 267 -43.18 -16.54 4.55
CA LEU A 267 -42.25 -15.52 4.19
C LEU A 267 -42.94 -14.17 4.11
N ASP A 268 -44.09 -14.10 3.41
CA ASP A 268 -44.88 -12.88 3.40
C ASP A 268 -45.23 -12.52 4.85
N ASP A 269 -45.59 -13.55 5.61
CA ASP A 269 -46.12 -13.40 6.97
C ASP A 269 -45.06 -13.16 8.06
N ASN A 270 -43.80 -13.48 7.78
CA ASN A 270 -42.71 -13.07 8.67
C ASN A 270 -41.54 -12.44 7.88
N GLY A 271 -41.89 -11.43 7.10
CA GLY A 271 -40.98 -10.65 6.27
C GLY A 271 -39.77 -11.30 5.62
N TYR A 272 -39.92 -11.79 4.40
CA TYR A 272 -38.81 -12.40 3.66
C TYR A 272 -39.23 -12.61 2.21
N ASP A 273 -38.25 -12.87 1.34
CA ASP A 273 -38.41 -12.76 -0.11
C ASP A 273 -37.54 -13.81 -0.79
N ALA A 274 -37.01 -14.72 0.01
CA ALA A 274 -36.04 -15.69 -0.46
C ALA A 274 -35.61 -16.64 0.64
N PHE A 275 -35.15 -17.83 0.25
CA PHE A 275 -34.78 -18.81 1.28
C PHE A 275 -33.71 -19.84 0.86
N THR A 276 -33.28 -20.64 1.82
CA THR A 276 -32.43 -21.80 1.57
C THR A 276 -32.84 -23.00 2.41
N ASP A 277 -33.05 -24.13 1.75
CA ASP A 277 -33.33 -25.40 2.41
C ASP A 277 -32.07 -26.27 2.35
N ASN A 278 -31.60 -26.75 3.50
CA ASN A 278 -30.48 -27.69 3.50
C ASN A 278 -31.00 -29.11 3.67
N PHE A 279 -30.85 -29.92 2.64
CA PHE A 279 -31.26 -31.32 2.73
C PHE A 279 -30.38 -32.18 3.67
N GLN A 280 -29.79 -31.57 4.68
CA GLN A 280 -29.15 -32.30 5.75
C GLN A 280 -29.93 -31.94 6.99
N ASP A 281 -31.16 -31.46 6.77
CA ASP A 281 -32.12 -31.24 7.84
C ASP A 281 -33.51 -31.25 7.29
N LEU A 282 -34.27 -32.28 7.66
CA LEU A 282 -35.68 -32.33 7.31
C LEU A 282 -36.45 -32.95 8.48
N GLU A 283 -35.81 -32.92 9.66
CA GLU A 283 -36.31 -33.62 10.85
C GLU A 283 -37.59 -33.01 11.36
N GLY A 284 -38.69 -33.43 10.74
CA GLY A 284 -40.00 -32.94 11.08
C GLY A 284 -40.81 -32.84 9.81
N LEU A 285 -40.12 -32.76 8.68
CA LEU A 285 -40.80 -32.53 7.41
C LEU A 285 -41.14 -33.84 6.70
N GLU A 286 -42.36 -33.87 6.15
CA GLU A 286 -42.80 -34.95 5.27
C GLU A 286 -41.76 -35.29 4.19
N GLN A 287 -41.22 -34.25 3.56
CA GLN A 287 -40.27 -34.43 2.46
C GLN A 287 -39.43 -33.18 2.15
N LEU A 288 -38.87 -33.14 0.94
CA LEU A 288 -38.05 -32.02 0.47
C LEU A 288 -38.83 -31.05 -0.43
N PRO A 289 -38.56 -29.74 -0.28
CA PRO A 289 -38.94 -28.75 -1.29
C PRO A 289 -38.37 -29.09 -2.66
N GLY A 290 -39.07 -28.76 -3.73
CA GLY A 290 -38.64 -29.19 -5.06
C GLY A 290 -39.35 -28.58 -6.27
N LEU A 291 -40.66 -28.43 -6.19
CA LEU A 291 -41.42 -27.71 -7.21
C LEU A 291 -41.99 -26.49 -6.50
N ALA A 292 -42.37 -26.71 -5.24
CA ALA A 292 -42.85 -25.66 -4.35
C ALA A 292 -41.98 -24.44 -4.52
N VAL A 293 -40.68 -24.67 -4.47
CA VAL A 293 -39.68 -23.64 -4.60
C VAL A 293 -39.62 -23.04 -6.03
N GLN A 294 -40.10 -23.75 -7.05
CA GLN A 294 -40.11 -23.22 -8.43
C GLN A 294 -41.39 -22.43 -8.72
N LEU A 295 -42.38 -22.67 -7.86
CA LEU A 295 -43.63 -21.92 -7.84
C LEU A 295 -43.40 -20.92 -6.74
N LEU A 296 -42.13 -20.64 -6.53
CA LEU A 296 -41.69 -19.45 -5.83
C LEU A 296 -40.71 -18.71 -6.79
N MET A 297 -40.07 -19.45 -7.69
CA MET A 297 -39.13 -18.86 -8.65
C MET A 297 -39.87 -18.28 -9.85
N ILE A 298 -41.02 -18.87 -10.16
CA ILE A 298 -41.97 -18.19 -11.02
C ILE A 298 -42.57 -17.04 -10.20
N ASP A 299 -42.94 -17.33 -8.95
CA ASP A 299 -43.37 -16.30 -7.97
C ASP A 299 -42.32 -15.23 -7.70
N GLY A 300 -41.22 -15.25 -8.46
CA GLY A 300 -40.18 -14.24 -8.36
C GLY A 300 -39.25 -14.33 -7.14
N TYR A 301 -39.46 -15.35 -6.31
CA TYR A 301 -38.69 -15.47 -5.08
C TYR A 301 -37.26 -15.92 -5.38
N GLY A 302 -36.34 -15.55 -4.50
CA GLY A 302 -34.95 -15.95 -4.65
C GLY A 302 -34.75 -17.27 -3.96
N PHE A 303 -34.19 -18.25 -4.64
CA PHE A 303 -33.89 -19.47 -3.93
C PHE A 303 -32.45 -19.84 -4.12
N GLY A 304 -31.83 -20.21 -3.01
CA GLY A 304 -30.45 -20.65 -3.05
C GLY A 304 -30.34 -21.96 -2.32
N PRO A 305 -30.00 -23.01 -3.05
CA PRO A 305 -29.90 -24.41 -2.67
C PRO A 305 -29.34 -24.73 -1.25
N GLU A 306 -28.37 -25.62 -1.21
CA GLU A 306 -27.90 -26.22 0.04
C GLU A 306 -27.42 -25.24 1.09
N GLY A 307 -28.31 -24.34 1.46
CA GLY A 307 -28.01 -23.41 2.52
C GLY A 307 -27.41 -22.17 1.96
N ASP A 308 -27.26 -22.19 0.63
CA ASP A 308 -26.56 -21.15 -0.14
C ASP A 308 -27.21 -19.78 0.05
N PHE A 309 -26.70 -19.03 1.03
CA PHE A 309 -27.22 -17.71 1.33
C PHE A 309 -26.78 -16.69 0.29
N LYS A 310 -25.61 -16.93 -0.31
CA LYS A 310 -25.19 -16.06 -1.39
C LYS A 310 -26.19 -16.07 -2.52
N MET A 311 -26.65 -17.24 -2.96
CA MET A 311 -27.54 -17.32 -4.13
C MET A 311 -29.00 -17.02 -3.76
N ALA A 312 -29.34 -17.27 -2.49
CA ALA A 312 -30.65 -16.94 -1.94
C ALA A 312 -30.98 -15.56 -2.43
N GLY A 313 -30.25 -14.59 -1.88
CA GLY A 313 -30.30 -13.19 -2.21
C GLY A 313 -29.83 -12.70 -3.57
N LEU A 314 -29.03 -13.47 -4.33
CA LEU A 314 -28.52 -13.02 -5.65
C LEU A 314 -29.49 -13.30 -6.77
N THR A 315 -30.02 -14.52 -6.72
CA THR A 315 -31.13 -14.99 -7.53
C THR A 315 -32.31 -14.08 -7.26
N ARG A 316 -32.57 -13.83 -5.99
CA ARG A 316 -33.50 -12.78 -5.60
C ARG A 316 -33.20 -11.47 -6.32
N LEU A 317 -32.17 -10.74 -5.89
CA LEU A 317 -31.88 -9.37 -6.36
C LEU A 317 -31.85 -9.14 -7.89
N LEU A 318 -31.39 -10.11 -8.66
CA LEU A 318 -31.37 -9.93 -10.12
C LEU A 318 -32.71 -10.24 -10.82
N LYS A 319 -33.70 -10.69 -10.04
CA LYS A 319 -35.06 -10.85 -10.52
C LYS A 319 -35.75 -9.53 -10.28
N ILE A 320 -35.27 -8.79 -9.30
CA ILE A 320 -35.77 -7.47 -9.04
C ILE A 320 -35.27 -6.50 -10.13
N ALA A 321 -34.30 -6.93 -10.92
CA ALA A 321 -33.75 -6.06 -11.96
C ALA A 321 -34.17 -6.46 -13.39
N ALA A 322 -34.98 -7.51 -13.51
CA ALA A 322 -35.49 -7.92 -14.81
C ALA A 322 -37.00 -8.01 -14.75
N ASP A 323 -37.64 -6.84 -14.82
CA ASP A 323 -39.08 -6.75 -14.97
C ASP A 323 -39.39 -6.83 -16.45
N ASN A 324 -40.27 -7.77 -16.81
CA ASN A 324 -40.48 -8.24 -18.20
C ASN A 324 -39.28 -9.05 -18.77
N LYS A 325 -38.67 -9.90 -17.94
CA LYS A 325 -37.44 -10.65 -18.29
C LYS A 325 -37.18 -11.92 -17.41
N GLN A 326 -36.21 -12.71 -17.84
CA GLN A 326 -36.02 -14.07 -17.33
C GLN A 326 -34.63 -14.37 -16.80
N THR A 327 -34.51 -14.42 -15.49
CA THR A 327 -33.23 -14.66 -14.83
C THR A 327 -33.43 -15.92 -13.98
N ALA A 328 -32.40 -16.74 -13.78
CA ALA A 328 -32.59 -18.04 -13.13
C ALA A 328 -31.43 -18.56 -12.27
N LEU A 329 -31.77 -19.14 -11.13
CA LEU A 329 -30.77 -19.84 -10.31
C LEU A 329 -30.22 -21.09 -11.00
N MET A 330 -28.92 -21.12 -11.22
CA MET A 330 -28.34 -22.16 -12.04
C MET A 330 -27.06 -22.80 -11.50
N GLU A 331 -27.12 -24.11 -11.24
CA GLU A 331 -25.96 -24.93 -10.90
C GLU A 331 -25.54 -25.66 -12.19
N ASP A 332 -24.37 -26.31 -12.19
CA ASP A 332 -23.78 -26.83 -13.44
C ASP A 332 -23.15 -28.22 -13.31
N TYR A 333 -23.89 -29.26 -13.74
CA TYR A 333 -23.65 -30.67 -13.37
C TYR A 333 -22.78 -31.56 -14.27
N THR A 334 -22.53 -31.15 -15.52
CA THR A 334 -21.82 -32.05 -16.45
C THR A 334 -21.34 -31.49 -17.80
N LEU A 335 -20.02 -31.48 -17.98
CA LEU A 335 -19.37 -30.97 -19.20
C LEU A 335 -19.54 -31.87 -20.42
N ASP A 336 -19.73 -31.27 -21.59
CA ASP A 336 -19.68 -32.01 -22.84
C ASP A 336 -18.57 -31.44 -23.71
N LEU A 337 -17.37 -31.99 -23.55
CA LEU A 337 -16.19 -31.56 -24.26
C LEU A 337 -16.00 -32.46 -25.47
N ARG A 338 -15.78 -31.86 -26.63
CA ARG A 338 -15.39 -32.54 -27.86
C ARG A 338 -15.20 -31.46 -28.89
N HIS A 339 -14.13 -31.54 -29.66
CA HIS A 339 -13.66 -30.42 -30.52
C HIS A 339 -14.66 -29.83 -31.56
N GLY A 340 -15.25 -28.69 -31.21
CA GLY A 340 -16.24 -28.03 -32.05
C GLY A 340 -17.66 -28.28 -31.61
N HIS A 341 -17.81 -29.03 -30.52
CA HIS A 341 -19.12 -29.39 -29.99
C HIS A 341 -19.10 -29.27 -28.46
N GLU A 342 -18.47 -28.20 -27.97
CA GLU A 342 -18.17 -28.04 -26.53
C GLU A 342 -19.20 -27.25 -25.74
N ALA A 343 -19.63 -27.81 -24.60
CA ALA A 343 -20.65 -27.15 -23.79
C ALA A 343 -20.80 -27.71 -22.38
N ILE A 344 -21.62 -27.02 -21.60
CA ILE A 344 -21.79 -27.28 -20.19
C ILE A 344 -23.26 -27.14 -19.85
N MET A 345 -23.89 -28.24 -19.46
CA MET A 345 -25.31 -28.25 -19.15
C MET A 345 -25.49 -27.85 -17.70
N GLY A 346 -26.55 -28.34 -17.07
CA GLY A 346 -26.71 -28.21 -15.63
C GLY A 346 -28.06 -27.73 -15.15
N SER A 347 -28.54 -28.36 -14.09
CA SER A 347 -29.75 -27.94 -13.38
C SER A 347 -29.44 -27.96 -11.90
N HIS A 348 -30.36 -28.50 -11.10
CA HIS A 348 -30.07 -28.83 -9.70
C HIS A 348 -30.57 -30.22 -9.36
N MET A 349 -30.90 -30.40 -8.09
CA MET A 349 -31.42 -31.67 -7.59
C MET A 349 -32.83 -31.87 -8.08
N LEU A 350 -33.64 -30.85 -7.87
CA LEU A 350 -34.96 -30.78 -8.46
C LEU A 350 -35.14 -29.36 -8.94
N GLU A 351 -35.04 -28.42 -7.99
CA GLU A 351 -35.46 -27.04 -8.21
C GLU A 351 -34.69 -26.34 -9.33
N VAL A 352 -35.36 -26.09 -10.45
CA VAL A 352 -34.84 -25.23 -11.52
C VAL A 352 -35.82 -24.10 -11.91
N ASP A 353 -35.43 -22.85 -11.65
CA ASP A 353 -36.20 -21.67 -12.04
C ASP A 353 -36.66 -21.69 -13.49
N PRO A 354 -37.94 -21.97 -13.70
CA PRO A 354 -38.53 -22.27 -15.01
C PRO A 354 -38.78 -21.02 -15.85
N THR A 355 -38.67 -19.84 -15.26
CA THR A 355 -38.83 -18.61 -16.03
C THR A 355 -37.66 -18.47 -17.02
N LEU A 356 -37.61 -19.40 -17.97
CA LEU A 356 -36.67 -19.46 -19.10
C LEU A 356 -36.93 -20.75 -19.89
N ALA A 357 -38.14 -21.30 -19.76
CA ALA A 357 -38.46 -22.68 -20.20
C ALA A 357 -39.18 -22.80 -21.56
N SER A 358 -39.56 -24.04 -21.92
CA SER A 358 -40.34 -24.34 -23.15
C SER A 358 -41.82 -24.55 -22.88
N ASP A 359 -42.16 -25.79 -22.55
CA ASP A 359 -43.49 -26.15 -22.06
C ASP A 359 -43.42 -26.24 -20.54
N LYS A 360 -44.07 -27.25 -19.95
CA LYS A 360 -43.94 -27.48 -18.51
C LYS A 360 -44.66 -28.75 -18.03
N PRO A 361 -44.05 -29.93 -18.21
CA PRO A 361 -44.62 -31.17 -17.63
C PRO A 361 -44.31 -31.39 -16.14
N ARG A 362 -44.83 -32.47 -15.55
CA ARG A 362 -44.56 -32.81 -14.14
C ARG A 362 -44.26 -34.30 -13.90
N VAL A 363 -42.98 -34.67 -13.93
CA VAL A 363 -42.52 -36.04 -13.71
C VAL A 363 -42.15 -36.26 -12.25
N GLU A 364 -42.59 -37.36 -11.65
CA GLU A 364 -42.23 -37.66 -10.26
C GLU A 364 -41.08 -38.66 -10.15
N VAL A 365 -41.25 -39.59 -9.20
CA VAL A 365 -40.29 -40.67 -8.93
C VAL A 365 -38.85 -40.17 -8.73
N HIS A 366 -38.48 -39.95 -7.46
CA HIS A 366 -37.17 -39.40 -7.14
C HIS A 366 -36.28 -40.38 -6.40
N PRO A 367 -36.80 -40.95 -5.30
CA PRO A 367 -36.12 -41.76 -4.29
C PRO A 367 -34.77 -41.16 -3.94
N LEU A 368 -34.76 -39.82 -3.91
CA LEU A 368 -33.59 -39.05 -3.53
C LEU A 368 -33.18 -39.43 -2.11
N GLY A 369 -32.04 -40.11 -1.99
CA GLY A 369 -31.47 -40.43 -0.69
C GLY A 369 -31.00 -39.13 -0.07
N ILE A 370 -30.82 -38.15 -0.94
CA ILE A 370 -30.63 -36.76 -0.57
C ILE A 370 -31.77 -36.38 0.37
N GLY A 371 -31.48 -36.37 1.66
CA GLY A 371 -32.49 -36.24 2.68
C GLY A 371 -32.89 -37.61 3.20
N GLY A 372 -33.19 -38.52 2.27
CA GLY A 372 -33.40 -39.93 2.57
C GLY A 372 -34.85 -40.27 2.80
N LYS A 373 -35.67 -39.23 2.81
CA LYS A 373 -37.08 -39.38 3.09
C LYS A 373 -37.87 -39.80 1.86
N ASP A 374 -39.07 -39.23 1.74
CA ASP A 374 -40.07 -39.63 0.75
C ASP A 374 -39.61 -39.50 -0.72
N ASP A 375 -40.60 -39.58 -1.62
CA ASP A 375 -40.40 -39.55 -3.06
C ASP A 375 -40.99 -38.25 -3.63
N PRO A 376 -40.30 -37.10 -3.45
CA PRO A 376 -40.84 -35.79 -3.86
C PRO A 376 -41.07 -35.63 -5.38
N ALA A 377 -42.13 -34.91 -5.76
CA ALA A 377 -42.48 -34.73 -7.17
C ALA A 377 -42.07 -33.36 -7.74
N ARG A 378 -41.45 -33.39 -8.92
CA ARG A 378 -40.84 -32.19 -9.53
C ARG A 378 -41.42 -31.86 -10.89
N LEU A 379 -41.35 -30.59 -11.27
CA LEU A 379 -41.85 -30.14 -12.57
C LEU A 379 -40.72 -30.00 -13.60
N VAL A 380 -40.95 -30.52 -14.82
CA VAL A 380 -39.91 -30.57 -15.84
C VAL A 380 -40.13 -29.56 -16.98
N PHE A 381 -39.12 -29.39 -17.85
CA PHE A 381 -39.21 -28.52 -19.05
C PHE A 381 -38.01 -28.64 -20.01
N THR A 382 -37.88 -27.68 -20.94
CA THR A 382 -36.77 -27.62 -21.88
C THR A 382 -36.17 -26.20 -21.91
N GLY A 383 -34.84 -26.09 -21.95
CA GLY A 383 -34.15 -24.82 -21.86
C GLY A 383 -34.48 -23.73 -22.88
N ALA A 384 -34.00 -22.52 -22.60
CA ALA A 384 -34.16 -21.37 -23.50
C ALA A 384 -32.99 -21.31 -24.47
N GLU A 385 -33.30 -21.34 -25.75
CA GLU A 385 -32.29 -21.48 -26.79
C GLU A 385 -31.75 -20.16 -27.36
N GLY A 386 -31.13 -19.32 -26.53
CA GLY A 386 -30.71 -17.99 -26.95
C GLY A 386 -29.35 -17.45 -26.49
N LYS A 387 -29.37 -16.33 -25.75
CA LYS A 387 -28.17 -15.68 -25.18
C LYS A 387 -28.45 -15.00 -23.83
N GLY A 388 -27.42 -14.94 -22.98
CA GLY A 388 -27.49 -14.36 -21.64
C GLY A 388 -26.12 -14.43 -20.98
N TYR A 389 -26.00 -14.03 -19.71
CA TYR A 389 -24.71 -14.14 -19.02
C TYR A 389 -24.74 -14.79 -17.62
N ASP A 390 -23.72 -15.57 -17.31
CA ASP A 390 -23.69 -16.31 -16.05
C ASP A 390 -22.81 -15.62 -15.04
N ILE A 391 -23.36 -15.33 -13.86
CA ILE A 391 -22.65 -14.57 -12.83
C ILE A 391 -22.85 -15.09 -11.41
N THR A 392 -21.92 -14.73 -10.53
CA THR A 392 -22.07 -15.11 -9.13
C THR A 392 -21.37 -14.21 -8.11
N LEU A 393 -21.34 -14.71 -6.87
CA LEU A 393 -20.80 -14.04 -5.71
C LEU A 393 -19.97 -15.01 -4.86
N SER A 394 -18.92 -14.49 -4.22
CA SER A 394 -18.10 -15.28 -3.30
C SER A 394 -17.29 -14.40 -2.32
N TYR A 395 -16.98 -14.91 -1.13
CA TYR A 395 -16.26 -14.13 -0.13
C TYR A 395 -14.79 -14.47 -0.14
N PHE A 396 -13.96 -13.72 -0.86
CA PHE A 396 -12.50 -13.97 -0.87
C PHE A 396 -11.58 -13.12 0.06
N ASP A 397 -11.91 -12.93 1.34
CA ASP A 397 -10.91 -12.51 2.37
C ASP A 397 -10.74 -11.01 2.62
N ASP A 398 -10.59 -10.28 1.52
CA ASP A 398 -10.76 -8.84 1.48
C ASP A 398 -12.22 -8.52 1.11
N GLY A 399 -13.13 -9.49 1.22
CA GLY A 399 -14.53 -9.23 0.90
C GLY A 399 -15.02 -9.96 -0.32
N TYR A 400 -16.05 -9.46 -0.98
CA TYR A 400 -16.65 -10.16 -2.14
C TYR A 400 -16.20 -9.70 -3.51
N LYS A 401 -16.21 -10.64 -4.47
CA LYS A 401 -16.26 -10.28 -5.90
C LYS A 401 -17.07 -11.25 -6.80
N PHE A 402 -17.40 -10.78 -8.00
CA PHE A 402 -18.37 -11.42 -8.89
C PHE A 402 -17.73 -11.90 -10.21
N ILE A 403 -18.43 -12.72 -11.01
CA ILE A 403 -17.75 -13.33 -12.17
C ILE A 403 -18.50 -13.36 -13.55
N GLY A 404 -19.08 -12.23 -13.93
CA GLY A 404 -19.92 -12.10 -15.11
C GLY A 404 -19.44 -12.63 -16.46
N TYR A 405 -19.11 -13.92 -16.50
CA TYR A 405 -18.76 -14.63 -17.73
C TYR A 405 -19.89 -14.61 -18.76
N PRO A 406 -19.62 -14.03 -19.94
CA PRO A 406 -20.56 -14.00 -21.08
C PRO A 406 -20.81 -15.41 -21.62
N VAL A 407 -22.02 -15.70 -22.08
CA VAL A 407 -22.31 -17.06 -22.52
C VAL A 407 -23.47 -17.18 -23.50
N ASP A 408 -23.51 -18.31 -24.20
CA ASP A 408 -24.59 -18.62 -25.13
C ASP A 408 -25.34 -19.83 -24.63
N CYS A 409 -26.63 -19.65 -24.33
CA CYS A 409 -27.46 -20.73 -23.83
C CYS A 409 -28.28 -21.42 -24.94
N LYS A 410 -27.65 -22.38 -25.63
CA LYS A 410 -28.30 -23.13 -26.70
C LYS A 410 -29.12 -24.31 -26.17
N THR A 411 -29.31 -25.34 -27.00
CA THR A 411 -30.15 -26.47 -26.63
C THR A 411 -29.49 -27.82 -26.86
N PRO A 412 -29.67 -28.77 -25.92
CA PRO A 412 -29.07 -30.10 -26.07
C PRO A 412 -29.58 -30.81 -27.32
N GLU A 413 -28.68 -31.32 -28.16
CA GLU A 413 -29.05 -31.88 -29.44
C GLU A 413 -29.78 -33.23 -29.37
N ALA A 414 -30.42 -33.52 -28.23
CA ALA A 414 -31.17 -34.76 -28.04
C ALA A 414 -32.11 -34.73 -26.84
N GLU A 415 -33.12 -35.60 -26.86
CA GLU A 415 -34.05 -35.73 -25.74
C GLU A 415 -33.42 -36.54 -24.60
N MET A 416 -33.86 -36.29 -23.38
CA MET A 416 -33.37 -37.04 -22.23
C MET A 416 -34.50 -37.69 -21.43
N PRO A 417 -34.69 -39.00 -21.63
CA PRO A 417 -35.77 -39.77 -21.00
C PRO A 417 -35.62 -39.88 -19.49
N LYS A 418 -34.63 -40.64 -19.02
CA LYS A 418 -34.47 -40.94 -17.60
C LYS A 418 -34.11 -39.70 -16.78
N LEU A 419 -33.65 -38.66 -17.46
CA LEU A 419 -33.36 -37.38 -16.84
C LEU A 419 -34.64 -36.78 -16.25
N PRO A 420 -34.73 -36.77 -14.91
CA PRO A 420 -35.96 -36.36 -14.23
C PRO A 420 -36.05 -34.85 -14.05
N VAL A 421 -34.90 -34.18 -14.00
CA VAL A 421 -34.84 -32.75 -13.72
C VAL A 421 -34.79 -31.95 -15.03
N ALA A 422 -34.82 -30.62 -14.91
CA ALA A 422 -34.79 -29.74 -16.09
C ALA A 422 -33.54 -28.85 -16.17
N LYS A 423 -32.69 -29.14 -17.13
CA LYS A 423 -31.40 -28.50 -17.26
C LYS A 423 -31.24 -27.72 -18.57
N GLN A 424 -30.87 -26.44 -18.48
CA GLN A 424 -30.53 -25.68 -19.69
C GLN A 424 -29.11 -26.06 -20.10
N MET A 425 -28.80 -25.95 -21.38
CA MET A 425 -27.44 -26.15 -21.86
C MET A 425 -26.83 -24.82 -22.31
N TRP A 426 -25.61 -24.55 -21.88
CA TRP A 426 -24.90 -23.35 -22.33
C TRP A 426 -23.39 -23.58 -22.46
N THR A 427 -22.73 -22.79 -23.29
CA THR A 427 -21.27 -22.85 -23.40
C THR A 427 -20.62 -21.47 -23.38
N PRO A 428 -19.69 -21.25 -22.43
CA PRO A 428 -18.86 -20.10 -22.10
C PRO A 428 -18.45 -19.33 -23.33
N GLU A 429 -18.59 -18.01 -23.33
CA GLU A 429 -18.30 -17.23 -24.54
C GLU A 429 -16.84 -17.35 -24.95
N ILE A 430 -15.95 -17.61 -24.00
CA ILE A 430 -14.55 -17.85 -24.34
C ILE A 430 -14.31 -19.34 -24.52
N GLY A 431 -15.39 -20.12 -24.40
CA GLY A 431 -15.34 -21.57 -24.62
C GLY A 431 -15.13 -22.37 -23.36
N LEU A 432 -15.81 -23.51 -23.22
CA LEU A 432 -15.62 -24.33 -22.02
C LEU A 432 -14.19 -24.80 -21.89
N ALA A 433 -13.28 -23.85 -21.74
CA ALA A 433 -11.86 -24.11 -21.64
C ALA A 433 -11.20 -22.86 -21.09
N GLU A 434 -10.75 -22.00 -21.99
CA GLU A 434 -10.11 -20.74 -21.62
C GLU A 434 -11.08 -19.80 -20.90
N GLY A 435 -12.32 -20.22 -20.77
CA GLY A 435 -13.31 -19.54 -19.97
C GLY A 435 -13.37 -20.08 -18.55
N ALA A 436 -13.56 -21.40 -18.43
CA ALA A 436 -13.63 -21.99 -17.12
C ALA A 436 -12.30 -21.79 -16.46
N LYS A 437 -11.22 -22.05 -17.20
CA LYS A 437 -9.88 -22.07 -16.62
C LYS A 437 -9.46 -20.76 -15.98
N GLN A 438 -10.07 -19.65 -16.42
CA GLN A 438 -9.90 -18.37 -15.75
C GLN A 438 -10.84 -18.26 -14.56
N TRP A 439 -11.85 -19.13 -14.50
CA TRP A 439 -12.88 -19.06 -13.43
C TRP A 439 -12.42 -19.84 -12.21
N MET A 440 -11.60 -20.87 -12.46
CA MET A 440 -11.11 -21.73 -11.38
C MET A 440 -10.00 -20.98 -10.66
N LYS A 441 -9.70 -19.78 -11.13
CA LYS A 441 -8.67 -18.98 -10.50
C LYS A 441 -9.24 -17.71 -9.83
N TYR A 442 -10.14 -17.03 -10.52
CA TYR A 442 -10.64 -15.77 -10.01
C TYR A 442 -11.53 -15.98 -8.80
N GLY A 443 -11.75 -17.24 -8.43
CA GLY A 443 -12.60 -17.61 -7.31
C GLY A 443 -13.94 -18.19 -7.66
N GLY A 444 -14.92 -18.02 -6.76
CA GLY A 444 -16.35 -18.14 -7.08
C GLY A 444 -16.88 -19.33 -7.86
N GLY A 445 -17.68 -20.16 -7.21
CA GLY A 445 -17.89 -21.54 -7.63
C GLY A 445 -19.03 -21.98 -8.52
N HIS A 446 -19.83 -22.91 -8.00
CA HIS A 446 -20.67 -23.78 -8.82
C HIS A 446 -22.10 -23.27 -9.01
N HIS A 447 -22.56 -22.53 -8.01
CA HIS A 447 -23.88 -21.97 -8.03
C HIS A 447 -23.75 -20.67 -8.79
N THR A 448 -24.59 -20.49 -9.79
CA THR A 448 -24.57 -19.25 -10.54
C THR A 448 -25.92 -18.62 -10.55
N VAL A 449 -26.12 -17.76 -11.52
CA VAL A 449 -27.39 -17.13 -11.75
C VAL A 449 -27.39 -16.91 -13.25
N LEU A 450 -28.18 -17.70 -13.97
CA LEU A 450 -28.23 -17.55 -15.41
C LEU A 450 -29.34 -16.57 -15.73
N THR A 451 -29.04 -15.58 -16.56
CA THR A 451 -30.01 -14.56 -16.96
C THR A 451 -29.97 -14.28 -18.44
N LEU A 452 -30.90 -14.83 -19.18
CA LEU A 452 -31.01 -14.47 -20.58
C LEU A 452 -31.62 -13.06 -20.61
N ALA A 453 -31.98 -12.56 -19.43
CA ALA A 453 -32.53 -11.22 -19.25
C ALA A 453 -31.48 -10.14 -19.51
N LEU A 454 -30.99 -9.53 -18.43
CA LEU A 454 -29.90 -8.56 -18.47
C LEU A 454 -28.61 -9.11 -19.06
N SER A 455 -27.62 -8.23 -19.21
CA SER A 455 -26.34 -8.66 -19.74
C SER A 455 -25.25 -7.60 -19.47
N GLU A 456 -23.99 -8.00 -19.68
CA GLU A 456 -22.78 -7.31 -19.18
C GLU A 456 -22.88 -5.80 -18.99
N GLU A 457 -23.57 -5.12 -19.89
CA GLU A 457 -23.69 -3.67 -19.78
C GLU A 457 -24.29 -3.34 -18.42
N GLN A 458 -25.43 -3.99 -18.17
CA GLN A 458 -26.27 -3.73 -17.00
C GLN A 458 -25.61 -4.13 -15.71
N LEU A 459 -24.71 -5.09 -15.78
CA LEU A 459 -24.25 -5.77 -14.59
C LEU A 459 -23.04 -5.06 -14.00
N GLU A 460 -22.29 -4.37 -14.86
CA GLU A 460 -21.14 -3.59 -14.49
C GLU A 460 -21.63 -2.49 -13.56
N GLN A 461 -22.71 -1.82 -13.99
CA GLN A 461 -23.31 -0.69 -13.26
C GLN A 461 -23.96 -1.06 -11.93
N LEU A 462 -24.26 -2.35 -11.70
CA LEU A 462 -24.92 -2.78 -10.46
C LEU A 462 -23.90 -3.17 -9.40
N ALA A 463 -22.99 -4.06 -9.77
CA ALA A 463 -21.80 -4.26 -8.99
C ALA A 463 -21.16 -2.88 -8.71
N ARG A 464 -21.00 -2.07 -9.76
CA ARG A 464 -20.29 -0.81 -9.56
C ARG A 464 -20.95 0.03 -8.46
N LEU A 465 -22.22 -0.20 -8.17
CA LEU A 465 -22.96 0.67 -7.25
C LEU A 465 -22.76 0.33 -5.80
N PHE A 466 -22.48 -0.96 -5.51
CA PHE A 466 -22.16 -1.47 -4.18
C PHE A 466 -20.66 -1.44 -4.12
N LYS A 467 -20.07 -1.27 -5.30
CA LYS A 467 -18.63 -1.50 -5.50
C LYS A 467 -18.18 -2.82 -4.90
N VAL A 468 -18.34 -3.92 -5.62
CA VAL A 468 -17.94 -5.21 -5.10
C VAL A 468 -16.97 -5.78 -6.07
N ASP A 469 -16.59 -4.98 -7.05
CA ASP A 469 -15.59 -5.39 -8.03
C ASP A 469 -16.10 -6.59 -8.81
N PHE A 470 -16.53 -6.36 -10.03
CA PHE A 470 -16.91 -7.48 -10.87
C PHE A 470 -15.63 -7.85 -11.57
N ILE A 471 -15.44 -9.13 -11.79
CA ILE A 471 -14.47 -9.53 -12.79
C ILE A 471 -15.26 -10.09 -13.97
N ASN A 472 -15.14 -9.47 -15.15
CA ASN A 472 -15.81 -10.01 -16.33
C ASN A 472 -14.86 -10.60 -17.38
N ILE A 473 -15.30 -11.67 -18.04
CA ILE A 473 -14.47 -12.47 -18.94
C ILE A 473 -15.09 -12.60 -20.34
N LYS A 474 -14.43 -12.04 -21.36
CA LYS A 474 -14.94 -12.15 -22.73
C LYS A 474 -14.00 -12.92 -23.68
N MET B 1 16.94 -44.28 -15.14
CA MET B 1 17.95 -43.47 -15.83
C MET B 1 18.09 -42.05 -15.26
N ARG B 2 17.23 -41.13 -15.69
CA ARG B 2 17.29 -39.75 -15.21
C ARG B 2 17.14 -39.73 -13.69
N LYS B 3 17.66 -38.69 -13.04
CA LYS B 3 17.25 -38.48 -11.68
C LYS B 3 15.75 -38.19 -11.78
N MET B 4 15.33 -37.53 -12.86
CA MET B 4 13.90 -37.27 -13.10
C MET B 4 13.07 -38.56 -13.19
N GLN B 5 13.71 -39.65 -13.61
CA GLN B 5 13.05 -40.95 -13.62
C GLN B 5 12.83 -41.50 -12.20
N ASP B 6 13.75 -41.16 -11.29
CA ASP B 6 13.69 -41.62 -9.90
C ASP B 6 12.54 -40.98 -9.13
N TYR B 7 11.93 -39.98 -9.76
CA TYR B 7 10.85 -39.16 -9.20
C TYR B 7 9.46 -39.66 -9.66
N LYS B 8 8.44 -39.37 -8.86
CA LYS B 8 7.07 -39.70 -9.20
C LYS B 8 6.14 -38.54 -8.84
N PHE B 9 4.96 -38.51 -9.45
CA PHE B 9 3.94 -37.53 -9.07
C PHE B 9 2.65 -38.28 -8.67
N TRP B 10 2.06 -37.93 -7.53
CA TRP B 10 0.87 -38.60 -7.00
C TRP B 10 -0.41 -38.17 -7.71
N PHE B 11 -1.56 -38.76 -7.36
CA PHE B 11 -2.85 -38.42 -8.01
C PHE B 11 -3.98 -38.78 -7.05
N VAL B 12 -4.83 -37.83 -6.74
CA VAL B 12 -5.89 -38.06 -5.78
C VAL B 12 -7.24 -38.02 -6.48
N VAL B 13 -8.27 -38.59 -5.84
CA VAL B 13 -9.64 -38.31 -6.24
C VAL B 13 -10.42 -37.91 -4.99
N GLY B 14 -11.37 -36.99 -5.13
CA GLY B 14 -12.16 -36.56 -3.98
C GLY B 14 -13.66 -36.78 -4.01
N SER B 15 -14.22 -36.89 -2.79
CA SER B 15 -15.67 -36.76 -2.53
C SER B 15 -15.96 -36.81 -1.02
N GLN B 16 -17.19 -37.17 -0.66
CA GLN B 16 -17.58 -37.33 0.75
C GLN B 16 -18.36 -38.63 0.95
N PRO B 17 -18.12 -39.30 2.08
CA PRO B 17 -18.67 -40.64 2.35
C PRO B 17 -20.19 -40.72 2.19
N LEU B 18 -20.88 -39.59 2.28
CA LEU B 18 -22.34 -39.53 2.15
C LEU B 18 -22.81 -39.75 0.70
N TYR B 19 -22.19 -40.70 0.02
CA TYR B 19 -22.39 -40.87 -1.41
C TYR B 19 -22.49 -42.35 -1.85
N GLY B 20 -22.73 -43.25 -0.90
CA GLY B 20 -22.92 -44.67 -1.20
C GLY B 20 -21.61 -45.38 -1.47
N PRO B 21 -21.16 -46.24 -0.52
CA PRO B 21 -19.81 -46.82 -0.57
C PRO B 21 -19.52 -47.52 -1.89
N GLU B 22 -20.57 -48.03 -2.53
CA GLU B 22 -20.43 -48.69 -3.82
C GLU B 22 -20.02 -47.67 -4.86
N ALA B 23 -20.72 -46.55 -4.84
CA ALA B 23 -20.43 -45.42 -5.72
C ALA B 23 -19.14 -44.72 -5.33
N LEU B 24 -18.69 -44.93 -4.10
CA LEU B 24 -17.39 -44.40 -3.66
C LEU B 24 -16.31 -45.18 -4.37
N ALA B 25 -16.53 -46.48 -4.54
CA ALA B 25 -15.60 -47.32 -5.26
C ALA B 25 -15.74 -47.06 -6.76
N GLU B 26 -16.94 -46.67 -7.17
CA GLU B 26 -17.22 -46.38 -8.58
C GLU B 26 -16.36 -45.26 -9.22
N VAL B 27 -15.69 -44.46 -8.40
CA VAL B 27 -14.67 -43.55 -8.90
C VAL B 27 -13.29 -44.22 -8.86
N GLU B 28 -13.10 -45.04 -7.82
CA GLU B 28 -11.87 -45.80 -7.61
C GLU B 28 -11.70 -46.86 -8.67
N LYS B 29 -12.60 -46.86 -9.65
CA LYS B 29 -12.45 -47.70 -10.83
C LYS B 29 -12.19 -46.81 -12.03
N ASP B 30 -12.83 -45.64 -12.03
CA ASP B 30 -12.69 -44.66 -13.09
C ASP B 30 -11.34 -43.92 -12.99
N ALA B 31 -11.09 -43.31 -11.83
CA ALA B 31 -9.85 -42.60 -11.55
C ALA B 31 -8.66 -43.45 -11.94
N ARG B 32 -8.58 -44.59 -11.28
CA ARG B 32 -7.47 -45.54 -11.38
C ARG B 32 -7.07 -45.78 -12.80
N LYS B 33 -8.04 -45.98 -13.68
CA LYS B 33 -7.73 -46.30 -15.06
C LYS B 33 -7.26 -45.10 -15.90
N LEU B 34 -7.51 -43.87 -15.45
CA LEU B 34 -6.96 -42.65 -16.10
C LEU B 34 -5.52 -42.42 -15.69
N VAL B 35 -5.26 -42.58 -14.40
CA VAL B 35 -3.91 -42.79 -13.89
C VAL B 35 -3.21 -43.73 -14.87
N ASP B 36 -3.72 -44.96 -14.86
CA ASP B 36 -3.23 -46.06 -15.66
C ASP B 36 -3.04 -45.63 -17.07
N GLY B 37 -4.03 -44.92 -17.59
CA GLY B 37 -4.01 -44.47 -18.96
C GLY B 37 -2.94 -43.43 -19.17
N LEU B 38 -2.90 -42.43 -18.28
CA LEU B 38 -1.90 -41.37 -18.33
C LEU B 38 -0.50 -41.94 -18.26
N ASN B 39 -0.35 -43.05 -17.54
CA ASN B 39 0.88 -43.82 -17.56
C ASN B 39 1.01 -44.75 -18.77
N LYS B 40 0.05 -45.65 -18.98
CA LYS B 40 0.17 -46.72 -19.99
C LYS B 40 0.50 -46.29 -21.43
N GLY B 41 0.16 -45.06 -21.80
CA GLY B 41 0.56 -44.59 -23.11
C GLY B 41 1.08 -43.17 -23.10
N GLY B 42 1.09 -42.58 -21.91
CA GLY B 42 1.25 -41.14 -21.78
C GLY B 42 2.43 -40.48 -22.45
N LYS B 43 3.54 -41.19 -22.53
CA LYS B 43 4.82 -40.58 -22.83
C LYS B 43 5.04 -39.37 -21.91
N LEU B 44 4.38 -39.42 -20.75
CA LEU B 44 4.65 -38.50 -19.66
C LEU B 44 6.10 -38.76 -19.34
N ASP B 45 6.82 -37.71 -18.97
CA ASP B 45 8.21 -37.85 -18.60
C ASP B 45 8.43 -38.78 -17.39
N TYR B 46 7.58 -38.63 -16.37
CA TYR B 46 7.78 -39.26 -15.06
C TYR B 46 6.46 -39.94 -14.61
N PRO B 47 6.47 -40.81 -13.58
CA PRO B 47 5.36 -41.69 -13.19
C PRO B 47 4.01 -41.08 -12.77
N VAL B 48 3.02 -41.93 -12.50
CA VAL B 48 1.87 -41.60 -11.63
C VAL B 48 1.56 -42.62 -10.52
N GLU B 49 0.95 -42.17 -9.43
CA GLU B 49 0.67 -43.05 -8.30
C GLU B 49 -0.57 -42.67 -7.45
N PHE B 50 -1.75 -43.07 -7.93
CA PHE B 50 -3.08 -42.95 -7.25
C PHE B 50 -3.07 -43.16 -5.71
N LYS B 51 -2.71 -42.13 -4.98
CA LYS B 51 -2.69 -42.27 -3.55
C LYS B 51 -4.11 -42.13 -3.01
N LEU B 52 -4.28 -41.65 -1.79
CA LEU B 52 -5.55 -41.80 -1.08
C LEU B 52 -6.75 -41.08 -1.66
N VAL B 53 -7.87 -41.80 -1.69
CA VAL B 53 -9.17 -41.27 -2.12
C VAL B 53 -9.77 -40.33 -1.05
N ALA B 54 -10.16 -39.13 -1.51
CA ALA B 54 -10.26 -37.94 -0.66
C ALA B 54 -11.62 -37.56 -0.07
N THR B 55 -11.75 -37.69 1.25
CA THR B 55 -13.04 -37.54 1.94
C THR B 55 -13.05 -36.74 3.26
N THR B 56 -12.46 -37.29 4.32
CA THR B 56 -12.52 -36.63 5.62
C THR B 56 -11.55 -35.49 5.69
N ALA B 57 -11.45 -34.87 6.86
CA ALA B 57 -10.41 -33.88 7.07
C ALA B 57 -9.10 -34.63 6.96
N ASP B 58 -8.77 -35.32 8.06
CA ASP B 58 -7.54 -36.08 8.19
C ASP B 58 -7.13 -36.77 6.90
N SER B 59 -8.06 -37.49 6.28
CA SER B 59 -7.74 -38.28 5.06
C SER B 59 -7.04 -37.51 3.92
N ILE B 60 -7.36 -36.22 3.77
CA ILE B 60 -6.60 -35.39 2.84
C ILE B 60 -5.41 -34.80 3.56
N THR B 61 -5.62 -34.15 4.71
CA THR B 61 -4.53 -33.56 5.50
C THR B 61 -3.29 -34.46 5.72
N LYS B 62 -3.48 -35.69 6.18
CA LYS B 62 -2.37 -36.63 6.23
C LYS B 62 -1.62 -36.79 4.87
N PHE B 63 -2.38 -37.00 3.79
CA PHE B 63 -1.83 -37.25 2.44
C PHE B 63 -0.84 -36.20 2.07
N MET B 64 -1.30 -34.96 2.19
CA MET B 64 -0.49 -33.81 1.88
C MET B 64 0.77 -33.75 2.80
N LYS B 65 0.68 -34.34 3.99
CA LYS B 65 1.83 -34.44 4.92
C LYS B 65 2.96 -35.43 4.54
N GLU B 66 2.64 -36.51 3.85
CA GLU B 66 3.68 -37.40 3.33
C GLU B 66 4.32 -36.83 2.05
N ALA B 67 3.52 -36.20 1.20
CA ALA B 67 4.06 -35.64 -0.04
C ALA B 67 5.08 -34.55 0.24
N ASN B 68 5.06 -33.97 1.43
CA ASN B 68 6.11 -33.07 1.87
C ASN B 68 7.36 -33.84 2.28
N TYR B 69 7.15 -34.84 3.13
CA TYR B 69 8.19 -35.67 3.72
C TYR B 69 8.83 -36.67 2.73
N ASN B 70 8.07 -37.10 1.74
CA ASN B 70 8.54 -38.08 0.79
C ASN B 70 9.24 -37.42 -0.40
N ASP B 71 10.44 -36.90 -0.15
CA ASP B 71 11.29 -36.28 -1.16
C ASP B 71 11.22 -36.96 -2.54
N ASP B 72 10.74 -38.21 -2.56
CA ASP B 72 10.58 -38.97 -3.80
C ASP B 72 9.39 -38.43 -4.59
N VAL B 73 8.48 -37.76 -3.89
CA VAL B 73 7.27 -37.24 -4.53
C VAL B 73 7.46 -35.78 -4.94
N ALA B 74 7.22 -35.51 -6.21
CA ALA B 74 7.59 -34.24 -6.83
C ALA B 74 6.38 -33.37 -7.15
N GLY B 75 5.24 -33.70 -6.57
CA GLY B 75 4.01 -33.01 -6.86
C GLY B 75 2.78 -33.89 -7.04
N VAL B 76 1.63 -33.35 -6.65
CA VAL B 76 0.39 -34.07 -6.61
C VAL B 76 -0.62 -33.40 -7.51
N ILE B 77 -1.09 -34.12 -8.53
CA ILE B 77 -1.95 -33.58 -9.58
C ILE B 77 -3.43 -33.87 -9.34
N THR B 78 -4.08 -33.06 -8.51
CA THR B 78 -5.42 -33.38 -8.01
C THR B 78 -6.56 -33.34 -9.05
N TRP B 79 -7.64 -34.06 -8.72
CA TRP B 79 -8.89 -34.06 -9.48
C TRP B 79 -10.04 -34.51 -8.65
N MET B 80 -11.05 -33.66 -8.56
CA MET B 80 -12.23 -33.97 -7.80
C MET B 80 -13.33 -34.50 -8.73
N HIS B 81 -13.39 -35.83 -8.87
CA HIS B 81 -14.29 -36.51 -9.81
C HIS B 81 -15.72 -36.03 -9.58
N THR B 82 -16.05 -35.81 -8.31
CA THR B 82 -17.37 -35.35 -7.85
C THR B 82 -17.25 -34.34 -6.70
N PHE B 83 -18.37 -33.71 -6.37
CA PHE B 83 -18.38 -32.61 -5.40
C PHE B 83 -17.71 -32.98 -4.08
N SER B 84 -16.39 -32.74 -3.98
CA SER B 84 -15.68 -32.86 -2.71
C SER B 84 -15.58 -31.54 -1.93
N PRO B 85 -16.46 -31.34 -0.92
CA PRO B 85 -16.50 -30.07 -0.19
C PRO B 85 -15.13 -29.51 0.13
N ALA B 86 -14.95 -28.21 0.02
CA ALA B 86 -13.64 -27.63 0.30
C ALA B 86 -13.16 -27.73 1.74
N LYS B 87 -13.87 -27.16 2.71
CA LYS B 87 -13.38 -27.13 4.11
C LYS B 87 -12.68 -28.43 4.61
N ASN B 88 -12.86 -29.51 3.87
CA ASN B 88 -12.10 -30.77 4.06
C ASN B 88 -10.73 -30.80 3.30
N TRP B 89 -10.43 -29.71 2.59
CA TRP B 89 -9.18 -29.54 1.87
C TRP B 89 -8.36 -28.37 2.44
N ILE B 90 -8.90 -27.66 3.40
CA ILE B 90 -8.28 -26.40 3.85
C ILE B 90 -6.90 -26.67 4.44
N ARG B 91 -6.85 -27.03 5.70
CA ARG B 91 -5.59 -27.35 6.40
C ARG B 91 -4.79 -28.48 5.75
N GLY B 92 -5.32 -29.08 4.69
CA GLY B 92 -4.47 -30.00 3.97
C GLY B 92 -3.79 -29.30 2.81
N THR B 93 -4.36 -28.15 2.47
CA THR B 93 -3.89 -27.34 1.35
C THR B 93 -2.93 -26.27 1.84
N GLU B 94 -2.93 -26.08 3.16
CA GLU B 94 -2.18 -24.97 3.74
C GLU B 94 -0.97 -25.51 4.49
N LEU B 95 -0.74 -26.81 4.36
CA LEU B 95 0.50 -27.40 4.87
C LEU B 95 1.20 -28.15 3.75
N LEU B 96 0.98 -27.74 2.52
CA LEU B 96 1.70 -28.35 1.41
C LEU B 96 2.85 -27.46 1.05
N GLN B 97 3.96 -28.10 0.73
CA GLN B 97 5.20 -27.45 0.45
C GLN B 97 5.71 -27.96 -0.88
N LYS B 98 4.83 -28.17 -1.86
CA LYS B 98 5.20 -28.94 -3.07
C LYS B 98 4.19 -29.03 -4.22
N PRO B 99 4.63 -28.73 -5.46
CA PRO B 99 3.80 -28.45 -6.65
C PRO B 99 2.45 -29.14 -6.78
N LEU B 100 1.39 -28.38 -7.04
CA LEU B 100 0.00 -28.85 -7.06
C LEU B 100 -0.73 -28.62 -8.37
N LEU B 101 -1.31 -29.66 -8.95
CA LEU B 101 -2.25 -29.48 -10.04
C LEU B 101 -3.68 -29.80 -9.53
N HIS B 102 -4.71 -29.17 -10.12
CA HIS B 102 -6.13 -29.56 -9.91
C HIS B 102 -6.74 -29.92 -11.23
N LEU B 103 -6.65 -31.18 -11.65
CA LEU B 103 -7.01 -31.52 -13.04
C LEU B 103 -8.49 -31.28 -13.38
N ALA B 104 -8.72 -30.44 -14.38
CA ALA B 104 -10.08 -30.12 -14.78
C ALA B 104 -10.42 -31.02 -15.95
N THR B 105 -11.11 -32.11 -15.66
CA THR B 105 -11.31 -33.11 -16.69
C THR B 105 -12.61 -33.88 -16.53
N GLN B 106 -13.15 -34.35 -17.65
CA GLN B 106 -14.20 -35.33 -17.58
C GLN B 106 -13.66 -36.71 -17.93
N PHE B 107 -14.31 -37.73 -17.42
CA PHE B 107 -13.99 -39.10 -17.80
C PHE B 107 -14.37 -39.28 -19.27
N LEU B 108 -15.68 -39.38 -19.56
CA LEU B 108 -16.11 -39.50 -20.95
C LEU B 108 -16.12 -38.12 -21.55
N ASN B 109 -16.16 -38.05 -22.88
CA ASN B 109 -16.16 -36.77 -23.57
C ASN B 109 -17.46 -36.53 -24.33
N ASN B 110 -18.58 -36.97 -23.75
CA ASN B 110 -19.90 -36.83 -24.38
C ASN B 110 -21.02 -37.22 -23.43
N ILE B 111 -21.94 -36.29 -23.19
CA ILE B 111 -23.05 -36.55 -22.27
C ILE B 111 -23.92 -37.73 -22.77
N PRO B 112 -24.14 -38.74 -21.92
CA PRO B 112 -25.04 -39.85 -22.25
C PRO B 112 -26.50 -39.43 -22.18
N PHE B 113 -27.25 -39.62 -23.28
CA PHE B 113 -28.63 -39.17 -23.32
C PHE B 113 -29.63 -40.32 -23.53
N ASP B 114 -29.13 -41.54 -23.48
CA ASP B 114 -30.01 -42.71 -23.47
C ASP B 114 -29.95 -43.33 -22.08
N SER B 115 -28.80 -43.13 -21.43
CA SER B 115 -28.46 -43.85 -20.21
C SER B 115 -28.18 -42.96 -18.99
N ILE B 116 -28.76 -41.77 -18.95
CA ILE B 116 -28.55 -40.84 -17.83
C ILE B 116 -29.66 -40.81 -16.77
N ASP B 117 -29.46 -41.59 -15.72
CA ASP B 117 -30.35 -41.54 -14.60
C ASP B 117 -29.73 -40.53 -13.68
N MET B 118 -30.18 -40.44 -12.44
CA MET B 118 -29.51 -39.51 -11.56
C MET B 118 -28.20 -40.11 -11.04
N ASP B 119 -27.93 -41.37 -11.39
CA ASP B 119 -26.67 -41.99 -10.99
C ASP B 119 -25.49 -41.52 -11.87
N TYR B 120 -25.81 -41.01 -13.05
CA TYR B 120 -24.79 -40.51 -13.96
C TYR B 120 -24.46 -39.09 -13.55
N MET B 121 -25.23 -38.58 -12.59
CA MET B 121 -25.17 -37.16 -12.22
C MET B 121 -24.68 -36.98 -10.79
N ASN B 122 -25.06 -37.91 -9.91
CA ASN B 122 -24.54 -37.91 -8.54
C ASN B 122 -23.09 -38.37 -8.55
N LEU B 123 -22.73 -39.10 -9.59
CA LEU B 123 -21.34 -39.46 -9.87
C LEU B 123 -20.96 -38.52 -11.00
N HIS B 124 -19.78 -38.72 -11.57
CA HIS B 124 -19.29 -37.97 -12.72
C HIS B 124 -19.78 -36.53 -12.76
N GLN B 125 -19.37 -35.74 -11.77
CA GLN B 125 -19.84 -34.35 -11.66
C GLN B 125 -18.73 -33.36 -11.31
N SER B 126 -17.66 -33.38 -12.12
CA SER B 126 -16.51 -32.49 -11.94
C SER B 126 -16.79 -31.07 -12.39
N ALA B 127 -17.71 -30.92 -13.34
CA ALA B 127 -18.23 -29.61 -13.72
C ALA B 127 -18.59 -28.65 -12.54
N HIS B 128 -19.11 -29.19 -11.44
CA HIS B 128 -19.52 -28.34 -10.32
C HIS B 128 -18.82 -28.62 -8.97
N GLY B 129 -17.73 -29.36 -9.03
CA GLY B 129 -16.99 -29.71 -7.83
C GLY B 129 -15.54 -29.39 -8.01
N ASP B 130 -15.03 -29.61 -9.21
CA ASP B 130 -13.69 -29.16 -9.47
C ASP B 130 -13.75 -27.69 -9.14
N ARG B 131 -14.77 -27.02 -9.65
CA ARG B 131 -14.99 -25.59 -9.35
C ARG B 131 -15.01 -25.23 -7.86
N GLU B 132 -15.59 -26.07 -7.01
CA GLU B 132 -15.50 -25.80 -5.56
C GLU B 132 -14.14 -26.08 -4.92
N TYR B 133 -13.27 -26.88 -5.56
CA TYR B 133 -11.90 -27.10 -5.11
C TYR B 133 -11.22 -25.76 -5.29
N ALA B 134 -11.24 -25.33 -6.54
CA ALA B 134 -10.60 -24.12 -7.01
C ALA B 134 -10.69 -22.93 -6.06
N TYR B 135 -11.84 -22.75 -5.44
CA TYR B 135 -12.05 -21.55 -4.66
C TYR B 135 -11.23 -21.62 -3.38
N ILE B 136 -10.98 -22.82 -2.91
CA ILE B 136 -10.31 -22.94 -1.62
C ILE B 136 -8.82 -22.85 -1.86
N ASN B 137 -8.44 -22.99 -3.10
CA ASN B 137 -7.05 -22.89 -3.49
C ASN B 137 -6.77 -21.58 -4.23
N SER B 138 -7.84 -20.87 -4.63
CA SER B 138 -7.78 -19.47 -5.06
C SER B 138 -7.82 -18.49 -3.87
N ARG B 139 -8.80 -18.70 -2.99
CA ARG B 139 -8.86 -18.01 -1.70
C ARG B 139 -7.49 -18.02 -1.13
N LEU B 140 -7.03 -19.22 -0.76
CA LEU B 140 -5.78 -19.45 -0.02
C LEU B 140 -4.57 -18.93 -0.78
N ASN B 141 -4.75 -18.70 -2.08
CA ASN B 141 -3.73 -18.13 -2.95
C ASN B 141 -2.59 -19.13 -3.19
N VAL B 142 -2.96 -20.37 -3.48
CA VAL B 142 -1.98 -21.42 -3.82
C VAL B 142 -1.32 -21.24 -5.21
N PRO B 143 0.02 -21.34 -5.29
CA PRO B 143 0.70 -21.16 -6.57
C PRO B 143 0.34 -22.21 -7.65
N ALA B 144 -0.90 -22.71 -7.64
CA ALA B 144 -1.27 -23.98 -8.28
C ALA B 144 -1.33 -24.02 -9.82
N ALA B 145 -1.67 -25.18 -10.36
CA ALA B 145 -1.68 -25.39 -11.81
C ALA B 145 -2.99 -25.99 -12.32
N SER B 146 -3.61 -25.32 -13.29
CA SER B 146 -4.90 -25.79 -13.81
C SER B 146 -4.76 -26.28 -15.23
N VAL B 147 -5.33 -27.44 -15.50
CA VAL B 147 -5.47 -27.97 -16.85
C VAL B 147 -6.92 -28.33 -17.02
N TYR B 148 -7.56 -27.85 -18.09
CA TYR B 148 -8.97 -28.15 -18.38
C TYR B 148 -9.07 -29.00 -19.66
N GLY B 149 -9.88 -30.06 -19.66
CA GLY B 149 -10.08 -30.88 -20.86
C GLY B 149 -10.11 -32.39 -20.65
N TRP B 150 -10.43 -33.16 -21.70
CA TRP B 150 -10.56 -34.62 -21.54
C TRP B 150 -9.23 -35.30 -21.25
N TRP B 151 -9.15 -36.02 -20.13
CA TRP B 151 -7.92 -36.72 -19.67
C TRP B 151 -7.20 -37.55 -20.72
N GLY B 152 -7.77 -37.69 -21.90
CA GLY B 152 -7.19 -38.50 -22.93
C GLY B 152 -6.84 -37.66 -24.13
N ASP B 153 -6.94 -36.36 -23.98
CA ASP B 153 -6.64 -35.47 -25.08
C ASP B 153 -5.14 -35.20 -25.09
N ALA B 154 -4.45 -35.78 -26.06
CA ALA B 154 -3.02 -35.60 -26.25
C ALA B 154 -2.53 -34.24 -25.77
N ASP B 155 -3.28 -33.19 -26.07
CA ASP B 155 -2.87 -31.87 -25.60
C ASP B 155 -3.23 -31.63 -24.11
N VAL B 156 -4.34 -32.21 -23.65
CA VAL B 156 -4.61 -32.16 -22.22
C VAL B 156 -3.71 -33.18 -21.52
N GLN B 157 -3.21 -34.16 -22.27
CA GLN B 157 -2.15 -35.07 -21.79
C GLN B 157 -0.77 -34.44 -22.04
N GLU B 158 -0.72 -33.40 -22.88
CA GLU B 158 0.51 -32.68 -23.18
C GLU B 158 0.81 -31.61 -22.15
N GLN B 159 -0.25 -30.90 -21.77
CA GLN B 159 -0.21 -29.98 -20.65
C GLN B 159 0.41 -30.63 -19.39
N ILE B 160 0.10 -31.89 -19.11
CA ILE B 160 0.72 -32.53 -17.95
C ILE B 160 2.17 -32.97 -18.18
N ALA B 161 2.52 -33.31 -19.41
CA ALA B 161 3.84 -33.85 -19.66
C ALA B 161 4.85 -32.74 -19.51
N ASP B 162 4.42 -31.53 -19.82
CA ASP B 162 5.29 -30.39 -19.70
C ASP B 162 5.27 -29.92 -18.23
N TRP B 163 4.19 -30.18 -17.50
CA TRP B 163 4.14 -29.80 -16.09
C TRP B 163 4.99 -30.71 -15.24
N GLN B 164 4.78 -32.03 -15.41
CA GLN B 164 5.56 -33.06 -14.72
C GLN B 164 7.06 -32.67 -14.79
N HIS B 165 7.49 -32.25 -15.97
CA HIS B 165 8.86 -31.84 -16.13
C HIS B 165 9.07 -30.48 -15.47
N VAL B 166 8.02 -29.85 -14.91
CA VAL B 166 8.17 -28.47 -14.36
C VAL B 166 8.03 -28.33 -12.86
N ALA B 167 7.36 -29.29 -12.22
CA ALA B 167 7.40 -29.44 -10.76
C ALA B 167 8.72 -30.08 -10.25
N VAL B 168 9.47 -30.56 -11.22
CA VAL B 168 10.64 -31.37 -11.02
C VAL B 168 11.74 -30.42 -10.66
N ALA B 169 11.55 -29.12 -10.89
CA ALA B 169 12.58 -28.19 -10.44
C ALA B 169 12.24 -27.38 -9.16
N TYR B 170 11.00 -26.94 -8.91
CA TYR B 170 10.71 -26.40 -7.55
C TYR B 170 10.99 -27.47 -6.46
N ASN B 171 11.36 -28.65 -6.95
CA ASN B 171 11.71 -29.76 -6.11
C ASN B 171 13.06 -30.24 -6.50
N GLU B 172 13.91 -29.36 -7.05
CA GLU B 172 15.31 -29.68 -7.36
C GLU B 172 16.17 -28.46 -7.25
N SER B 173 15.57 -27.29 -7.22
CA SER B 173 16.35 -26.07 -7.13
C SER B 173 16.88 -26.02 -5.73
N PHE B 174 16.05 -26.46 -4.80
CA PHE B 174 16.42 -26.36 -3.40
C PHE B 174 17.57 -27.34 -3.05
N HIS B 175 18.40 -27.60 -4.08
CA HIS B 175 19.48 -28.58 -4.09
C HIS B 175 20.66 -28.17 -5.00
N ILE B 176 20.43 -27.27 -5.96
CA ILE B 176 21.45 -26.73 -6.88
C ILE B 176 22.50 -25.87 -6.17
N LYS B 177 23.64 -26.49 -5.86
CA LYS B 177 24.75 -25.78 -5.25
C LYS B 177 25.52 -25.21 -6.43
N ILE B 178 26.12 -24.05 -6.19
CA ILE B 178 26.93 -23.32 -7.15
C ILE B 178 28.30 -22.99 -6.51
N ALA B 179 29.38 -23.42 -7.17
CA ALA B 179 30.75 -23.18 -6.72
C ALA B 179 31.32 -22.02 -7.46
N ARG B 180 31.81 -21.03 -6.71
CA ARG B 180 32.38 -19.79 -7.24
C ARG B 180 33.85 -19.84 -7.07
N PHE B 181 34.55 -19.41 -8.11
CA PHE B 181 36.00 -19.46 -8.08
C PHE B 181 36.47 -18.02 -8.31
N GLY B 182 36.21 -17.20 -7.30
CA GLY B 182 36.25 -15.76 -7.41
C GLY B 182 34.87 -15.12 -7.51
N ASP B 183 34.59 -14.18 -6.61
CA ASP B 183 33.48 -13.20 -6.63
C ASP B 183 33.24 -12.60 -8.04
N THR B 184 32.33 -11.63 -8.17
CA THR B 184 31.93 -11.11 -9.50
C THR B 184 32.93 -10.13 -10.07
N MET B 185 33.10 -10.16 -11.40
CA MET B 185 34.11 -9.34 -12.12
C MET B 185 33.85 -7.88 -11.89
N ARG B 186 34.92 -7.13 -11.64
CA ARG B 186 34.76 -5.80 -11.05
C ARG B 186 33.98 -4.85 -11.92
N ASP B 187 33.16 -4.06 -11.25
CA ASP B 187 32.40 -2.99 -11.89
C ASP B 187 31.17 -3.43 -12.70
N VAL B 188 30.69 -4.67 -12.56
CA VAL B 188 29.45 -5.05 -13.26
C VAL B 188 28.30 -5.14 -12.26
N ALA B 189 27.06 -4.93 -12.73
CA ALA B 189 25.92 -4.92 -11.81
C ALA B 189 24.83 -6.00 -12.02
N VAL B 190 24.35 -6.17 -13.26
CA VAL B 190 23.31 -7.17 -13.60
C VAL B 190 23.51 -8.60 -13.13
N THR B 191 24.77 -9.01 -12.94
CA THR B 191 25.10 -10.33 -12.49
C THR B 191 25.30 -10.25 -11.00
N GLU B 192 24.60 -9.33 -10.39
CA GLU B 192 24.60 -9.30 -8.95
C GLU B 192 23.19 -9.16 -8.31
N GLY B 193 22.81 -10.25 -7.63
CA GLY B 193 21.64 -10.30 -6.80
C GLY B 193 22.12 -10.60 -5.42
N ASP B 194 21.30 -11.29 -4.65
CA ASP B 194 21.66 -11.52 -3.27
C ASP B 194 21.76 -13.03 -2.99
N LYS B 195 22.93 -13.47 -2.57
CA LYS B 195 23.12 -14.88 -2.35
C LYS B 195 22.13 -15.40 -1.29
N VAL B 196 21.98 -14.66 -0.19
CA VAL B 196 21.03 -15.09 0.81
C VAL B 196 19.65 -15.03 0.20
N ALA B 197 19.33 -13.90 -0.45
CA ALA B 197 17.93 -13.56 -0.81
C ALA B 197 17.30 -14.44 -1.83
N ALA B 198 18.12 -15.21 -2.54
CA ALA B 198 17.71 -16.16 -3.57
C ALA B 198 17.72 -17.64 -3.11
N GLN B 199 18.30 -17.92 -1.96
CA GLN B 199 18.28 -19.25 -1.40
C GLN B 199 16.88 -19.57 -0.86
N ILE B 200 16.11 -18.50 -0.77
CA ILE B 200 14.79 -18.52 -0.16
C ILE B 200 13.86 -18.68 -1.34
N LYS B 201 14.12 -17.88 -2.34
CA LYS B 201 13.25 -17.78 -3.46
C LYS B 201 13.50 -18.92 -4.43
N LEU B 202 14.43 -18.74 -5.35
CA LEU B 202 14.76 -19.78 -6.33
C LEU B 202 15.52 -21.01 -5.76
N GLY B 203 15.94 -20.94 -4.51
CA GLY B 203 16.50 -22.06 -3.77
C GLY B 203 17.97 -22.42 -3.99
N TRP B 204 18.71 -21.59 -4.69
CA TRP B 204 20.09 -21.93 -5.12
C TRP B 204 21.09 -21.67 -3.97
N THR B 205 22.28 -22.28 -4.00
CA THR B 205 23.32 -21.94 -2.99
C THR B 205 24.74 -21.68 -3.52
N VAL B 206 25.25 -20.49 -3.22
CA VAL B 206 26.47 -19.95 -3.76
C VAL B 206 27.59 -19.82 -2.70
N ASP B 207 28.25 -20.94 -2.39
CA ASP B 207 29.48 -20.99 -1.60
C ASP B 207 30.65 -20.64 -2.54
N TYR B 208 31.68 -19.95 -2.06
CA TYR B 208 32.83 -19.66 -2.94
C TYR B 208 34.13 -20.30 -2.46
N TYR B 209 34.73 -21.11 -3.32
CA TYR B 209 35.90 -21.89 -2.97
C TYR B 209 37.00 -21.26 -3.77
N PRO B 210 38.17 -21.02 -3.15
CA PRO B 210 39.14 -20.03 -3.66
C PRO B 210 39.96 -20.52 -4.83
N THR B 211 40.07 -19.75 -5.92
CA THR B 211 40.66 -20.24 -7.18
C THR B 211 41.73 -21.34 -7.02
N ASN B 212 42.80 -21.00 -6.29
CA ASN B 212 43.64 -21.92 -5.54
C ASN B 212 43.10 -23.34 -5.45
N GLU B 213 42.34 -23.64 -4.41
CA GLU B 213 41.76 -24.98 -4.17
C GLU B 213 41.36 -25.77 -5.43
N LEU B 214 40.93 -25.06 -6.48
CA LEU B 214 40.63 -25.71 -7.77
C LEU B 214 41.88 -26.01 -8.52
N VAL B 215 42.76 -24.99 -8.56
CA VAL B 215 44.11 -25.11 -9.12
C VAL B 215 44.90 -26.32 -8.55
N ALA B 216 44.69 -26.69 -7.30
CA ALA B 216 45.30 -27.92 -6.82
C ALA B 216 44.75 -29.06 -7.65
N VAL B 217 43.41 -29.23 -7.63
CA VAL B 217 42.69 -30.29 -8.33
C VAL B 217 43.24 -30.40 -9.75
N VAL B 218 42.78 -29.49 -10.60
CA VAL B 218 43.43 -29.09 -11.84
C VAL B 218 44.88 -29.61 -12.08
N ASN B 219 45.82 -29.27 -11.21
CA ASN B 219 47.22 -29.67 -11.41
C ASN B 219 47.45 -31.13 -11.10
N GLY B 220 46.71 -31.65 -10.13
CA GLY B 220 46.84 -33.04 -9.69
C GLY B 220 46.15 -34.05 -10.59
N ILE B 221 46.32 -33.90 -11.90
CA ILE B 221 45.65 -34.77 -12.85
C ILE B 221 46.75 -35.55 -13.53
N ALA B 222 46.47 -36.80 -13.90
CA ALA B 222 47.44 -37.58 -14.65
C ALA B 222 47.23 -37.38 -16.14
N GLU B 223 48.33 -37.37 -16.88
CA GLU B 223 48.24 -37.30 -18.32
C GLU B 223 47.60 -38.59 -18.81
N ASP B 224 47.72 -39.67 -18.06
CA ASP B 224 46.94 -40.86 -18.37
C ASP B 224 45.48 -40.42 -18.38
N GLU B 225 45.00 -39.96 -17.22
CA GLU B 225 43.64 -39.41 -17.07
C GLU B 225 43.30 -38.42 -18.17
N ILE B 226 44.25 -37.54 -18.45
CA ILE B 226 44.04 -36.54 -19.46
C ILE B 226 44.01 -37.23 -20.80
N ASP B 227 45.09 -37.96 -21.14
CA ASP B 227 45.28 -38.47 -22.50
C ASP B 227 44.23 -39.49 -22.91
N ALA B 228 43.58 -40.08 -21.92
CA ALA B 228 42.40 -40.92 -22.16
C ALA B 228 41.20 -40.06 -22.56
N ALA B 229 40.96 -39.00 -21.80
CA ALA B 229 39.90 -38.09 -22.18
C ALA B 229 40.37 -37.26 -23.36
N TYR B 230 41.68 -37.26 -23.60
CA TYR B 230 42.29 -36.50 -24.69
C TYR B 230 42.32 -37.24 -26.03
N LYS B 231 41.59 -38.34 -26.15
CA LYS B 231 41.54 -39.07 -27.41
C LYS B 231 40.11 -39.42 -27.83
N ASP B 232 39.18 -39.33 -26.87
CA ASP B 232 37.74 -39.53 -27.10
C ASP B 232 37.11 -38.27 -27.72
N LEU B 233 37.81 -37.15 -27.62
CA LEU B 233 37.36 -35.92 -28.26
C LEU B 233 37.97 -35.82 -29.65
N GLU B 234 38.78 -36.80 -30.02
CA GLU B 234 39.31 -36.88 -31.37
C GLU B 234 38.25 -37.60 -32.18
N ALA B 235 37.37 -38.27 -31.44
CA ALA B 235 36.29 -39.06 -32.00
C ALA B 235 35.12 -38.21 -32.47
N ASN B 236 34.99 -37.02 -31.89
CA ASN B 236 33.85 -36.17 -32.15
C ASN B 236 34.14 -34.91 -32.98
N TYR B 237 35.27 -34.25 -32.70
CA TYR B 237 35.55 -32.94 -33.33
C TYR B 237 36.79 -32.87 -34.21
N ASP B 238 36.58 -32.52 -35.47
CA ASP B 238 37.64 -32.44 -36.47
C ASP B 238 38.71 -31.42 -36.12
N LEU B 239 39.55 -31.71 -35.12
CA LEU B 239 40.56 -30.75 -34.62
C LEU B 239 41.38 -30.07 -35.72
N VAL B 240 41.18 -28.77 -35.90
CA VAL B 240 41.61 -28.06 -37.11
C VAL B 240 43.05 -27.57 -37.11
N GLU B 241 43.37 -26.74 -38.11
CA GLU B 241 44.71 -26.22 -38.36
C GLU B 241 45.41 -25.58 -37.16
N GLY B 242 45.71 -26.43 -36.19
CA GLY B 242 46.40 -26.03 -34.96
C GLY B 242 46.37 -27.18 -33.96
N ASP B 243 46.23 -28.40 -34.46
CA ASP B 243 46.16 -29.57 -33.59
C ASP B 243 46.81 -30.83 -34.17
N ASN B 244 48.09 -31.07 -33.84
CA ASN B 244 48.74 -32.37 -34.03
C ASN B 244 49.77 -32.65 -32.92
N ASP B 245 50.05 -33.93 -32.67
CA ASP B 245 50.86 -34.37 -31.51
C ASP B 245 52.27 -33.76 -31.40
N HIS B 246 52.61 -32.91 -32.36
CA HIS B 246 53.86 -32.15 -32.32
C HIS B 246 53.70 -30.82 -33.09
N GLU B 247 52.51 -30.59 -33.64
CA GLU B 247 52.24 -29.37 -34.41
C GLU B 247 52.00 -28.20 -33.48
N LYS B 248 52.79 -27.14 -33.66
CA LYS B 248 52.77 -25.99 -32.77
C LYS B 248 52.94 -26.43 -31.31
N TYR B 249 51.88 -26.29 -30.51
CA TYR B 249 51.91 -26.71 -29.11
C TYR B 249 50.55 -27.17 -28.58
N VAL B 250 50.22 -28.44 -28.74
CA VAL B 250 48.96 -28.98 -28.19
C VAL B 250 49.08 -29.39 -26.71
N HIS B 251 49.88 -28.66 -25.94
CA HIS B 251 49.82 -28.74 -24.49
C HIS B 251 48.63 -27.90 -24.07
N ASN B 252 48.21 -27.04 -25.02
CA ASN B 252 47.16 -26.07 -24.82
C ASN B 252 45.75 -26.66 -25.00
N VAL B 253 45.69 -27.86 -25.56
CA VAL B 253 44.43 -28.56 -25.66
C VAL B 253 44.31 -29.42 -24.41
N ARG B 254 45.24 -30.34 -24.22
CA ARG B 254 45.28 -31.20 -23.04
C ARG B 254 45.03 -30.45 -21.73
N TYR B 255 45.60 -29.25 -21.60
CA TYR B 255 45.39 -28.48 -20.39
C TYR B 255 43.90 -28.24 -20.22
N GLN B 256 43.24 -27.78 -21.27
CA GLN B 256 41.79 -27.61 -21.26
C GLN B 256 41.09 -28.96 -21.15
N LEU B 257 41.82 -30.05 -21.43
CA LEU B 257 41.27 -31.39 -21.37
C LEU B 257 41.46 -31.99 -19.99
N ARG B 258 42.50 -31.57 -19.30
CA ARG B 258 42.60 -31.89 -17.89
C ARG B 258 41.87 -30.79 -17.13
N GLU B 259 41.51 -29.73 -17.85
CA GLU B 259 40.73 -28.69 -17.22
C GLU B 259 39.34 -29.22 -16.94
N TYR B 260 38.68 -29.77 -17.97
CA TYR B 260 37.33 -30.34 -17.81
C TYR B 260 37.35 -31.42 -16.78
N LEU B 261 38.45 -32.17 -16.78
CA LEU B 261 38.71 -33.20 -15.77
C LEU B 261 38.97 -32.63 -14.37
N GLY B 262 39.45 -31.39 -14.33
CA GLY B 262 39.81 -30.74 -13.08
C GLY B 262 38.64 -30.19 -12.31
N ILE B 263 37.94 -29.25 -12.93
CA ILE B 263 36.75 -28.67 -12.35
C ILE B 263 35.70 -29.75 -12.04
N LYS B 264 35.37 -30.58 -13.04
CA LYS B 264 34.47 -31.74 -12.89
C LYS B 264 34.79 -32.49 -11.63
N LYS B 265 36.07 -32.49 -11.29
CA LYS B 265 36.53 -33.24 -10.14
C LYS B 265 36.20 -32.46 -8.93
N PHE B 266 36.47 -31.16 -8.97
CA PHE B 266 36.24 -30.35 -7.79
C PHE B 266 34.76 -30.42 -7.44
N LEU B 267 33.95 -29.74 -8.25
CA LEU B 267 32.50 -29.87 -8.21
C LEU B 267 32.04 -31.22 -7.68
N ASP B 268 32.25 -32.32 -8.42
CA ASP B 268 31.72 -33.62 -7.99
C ASP B 268 32.06 -34.01 -6.53
N ASP B 269 33.31 -33.80 -6.15
CA ASP B 269 33.83 -34.28 -4.88
C ASP B 269 33.38 -33.44 -3.67
N ASN B 270 32.94 -32.22 -3.93
CA ASN B 270 32.41 -31.36 -2.85
C ASN B 270 30.91 -31.04 -2.95
N GLY B 271 30.24 -31.62 -3.95
CA GLY B 271 28.79 -31.51 -4.06
C GLY B 271 28.19 -30.40 -4.92
N TYR B 272 28.99 -29.64 -5.64
CA TYR B 272 28.43 -28.55 -6.42
C TYR B 272 28.07 -29.06 -7.82
N ASP B 273 26.97 -28.54 -8.36
CA ASP B 273 26.40 -28.98 -9.64
C ASP B 273 26.44 -27.88 -10.72
N ALA B 274 26.98 -26.73 -10.36
CA ALA B 274 27.11 -25.59 -11.26
C ALA B 274 28.35 -24.80 -10.82
N PHE B 275 28.72 -23.76 -11.57
CA PHE B 275 29.93 -22.97 -11.24
C PHE B 275 30.28 -21.79 -12.21
N THR B 276 30.92 -20.75 -11.64
CA THR B 276 31.44 -19.60 -12.38
C THR B 276 32.97 -19.53 -12.41
N ASP B 277 33.53 -18.76 -13.36
CA ASP B 277 34.96 -18.42 -13.37
C ASP B 277 35.23 -16.94 -13.65
N ASN B 278 36.00 -16.28 -12.77
CA ASN B 278 36.38 -14.89 -13.06
C ASN B 278 37.73 -14.80 -13.77
N PHE B 279 37.72 -14.36 -15.03
CA PHE B 279 38.97 -14.29 -15.81
C PHE B 279 39.88 -13.22 -15.26
N GLN B 280 39.27 -12.27 -14.58
CA GLN B 280 40.06 -11.37 -13.81
C GLN B 280 40.65 -12.11 -12.59
N ASP B 281 40.42 -13.44 -12.47
CA ASP B 281 41.07 -14.35 -11.47
C ASP B 281 41.50 -15.72 -12.07
N LEU B 282 42.73 -15.79 -12.57
CA LEU B 282 43.27 -17.01 -13.18
C LEU B 282 44.67 -17.35 -12.75
N GLU B 283 45.03 -17.02 -11.52
CA GLU B 283 46.33 -17.38 -10.99
C GLU B 283 46.35 -18.89 -10.76
N GLY B 284 47.28 -19.58 -11.39
CA GLY B 284 47.39 -21.00 -11.17
C GLY B 284 46.89 -21.82 -12.34
N LEU B 285 45.69 -21.53 -12.80
CA LEU B 285 45.19 -22.23 -13.98
C LEU B 285 46.03 -21.79 -15.15
N GLU B 286 46.02 -22.56 -16.21
CA GLU B 286 46.84 -22.23 -17.36
C GLU B 286 46.19 -21.10 -18.14
N GLN B 287 45.47 -21.48 -19.17
CA GLN B 287 44.64 -20.57 -19.95
C GLN B 287 43.27 -20.43 -19.30
N LEU B 288 42.45 -19.57 -19.86
CA LEU B 288 41.12 -19.37 -19.31
C LEU B 288 40.23 -20.47 -19.81
N PRO B 289 39.82 -21.36 -18.90
CA PRO B 289 39.00 -22.51 -19.26
C PRO B 289 37.93 -22.11 -20.22
N GLY B 290 37.86 -22.80 -21.35
CA GLY B 290 36.85 -22.59 -22.36
C GLY B 290 36.32 -23.92 -22.86
N LEU B 291 37.12 -24.65 -23.63
CA LEU B 291 36.67 -25.95 -24.16
C LEU B 291 36.22 -26.82 -23.02
N ALA B 292 36.96 -26.74 -21.92
CA ALA B 292 36.62 -27.46 -20.69
C ALA B 292 35.27 -27.03 -20.12
N VAL B 293 34.93 -25.77 -20.32
CA VAL B 293 33.65 -25.26 -19.87
C VAL B 293 32.61 -25.73 -20.87
N GLN B 294 33.00 -25.79 -22.14
CA GLN B 294 32.11 -26.25 -23.21
C GLN B 294 31.85 -27.74 -23.13
N LEU B 295 32.85 -28.48 -22.62
CA LEU B 295 32.62 -29.88 -22.32
C LEU B 295 31.54 -29.93 -21.25
N LEU B 296 31.91 -29.69 -19.98
CA LEU B 296 30.97 -29.70 -18.81
C LEU B 296 29.48 -29.34 -19.04
N MET B 297 29.24 -28.43 -19.98
CA MET B 297 27.89 -28.01 -20.35
C MET B 297 27.23 -29.19 -20.92
N ILE B 298 28.01 -29.85 -21.77
CA ILE B 298 27.53 -30.98 -22.55
C ILE B 298 27.36 -32.11 -21.59
N ASP B 299 28.23 -32.19 -20.58
CA ASP B 299 28.09 -33.10 -19.42
C ASP B 299 26.77 -32.86 -18.61
N GLY B 300 26.39 -31.60 -18.43
CA GLY B 300 25.12 -31.28 -17.81
C GLY B 300 25.08 -30.11 -16.85
N TYR B 301 26.22 -29.49 -16.62
CA TYR B 301 26.38 -28.55 -15.51
C TYR B 301 25.82 -27.15 -15.72
N GLY B 302 25.86 -26.36 -14.66
CA GLY B 302 25.56 -24.96 -14.75
C GLY B 302 26.85 -24.15 -14.74
N PHE B 303 27.16 -23.51 -15.86
CA PHE B 303 28.22 -22.51 -15.89
C PHE B 303 27.56 -21.15 -16.01
N GLY B 304 28.10 -20.19 -15.27
CA GLY B 304 27.60 -18.83 -15.24
C GLY B 304 28.82 -17.95 -15.37
N PRO B 305 28.82 -17.09 -16.39
CA PRO B 305 30.13 -16.70 -16.92
C PRO B 305 31.00 -15.83 -16.01
N GLU B 306 31.02 -14.55 -16.32
CA GLU B 306 31.95 -13.63 -15.71
C GLU B 306 31.77 -13.48 -14.19
N GLY B 307 31.38 -14.58 -13.55
CA GLY B 307 31.10 -14.61 -12.13
C GLY B 307 29.65 -14.90 -11.86
N ASP B 308 28.79 -14.63 -12.84
CA ASP B 308 27.34 -14.73 -12.73
C ASP B 308 26.80 -16.01 -12.08
N PHE B 309 26.58 -15.96 -10.78
CA PHE B 309 25.90 -17.05 -10.08
C PHE B 309 24.40 -17.13 -10.43
N LYS B 310 23.90 -16.21 -11.25
CA LYS B 310 22.47 -16.14 -11.56
C LYS B 310 22.16 -16.79 -12.88
N MET B 311 23.16 -16.91 -13.75
CA MET B 311 23.04 -17.70 -14.96
C MET B 311 23.80 -18.99 -14.73
N ALA B 312 24.36 -19.13 -13.54
CA ALA B 312 24.93 -20.41 -13.12
C ALA B 312 23.77 -21.26 -12.69
N GLY B 313 23.29 -21.03 -11.47
CA GLY B 313 22.03 -21.54 -10.99
C GLY B 313 20.84 -20.84 -11.66
N LEU B 314 20.68 -21.13 -12.96
CA LEU B 314 19.46 -20.91 -13.74
C LEU B 314 19.59 -21.87 -14.90
N THR B 315 20.80 -21.88 -15.44
CA THR B 315 21.14 -22.79 -16.53
C THR B 315 20.81 -24.18 -16.05
N ARG B 316 21.59 -24.67 -15.11
CA ARG B 316 21.30 -25.92 -14.44
C ARG B 316 19.81 -26.11 -14.06
N LEU B 317 19.15 -25.03 -13.55
CA LEU B 317 17.71 -25.10 -13.25
C LEU B 317 16.99 -25.48 -14.51
N LEU B 318 17.01 -24.61 -15.51
CA LEU B 318 16.23 -24.86 -16.75
C LEU B 318 16.80 -26.00 -17.60
N LYS B 319 18.13 -26.14 -17.65
CA LYS B 319 18.77 -27.31 -18.25
C LYS B 319 18.14 -28.61 -17.78
N ILE B 320 17.97 -28.72 -16.46
CA ILE B 320 17.43 -29.89 -15.82
C ILE B 320 16.02 -30.09 -16.30
N ALA B 321 15.37 -29.01 -16.67
CA ALA B 321 13.98 -29.13 -17.02
C ALA B 321 13.84 -29.71 -18.41
N ALA B 322 14.94 -29.68 -19.16
CA ALA B 322 14.96 -30.04 -20.58
C ALA B 322 15.87 -31.24 -20.83
N ASP B 323 15.65 -32.25 -20.00
CA ASP B 323 16.34 -33.52 -20.10
C ASP B 323 15.48 -34.37 -21.02
N ASN B 324 16.14 -35.06 -21.94
CA ASN B 324 15.56 -35.54 -23.21
C ASN B 324 15.19 -34.38 -24.17
N LYS B 325 15.90 -33.24 -24.02
CA LYS B 325 15.68 -32.01 -24.80
C LYS B 325 16.98 -31.27 -25.17
N GLN B 326 16.90 -29.95 -25.25
CA GLN B 326 17.99 -29.14 -25.80
C GLN B 326 18.62 -28.25 -24.77
N THR B 327 18.41 -26.95 -25.02
CA THR B 327 18.70 -25.84 -24.11
C THR B 327 20.15 -25.49 -23.76
N ALA B 328 20.39 -24.19 -23.65
CA ALA B 328 21.74 -23.68 -23.48
C ALA B 328 21.72 -22.42 -22.65
N LEU B 329 22.61 -21.50 -22.97
CA LEU B 329 22.85 -20.31 -22.21
C LEU B 329 23.22 -19.31 -23.26
N MET B 330 23.15 -18.01 -22.94
CA MET B 330 23.53 -17.00 -23.95
C MET B 330 23.82 -15.56 -23.50
N GLU B 331 24.91 -15.01 -24.03
CA GLU B 331 25.12 -13.57 -24.03
C GLU B 331 24.87 -13.04 -25.46
N ASP B 332 24.43 -11.79 -25.59
CA ASP B 332 24.28 -11.15 -26.93
C ASP B 332 25.60 -10.56 -27.36
N TYR B 333 26.11 -11.00 -28.50
CA TYR B 333 27.34 -10.45 -29.05
C TYR B 333 27.10 -9.16 -29.83
N THR B 334 26.53 -9.28 -31.02
CA THR B 334 26.27 -8.07 -31.78
C THR B 334 24.94 -8.12 -32.51
N LEU B 335 24.68 -7.06 -33.27
CA LEU B 335 23.46 -6.99 -34.07
C LEU B 335 23.80 -6.93 -35.55
N ASP B 336 22.75 -6.74 -36.34
CA ASP B 336 22.88 -6.61 -37.79
C ASP B 336 21.64 -5.88 -38.25
N LEU B 337 21.61 -4.58 -37.96
CA LEU B 337 20.51 -3.72 -38.38
C LEU B 337 20.49 -3.59 -39.91
N ARG B 338 19.56 -4.31 -40.52
CA ARG B 338 19.39 -4.29 -41.97
C ARG B 338 17.90 -4.24 -42.22
N HIS B 339 17.39 -3.05 -42.57
CA HIS B 339 15.95 -2.80 -42.51
C HIS B 339 15.12 -3.89 -43.17
N GLY B 340 14.93 -4.96 -42.39
CA GLY B 340 14.30 -6.21 -42.79
C GLY B 340 15.05 -7.34 -42.11
N HIS B 341 16.29 -7.51 -42.55
CA HIS B 341 17.20 -8.51 -42.03
C HIS B 341 17.80 -7.96 -40.74
N GLU B 342 16.95 -7.60 -39.80
CA GLU B 342 17.43 -7.09 -38.51
C GLU B 342 17.43 -8.26 -37.54
N ALA B 343 18.49 -8.39 -36.75
CA ALA B 343 18.62 -9.53 -35.85
C ALA B 343 19.78 -9.39 -34.85
N ILE B 344 19.80 -10.31 -33.91
CA ILE B 344 20.76 -10.29 -32.82
C ILE B 344 21.60 -11.57 -32.84
N MET B 345 22.88 -11.45 -33.12
CA MET B 345 23.77 -12.61 -33.02
C MET B 345 24.32 -12.62 -31.62
N GLY B 346 24.36 -13.80 -31.03
CA GLY B 346 24.91 -13.96 -29.72
C GLY B 346 25.82 -15.17 -29.66
N SER B 347 26.81 -15.08 -28.78
CA SER B 347 27.67 -16.21 -28.47
C SER B 347 28.18 -15.93 -27.07
N HIS B 348 29.46 -16.22 -26.84
CA HIS B 348 30.17 -15.71 -25.67
C HIS B 348 31.65 -15.94 -25.90
N MET B 349 32.49 -15.08 -25.32
CA MET B 349 33.96 -15.18 -25.27
C MET B 349 34.56 -16.54 -25.69
N LEU B 350 33.97 -17.61 -25.15
CA LEU B 350 34.28 -18.99 -25.56
C LEU B 350 33.03 -19.82 -25.34
N GLU B 351 32.46 -19.67 -24.16
CA GLU B 351 31.69 -20.70 -23.50
C GLU B 351 30.33 -20.98 -24.14
N VAL B 352 30.34 -21.73 -25.22
CA VAL B 352 29.10 -22.06 -25.95
C VAL B 352 28.73 -23.56 -25.85
N ASP B 353 27.61 -23.84 -25.19
CA ASP B 353 27.12 -25.22 -25.07
C ASP B 353 26.86 -25.82 -26.44
N PRO B 354 27.55 -26.92 -26.76
CA PRO B 354 27.30 -27.71 -27.98
C PRO B 354 26.12 -28.67 -27.82
N THR B 355 24.92 -28.10 -27.67
CA THR B 355 23.69 -28.89 -27.58
C THR B 355 22.66 -28.25 -28.49
N LEU B 356 23.03 -27.10 -29.03
CA LEU B 356 22.18 -26.36 -29.93
C LEU B 356 22.81 -26.40 -31.32
N ALA B 357 23.82 -27.26 -31.48
CA ALA B 357 24.69 -27.21 -32.65
C ALA B 357 24.25 -28.09 -33.84
N SER B 358 24.94 -27.90 -34.97
CA SER B 358 24.81 -28.80 -36.10
C SER B 358 26.15 -29.07 -36.72
N ASP B 359 27.21 -28.55 -36.12
CA ASP B 359 28.58 -28.85 -36.56
C ASP B 359 29.41 -29.06 -35.29
N LYS B 360 30.70 -29.40 -35.44
CA LYS B 360 31.60 -29.36 -34.28
C LYS B 360 33.12 -29.15 -34.52
N PRO B 361 33.52 -28.13 -35.33
CA PRO B 361 34.98 -28.04 -35.60
C PRO B 361 35.82 -27.51 -34.46
N ARG B 362 36.38 -28.38 -33.62
CA ARG B 362 37.37 -27.98 -32.62
C ARG B 362 38.43 -27.04 -33.20
N VAL B 363 38.81 -26.01 -32.45
CA VAL B 363 39.57 -24.88 -32.99
C VAL B 363 40.55 -24.23 -32.02
N GLU B 364 41.18 -23.16 -32.48
CA GLU B 364 42.09 -22.34 -31.69
C GLU B 364 42.30 -21.03 -32.44
N VAL B 365 43.57 -20.69 -32.69
CA VAL B 365 43.97 -19.33 -33.09
C VAL B 365 43.25 -18.39 -32.12
N HIS B 366 43.67 -18.52 -30.88
CA HIS B 366 42.93 -18.12 -29.72
C HIS B 366 43.23 -16.72 -29.27
N PRO B 367 44.52 -16.35 -29.26
CA PRO B 367 45.06 -15.04 -28.89
C PRO B 367 44.05 -14.22 -28.10
N LEU B 368 43.38 -14.87 -27.16
CA LEU B 368 42.45 -14.19 -26.27
C LEU B 368 43.30 -13.21 -25.48
N GLY B 369 43.24 -11.94 -25.86
CA GLY B 369 43.99 -10.92 -25.14
C GLY B 369 43.50 -10.88 -23.72
N ILE B 370 42.22 -11.25 -23.55
CA ILE B 370 41.53 -11.36 -22.27
C ILE B 370 42.14 -12.39 -21.33
N GLY B 371 42.49 -11.98 -20.11
CA GLY B 371 43.03 -12.91 -19.14
C GLY B 371 44.53 -12.92 -19.20
N GLY B 372 45.05 -12.68 -20.41
CA GLY B 372 46.49 -12.55 -20.61
C GLY B 372 47.21 -13.82 -20.23
N LYS B 373 46.55 -14.95 -20.51
CA LYS B 373 47.17 -16.24 -20.40
C LYS B 373 47.32 -16.81 -21.82
N ASP B 374 47.87 -18.01 -21.91
CA ASP B 374 48.14 -18.69 -23.17
C ASP B 374 46.92 -18.77 -24.07
N ASP B 375 47.09 -19.36 -25.25
CA ASP B 375 46.05 -19.36 -26.27
C ASP B 375 44.98 -20.45 -26.07
N PRO B 376 43.82 -20.10 -25.47
CA PRO B 376 42.81 -21.10 -25.10
C PRO B 376 42.33 -22.02 -26.21
N ALA B 377 42.02 -23.26 -25.85
CA ALA B 377 41.31 -24.20 -26.72
C ALA B 377 39.79 -24.02 -26.60
N ARG B 378 39.07 -24.15 -27.71
CA ARG B 378 37.62 -23.94 -27.72
C ARG B 378 36.89 -24.64 -28.85
N LEU B 379 35.70 -25.16 -28.57
CA LEU B 379 34.83 -25.67 -29.63
C LEU B 379 34.26 -24.54 -30.44
N VAL B 380 34.16 -24.74 -31.76
CA VAL B 380 33.48 -23.81 -32.64
C VAL B 380 32.34 -24.53 -33.34
N PHE B 381 31.21 -23.84 -33.52
CA PHE B 381 30.05 -24.41 -34.22
C PHE B 381 28.95 -23.38 -34.51
N THR B 382 28.11 -23.70 -35.48
CA THR B 382 26.89 -22.95 -35.74
C THR B 382 25.73 -23.66 -35.02
N GLY B 383 24.95 -22.91 -34.24
CA GLY B 383 23.82 -23.47 -33.53
C GLY B 383 22.67 -24.01 -34.38
N ALA B 384 21.49 -24.12 -33.76
CA ALA B 384 20.29 -24.58 -34.44
C ALA B 384 19.24 -23.47 -34.58
N GLU B 385 18.58 -23.43 -35.73
CA GLU B 385 17.49 -22.48 -35.98
C GLU B 385 16.30 -22.96 -35.17
N GLY B 386 15.24 -22.15 -35.11
CA GLY B 386 14.02 -22.60 -34.46
C GLY B 386 13.39 -21.68 -33.43
N LYS B 387 12.46 -22.23 -32.65
CA LYS B 387 11.75 -21.46 -31.63
C LYS B 387 12.42 -21.59 -30.26
N GLY B 388 12.19 -20.62 -29.38
CA GLY B 388 12.73 -20.65 -28.03
C GLY B 388 12.51 -19.34 -27.29
N TYR B 389 12.12 -19.42 -26.02
CA TYR B 389 12.04 -18.23 -25.19
C TYR B 389 13.46 -17.80 -24.86
N ASP B 390 13.60 -16.62 -24.30
CA ASP B 390 14.89 -16.12 -23.84
C ASP B 390 14.65 -15.59 -22.42
N ILE B 391 14.82 -16.42 -21.39
CA ILE B 391 14.64 -15.90 -20.04
C ILE B 391 15.97 -15.32 -19.57
N THR B 392 15.94 -14.60 -18.45
CA THR B 392 17.09 -14.15 -17.69
C THR B 392 16.53 -13.77 -16.35
N LEU B 393 17.34 -13.89 -15.30
CA LEU B 393 17.03 -13.43 -13.93
C LEU B 393 17.80 -12.16 -13.55
N SER B 394 17.25 -11.36 -12.63
CA SER B 394 17.91 -10.13 -12.14
C SER B 394 17.22 -9.41 -10.98
N TYR B 395 17.87 -9.32 -9.81
CA TYR B 395 17.32 -8.63 -8.60
C TYR B 395 17.22 -7.10 -8.74
N PHE B 396 16.25 -6.50 -8.06
CA PHE B 396 15.76 -5.17 -8.42
C PHE B 396 15.23 -4.34 -7.20
N ASP B 397 15.96 -4.41 -6.09
CA ASP B 397 15.78 -3.54 -4.90
C ASP B 397 14.70 -4.11 -4.00
N ASP B 398 13.70 -4.75 -4.61
CA ASP B 398 12.56 -5.42 -3.93
C ASP B 398 12.52 -6.94 -4.22
N GLY B 399 13.64 -7.49 -4.70
CA GLY B 399 13.72 -8.90 -5.01
C GLY B 399 13.85 -9.15 -6.48
N TYR B 400 14.09 -10.41 -6.86
CA TYR B 400 14.23 -10.85 -8.27
C TYR B 400 12.97 -10.76 -9.11
N LYS B 401 13.00 -11.49 -10.22
CA LYS B 401 12.16 -11.22 -11.37
C LYS B 401 12.82 -11.85 -12.59
N PHE B 402 11.99 -12.35 -13.49
CA PHE B 402 12.41 -13.05 -14.69
C PHE B 402 11.93 -12.20 -15.91
N ILE B 403 12.79 -11.88 -16.88
CA ILE B 403 12.33 -11.18 -18.10
C ILE B 403 12.63 -11.97 -19.32
N GLY B 404 11.67 -12.09 -20.21
CA GLY B 404 11.82 -13.11 -21.25
C GLY B 404 11.30 -13.05 -22.68
N TYR B 405 11.89 -12.16 -23.47
CA TYR B 405 11.64 -12.11 -24.91
C TYR B 405 11.62 -13.53 -25.54
N PRO B 406 10.48 -13.91 -26.17
CA PRO B 406 10.50 -15.10 -27.05
C PRO B 406 11.21 -14.75 -28.38
N VAL B 407 11.78 -15.75 -29.03
CA VAL B 407 12.49 -15.45 -30.27
C VAL B 407 12.43 -16.60 -31.28
N ASP B 408 13.22 -16.44 -32.32
CA ASP B 408 13.26 -17.37 -33.43
C ASP B 408 14.73 -17.51 -33.84
N CYS B 409 15.37 -18.61 -33.43
CA CYS B 409 16.80 -18.80 -33.70
C CYS B 409 17.05 -19.02 -35.20
N LYS B 410 18.29 -18.80 -35.67
CA LYS B 410 18.60 -18.87 -37.11
C LYS B 410 19.95 -19.52 -37.51
N THR B 411 20.21 -19.56 -38.83
CA THR B 411 21.47 -20.05 -39.40
C THR B 411 22.22 -18.96 -40.18
N PRO B 412 23.45 -18.63 -39.73
CA PRO B 412 24.43 -17.61 -40.16
C PRO B 412 24.31 -17.04 -41.58
N GLU B 413 24.64 -15.75 -41.69
CA GLU B 413 24.63 -15.03 -42.96
C GLU B 413 25.64 -15.67 -43.92
N ALA B 414 26.86 -15.82 -43.43
CA ALA B 414 27.93 -16.49 -44.17
C ALA B 414 28.77 -17.35 -43.22
N GLU B 415 30.03 -17.59 -43.59
CA GLU B 415 30.98 -18.30 -42.72
C GLU B 415 31.89 -17.28 -42.03
N MET B 416 32.28 -17.58 -40.80
CA MET B 416 33.19 -16.69 -40.07
C MET B 416 34.56 -17.33 -39.83
N PRO B 417 35.49 -17.12 -40.77
CA PRO B 417 36.87 -17.54 -40.60
C PRO B 417 37.50 -16.92 -39.35
N LYS B 418 37.93 -15.67 -39.47
CA LYS B 418 38.70 -15.00 -38.43
C LYS B 418 38.04 -15.02 -37.06
N LEU B 419 36.71 -15.00 -37.07
CA LEU B 419 35.92 -15.14 -35.85
C LEU B 419 36.04 -16.57 -35.33
N PRO B 420 36.83 -16.78 -34.27
CA PRO B 420 37.23 -18.12 -33.83
C PRO B 420 36.28 -18.71 -32.82
N VAL B 421 35.01 -18.31 -32.90
CA VAL B 421 34.03 -18.56 -31.87
C VAL B 421 32.83 -19.28 -32.45
N ALA B 422 32.21 -20.14 -31.64
CA ALA B 422 30.94 -20.72 -31.99
C ALA B 422 29.86 -19.66 -31.82
N LYS B 423 28.86 -19.65 -32.69
CA LYS B 423 27.95 -18.52 -32.68
C LYS B 423 26.50 -18.82 -33.10
N GLN B 424 25.54 -18.39 -32.27
CA GLN B 424 24.12 -18.41 -32.65
C GLN B 424 23.77 -17.04 -33.17
N MET B 425 22.71 -16.93 -33.96
CA MET B 425 22.30 -15.61 -34.46
C MET B 425 20.79 -15.52 -34.59
N TRP B 426 20.14 -14.91 -33.60
CA TRP B 426 18.67 -14.92 -33.51
C TRP B 426 18.02 -13.53 -33.64
N THR B 427 16.71 -13.49 -33.45
CA THR B 427 15.98 -12.22 -33.38
C THR B 427 14.65 -12.45 -32.68
N PRO B 428 14.32 -11.61 -31.67
CA PRO B 428 13.14 -11.70 -30.81
C PRO B 428 11.87 -11.92 -31.61
N GLU B 429 10.80 -12.37 -30.99
CA GLU B 429 9.57 -12.58 -31.77
C GLU B 429 8.71 -11.32 -31.90
N ILE B 430 9.34 -10.14 -31.77
CA ILE B 430 8.70 -8.83 -31.95
C ILE B 430 9.57 -7.79 -32.63
N GLY B 431 10.90 -7.89 -32.51
CA GLY B 431 11.78 -6.94 -33.15
C GLY B 431 12.94 -6.34 -32.37
N LEU B 432 14.04 -6.09 -33.10
CA LEU B 432 15.29 -5.54 -32.54
C LEU B 432 15.18 -4.08 -32.10
N ALA B 433 13.96 -3.60 -32.01
CA ALA B 433 13.70 -2.21 -31.70
C ALA B 433 12.29 -2.15 -31.13
N GLU B 434 11.65 -3.31 -31.13
CA GLU B 434 10.31 -3.45 -30.59
C GLU B 434 10.34 -4.33 -29.33
N GLY B 435 11.47 -4.96 -29.07
CA GLY B 435 11.58 -5.95 -28.00
C GLY B 435 12.90 -5.90 -27.23
N ALA B 436 13.92 -5.30 -27.82
CA ALA B 436 15.14 -5.01 -27.08
C ALA B 436 14.91 -3.75 -26.24
N LYS B 437 13.86 -3.01 -26.60
CA LYS B 437 13.55 -1.75 -25.92
C LYS B 437 12.58 -1.93 -24.75
N GLN B 438 11.69 -2.92 -24.85
CA GLN B 438 10.85 -3.27 -23.70
C GLN B 438 11.67 -4.08 -22.69
N TRP B 439 12.66 -4.81 -23.19
CA TRP B 439 13.56 -5.59 -22.34
C TRP B 439 14.57 -4.62 -21.71
N MET B 440 14.94 -3.57 -22.44
CA MET B 440 15.71 -2.47 -21.88
C MET B 440 14.92 -1.71 -20.76
N LYS B 441 13.61 -1.50 -20.95
CA LYS B 441 12.71 -0.97 -19.89
C LYS B 441 12.79 -1.76 -18.60
N TYR B 442 12.49 -3.06 -18.67
CA TYR B 442 12.20 -3.87 -17.50
C TYR B 442 13.45 -4.39 -16.79
N GLY B 443 14.62 -4.08 -17.35
CA GLY B 443 15.89 -4.52 -16.79
C GLY B 443 16.44 -5.78 -17.44
N GLY B 444 17.36 -6.46 -16.74
CA GLY B 444 17.72 -7.78 -17.18
C GLY B 444 18.69 -7.78 -18.35
N GLY B 445 19.90 -8.21 -18.04
CA GLY B 445 21.04 -7.97 -18.88
C GLY B 445 21.15 -8.89 -20.06
N HIS B 446 22.42 -9.18 -20.35
CA HIS B 446 22.86 -9.79 -21.60
C HIS B 446 23.02 -11.31 -21.50
N HIS B 447 23.60 -11.75 -20.39
CA HIS B 447 23.67 -13.13 -20.03
C HIS B 447 22.24 -13.57 -19.99
N THR B 448 21.90 -14.62 -20.72
CA THR B 448 20.58 -15.23 -20.62
C THR B 448 20.64 -16.76 -20.67
N VAL B 449 19.52 -17.39 -21.01
CA VAL B 449 19.47 -18.83 -21.22
C VAL B 449 18.52 -19.04 -22.38
N LEU B 450 19.02 -19.46 -23.53
CA LEU B 450 18.15 -19.68 -24.68
C LEU B 450 17.73 -21.11 -24.64
N THR B 451 16.43 -21.33 -24.76
CA THR B 451 15.87 -22.61 -24.49
C THR B 451 14.94 -22.94 -25.63
N LEU B 452 15.51 -23.54 -26.66
CA LEU B 452 14.76 -24.03 -27.79
C LEU B 452 13.81 -25.16 -27.35
N ALA B 453 13.87 -25.48 -26.06
CA ALA B 453 13.26 -26.67 -25.46
C ALA B 453 12.16 -26.40 -24.45
N LEU B 454 12.19 -25.24 -23.78
CA LEU B 454 11.17 -24.87 -22.76
C LEU B 454 10.26 -23.79 -23.33
N SER B 455 8.97 -23.82 -22.99
CA SER B 455 8.02 -22.91 -23.64
C SER B 455 7.13 -22.07 -22.73
N GLU B 456 7.40 -20.76 -22.76
CA GLU B 456 6.66 -19.67 -22.08
C GLU B 456 5.53 -20.00 -21.12
N GLU B 457 4.77 -21.05 -21.42
CA GLU B 457 3.75 -21.48 -20.48
C GLU B 457 4.36 -22.48 -19.49
N GLN B 458 5.51 -23.06 -19.84
CA GLN B 458 6.30 -23.89 -18.90
C GLN B 458 7.05 -23.05 -17.85
N LEU B 459 7.61 -21.95 -18.33
CA LEU B 459 8.26 -21.00 -17.45
C LEU B 459 7.22 -20.30 -16.59
N GLU B 460 6.07 -19.97 -17.18
CA GLU B 460 5.09 -19.13 -16.52
C GLU B 460 4.59 -19.79 -15.27
N GLN B 461 4.72 -21.11 -15.15
CA GLN B 461 4.33 -21.79 -13.92
C GLN B 461 5.52 -22.24 -13.09
N LEU B 462 6.70 -22.35 -13.68
CA LEU B 462 7.91 -22.53 -12.88
C LEU B 462 8.02 -21.33 -12.00
N ALA B 463 8.12 -20.15 -12.59
CA ALA B 463 8.24 -18.93 -11.81
C ALA B 463 7.01 -18.65 -10.90
N ARG B 464 5.88 -19.31 -11.19
CA ARG B 464 4.64 -19.18 -10.39
C ARG B 464 4.82 -19.91 -9.04
N LEU B 465 5.65 -20.97 -9.08
CA LEU B 465 5.96 -21.83 -7.95
C LEU B 465 7.24 -21.36 -7.29
N PHE B 466 7.49 -20.06 -7.32
CA PHE B 466 8.57 -19.45 -6.54
C PHE B 466 8.10 -18.04 -6.16
N LYS B 467 6.98 -17.67 -6.74
CA LYS B 467 6.58 -16.27 -6.89
C LYS B 467 7.71 -15.29 -7.18
N VAL B 468 8.25 -15.36 -8.39
CA VAL B 468 9.08 -14.29 -8.88
C VAL B 468 8.44 -13.82 -10.19
N ASP B 469 8.21 -12.53 -10.31
CA ASP B 469 7.49 -11.99 -11.46
C ASP B 469 8.27 -12.25 -12.76
N PHE B 470 7.58 -12.76 -13.79
CA PHE B 470 8.16 -12.91 -15.14
C PHE B 470 7.58 -11.86 -16.09
N ILE B 471 8.44 -11.22 -16.88
CA ILE B 471 7.95 -10.36 -17.98
C ILE B 471 8.01 -11.04 -19.36
N ASN B 472 7.02 -10.73 -20.20
CA ASN B 472 6.72 -11.45 -21.43
C ASN B 472 6.77 -10.62 -22.71
N ILE B 473 7.93 -10.59 -23.33
CA ILE B 473 8.09 -9.87 -24.58
C ILE B 473 8.37 -10.82 -25.81
N LYS B 474 7.91 -10.41 -27.00
CA LYS B 474 7.89 -11.22 -28.22
C LYS B 474 6.98 -10.58 -29.24
N MET C 1 18.82 30.96 -33.67
CA MET C 1 17.68 31.85 -33.66
C MET C 1 16.77 31.58 -32.45
N ARG C 2 16.22 30.36 -32.39
CA ARG C 2 15.21 30.01 -31.38
C ARG C 2 15.75 29.87 -29.95
N LYS C 3 14.85 29.50 -29.04
CA LYS C 3 15.20 29.26 -27.64
C LYS C 3 16.06 28.00 -27.50
N MET C 4 15.84 27.05 -28.40
CA MET C 4 16.53 25.77 -28.42
C MET C 4 18.03 25.98 -28.50
N GLN C 5 18.42 26.95 -29.32
CA GLN C 5 19.82 27.25 -29.62
C GLN C 5 20.63 27.60 -28.37
N ASP C 6 19.93 28.11 -27.35
CA ASP C 6 20.50 28.33 -26.02
C ASP C 6 21.00 26.99 -25.53
N TYR C 7 20.23 25.96 -25.87
CA TYR C 7 20.40 24.62 -25.31
C TYR C 7 21.22 23.67 -26.18
N LYS C 8 22.30 23.15 -25.59
CA LYS C 8 23.23 22.21 -26.20
C LYS C 8 22.98 20.78 -25.72
N PHE C 9 23.14 19.81 -26.62
CA PHE C 9 22.98 18.39 -26.30
C PHE C 9 24.32 17.68 -26.00
N TRP C 10 24.36 16.81 -25.00
CA TRP C 10 25.61 16.10 -24.70
C TRP C 10 25.57 14.59 -24.96
N PHE C 11 26.38 14.16 -25.91
CA PHE C 11 26.53 12.75 -26.22
C PHE C 11 27.62 12.12 -25.35
N VAL C 12 27.41 10.87 -24.92
CA VAL C 12 28.42 10.20 -24.08
C VAL C 12 28.85 8.83 -24.60
N VAL C 13 30.18 8.63 -24.65
CA VAL C 13 30.79 7.39 -25.13
C VAL C 13 31.06 6.40 -23.99
N GLY C 14 30.38 5.25 -24.04
CA GLY C 14 30.44 4.27 -22.97
C GLY C 14 31.40 3.10 -23.12
N SER C 15 32.35 3.02 -22.19
CA SER C 15 33.48 2.08 -22.23
C SER C 15 34.13 1.90 -20.84
N GLN C 16 35.28 1.21 -20.77
CA GLN C 16 35.88 0.86 -19.47
C GLN C 16 37.35 1.28 -19.29
N PRO C 17 37.75 1.54 -18.04
CA PRO C 17 39.05 1.83 -17.43
C PRO C 17 40.21 1.35 -18.30
N LEU C 18 40.29 0.05 -18.51
CA LEU C 18 41.41 -0.53 -19.25
C LEU C 18 40.97 -1.27 -20.53
N TYR C 19 40.66 -0.51 -21.58
CA TYR C 19 40.33 -1.08 -22.89
C TYR C 19 41.46 -0.85 -23.90
N GLY C 20 42.31 0.15 -23.63
CA GLY C 20 43.46 0.43 -24.47
C GLY C 20 43.48 1.80 -25.15
N PRO C 21 44.68 2.34 -25.42
CA PRO C 21 44.82 3.60 -26.16
C PRO C 21 44.25 3.51 -27.58
N GLU C 22 44.67 2.51 -28.34
CA GLU C 22 44.28 2.36 -29.73
C GLU C 22 42.88 1.76 -29.90
N ALA C 23 42.49 0.89 -28.97
CA ALA C 23 41.17 0.28 -29.01
C ALA C 23 40.09 1.32 -28.81
N LEU C 24 40.34 2.26 -27.91
CA LEU C 24 39.42 3.36 -27.63
C LEU C 24 39.62 4.50 -28.64
N ALA C 25 40.70 4.42 -29.40
CA ALA C 25 40.96 5.41 -30.44
C ALA C 25 39.94 5.28 -31.57
N GLU C 26 39.29 4.13 -31.65
CA GLU C 26 38.21 3.95 -32.60
C GLU C 26 36.89 4.53 -32.07
N VAL C 27 36.53 4.19 -30.84
CA VAL C 27 35.27 4.68 -30.28
C VAL C 27 35.20 6.20 -30.26
N GLU C 28 36.33 6.87 -30.06
CA GLU C 28 36.37 8.32 -30.14
C GLU C 28 36.36 8.75 -31.61
N LYS C 29 36.99 7.95 -32.47
CA LYS C 29 36.96 8.21 -33.89
C LYS C 29 35.70 7.66 -34.51
N ASP C 30 34.91 6.93 -33.71
CA ASP C 30 33.57 6.52 -34.12
C ASP C 30 32.56 7.49 -33.54
N ALA C 31 32.77 7.91 -32.30
CA ALA C 31 31.80 8.77 -31.61
C ALA C 31 31.72 10.08 -32.33
N ARG C 32 32.84 10.78 -32.34
CA ARG C 32 32.91 12.08 -32.99
C ARG C 32 32.45 11.96 -34.44
N LYS C 33 32.58 10.75 -35.00
CA LYS C 33 32.08 10.41 -36.33
C LYS C 33 30.59 10.13 -36.28
N LEU C 34 30.10 9.67 -35.13
CA LEU C 34 28.68 9.36 -34.92
C LEU C 34 27.89 10.59 -34.46
N VAL C 35 28.37 11.16 -33.35
CA VAL C 35 27.84 12.42 -32.77
C VAL C 35 27.65 13.49 -33.86
N ASP C 36 28.78 14.00 -34.36
CA ASP C 36 28.81 15.08 -35.33
C ASP C 36 28.05 14.72 -36.60
N GLY C 37 27.76 13.45 -36.80
CA GLY C 37 26.91 13.05 -37.90
C GLY C 37 25.45 13.40 -37.67
N LEU C 38 25.14 13.91 -36.48
CA LEU C 38 23.75 14.23 -36.14
C LEU C 38 23.48 15.73 -36.16
N ASN C 39 24.39 16.48 -35.53
CA ASN C 39 24.28 17.94 -35.43
C ASN C 39 24.16 18.61 -36.79
N LYS C 40 25.02 18.19 -37.70
CA LYS C 40 25.06 18.78 -39.04
C LYS C 40 23.81 18.45 -39.87
N GLY C 41 23.99 17.78 -41.00
CA GLY C 41 22.92 17.58 -41.95
C GLY C 41 21.82 16.62 -41.54
N GLY C 42 21.92 16.13 -40.31
CA GLY C 42 20.91 15.24 -39.77
C GLY C 42 19.58 15.93 -39.59
N LYS C 43 19.61 17.25 -39.64
CA LYS C 43 18.45 18.08 -39.33
C LYS C 43 17.96 17.68 -37.95
N LEU C 44 18.90 17.68 -37.00
CA LEU C 44 18.62 17.28 -35.64
C LEU C 44 17.76 18.32 -34.93
N ASP C 45 18.04 18.51 -33.65
CA ASP C 45 17.23 19.37 -32.81
C ASP C 45 18.10 20.44 -32.15
N TYR C 46 19.38 20.11 -32.02
CA TYR C 46 20.29 20.93 -31.25
C TYR C 46 21.72 20.44 -31.39
N PRO C 47 22.68 21.33 -31.11
CA PRO C 47 24.12 21.04 -31.16
C PRO C 47 24.49 19.99 -30.11
N VAL C 48 25.34 19.04 -30.51
CA VAL C 48 25.76 18.01 -29.60
C VAL C 48 27.14 18.35 -29.07
N GLU C 49 27.53 17.69 -28.00
CA GLU C 49 28.77 18.01 -27.31
C GLU C 49 29.46 16.74 -26.87
N PHE C 50 29.85 15.90 -27.84
CA PHE C 50 30.54 14.66 -27.54
C PHE C 50 31.59 14.90 -26.48
N LYS C 51 31.54 14.12 -25.41
CA LYS C 51 32.38 14.36 -24.26
C LYS C 51 33.10 13.10 -23.79
N LEU C 52 33.97 13.29 -22.80
CA LEU C 52 34.97 12.33 -22.36
C LEU C 52 34.45 10.95 -22.03
N VAL C 53 34.84 10.01 -22.90
CA VAL C 53 34.47 8.59 -22.88
C VAL C 53 34.39 7.94 -21.50
N ALA C 54 33.35 7.16 -21.32
CA ALA C 54 33.01 6.57 -20.03
C ALA C 54 34.10 5.64 -19.51
N THR C 55 34.50 5.82 -18.25
CA THR C 55 35.43 4.90 -17.61
C THR C 55 35.06 4.64 -16.17
N THR C 56 35.78 5.28 -15.26
CA THR C 56 35.66 4.93 -13.85
C THR C 56 34.39 5.52 -13.23
N ALA C 57 34.24 5.35 -11.91
CA ALA C 57 33.16 6.00 -11.19
C ALA C 57 33.42 7.50 -11.19
N ASP C 58 34.60 7.86 -10.70
CA ASP C 58 35.09 9.23 -10.65
C ASP C 58 35.10 9.95 -12.00
N SER C 59 34.82 9.20 -13.06
CA SER C 59 34.70 9.79 -14.39
C SER C 59 33.27 10.20 -14.70
N ILE C 60 32.33 9.32 -14.41
CA ILE C 60 31.00 9.50 -14.99
C ILE C 60 30.13 10.35 -14.09
N THR C 61 30.44 10.31 -12.79
CA THR C 61 29.87 11.26 -11.82
C THR C 61 30.04 12.73 -12.27
N LYS C 62 31.29 13.19 -12.33
CA LYS C 62 31.66 14.49 -12.92
C LYS C 62 31.00 15.00 -14.22
N PHE C 63 30.84 14.17 -15.28
CA PHE C 63 30.15 14.63 -16.50
C PHE C 63 28.66 14.81 -16.37
N MET C 64 27.96 13.79 -15.87
CA MET C 64 26.53 13.95 -15.61
C MET C 64 26.32 15.19 -14.70
N LYS C 65 27.24 15.35 -13.74
CA LYS C 65 27.23 16.44 -12.76
C LYS C 65 27.82 17.74 -13.34
N GLU C 66 28.55 17.64 -14.43
CA GLU C 66 28.95 18.83 -15.18
C GLU C 66 28.02 19.14 -16.34
N ALA C 67 26.93 18.38 -16.46
CA ALA C 67 25.85 18.80 -17.31
C ALA C 67 24.75 19.26 -16.39
N ASN C 68 25.01 19.13 -15.08
CA ASN C 68 24.13 19.70 -14.07
C ASN C 68 24.29 21.23 -13.97
N TYR C 69 25.36 21.72 -13.32
CA TYR C 69 25.67 23.18 -13.14
C TYR C 69 25.28 24.05 -14.33
N ASN C 70 25.62 23.61 -15.53
CA ASN C 70 25.24 24.36 -16.70
C ASN C 70 23.73 24.41 -16.85
N ASP C 71 23.21 25.53 -17.32
CA ASP C 71 21.78 25.67 -17.56
C ASP C 71 21.51 25.45 -19.03
N ASP C 72 22.58 25.31 -19.81
CA ASP C 72 22.45 25.21 -21.26
C ASP C 72 22.35 23.78 -21.78
N VAL C 73 22.96 22.83 -21.06
CA VAL C 73 22.80 21.41 -21.39
C VAL C 73 21.36 21.02 -21.21
N ALA C 74 20.64 20.87 -22.31
CA ALA C 74 19.26 20.39 -22.24
C ALA C 74 19.20 18.91 -21.80
N GLY C 75 19.36 17.97 -22.74
CA GLY C 75 19.48 16.57 -22.38
C GLY C 75 20.86 15.95 -22.56
N VAL C 76 21.10 14.78 -21.95
CA VAL C 76 22.34 14.02 -22.16
C VAL C 76 22.09 12.69 -22.88
N ILE C 77 22.12 12.69 -24.22
CA ILE C 77 21.91 11.45 -25.01
C ILE C 77 23.07 10.48 -24.89
N THR C 78 22.77 9.28 -24.37
CA THR C 78 23.82 8.36 -23.99
C THR C 78 23.87 7.10 -24.81
N TRP C 79 25.10 6.68 -25.08
CA TRP C 79 25.40 5.40 -25.70
C TRP C 79 26.65 4.73 -25.14
N MET C 80 26.47 3.46 -24.77
CA MET C 80 27.59 2.63 -24.43
C MET C 80 28.05 1.84 -25.67
N HIS C 81 29.21 2.21 -26.23
CA HIS C 81 29.71 1.60 -27.47
C HIS C 81 30.17 0.17 -27.22
N THR C 82 30.84 -0.05 -26.09
CA THR C 82 31.36 -1.36 -25.77
C THR C 82 30.64 -1.95 -24.57
N PHE C 83 31.34 -2.81 -23.83
CA PHE C 83 30.87 -3.25 -22.53
C PHE C 83 31.30 -2.19 -21.51
N SER C 84 30.31 -1.49 -20.96
CA SER C 84 30.54 -0.43 -19.99
C SER C 84 30.00 -0.86 -18.62
N PRO C 85 30.91 -1.30 -17.73
CA PRO C 85 30.65 -1.73 -16.36
C PRO C 85 29.63 -0.87 -15.56
N ALA C 86 28.34 -1.10 -15.76
CA ALA C 86 27.27 -0.23 -15.20
C ALA C 86 27.26 0.18 -13.73
N LYS C 87 28.14 -0.37 -12.88
CA LYS C 87 28.23 0.13 -11.53
C LYS C 87 28.73 1.56 -11.72
N ASN C 88 29.68 1.71 -12.62
CA ASN C 88 30.27 3.01 -12.92
C ASN C 88 29.26 4.08 -13.34
N TRP C 89 28.08 3.71 -13.85
CA TRP C 89 27.02 4.70 -14.18
C TRP C 89 26.10 5.08 -13.02
N ILE C 90 26.34 4.52 -11.82
CA ILE C 90 25.48 4.70 -10.62
C ILE C 90 25.32 6.17 -10.14
N ARG C 91 26.27 6.66 -9.33
CA ARG C 91 26.22 7.99 -8.72
C ARG C 91 25.88 8.98 -9.79
N GLY C 92 26.59 8.87 -10.90
CA GLY C 92 26.20 9.58 -12.10
C GLY C 92 24.70 9.55 -12.27
N THR C 93 24.07 8.36 -12.26
CA THR C 93 22.64 8.26 -12.59
C THR C 93 21.70 8.80 -11.52
N GLU C 94 22.04 8.57 -10.25
CA GLU C 94 21.31 9.18 -9.16
C GLU C 94 21.23 10.67 -9.45
N LEU C 95 22.41 11.28 -9.62
CA LEU C 95 22.57 12.73 -9.51
C LEU C 95 22.34 13.44 -10.82
N LEU C 96 21.88 12.68 -11.81
CA LEU C 96 21.51 13.24 -13.11
C LEU C 96 20.14 13.92 -13.04
N GLN C 97 20.18 15.24 -13.01
CA GLN C 97 18.96 16.01 -12.82
C GLN C 97 18.35 16.39 -14.15
N LYS C 98 18.98 15.88 -15.24
CA LYS C 98 18.63 16.20 -16.63
C LYS C 98 18.08 15.02 -17.42
N PRO C 99 17.20 15.32 -18.39
CA PRO C 99 16.59 14.43 -19.40
C PRO C 99 17.55 13.47 -20.11
N LEU C 100 17.28 12.17 -20.09
CA LEU C 100 18.23 11.17 -20.58
C LEU C 100 17.63 10.31 -21.68
N LEU C 101 18.49 9.78 -22.54
CA LEU C 101 18.04 9.02 -23.71
C LEU C 101 18.97 7.84 -23.94
N HIS C 102 18.49 6.60 -23.80
CA HIS C 102 19.34 5.47 -24.18
C HIS C 102 19.17 5.20 -25.66
N LEU C 103 20.02 5.83 -26.45
CA LEU C 103 20.10 5.52 -27.87
C LEU C 103 21.02 4.32 -27.90
N ALA C 104 20.44 3.13 -27.86
CA ALA C 104 21.24 1.94 -28.00
C ALA C 104 21.40 1.68 -29.50
N THR C 105 22.65 1.51 -29.92
CA THR C 105 23.01 1.56 -31.32
C THR C 105 24.34 0.84 -31.55
N GLN C 106 24.82 0.85 -32.80
CA GLN C 106 26.14 0.30 -33.16
C GLN C 106 26.63 0.99 -34.43
N PHE C 107 27.93 1.30 -34.46
CA PHE C 107 28.56 1.99 -35.58
C PHE C 107 28.17 1.37 -36.91
N LEU C 108 28.54 0.10 -37.06
CA LEU C 108 28.21 -0.68 -38.25
C LEU C 108 26.71 -0.74 -38.39
N ASN C 109 26.22 -0.91 -39.61
CA ASN C 109 24.80 -1.06 -39.89
C ASN C 109 24.42 -2.54 -39.91
N ASN C 110 25.11 -3.31 -40.74
CA ASN C 110 24.91 -4.76 -40.79
C ASN C 110 26.05 -5.54 -40.13
N ILE C 111 26.18 -6.81 -40.54
CA ILE C 111 27.15 -7.71 -39.95
C ILE C 111 28.28 -8.06 -40.91
N PRO C 112 29.52 -7.68 -40.54
CA PRO C 112 30.73 -8.09 -41.28
C PRO C 112 31.00 -9.59 -41.15
N PHE C 113 30.16 -10.39 -41.81
CA PHE C 113 30.10 -11.84 -41.64
C PHE C 113 31.41 -12.58 -41.93
N ASP C 114 32.43 -11.87 -42.40
CA ASP C 114 33.70 -12.49 -42.73
C ASP C 114 34.91 -11.54 -42.65
N SER C 115 34.99 -10.77 -41.59
CA SER C 115 36.10 -9.83 -41.39
C SER C 115 36.33 -9.63 -39.89
N ILE C 116 35.24 -9.75 -39.14
CA ILE C 116 35.25 -9.53 -37.70
C ILE C 116 36.03 -10.61 -36.94
N ASP C 117 37.11 -10.17 -36.29
CA ASP C 117 37.82 -11.04 -35.36
C ASP C 117 37.51 -10.61 -33.92
N MET C 118 38.28 -11.13 -32.97
CA MET C 118 38.21 -10.67 -31.59
C MET C 118 38.69 -9.22 -31.46
N ASP C 119 39.66 -8.85 -32.30
CA ASP C 119 40.16 -7.49 -32.39
C ASP C 119 39.00 -6.57 -32.71
N TYR C 120 38.15 -7.02 -33.62
CA TYR C 120 36.94 -6.28 -33.92
C TYR C 120 36.00 -6.39 -32.75
N MET C 121 35.89 -7.60 -32.21
CA MET C 121 35.03 -7.86 -31.06
C MET C 121 35.54 -7.21 -29.76
N ASN C 122 36.78 -6.73 -29.79
CA ASN C 122 37.24 -5.88 -28.71
C ASN C 122 36.35 -4.63 -28.70
N LEU C 123 35.97 -4.19 -29.90
CA LEU C 123 34.97 -3.13 -30.05
C LEU C 123 33.68 -3.67 -30.63
N HIS C 124 32.81 -2.78 -31.10
CA HIS C 124 31.50 -3.17 -31.64
C HIS C 124 30.70 -4.09 -30.69
N GLN C 125 30.97 -3.97 -29.38
CA GLN C 125 30.28 -4.76 -28.36
C GLN C 125 29.23 -3.96 -27.59
N SER C 126 28.38 -3.24 -28.34
CA SER C 126 27.31 -2.43 -27.75
C SER C 126 26.11 -3.28 -27.38
N ALA C 127 25.75 -4.22 -28.25
CA ALA C 127 24.57 -5.09 -28.07
C ALA C 127 24.35 -5.64 -26.64
N HIS C 128 25.38 -5.59 -25.81
CA HIS C 128 25.28 -6.06 -24.45
C HIS C 128 25.87 -5.09 -23.46
N GLY C 129 26.23 -3.91 -23.95
CA GLY C 129 26.66 -2.83 -23.08
C GLY C 129 25.44 -1.96 -22.89
N ASP C 130 24.54 -2.09 -23.85
CA ASP C 130 23.28 -1.41 -23.78
C ASP C 130 22.53 -2.02 -22.63
N ARG C 131 22.22 -3.31 -22.77
CA ARG C 131 21.45 -4.06 -21.77
C ARG C 131 21.98 -3.90 -20.34
N GLU C 132 23.26 -3.64 -20.22
CA GLU C 132 23.82 -3.39 -18.90
C GLU C 132 23.71 -1.91 -18.44
N TYR C 133 23.64 -0.96 -19.37
CA TYR C 133 23.31 0.43 -19.01
C TYR C 133 21.88 0.38 -18.48
N ALA C 134 20.98 -0.13 -19.30
CA ALA C 134 19.58 -0.24 -18.97
C ALA C 134 19.19 -0.89 -17.62
N TYR C 135 19.98 -1.84 -17.09
CA TYR C 135 19.74 -2.30 -15.71
C TYR C 135 19.66 -1.07 -14.86
N ILE C 136 20.81 -0.43 -14.66
CA ILE C 136 20.94 0.70 -13.75
C ILE C 136 19.96 1.86 -14.01
N ASN C 137 19.55 2.07 -15.26
CA ASN C 137 18.56 3.13 -15.56
C ASN C 137 17.07 2.69 -15.39
N SER C 138 16.80 1.38 -15.38
CA SER C 138 15.53 0.83 -14.86
C SER C 138 15.58 0.67 -13.33
N ARG C 139 16.65 0.04 -12.87
CA ARG C 139 16.94 -0.14 -11.46
C ARG C 139 16.72 1.11 -10.67
N LEU C 140 17.22 2.22 -11.21
CA LEU C 140 17.25 3.52 -10.52
C LEU C 140 16.07 4.35 -10.96
N ASN C 141 15.03 3.69 -11.42
CA ASN C 141 13.73 4.30 -11.65
C ASN C 141 13.76 5.59 -12.48
N VAL C 142 14.74 5.71 -13.36
CA VAL C 142 14.89 6.91 -14.20
C VAL C 142 13.77 7.02 -15.24
N PRO C 143 13.57 8.23 -15.79
CA PRO C 143 12.45 8.41 -16.72
C PRO C 143 12.77 8.38 -18.23
N ALA C 144 13.92 7.84 -18.65
CA ALA C 144 14.40 8.03 -20.02
C ALA C 144 13.51 7.37 -21.07
N ALA C 145 13.59 7.86 -22.31
CA ALA C 145 12.97 7.17 -23.44
C ALA C 145 14.02 6.51 -24.30
N SER C 146 13.66 5.37 -24.86
CA SER C 146 14.64 4.50 -25.46
C SER C 146 14.42 4.39 -26.93
N VAL C 147 15.50 4.60 -27.67
CA VAL C 147 15.50 4.33 -29.10
C VAL C 147 16.60 3.31 -29.37
N TYR C 148 16.28 2.28 -30.13
CA TYR C 148 17.29 1.33 -30.60
C TYR C 148 17.29 1.27 -32.13
N GLY C 149 18.44 1.58 -32.73
CA GLY C 149 18.58 1.62 -34.17
C GLY C 149 20.00 2.01 -34.52
N TRP C 150 20.19 2.63 -35.67
CA TRP C 150 21.52 3.11 -36.06
C TRP C 150 21.51 4.63 -36.13
N TRP C 151 22.58 5.27 -35.68
CA TRP C 151 22.70 6.71 -35.78
C TRP C 151 22.62 7.21 -37.23
N GLY C 152 22.70 6.28 -38.17
CA GLY C 152 22.62 6.64 -39.57
C GLY C 152 21.22 6.47 -40.13
N ASP C 153 20.40 5.70 -39.42
CA ASP C 153 19.07 5.35 -39.88
C ASP C 153 18.17 6.59 -40.08
N ALA C 154 17.12 6.41 -40.89
CA ALA C 154 16.17 7.48 -41.18
C ALA C 154 15.23 7.71 -40.02
N ASP C 155 14.24 6.82 -39.90
CA ASP C 155 13.23 6.84 -38.85
C ASP C 155 13.79 6.67 -37.44
N VAL C 156 15.10 6.78 -37.30
CA VAL C 156 15.70 6.88 -35.98
C VAL C 156 15.85 8.35 -35.65
N GLN C 157 16.49 9.11 -36.52
CA GLN C 157 16.77 10.51 -36.23
C GLN C 157 15.50 11.33 -36.12
N GLU C 158 14.40 10.79 -36.62
CA GLU C 158 13.09 11.38 -36.36
C GLU C 158 12.61 10.99 -34.94
N GLN C 159 12.89 9.75 -34.54
CA GLN C 159 12.66 9.28 -33.17
C GLN C 159 13.54 10.08 -32.20
N ILE C 160 14.80 10.29 -32.53
CA ILE C 160 15.68 11.04 -31.64
C ILE C 160 15.34 12.52 -31.71
N ALA C 161 14.49 12.87 -32.66
CA ALA C 161 14.17 14.26 -32.88
C ALA C 161 13.32 14.74 -31.72
N ASP C 162 12.11 14.20 -31.67
CA ASP C 162 11.10 14.59 -30.72
C ASP C 162 11.60 14.77 -29.29
N TRP C 163 12.21 13.74 -28.70
CA TRP C 163 12.63 13.79 -27.28
C TRP C 163 13.57 14.93 -26.97
N GLN C 164 14.28 15.42 -27.98
CA GLN C 164 15.19 16.54 -27.80
C GLN C 164 14.38 17.82 -27.56
N HIS C 165 13.32 18.02 -28.35
CA HIS C 165 12.30 18.99 -28.05
C HIS C 165 11.80 18.85 -26.60
N VAL C 166 11.15 17.70 -26.30
CA VAL C 166 10.64 17.35 -24.95
C VAL C 166 11.68 17.36 -23.85
N ALA C 167 12.93 17.09 -24.20
CA ALA C 167 14.04 17.23 -23.26
C ALA C 167 14.27 18.67 -22.86
N VAL C 168 14.12 19.55 -23.84
CA VAL C 168 14.34 20.95 -23.60
C VAL C 168 13.23 21.48 -22.71
N ALA C 169 11.99 21.15 -23.06
CA ALA C 169 10.82 21.65 -22.35
C ALA C 169 10.79 21.34 -20.85
N TYR C 170 11.23 20.14 -20.43
CA TYR C 170 11.31 19.84 -18.98
C TYR C 170 12.03 20.96 -18.22
N ASN C 171 13.16 21.42 -18.76
CA ASN C 171 13.88 22.54 -18.15
C ASN C 171 13.19 23.87 -18.40
N GLU C 172 12.64 24.04 -19.60
CA GLU C 172 12.11 25.32 -20.05
C GLU C 172 10.99 25.76 -19.15
N SER C 173 10.16 24.80 -18.76
CA SER C 173 8.99 25.04 -17.94
C SER C 173 9.25 25.30 -16.45
N PHE C 174 10.43 24.99 -15.95
CA PHE C 174 10.75 25.45 -14.60
C PHE C 174 10.86 26.99 -14.64
N HIS C 175 11.00 27.51 -15.86
CA HIS C 175 10.92 28.94 -16.13
C HIS C 175 9.64 29.22 -16.91
N ILE C 176 8.50 28.83 -16.34
CA ILE C 176 7.24 29.19 -16.95
C ILE C 176 6.51 30.00 -15.93
N LYS C 177 5.86 31.05 -16.41
CA LYS C 177 5.30 32.10 -15.56
C LYS C 177 3.95 32.61 -16.06
N ILE C 178 2.90 32.32 -15.28
CA ILE C 178 1.54 32.66 -15.65
C ILE C 178 1.04 33.83 -14.82
N ALA C 179 0.43 34.81 -15.48
CA ALA C 179 0.02 36.06 -14.83
C ALA C 179 -1.44 36.02 -14.37
N ARG C 180 -1.67 36.25 -13.07
CA ARG C 180 -3.03 36.24 -12.56
C ARG C 180 -3.58 37.65 -12.33
N PHE C 181 -4.03 38.26 -13.42
CA PHE C 181 -4.75 39.52 -13.37
C PHE C 181 -6.21 39.20 -12.96
N GLY C 182 -6.34 38.49 -11.85
CA GLY C 182 -7.62 38.04 -11.32
C GLY C 182 -7.53 36.58 -10.93
N ASP C 183 -8.05 36.22 -9.75
CA ASP C 183 -8.16 34.82 -9.30
C ASP C 183 -9.26 34.11 -10.08
N THR C 184 -9.37 32.80 -9.93
CA THR C 184 -10.26 31.98 -10.78
C THR C 184 -11.77 32.39 -10.75
N MET C 185 -12.50 32.25 -11.86
CA MET C 185 -13.96 32.42 -11.87
C MET C 185 -14.55 31.75 -10.65
N ARG C 186 -15.26 32.51 -9.81
CA ARG C 186 -15.82 31.92 -8.60
C ARG C 186 -16.86 30.90 -9.01
N ASP C 187 -16.93 29.83 -8.23
CA ASP C 187 -17.79 28.67 -8.48
C ASP C 187 -17.25 27.58 -9.44
N VAL C 188 -16.20 27.86 -10.22
CA VAL C 188 -15.58 26.84 -11.11
C VAL C 188 -14.33 26.12 -10.58
N ALA C 189 -14.33 24.78 -10.69
CA ALA C 189 -13.36 23.90 -10.01
C ALA C 189 -12.31 23.17 -10.88
N VAL C 190 -12.68 22.71 -12.07
CA VAL C 190 -11.69 22.15 -12.98
C VAL C 190 -10.60 23.22 -13.12
N THR C 191 -11.00 24.41 -13.59
CA THR C 191 -10.11 25.55 -13.87
C THR C 191 -9.12 25.88 -12.76
N GLU C 192 -9.34 25.30 -11.59
CA GLU C 192 -8.54 25.54 -10.41
C GLU C 192 -7.87 24.24 -9.99
N GLY C 193 -6.73 24.31 -9.34
CA GLY C 193 -5.98 23.11 -8.98
C GLY C 193 -5.36 23.26 -7.63
N ASP C 194 -4.04 23.27 -7.57
CA ASP C 194 -3.30 23.59 -6.33
C ASP C 194 -1.88 24.02 -6.65
N LYS C 195 -1.74 25.32 -6.97
CA LYS C 195 -0.47 26.02 -7.22
C LYS C 195 0.79 25.57 -6.42
N VAL C 196 0.69 25.44 -5.10
CA VAL C 196 1.84 25.03 -4.28
C VAL C 196 2.54 23.73 -4.66
N ALA C 197 1.82 22.81 -5.31
CA ALA C 197 2.46 21.63 -5.87
C ALA C 197 2.61 21.76 -7.37
N ALA C 198 2.01 22.77 -7.96
CA ALA C 198 2.14 22.97 -9.37
C ALA C 198 3.56 23.40 -9.63
N GLN C 199 4.16 24.00 -8.62
CA GLN C 199 5.52 24.49 -8.69
C GLN C 199 6.50 23.38 -8.30
N ILE C 200 6.09 22.56 -7.30
CA ILE C 200 6.91 21.43 -6.83
C ILE C 200 7.11 20.39 -7.92
N LYS C 201 6.16 20.37 -8.84
CA LYS C 201 5.97 19.26 -9.76
C LYS C 201 6.23 19.64 -11.22
N LEU C 202 5.95 20.90 -11.56
CA LEU C 202 5.99 21.30 -12.95
C LEU C 202 6.79 22.59 -13.18
N GLY C 203 7.43 23.06 -12.10
CA GLY C 203 8.47 24.09 -12.12
C GLY C 203 7.96 25.50 -12.41
N TRP C 204 6.67 25.61 -12.67
CA TRP C 204 6.11 26.84 -13.16
C TRP C 204 5.52 27.71 -12.06
N THR C 205 5.71 29.02 -12.24
CA THR C 205 5.37 30.04 -11.25
C THR C 205 4.03 30.69 -11.51
N VAL C 206 3.12 30.48 -10.57
CA VAL C 206 1.86 31.20 -10.54
C VAL C 206 1.98 32.16 -9.35
N ASP C 207 2.11 33.44 -9.64
CA ASP C 207 2.06 34.49 -8.64
C ASP C 207 1.15 35.53 -9.25
N TYR C 208 0.37 36.22 -8.40
CA TYR C 208 -0.69 37.10 -8.88
C TYR C 208 -0.40 38.56 -8.67
N TYR C 209 -0.85 39.35 -9.63
CA TYR C 209 -0.74 40.79 -9.58
C TYR C 209 -2.11 41.39 -9.96
N PRO C 210 -2.63 42.28 -9.11
CA PRO C 210 -4.02 42.74 -8.96
C PRO C 210 -4.49 43.71 -10.01
N THR C 211 -5.32 43.27 -10.96
CA THR C 211 -5.58 43.93 -12.25
C THR C 211 -5.64 45.47 -12.30
N ASN C 212 -5.78 46.10 -11.14
CA ASN C 212 -5.58 47.53 -10.99
C ASN C 212 -4.19 47.95 -11.48
N GLU C 213 -3.22 47.06 -11.24
CA GLU C 213 -1.84 47.20 -11.70
C GLU C 213 -1.74 47.22 -13.24
N LEU C 214 -2.40 46.28 -13.91
CA LEU C 214 -2.43 46.27 -15.37
C LEU C 214 -3.18 47.48 -15.92
N VAL C 215 -4.09 48.01 -15.12
CA VAL C 215 -4.93 49.12 -15.58
C VAL C 215 -4.15 50.44 -15.67
N ALA C 216 -3.32 50.69 -14.67
CA ALA C 216 -2.45 51.86 -14.68
C ALA C 216 -1.47 51.80 -15.86
N VAL C 217 -1.01 50.60 -16.17
CA VAL C 217 -0.04 50.41 -17.24
C VAL C 217 -0.69 50.54 -18.63
N VAL C 218 -1.75 49.78 -18.89
CA VAL C 218 -2.44 49.84 -20.18
C VAL C 218 -2.80 51.28 -20.49
N ASN C 219 -3.20 52.01 -19.44
CA ASN C 219 -3.55 53.41 -19.55
C ASN C 219 -2.31 54.29 -19.60
N GLY C 220 -1.13 53.68 -19.54
CA GLY C 220 0.14 54.39 -19.68
C GLY C 220 0.80 54.16 -21.03
N ILE C 221 -0.02 54.05 -22.06
CA ILE C 221 0.41 53.74 -23.43
C ILE C 221 0.10 54.92 -24.33
N ALA C 222 1.00 55.22 -25.27
CA ALA C 222 0.78 56.30 -26.24
C ALA C 222 -0.19 55.92 -27.36
N GLU C 223 -1.25 56.72 -27.53
CA GLU C 223 -2.20 56.51 -28.63
C GLU C 223 -1.54 56.81 -29.96
N ASP C 224 -0.22 56.99 -29.95
CA ASP C 224 0.57 57.18 -31.15
C ASP C 224 1.27 55.87 -31.55
N GLU C 225 1.58 55.04 -30.57
CA GLU C 225 2.21 53.75 -30.82
C GLU C 225 1.21 52.64 -31.14
N ILE C 226 0.04 52.67 -30.48
CA ILE C 226 -1.05 51.74 -30.79
C ILE C 226 -1.48 51.89 -32.24
N ASP C 227 -1.24 53.08 -32.79
CA ASP C 227 -1.41 53.36 -34.21
C ASP C 227 -0.40 52.60 -35.07
N ALA C 228 0.88 52.64 -34.69
CA ALA C 228 1.94 51.99 -35.48
C ALA C 228 1.79 50.46 -35.51
N ALA C 229 1.01 49.94 -34.57
CA ALA C 229 0.62 48.53 -34.55
C ALA C 229 -0.76 48.37 -35.18
N TYR C 230 -1.55 49.44 -35.16
CA TYR C 230 -2.87 49.47 -35.78
C TYR C 230 -2.76 49.27 -37.30
N LYS C 231 -1.52 49.33 -37.79
CA LYS C 231 -1.21 49.04 -39.18
C LYS C 231 -0.65 47.63 -39.34
N ASP C 232 0.12 47.18 -38.36
CA ASP C 232 0.74 45.87 -38.41
C ASP C 232 -0.30 44.76 -38.41
N LEU C 233 -1.48 45.06 -37.86
CA LEU C 233 -2.60 44.11 -37.85
C LEU C 233 -3.43 44.29 -39.11
N GLU C 234 -3.53 45.53 -39.59
CA GLU C 234 -4.29 45.87 -40.79
C GLU C 234 -3.56 45.46 -42.07
N ALA C 235 -2.27 45.12 -41.90
CA ALA C 235 -1.46 44.53 -42.96
C ALA C 235 -1.66 43.00 -43.03
N ASN C 236 -1.50 42.34 -41.88
CA ASN C 236 -1.65 40.89 -41.77
C ASN C 236 -3.12 40.44 -41.78
N TYR C 237 -3.95 41.10 -40.98
CA TYR C 237 -5.39 40.80 -40.93
C TYR C 237 -6.20 41.79 -41.78
N ASP C 238 -7.52 41.64 -41.82
CA ASP C 238 -8.38 42.47 -42.67
C ASP C 238 -9.65 42.94 -41.95
N LEU C 239 -9.81 44.24 -41.82
CA LEU C 239 -10.89 44.82 -41.01
C LEU C 239 -12.34 44.51 -41.47
N VAL C 240 -13.31 45.12 -40.79
CA VAL C 240 -14.73 44.87 -41.03
C VAL C 240 -15.58 46.14 -41.02
N GLU C 241 -16.90 45.98 -41.10
CA GLU C 241 -17.87 47.08 -41.18
C GLU C 241 -17.57 48.27 -40.27
N GLY C 242 -17.09 47.97 -39.07
CA GLY C 242 -16.86 49.00 -38.07
C GLY C 242 -15.43 49.15 -37.57
N ASP C 243 -14.52 48.30 -38.06
CA ASP C 243 -13.12 48.36 -37.63
C ASP C 243 -12.34 49.53 -38.26
N ASN C 244 -12.55 49.75 -39.55
CA ASN C 244 -11.77 50.70 -40.36
C ASN C 244 -11.77 52.14 -39.82
N ASP C 245 -11.03 53.01 -40.49
CA ASP C 245 -10.98 54.43 -40.14
C ASP C 245 -12.39 54.99 -40.26
N HIS C 246 -12.69 56.02 -39.47
CA HIS C 246 -13.96 56.74 -39.59
C HIS C 246 -15.18 55.79 -39.63
N GLU C 247 -15.03 54.59 -39.08
CA GLU C 247 -16.08 53.58 -39.21
C GLU C 247 -17.04 53.55 -38.02
N LYS C 248 -18.17 52.86 -38.22
CA LYS C 248 -19.18 52.62 -37.18
C LYS C 248 -18.55 52.50 -35.79
N TYR C 249 -17.80 51.42 -35.59
CA TYR C 249 -17.07 51.17 -34.34
C TYR C 249 -15.59 51.58 -34.46
N VAL C 250 -15.32 52.78 -34.94
CA VAL C 250 -13.93 53.18 -35.19
C VAL C 250 -13.01 53.01 -33.97
N HIS C 251 -13.37 53.68 -32.88
CA HIS C 251 -12.53 53.72 -31.68
C HIS C 251 -12.57 52.43 -30.87
N ASN C 252 -12.45 51.29 -31.57
CA ASN C 252 -12.53 49.98 -30.95
C ASN C 252 -11.24 49.17 -31.10
N VAL C 253 -10.89 48.90 -32.34
CA VAL C 253 -9.73 48.07 -32.65
C VAL C 253 -8.42 48.83 -32.34
N ARG C 254 -8.54 50.16 -32.30
CA ARG C 254 -7.41 51.04 -31.99
C ARG C 254 -7.24 51.22 -30.48
N TYR C 255 -8.35 51.14 -29.74
CA TYR C 255 -8.35 51.13 -28.28
C TYR C 255 -8.49 49.67 -27.78
N GLN C 256 -8.33 48.72 -28.71
CA GLN C 256 -8.20 47.30 -28.39
C GLN C 256 -6.73 46.88 -28.26
N LEU C 257 -5.92 47.29 -29.24
CA LEU C 257 -4.49 46.99 -29.23
C LEU C 257 -3.80 47.64 -28.04
N ARG C 258 -4.48 48.61 -27.42
CA ARG C 258 -4.00 49.23 -26.19
C ARG C 258 -3.89 48.23 -25.05
N GLU C 259 -4.59 47.09 -25.20
CA GLU C 259 -4.52 45.97 -24.24
C GLU C 259 -3.33 45.05 -24.54
N TYR C 260 -3.28 44.53 -25.78
CA TYR C 260 -2.19 43.68 -26.22
C TYR C 260 -0.86 44.33 -25.93
N LEU C 261 -0.78 45.60 -26.27
CA LEU C 261 0.46 46.34 -26.20
C LEU C 261 0.84 46.68 -24.75
N GLY C 262 -0.07 46.43 -23.82
CA GLY C 262 0.17 46.67 -22.40
C GLY C 262 0.36 45.39 -21.58
N ILE C 263 -0.28 44.31 -22.02
CA ILE C 263 -0.05 43.00 -21.45
C ILE C 263 1.35 42.61 -21.83
N LYS C 264 1.57 42.48 -23.14
CA LYS C 264 2.87 42.17 -23.76
C LYS C 264 3.96 43.03 -23.13
N LYS C 265 3.62 44.30 -22.93
CA LYS C 265 4.44 45.21 -22.16
C LYS C 265 4.69 44.60 -20.80
N PHE C 266 3.61 44.42 -20.04
CA PHE C 266 3.68 43.93 -18.66
C PHE C 266 4.26 42.53 -18.65
N LEU C 267 3.86 41.76 -19.68
CA LEU C 267 4.43 40.44 -19.96
C LEU C 267 5.76 40.55 -20.68
N ASP C 268 6.31 41.75 -20.71
CA ASP C 268 7.71 41.95 -20.97
C ASP C 268 8.32 42.65 -19.75
N ASP C 269 7.73 43.79 -19.39
CA ASP C 269 8.20 44.62 -18.26
C ASP C 269 8.42 43.78 -17.02
N ASN C 270 7.34 43.24 -16.46
CA ASN C 270 7.40 42.55 -15.18
C ASN C 270 8.00 41.14 -15.23
N GLY C 271 7.85 40.45 -16.36
CA GLY C 271 8.55 39.19 -16.57
C GLY C 271 7.75 37.88 -16.46
N TYR C 272 6.94 37.60 -17.48
CA TYR C 272 6.05 36.45 -17.49
C TYR C 272 5.77 36.13 -18.98
N ASP C 273 5.69 34.85 -19.35
CA ASP C 273 5.45 34.49 -20.76
C ASP C 273 4.03 34.03 -21.06
N ALA C 274 3.29 33.62 -20.02
CA ALA C 274 1.89 33.22 -20.13
C ALA C 274 1.04 34.01 -19.15
N PHE C 275 -0.24 34.29 -19.47
CA PHE C 275 -1.08 35.10 -18.57
C PHE C 275 -2.56 34.65 -18.36
N THR C 276 -3.28 35.21 -17.39
CA THR C 276 -4.70 34.86 -17.17
C THR C 276 -5.70 36.04 -17.04
N ASP C 277 -6.86 35.90 -17.69
CA ASP C 277 -7.85 36.97 -17.76
C ASP C 277 -9.22 36.53 -17.21
N ASN C 278 -9.70 37.19 -16.16
CA ASN C 278 -10.94 36.74 -15.51
C ASN C 278 -12.15 37.65 -15.70
N PHE C 279 -13.03 37.29 -16.63
CA PHE C 279 -14.11 38.19 -17.07
C PHE C 279 -15.06 38.78 -15.99
N GLN C 280 -14.94 38.33 -14.75
CA GLN C 280 -15.75 38.86 -13.63
C GLN C 280 -14.95 39.95 -12.93
N ASP C 281 -13.94 40.47 -13.63
CA ASP C 281 -13.05 41.49 -13.06
C ASP C 281 -12.28 42.26 -14.12
N LEU C 282 -12.92 43.32 -14.62
CA LEU C 282 -12.35 44.19 -15.66
C LEU C 282 -12.39 45.70 -15.29
N GLU C 283 -12.10 46.01 -14.02
CA GLU C 283 -12.35 47.36 -13.51
C GLU C 283 -11.17 48.24 -13.77
N GLY C 284 -11.28 48.94 -14.90
CA GLY C 284 -10.28 49.84 -15.40
C GLY C 284 -10.01 49.45 -16.84
N LEU C 285 -10.70 48.40 -17.30
CA LEU C 285 -10.44 47.83 -18.63
C LEU C 285 -11.59 48.09 -19.60
N GLU C 286 -11.26 48.74 -20.72
CA GLU C 286 -12.23 49.21 -21.70
C GLU C 286 -13.00 48.08 -22.39
N GLN C 287 -12.31 47.01 -22.70
CA GLN C 287 -12.93 45.87 -23.36
C GLN C 287 -12.19 44.58 -23.08
N LEU C 288 -12.95 43.54 -22.70
CA LEU C 288 -12.43 42.20 -22.44
C LEU C 288 -11.50 41.82 -23.58
N PRO C 289 -10.24 41.47 -23.25
CA PRO C 289 -9.29 41.20 -24.32
C PRO C 289 -9.84 40.24 -25.39
N GLY C 290 -9.17 40.16 -26.53
CA GLY C 290 -9.63 39.32 -27.62
C GLY C 290 -8.64 39.25 -28.76
N LEU C 291 -8.85 40.11 -29.77
CA LEU C 291 -7.88 40.29 -30.86
C LEU C 291 -6.50 40.34 -30.21
N ALA C 292 -6.39 41.25 -29.25
CA ALA C 292 -5.22 41.41 -28.41
C ALA C 292 -4.64 40.11 -27.83
N VAL C 293 -5.50 39.15 -27.47
CA VAL C 293 -4.98 37.88 -26.99
C VAL C 293 -4.59 36.97 -28.14
N GLN C 294 -5.40 36.96 -29.20
CA GLN C 294 -5.14 36.07 -30.32
C GLN C 294 -3.84 36.46 -30.99
N LEU C 295 -3.49 37.74 -30.89
CA LEU C 295 -2.18 38.19 -31.33
C LEU C 295 -1.14 37.77 -30.31
N LEU C 296 -1.47 37.89 -29.03
CA LEU C 296 -0.57 37.38 -27.99
C LEU C 296 -0.37 35.86 -28.14
N MET C 297 -1.44 35.15 -28.50
CA MET C 297 -1.36 33.70 -28.73
C MET C 297 -0.69 33.37 -30.05
N ILE C 298 -0.08 34.36 -30.68
CA ILE C 298 0.62 34.14 -31.93
C ILE C 298 2.13 34.08 -31.70
N ASP C 299 2.66 35.08 -31.02
CA ASP C 299 4.09 35.14 -30.75
C ASP C 299 4.58 33.93 -29.95
N GLY C 300 3.66 33.28 -29.24
CA GLY C 300 3.96 32.08 -28.48
C GLY C 300 3.74 32.19 -26.98
N TYR C 301 3.18 33.31 -26.56
CA TYR C 301 2.83 33.52 -25.16
C TYR C 301 1.67 32.62 -24.86
N GLY C 302 1.76 31.80 -23.81
CA GLY C 302 0.64 30.95 -23.43
C GLY C 302 -0.46 31.73 -22.71
N PHE C 303 -1.70 31.31 -22.81
CA PHE C 303 -2.75 32.10 -22.16
C PHE C 303 -3.97 31.29 -21.81
N GLY C 304 -4.39 31.39 -20.56
CA GLY C 304 -5.54 30.63 -20.12
C GLY C 304 -6.69 31.50 -19.68
N PRO C 305 -7.87 31.21 -20.22
CA PRO C 305 -9.21 31.78 -20.00
C PRO C 305 -9.56 31.91 -18.51
N GLU C 306 -10.82 31.68 -18.19
CA GLU C 306 -11.36 32.09 -16.89
C GLU C 306 -10.51 31.89 -15.59
N GLY C 307 -9.25 32.34 -15.65
CA GLY C 307 -8.40 32.37 -14.49
C GLY C 307 -7.69 31.04 -14.36
N ASP C 308 -7.53 30.35 -15.50
CA ASP C 308 -7.00 28.97 -15.55
C ASP C 308 -5.47 28.83 -15.68
N PHE C 309 -4.75 28.78 -14.55
CA PHE C 309 -3.28 28.69 -14.53
C PHE C 309 -2.77 27.53 -15.36
N LYS C 310 -3.48 26.40 -15.24
CA LYS C 310 -3.12 25.16 -15.91
C LYS C 310 -3.04 25.29 -17.44
N MET C 311 -4.19 25.42 -18.09
CA MET C 311 -4.20 25.55 -19.54
C MET C 311 -3.53 26.81 -20.09
N ALA C 312 -3.05 27.71 -19.22
CA ALA C 312 -2.18 28.82 -19.64
C ALA C 312 -0.76 28.29 -19.80
N GLY C 313 -0.23 27.78 -18.70
CA GLY C 313 1.07 27.13 -18.70
C GLY C 313 1.10 25.89 -19.57
N LEU C 314 -0.05 25.26 -19.77
CA LEU C 314 -0.13 24.18 -20.72
C LEU C 314 -0.09 24.80 -22.11
N THR C 315 -0.57 26.04 -22.23
CA THR C 315 -0.54 26.70 -23.54
C THR C 315 0.92 26.97 -23.93
N ARG C 316 1.72 27.40 -22.95
CA ARG C 316 3.15 27.60 -23.15
C ARG C 316 3.80 26.30 -23.56
N LEU C 317 4.20 25.49 -22.57
CA LEU C 317 4.87 24.19 -22.75
C LEU C 317 4.80 23.56 -24.14
N LEU C 318 3.58 23.43 -24.66
CA LEU C 318 3.38 22.83 -25.98
C LEU C 318 3.88 23.72 -27.11
N LYS C 319 3.56 25.01 -27.05
CA LYS C 319 4.11 25.93 -28.02
C LYS C 319 5.63 25.97 -27.78
N ILE C 320 6.03 25.85 -26.53
CA ILE C 320 7.43 25.78 -26.15
C ILE C 320 8.05 24.51 -26.68
N ALA C 321 7.23 23.50 -26.95
CA ALA C 321 7.72 22.22 -27.45
C ALA C 321 7.35 22.02 -28.91
N ALA C 322 7.31 23.12 -29.64
CA ALA C 322 6.96 23.12 -31.06
C ALA C 322 7.51 24.36 -31.78
N ASP C 323 8.84 24.50 -31.81
CA ASP C 323 9.53 25.67 -32.41
C ASP C 323 8.88 26.19 -33.68
N ASN C 324 8.10 27.25 -33.53
CA ASN C 324 7.30 27.79 -34.62
C ASN C 324 6.45 26.72 -35.30
N LYS C 325 5.65 26.01 -34.49
CA LYS C 325 4.79 24.94 -35.01
C LYS C 325 3.33 25.04 -34.52
N GLN C 326 2.45 24.32 -35.19
CA GLN C 326 1.01 24.50 -35.07
C GLN C 326 0.37 23.86 -33.81
N THR C 327 0.34 24.59 -32.69
CA THR C 327 -0.31 24.11 -31.46
C THR C 327 -0.87 25.24 -30.56
N ALA C 328 -2.06 25.04 -29.99
CA ALA C 328 -2.81 26.15 -29.37
C ALA C 328 -3.89 25.77 -28.32
N LEU C 329 -4.67 26.77 -27.89
CA LEU C 329 -5.68 26.62 -26.81
C LEU C 329 -7.16 26.55 -27.22
N MET C 330 -7.86 25.51 -26.79
CA MET C 330 -9.20 25.24 -27.30
C MET C 330 -10.19 24.69 -26.25
N GLU C 331 -11.26 25.44 -25.93
CA GLU C 331 -12.33 24.98 -25.01
C GLU C 331 -13.12 23.83 -25.67
N ASP C 332 -14.45 23.88 -25.57
CA ASP C 332 -15.31 22.84 -26.13
C ASP C 332 -16.68 23.52 -26.17
N TYR C 333 -17.15 23.93 -27.35
CA TYR C 333 -18.27 24.88 -27.39
C TYR C 333 -19.65 24.28 -27.62
N THR C 334 -19.77 23.30 -28.51
CA THR C 334 -21.08 22.70 -28.73
C THR C 334 -20.90 21.36 -29.38
N LEU C 335 -22.01 20.65 -29.57
CA LEU C 335 -21.90 19.29 -30.00
C LEU C 335 -22.71 19.08 -31.23
N ASP C 336 -22.13 18.37 -32.20
CA ASP C 336 -22.87 17.96 -33.38
C ASP C 336 -23.02 16.46 -33.29
N LEU C 337 -24.10 15.99 -32.67
CA LEU C 337 -24.23 14.57 -32.25
C LEU C 337 -25.05 13.68 -33.17
N ARG C 338 -24.80 13.81 -34.47
CA ARG C 338 -25.54 13.07 -35.47
C ARG C 338 -24.73 11.89 -36.00
N HIS C 339 -25.40 10.76 -36.19
CA HIS C 339 -24.76 9.56 -36.68
C HIS C 339 -23.94 9.85 -37.94
N GLY C 340 -22.71 9.38 -37.94
CA GLY C 340 -21.86 9.51 -39.11
C GLY C 340 -21.06 10.78 -39.12
N HIS C 341 -21.68 11.86 -38.65
CA HIS C 341 -20.98 13.12 -38.60
C HIS C 341 -20.80 13.56 -37.12
N GLU C 342 -20.76 12.58 -36.21
CA GLU C 342 -20.52 12.82 -34.78
C GLU C 342 -19.19 13.54 -34.58
N ALA C 343 -19.17 14.67 -33.89
CA ALA C 343 -17.93 15.44 -33.62
C ALA C 343 -18.00 16.50 -32.49
N ILE C 344 -16.95 17.31 -32.34
CA ILE C 344 -16.87 18.30 -31.25
C ILE C 344 -16.31 19.65 -31.69
N MET C 345 -17.09 20.70 -31.46
CA MET C 345 -16.81 22.04 -32.00
C MET C 345 -16.33 23.02 -30.94
N GLY C 346 -15.03 23.19 -30.83
CA GLY C 346 -14.46 24.04 -29.81
C GLY C 346 -14.26 25.47 -30.27
N SER C 347 -14.01 26.38 -29.32
CA SER C 347 -13.63 27.76 -29.59
C SER C 347 -13.46 28.41 -28.25
N HIS C 348 -14.05 29.60 -28.07
CA HIS C 348 -14.16 30.25 -26.77
C HIS C 348 -15.03 31.52 -26.88
N MET C 349 -15.04 32.33 -25.82
CA MET C 349 -15.64 33.67 -25.84
C MET C 349 -15.21 34.38 -27.11
N LEU C 350 -13.94 34.79 -27.15
CA LEU C 350 -13.38 35.49 -28.30
C LEU C 350 -12.04 34.89 -28.73
N GLU C 351 -11.33 34.29 -27.78
CA GLU C 351 -9.91 34.02 -27.94
C GLU C 351 -9.60 32.67 -28.58
N VAL C 352 -9.37 32.66 -29.90
CA VAL C 352 -9.02 31.44 -30.60
C VAL C 352 -7.69 31.63 -31.27
N ASP C 353 -6.66 30.96 -30.78
CA ASP C 353 -5.31 31.16 -31.33
C ASP C 353 -5.20 30.92 -32.83
N PRO C 354 -4.73 31.94 -33.57
CA PRO C 354 -4.50 31.93 -35.01
C PRO C 354 -3.49 30.90 -35.51
N THR C 355 -2.73 30.28 -34.62
CA THR C 355 -1.68 29.35 -35.00
C THR C 355 -2.20 28.12 -35.74
N LEU C 356 -3.52 27.89 -35.71
CA LEU C 356 -4.15 26.77 -36.39
C LEU C 356 -5.12 27.31 -37.44
N ALA C 357 -4.61 28.12 -38.34
CA ALA C 357 -5.45 28.80 -39.32
C ALA C 357 -4.69 29.12 -40.60
N SER C 358 -5.39 29.75 -41.55
CA SER C 358 -4.82 30.11 -42.83
C SER C 358 -5.65 31.17 -43.58
N ASP C 359 -6.47 31.94 -42.85
CA ASP C 359 -7.22 33.06 -43.44
C ASP C 359 -7.16 34.36 -42.59
N LYS C 360 -8.13 34.50 -41.68
CA LYS C 360 -8.12 35.47 -40.56
C LYS C 360 -8.42 36.97 -40.81
N PRO C 361 -9.70 37.33 -41.00
CA PRO C 361 -10.08 38.74 -41.02
C PRO C 361 -10.31 39.35 -39.63
N ARG C 362 -9.88 40.59 -39.39
CA ARG C 362 -10.14 41.30 -38.13
C ARG C 362 -11.58 41.78 -37.99
N VAL C 363 -12.06 41.84 -36.76
CA VAL C 363 -13.49 42.04 -36.50
C VAL C 363 -13.78 42.34 -35.03
N GLU C 364 -14.47 43.45 -34.78
CA GLU C 364 -14.98 43.75 -33.44
C GLU C 364 -16.37 43.18 -33.33
N VAL C 365 -17.22 43.64 -34.25
CA VAL C 365 -18.63 43.27 -34.33
C VAL C 365 -19.39 43.25 -33.00
N HIS C 366 -19.86 42.08 -32.60
CA HIS C 366 -20.86 42.00 -31.55
C HIS C 366 -20.44 42.61 -30.23
N PRO C 367 -21.43 42.87 -29.37
CA PRO C 367 -21.31 43.28 -27.97
C PRO C 367 -21.45 42.05 -27.08
N LEU C 368 -20.33 41.38 -26.78
CA LEU C 368 -20.39 40.17 -25.99
C LEU C 368 -20.79 40.49 -24.56
N GLY C 369 -21.89 39.91 -24.11
CA GLY C 369 -22.49 40.29 -22.85
C GLY C 369 -21.76 39.86 -21.59
N ILE C 370 -20.59 39.22 -21.77
CA ILE C 370 -19.82 38.68 -20.66
C ILE C 370 -18.76 39.67 -20.20
N GLY C 371 -19.09 40.46 -19.18
CA GLY C 371 -18.19 41.49 -18.67
C GLY C 371 -18.49 42.85 -19.28
N GLY C 372 -18.74 43.86 -18.43
CA GLY C 372 -19.07 45.20 -18.86
C GLY C 372 -20.24 45.30 -19.83
N LYS C 373 -20.05 44.73 -21.02
CA LYS C 373 -21.06 44.73 -22.06
C LYS C 373 -20.43 45.25 -23.36
N ASP C 374 -19.18 45.69 -23.25
CA ASP C 374 -18.51 46.42 -24.34
C ASP C 374 -18.04 45.54 -25.49
N ASP C 375 -18.55 45.82 -26.69
CA ASP C 375 -18.12 45.15 -27.93
C ASP C 375 -16.61 44.96 -28.02
N PRO C 376 -16.18 43.69 -28.12
CA PRO C 376 -14.75 43.42 -28.16
C PRO C 376 -14.19 43.11 -29.57
N ALA C 377 -12.89 43.27 -29.74
CA ALA C 377 -12.26 42.98 -31.02
C ALA C 377 -11.70 41.57 -31.03
N ARG C 378 -12.16 40.75 -31.97
CA ARG C 378 -11.70 39.37 -32.11
C ARG C 378 -11.15 39.14 -33.51
N LEU C 379 -10.64 37.94 -33.75
CA LEU C 379 -10.28 37.54 -35.10
C LEU C 379 -11.03 36.28 -35.43
N VAL C 380 -11.37 36.09 -36.70
CA VAL C 380 -12.15 34.95 -37.11
C VAL C 380 -11.43 34.13 -38.16
N PHE C 381 -11.43 32.81 -37.99
CA PHE C 381 -10.93 31.88 -39.00
C PHE C 381 -11.65 30.54 -38.86
N THR C 382 -11.49 29.68 -39.87
CA THR C 382 -12.10 28.36 -39.81
C THR C 382 -10.99 27.37 -39.41
N GLY C 383 -11.37 26.22 -38.86
CA GLY C 383 -10.42 25.32 -38.21
C GLY C 383 -9.43 24.55 -39.08
N ALA C 384 -8.14 24.63 -38.74
CA ALA C 384 -7.11 23.90 -39.46
C ALA C 384 -7.17 22.40 -39.20
N GLU C 385 -6.90 21.62 -40.25
CA GLU C 385 -7.00 20.15 -40.17
C GLU C 385 -5.69 19.49 -39.73
N GLY C 386 -5.69 18.16 -39.65
CA GLY C 386 -4.53 17.38 -39.27
C GLY C 386 -4.82 16.25 -38.29
N LYS C 387 -3.78 15.55 -37.82
CA LYS C 387 -3.93 14.56 -36.76
C LYS C 387 -3.19 15.03 -35.52
N GLY C 388 -3.65 14.55 -34.37
CA GLY C 388 -3.02 14.85 -33.08
C GLY C 388 -3.95 14.65 -31.90
N TYR C 389 -3.45 14.81 -30.68
CA TYR C 389 -4.31 14.65 -29.50
C TYR C 389 -4.54 15.95 -28.73
N ASP C 390 -5.68 16.04 -28.04
CA ASP C 390 -5.94 17.12 -27.09
C ASP C 390 -5.65 16.66 -25.67
N ILE C 391 -4.94 17.50 -24.91
CA ILE C 391 -4.53 17.16 -23.55
C ILE C 391 -4.99 18.23 -22.54
N THR C 392 -5.58 17.83 -21.42
CA THR C 392 -6.01 18.78 -20.42
C THR C 392 -5.03 18.62 -19.25
N LEU C 393 -5.24 19.30 -18.11
CA LEU C 393 -4.40 19.06 -16.92
C LEU C 393 -5.13 19.20 -15.63
N SER C 394 -5.67 18.13 -15.04
CA SER C 394 -6.46 18.29 -13.79
C SER C 394 -5.92 17.74 -12.45
N TYR C 395 -6.30 18.42 -11.35
CA TYR C 395 -5.78 18.12 -9.98
C TYR C 395 -6.66 17.17 -9.16
N PHE C 396 -6.44 15.87 -9.33
CA PHE C 396 -7.32 14.87 -8.73
C PHE C 396 -6.81 14.40 -7.36
N ASP C 397 -6.80 15.29 -6.37
CA ASP C 397 -6.65 14.89 -4.95
C ASP C 397 -5.25 14.43 -4.70
N ASP C 398 -5.02 13.13 -4.54
CA ASP C 398 -3.65 12.63 -4.40
C ASP C 398 -2.56 13.21 -5.36
N GLY C 399 -2.97 13.79 -6.49
CA GLY C 399 -2.04 14.53 -7.33
C GLY C 399 -2.54 15.07 -8.66
N TYR C 400 -1.63 15.13 -9.63
CA TYR C 400 -1.91 15.64 -10.95
C TYR C 400 -1.95 14.57 -12.04
N LYS C 401 -2.70 14.83 -13.11
CA LYS C 401 -3.01 13.83 -14.14
C LYS C 401 -3.25 14.40 -15.54
N PHE C 402 -2.30 14.24 -16.46
CA PHE C 402 -2.54 14.66 -17.84
C PHE C 402 -3.47 13.63 -18.49
N ILE C 403 -4.73 13.94 -18.70
CA ILE C 403 -5.61 13.02 -19.44
C ILE C 403 -5.69 13.49 -20.89
N GLY C 404 -5.79 12.58 -21.84
CA GLY C 404 -5.72 12.96 -23.24
C GLY C 404 -6.58 12.12 -24.14
N TYR C 405 -6.45 12.34 -25.45
CA TYR C 405 -7.27 11.68 -26.45
C TYR C 405 -6.86 12.15 -27.83
N PRO C 406 -6.47 11.21 -28.70
CA PRO C 406 -6.11 11.47 -30.10
C PRO C 406 -7.31 11.87 -30.94
N VAL C 407 -7.07 12.62 -31.99
CA VAL C 407 -8.16 13.07 -32.84
C VAL C 407 -7.67 13.54 -34.21
N ASP C 408 -8.60 13.62 -35.17
CA ASP C 408 -8.29 14.16 -36.48
C ASP C 408 -9.05 15.45 -36.79
N CYS C 409 -8.31 16.56 -36.86
CA CYS C 409 -8.87 17.88 -37.11
C CYS C 409 -9.44 17.99 -38.54
N LYS C 410 -10.62 18.58 -38.68
CA LYS C 410 -11.33 18.64 -39.97
C LYS C 410 -11.76 20.06 -40.39
N THR C 411 -12.70 20.11 -41.34
CA THR C 411 -13.35 21.36 -41.78
C THR C 411 -14.85 21.13 -41.98
N PRO C 412 -15.65 22.20 -41.79
CA PRO C 412 -17.09 21.89 -41.76
C PRO C 412 -17.76 21.77 -43.13
N GLU C 413 -18.83 20.98 -43.20
CA GLU C 413 -19.63 20.85 -44.41
C GLU C 413 -20.73 21.89 -44.40
N ALA C 414 -20.96 22.48 -43.23
CA ALA C 414 -21.90 23.58 -43.09
C ALA C 414 -21.12 24.86 -42.83
N GLU C 415 -21.23 25.82 -43.74
CA GLU C 415 -20.59 27.12 -43.55
C GLU C 415 -21.16 27.75 -42.29
N MET C 416 -20.39 28.66 -41.69
CA MET C 416 -20.76 29.24 -40.40
C MET C 416 -21.00 30.75 -40.46
N PRO C 417 -22.19 31.15 -40.95
CA PRO C 417 -22.49 32.58 -41.13
C PRO C 417 -22.65 33.36 -39.81
N LYS C 418 -23.46 32.83 -38.89
CA LYS C 418 -23.78 33.57 -37.67
C LYS C 418 -22.63 33.58 -36.66
N LEU C 419 -21.65 32.72 -36.89
CA LEU C 419 -20.48 32.62 -36.02
C LEU C 419 -19.63 33.89 -36.04
N PRO C 420 -19.26 34.40 -34.85
CA PRO C 420 -18.44 35.60 -34.74
C PRO C 420 -17.06 35.35 -34.15
N VAL C 421 -16.74 34.10 -33.88
CA VAL C 421 -15.46 33.74 -33.30
C VAL C 421 -14.88 32.79 -34.29
N ALA C 422 -13.71 32.25 -33.99
CA ALA C 422 -13.19 31.18 -34.83
C ALA C 422 -13.58 29.82 -34.23
N LYS C 423 -14.17 28.94 -35.02
CA LYS C 423 -14.55 27.61 -34.51
C LYS C 423 -13.54 26.53 -34.92
N GLN C 424 -13.58 25.40 -34.20
CA GLN C 424 -12.86 24.17 -34.58
C GLN C 424 -13.88 23.06 -34.82
N MET C 425 -13.49 22.02 -35.56
CA MET C 425 -14.39 20.88 -35.75
C MET C 425 -13.59 19.57 -35.92
N TRP C 426 -13.84 18.61 -35.03
CA TRP C 426 -13.09 17.35 -35.00
C TRP C 426 -13.88 16.17 -34.43
N THR C 427 -13.74 14.99 -35.02
CA THR C 427 -14.40 13.80 -34.50
C THR C 427 -13.36 12.82 -33.98
N PRO C 428 -12.88 13.05 -32.75
CA PRO C 428 -11.85 12.28 -32.02
C PRO C 428 -12.04 10.80 -32.24
N GLU C 429 -10.97 10.00 -32.21
CA GLU C 429 -11.06 8.56 -32.49
C GLU C 429 -12.08 7.88 -31.59
N ILE C 430 -12.28 6.59 -31.79
CA ILE C 430 -13.22 5.82 -30.98
C ILE C 430 -14.67 6.28 -31.00
N GLY C 431 -14.91 7.60 -31.06
CA GLY C 431 -16.25 8.14 -31.08
C GLY C 431 -16.43 9.39 -30.22
N LEU C 432 -17.56 10.06 -30.39
CA LEU C 432 -17.98 11.16 -29.51
C LEU C 432 -18.76 10.59 -28.34
N ALA C 433 -18.49 9.31 -28.05
CA ALA C 433 -19.23 8.58 -27.06
C ALA C 433 -18.21 7.96 -26.15
N GLU C 434 -17.42 7.03 -26.66
CA GLU C 434 -16.42 6.38 -25.83
C GLU C 434 -15.41 7.42 -25.38
N GLY C 435 -14.93 8.21 -26.33
CA GLY C 435 -13.95 9.25 -26.03
C GLY C 435 -14.35 10.22 -24.94
N ALA C 436 -15.60 10.66 -24.91
CA ALA C 436 -16.01 11.65 -23.93
C ALA C 436 -16.30 10.99 -22.60
N LYS C 437 -17.07 9.89 -22.65
CA LYS C 437 -17.42 9.08 -21.47
C LYS C 437 -16.20 8.74 -20.57
N GLN C 438 -15.16 8.20 -21.17
CA GLN C 438 -13.94 7.90 -20.44
C GLN C 438 -13.27 9.19 -20.04
N TRP C 439 -13.35 10.22 -20.88
CA TRP C 439 -12.79 11.54 -20.58
C TRP C 439 -13.53 12.05 -19.35
N MET C 440 -14.85 11.89 -19.35
CA MET C 440 -15.63 12.11 -18.13
C MET C 440 -15.04 11.37 -16.90
N LYS C 441 -15.12 10.02 -16.88
CA LYS C 441 -14.68 9.17 -15.73
C LYS C 441 -13.38 9.48 -14.97
N TYR C 442 -12.41 10.14 -15.62
CA TYR C 442 -11.05 10.24 -15.09
C TYR C 442 -10.55 11.67 -14.92
N GLY C 443 -11.25 12.49 -14.15
CA GLY C 443 -10.99 13.92 -14.16
C GLY C 443 -11.44 14.44 -15.52
N GLY C 444 -10.67 15.34 -16.12
CA GLY C 444 -10.86 15.69 -17.52
C GLY C 444 -11.79 16.85 -17.70
N GLY C 445 -11.24 18.05 -17.82
CA GLY C 445 -12.03 19.25 -17.96
C GLY C 445 -12.33 19.63 -19.41
N HIS C 446 -12.60 20.91 -19.63
CA HIS C 446 -13.08 21.40 -20.93
C HIS C 446 -12.07 22.36 -21.55
N HIS C 447 -11.23 22.94 -20.70
CA HIS C 447 -10.14 23.78 -21.15
C HIS C 447 -8.97 22.79 -21.42
N THR C 448 -8.67 22.59 -22.71
CA THR C 448 -7.67 21.64 -23.15
C THR C 448 -6.68 22.39 -24.01
N VAL C 449 -5.81 21.66 -24.68
CA VAL C 449 -4.99 22.18 -25.75
C VAL C 449 -5.03 21.14 -26.86
N LEU C 450 -5.27 21.55 -28.11
CA LEU C 450 -5.42 20.62 -29.24
C LEU C 450 -4.22 20.66 -30.15
N THR C 451 -3.46 19.56 -30.20
CA THR C 451 -2.18 19.54 -30.91
C THR C 451 -2.20 18.85 -32.26
N LEU C 452 -1.51 19.47 -33.21
CA LEU C 452 -1.34 18.92 -34.54
C LEU C 452 0.13 18.62 -34.67
N ALA C 453 0.91 19.38 -33.89
CA ALA C 453 2.37 19.49 -33.97
C ALA C 453 3.08 18.50 -33.08
N LEU C 454 2.30 17.84 -32.22
CA LEU C 454 2.78 16.78 -31.35
C LEU C 454 1.73 15.71 -31.36
N SER C 455 2.13 14.51 -30.96
CA SER C 455 1.22 13.39 -30.89
C SER C 455 1.60 12.45 -29.74
N GLU C 456 0.88 11.33 -29.65
CA GLU C 456 0.88 10.40 -28.50
C GLU C 456 2.20 10.12 -27.71
N GLU C 457 3.10 9.32 -28.28
CA GLU C 457 4.36 8.96 -27.60
C GLU C 457 5.28 10.15 -27.33
N GLN C 458 5.17 11.16 -28.19
CA GLN C 458 5.87 12.42 -28.06
C GLN C 458 5.37 13.06 -26.77
N LEU C 459 4.03 13.09 -26.63
CA LEU C 459 3.40 13.57 -25.40
C LEU C 459 3.61 12.61 -24.19
N GLU C 460 3.49 11.30 -24.42
CA GLU C 460 3.80 10.29 -23.39
C GLU C 460 5.11 10.54 -22.65
N GLN C 461 6.19 10.63 -23.41
CA GLN C 461 7.55 10.71 -22.86
C GLN C 461 7.78 11.83 -21.86
N LEU C 462 7.06 12.94 -22.01
CA LEU C 462 7.30 14.15 -21.22
C LEU C 462 6.53 14.14 -19.89
N ALA C 463 5.28 13.69 -19.93
CA ALA C 463 4.55 13.44 -18.71
C ALA C 463 5.38 12.50 -17.84
N ARG C 464 5.97 11.51 -18.50
CA ARG C 464 6.86 10.52 -17.89
C ARG C 464 8.07 11.17 -17.19
N LEU C 465 8.47 12.34 -17.70
CA LEU C 465 9.64 13.08 -17.21
C LEU C 465 9.31 13.90 -15.97
N PHE C 466 8.15 14.56 -16.01
CA PHE C 466 7.56 15.23 -14.85
C PHE C 466 7.11 14.19 -13.82
N LYS C 467 6.58 13.08 -14.32
CA LYS C 467 5.94 11.98 -13.58
C LYS C 467 4.54 12.28 -13.04
N VAL C 468 3.61 12.45 -13.96
CA VAL C 468 2.24 12.70 -13.63
C VAL C 468 1.53 11.66 -14.45
N ASP C 469 0.47 11.04 -13.94
CA ASP C 469 -0.01 9.81 -14.54
C ASP C 469 -0.73 10.02 -15.88
N PHE C 470 0.02 10.00 -16.99
CA PHE C 470 -0.60 10.21 -18.29
C PHE C 470 -1.78 9.22 -18.47
N ILE C 471 -2.88 9.75 -19.01
CA ILE C 471 -4.08 9.00 -19.33
C ILE C 471 -4.46 9.30 -20.83
N ASN C 472 -4.39 8.29 -21.72
CA ASN C 472 -4.90 8.41 -23.10
C ASN C 472 -6.07 7.44 -23.43
N ILE C 473 -7.16 7.92 -24.03
CA ILE C 473 -8.36 7.07 -24.22
C ILE C 473 -9.32 7.29 -25.40
N LYS C 474 -8.97 6.85 -26.60
CA LYS C 474 -9.89 6.92 -27.74
C LYS C 474 -9.53 5.93 -28.82
N MET D 1 45.90 15.30 5.56
CA MET D 1 45.18 15.73 6.75
C MET D 1 43.83 15.05 6.84
N ARG D 2 43.12 15.32 7.94
CA ARG D 2 41.73 14.91 8.06
C ARG D 2 40.92 15.66 7.00
N LYS D 3 40.28 14.92 6.10
CA LYS D 3 39.63 15.51 4.92
C LYS D 3 38.45 16.47 5.20
N MET D 4 38.16 16.72 6.47
CA MET D 4 37.08 17.64 6.84
C MET D 4 37.52 19.09 6.94
N GLN D 5 38.65 19.41 6.30
CA GLN D 5 39.13 20.79 6.24
C GLN D 5 39.03 21.34 4.81
N ASP D 6 39.23 20.47 3.83
CA ASP D 6 39.04 20.86 2.43
C ASP D 6 37.57 21.10 2.14
N TYR D 7 36.72 20.58 3.04
CA TYR D 7 35.26 20.59 2.91
C TYR D 7 34.60 21.86 3.44
N LYS D 8 33.91 22.58 2.56
CA LYS D 8 33.32 23.88 2.88
C LYS D 8 31.78 23.83 2.99
N PHE D 9 31.23 24.56 3.96
CA PHE D 9 29.79 24.75 4.03
C PHE D 9 29.45 26.17 3.56
N TRP D 10 28.50 26.32 2.65
CA TRP D 10 28.05 27.63 2.21
C TRP D 10 26.85 28.07 3.02
N PHE D 11 26.81 29.33 3.42
CA PHE D 11 25.70 29.85 4.20
C PHE D 11 24.92 30.91 3.43
N VAL D 12 23.63 30.65 3.24
CA VAL D 12 22.76 31.56 2.48
C VAL D 12 21.72 32.24 3.36
N VAL D 13 21.52 33.53 3.12
CA VAL D 13 20.57 34.35 3.88
C VAL D 13 19.38 34.69 2.97
N GLY D 14 18.16 34.57 3.49
CA GLY D 14 16.97 34.68 2.65
C GLY D 14 16.01 35.83 2.92
N SER D 15 15.54 36.45 1.85
CA SER D 15 14.57 37.54 2.00
C SER D 15 13.64 37.70 0.78
N GLN D 16 12.80 38.73 0.84
CA GLN D 16 11.83 38.99 -0.20
C GLN D 16 12.21 40.25 -0.96
N PRO D 17 13.13 40.12 -1.94
CA PRO D 17 13.85 41.02 -2.86
C PRO D 17 13.28 42.42 -2.95
N LEU D 18 11.95 42.53 -2.93
CA LEU D 18 11.29 43.82 -3.03
C LEU D 18 11.32 44.56 -1.69
N TYR D 19 12.53 44.77 -1.15
CA TYR D 19 12.72 45.51 0.10
C TYR D 19 13.66 46.70 -0.09
N GLY D 20 13.97 47.03 -1.34
CA GLY D 20 14.85 48.15 -1.66
C GLY D 20 16.29 47.86 -1.30
N PRO D 21 17.22 48.68 -1.83
CA PRO D 21 18.66 48.51 -1.55
C PRO D 21 19.05 49.01 -0.16
N GLU D 22 18.07 49.26 0.69
CA GLU D 22 18.31 49.79 2.02
C GLU D 22 18.27 48.71 3.10
N ALA D 23 17.25 47.85 3.05
CA ALA D 23 17.16 46.73 3.96
C ALA D 23 18.03 45.54 3.50
N LEU D 24 18.19 45.41 2.19
CA LEU D 24 18.99 44.31 1.61
C LEU D 24 20.51 44.55 1.60
N ALA D 25 21.02 44.89 2.79
CA ALA D 25 22.44 45.07 3.04
C ALA D 25 22.49 45.36 4.52
N GLU D 26 21.40 45.91 5.03
CA GLU D 26 21.18 46.07 6.46
C GLU D 26 20.89 44.69 7.06
N VAL D 27 20.87 43.70 6.18
CA VAL D 27 20.68 42.30 6.55
C VAL D 27 21.97 41.46 6.40
N GLU D 28 22.64 41.62 5.26
CA GLU D 28 23.83 40.82 4.97
C GLU D 28 24.91 41.08 6.00
N LYS D 29 24.89 42.26 6.60
CA LYS D 29 25.87 42.57 7.64
C LYS D 29 25.67 41.60 8.78
N ASP D 30 24.48 41.61 9.37
CA ASP D 30 24.14 40.64 10.42
C ASP D 30 24.45 39.24 9.91
N ALA D 31 24.22 38.99 8.62
CA ALA D 31 24.51 37.68 8.02
C ALA D 31 26.00 37.38 7.84
N ARG D 32 26.75 38.33 7.29
CA ARG D 32 28.21 38.22 7.23
C ARG D 32 28.78 38.24 8.65
N LYS D 33 27.98 38.66 9.62
CA LYS D 33 28.37 38.60 11.02
C LYS D 33 28.01 37.24 11.62
N LEU D 34 27.10 36.51 10.97
CA LEU D 34 26.78 35.17 11.41
C LEU D 34 27.85 34.19 10.97
N VAL D 35 28.06 34.12 9.66
CA VAL D 35 29.06 33.25 9.07
C VAL D 35 30.46 33.47 9.66
N ASP D 36 31.15 34.50 9.18
CA ASP D 36 32.53 34.80 9.61
C ASP D 36 32.68 35.08 11.10
N GLY D 37 31.56 35.12 11.81
CA GLY D 37 31.58 35.14 13.27
C GLY D 37 31.37 33.76 13.84
N LEU D 38 30.74 32.90 13.03
CA LEU D 38 30.48 31.53 13.41
C LEU D 38 31.75 30.71 13.35
N ASN D 39 32.58 31.04 12.36
CA ASN D 39 33.89 30.41 12.13
C ASN D 39 34.80 30.59 13.30
N LYS D 40 34.80 31.83 13.81
CA LYS D 40 35.86 32.31 14.66
C LYS D 40 35.72 31.92 16.10
N GLY D 41 34.57 31.40 16.46
CA GLY D 41 34.37 30.97 17.82
C GLY D 41 33.86 29.57 17.84
N GLY D 42 33.05 29.24 16.81
CA GLY D 42 32.29 28.02 16.73
C GLY D 42 33.00 26.88 17.40
N LYS D 43 34.28 26.73 17.07
CA LYS D 43 34.96 25.46 17.17
C LYS D 43 34.09 24.50 16.37
N LEU D 44 34.02 24.79 15.07
CA LEU D 44 33.29 23.97 14.14
C LEU D 44 34.32 23.01 13.51
N ASP D 45 33.92 22.25 12.51
CA ASP D 45 34.86 21.35 11.85
C ASP D 45 35.36 22.05 10.58
N TYR D 46 34.40 22.58 9.83
CA TYR D 46 34.66 23.25 8.57
C TYR D 46 34.28 24.70 8.72
N PRO D 47 35.13 25.62 8.23
CA PRO D 47 34.67 27.00 8.34
C PRO D 47 33.57 27.28 7.32
N VAL D 48 32.53 27.99 7.75
CA VAL D 48 31.37 28.27 6.91
C VAL D 48 31.64 29.45 6.00
N GLU D 49 31.06 29.44 4.81
CA GLU D 49 31.23 30.57 3.92
C GLU D 49 29.96 31.41 3.82
N PHE D 50 30.02 32.47 3.01
CA PHE D 50 28.84 33.29 2.73
C PHE D 50 28.82 33.64 1.27
N LYS D 51 28.04 32.89 0.52
CA LYS D 51 27.81 33.18 -0.89
C LYS D 51 26.54 34.00 -0.98
N LEU D 52 25.91 33.97 -2.15
CA LEU D 52 24.70 34.75 -2.42
C LEU D 52 23.62 34.74 -1.33
N VAL D 53 22.90 35.85 -1.28
CA VAL D 53 21.87 36.12 -0.26
C VAL D 53 20.50 36.03 -0.94
N ALA D 54 19.71 35.05 -0.53
CA ALA D 54 18.54 34.63 -1.30
C ALA D 54 17.37 35.62 -1.25
N THR D 55 16.85 35.95 -2.43
CA THR D 55 15.77 36.90 -2.52
C THR D 55 14.92 36.65 -3.76
N THR D 56 15.56 36.59 -4.92
CA THR D 56 14.83 36.25 -6.14
C THR D 56 14.88 34.74 -6.33
N ALA D 57 13.83 34.19 -6.95
CA ALA D 57 13.69 32.76 -7.07
C ALA D 57 14.94 32.18 -7.69
N ASP D 58 15.12 32.52 -8.96
CA ASP D 58 16.19 32.02 -9.80
C ASP D 58 17.54 32.23 -9.15
N SER D 59 17.61 33.12 -8.18
CA SER D 59 18.85 33.41 -7.49
C SER D 59 19.14 32.31 -6.51
N ILE D 60 18.09 31.71 -5.97
CA ILE D 60 18.23 30.64 -4.99
C ILE D 60 18.29 29.32 -5.72
N THR D 61 17.77 29.29 -6.93
CA THR D 61 17.79 28.10 -7.76
C THR D 61 19.22 27.94 -8.25
N LYS D 62 19.90 29.08 -8.45
CA LYS D 62 21.30 29.09 -8.87
C LYS D 62 22.38 28.99 -7.76
N PHE D 63 22.00 29.07 -6.50
CA PHE D 63 22.97 28.82 -5.44
C PHE D 63 23.01 27.33 -5.20
N MET D 64 21.92 26.66 -5.53
CA MET D 64 21.78 25.25 -5.25
C MET D 64 22.42 24.45 -6.38
N LYS D 65 22.27 24.95 -7.61
CA LYS D 65 23.02 24.41 -8.75
C LYS D 65 24.51 24.45 -8.42
N GLU D 66 24.96 25.58 -7.88
CA GLU D 66 26.37 25.76 -7.54
C GLU D 66 26.77 25.07 -6.25
N ALA D 67 25.80 24.65 -5.46
CA ALA D 67 26.15 24.03 -4.20
C ALA D 67 26.47 22.61 -4.54
N ASN D 68 26.04 22.20 -5.73
CA ASN D 68 26.18 20.82 -6.20
C ASN D 68 27.43 20.53 -7.09
N TYR D 69 27.83 21.47 -7.95
CA TYR D 69 29.12 21.28 -8.65
C TYR D 69 30.34 21.55 -7.76
N ASN D 70 30.20 22.35 -6.73
CA ASN D 70 31.35 22.59 -5.88
C ASN D 70 31.53 21.45 -4.90
N ASP D 71 32.27 20.44 -5.32
CA ASP D 71 32.59 19.26 -4.51
C ASP D 71 33.09 19.65 -3.13
N ASP D 72 33.63 20.85 -3.03
CA ASP D 72 34.11 21.36 -1.77
C ASP D 72 32.95 21.51 -0.77
N VAL D 73 31.74 21.70 -1.30
CA VAL D 73 30.52 21.91 -0.50
C VAL D 73 30.16 20.71 0.37
N ALA D 74 30.53 20.76 1.65
CA ALA D 74 30.18 19.72 2.61
C ALA D 74 28.69 19.48 2.54
N GLY D 75 27.97 20.59 2.67
CA GLY D 75 26.52 20.65 2.59
C GLY D 75 26.10 22.09 2.32
N VAL D 76 24.92 22.45 2.85
CA VAL D 76 24.33 23.77 2.66
C VAL D 76 23.66 24.18 3.97
N ILE D 77 23.89 25.42 4.40
CA ILE D 77 23.33 25.90 5.66
C ILE D 77 22.41 27.09 5.42
N THR D 78 21.11 26.90 5.66
CA THR D 78 20.13 27.92 5.30
C THR D 78 19.42 28.53 6.50
N TRP D 79 19.40 29.87 6.51
CA TRP D 79 18.65 30.64 7.48
C TRP D 79 17.94 31.79 6.81
N MET D 80 16.70 32.02 7.20
CA MET D 80 15.96 33.15 6.71
C MET D 80 15.99 34.26 7.79
N HIS D 81 16.30 35.48 7.37
CA HIS D 81 16.31 36.63 8.28
C HIS D 81 14.96 37.32 8.31
N THR D 82 14.34 37.43 7.13
CA THR D 82 13.03 38.01 6.97
C THR D 82 12.03 36.95 6.50
N PHE D 83 10.75 37.33 6.42
CA PHE D 83 9.69 36.44 5.93
C PHE D 83 10.00 36.04 4.51
N SER D 84 10.65 34.90 4.35
CA SER D 84 11.10 34.51 3.03
C SER D 84 10.00 33.83 2.26
N PRO D 85 9.80 34.29 1.02
CA PRO D 85 8.79 33.68 0.14
C PRO D 85 9.22 32.26 -0.17
N ALA D 86 8.57 31.26 0.44
CA ALA D 86 8.96 29.86 0.26
C ALA D 86 8.65 29.26 -1.11
N LYS D 87 7.66 29.80 -1.81
CA LYS D 87 7.42 29.38 -3.20
C LYS D 87 8.54 29.93 -4.07
N ASN D 88 9.53 30.53 -3.44
CA ASN D 88 10.77 30.89 -4.12
C ASN D 88 11.90 29.92 -3.74
N TRP D 89 11.56 28.89 -2.98
CA TRP D 89 12.56 27.88 -2.61
C TRP D 89 12.19 26.48 -3.15
N ILE D 90 11.51 26.47 -4.28
CA ILE D 90 11.10 25.24 -4.92
C ILE D 90 12.18 24.73 -5.87
N ARG D 91 12.19 25.32 -7.06
CA ARG D 91 13.05 24.94 -8.15
C ARG D 91 14.48 24.86 -7.70
N GLY D 92 14.80 25.58 -6.63
CA GLY D 92 16.08 25.43 -5.97
C GLY D 92 16.13 24.11 -5.25
N THR D 93 15.19 23.89 -4.32
CA THR D 93 15.23 22.73 -3.40
C THR D 93 14.81 21.38 -4.00
N GLU D 94 13.94 21.44 -5.02
CA GLU D 94 13.64 20.28 -5.86
C GLU D 94 14.96 19.64 -6.23
N LEU D 95 15.87 20.47 -6.72
CA LEU D 95 17.13 20.03 -7.33
C LEU D 95 18.39 20.01 -6.44
N LEU D 96 18.28 20.47 -5.20
CA LEU D 96 19.41 20.43 -4.28
C LEU D 96 19.84 18.99 -4.03
N GLN D 97 21.05 18.63 -4.41
CA GLN D 97 21.49 17.23 -4.22
C GLN D 97 22.45 17.05 -3.05
N LYS D 98 22.28 17.88 -2.03
CA LYS D 98 23.23 17.90 -0.94
C LYS D 98 22.54 18.35 0.32
N PRO D 99 23.17 18.09 1.49
CA PRO D 99 22.60 18.46 2.78
C PRO D 99 21.90 19.84 2.84
N LEU D 100 20.93 19.94 3.74
CA LEU D 100 20.25 21.19 4.05
C LEU D 100 20.25 21.40 5.56
N LEU D 101 20.49 22.62 6.00
CA LEU D 101 20.35 22.93 7.41
C LEU D 101 19.52 24.20 7.67
N HIS D 102 18.25 24.01 8.04
CA HIS D 102 17.42 25.13 8.46
C HIS D 102 17.86 25.58 9.86
N LEU D 103 18.41 26.78 9.94
CA LEU D 103 18.75 27.38 11.23
C LEU D 103 17.65 28.39 11.55
N ALA D 104 16.82 28.07 12.54
CA ALA D 104 15.77 29.00 12.94
C ALA D 104 16.28 29.88 14.07
N THR D 105 16.50 31.15 13.77
CA THR D 105 17.14 32.07 14.70
C THR D 105 16.80 33.51 14.32
N GLN D 106 17.37 34.47 15.04
CA GLN D 106 17.28 35.89 14.70
C GLN D 106 18.69 36.44 14.85
N PHE D 107 19.00 37.53 14.15
CA PHE D 107 20.33 38.18 14.24
C PHE D 107 20.76 38.49 15.68
N LEU D 108 19.79 38.49 16.60
CA LEU D 108 20.00 38.76 18.02
C LEU D 108 19.70 37.55 18.91
N ASN D 109 19.16 37.85 20.08
CA ASN D 109 18.77 36.84 21.05
C ASN D 109 17.38 37.14 21.58
N ASN D 110 17.30 38.16 22.43
CA ASN D 110 16.06 38.58 23.07
C ASN D 110 15.18 39.41 22.15
N ILE D 111 14.01 39.80 22.67
CA ILE D 111 13.10 40.71 21.97
C ILE D 111 13.19 42.13 22.54
N PRO D 112 13.78 43.07 21.77
CA PRO D 112 14.06 44.44 22.21
C PRO D 112 12.84 45.24 22.70
N PHE D 113 12.28 44.80 23.83
CA PHE D 113 11.16 45.49 24.48
C PHE D 113 11.47 46.93 24.82
N ASP D 114 11.69 47.76 23.81
CA ASP D 114 12.09 49.14 24.03
C ASP D 114 12.08 49.91 22.71
N SER D 115 12.56 49.27 21.65
CA SER D 115 12.62 49.93 20.35
C SER D 115 11.87 49.12 19.30
N ILE D 116 11.34 47.98 19.74
CA ILE D 116 10.55 47.09 18.89
C ILE D 116 9.44 47.82 18.13
N ASP D 117 9.77 48.41 16.99
CA ASP D 117 8.77 49.07 16.13
C ASP D 117 8.60 48.33 14.81
N MET D 118 7.83 48.92 13.89
CA MET D 118 7.61 48.31 12.57
C MET D 118 8.89 48.30 11.72
N ASP D 119 9.96 48.91 12.20
CA ASP D 119 11.24 48.78 11.51
C ASP D 119 12.05 47.57 11.99
N TYR D 120 11.68 47.02 13.15
CA TYR D 120 12.27 45.76 13.61
C TYR D 120 11.36 44.58 13.27
N MET D 121 10.29 44.84 12.51
CA MET D 121 9.39 43.80 12.02
C MET D 121 9.67 43.37 10.58
N ASN D 122 9.44 44.25 9.59
CA ASN D 122 9.74 43.90 8.19
C ASN D 122 11.21 43.55 8.03
N LEU D 123 12.01 44.11 8.92
CA LEU D 123 13.42 43.77 9.08
C LEU D 123 13.56 43.00 10.41
N HIS D 124 14.14 41.82 10.36
CA HIS D 124 14.28 40.92 11.52
C HIS D 124 12.94 40.26 11.93
N GLN D 125 12.35 39.53 10.97
CA GLN D 125 11.13 38.70 11.16
C GLN D 125 11.38 37.21 10.87
N SER D 126 11.77 36.42 11.88
CA SER D 126 12.32 35.09 11.60
C SER D 126 11.60 33.85 12.16
N ALA D 127 10.84 34.00 13.24
CA ALA D 127 10.00 32.88 13.69
C ALA D 127 9.04 32.47 12.57
N HIS D 128 8.31 33.46 12.06
CA HIS D 128 7.27 33.25 11.06
C HIS D 128 7.72 33.25 9.60
N GLY D 129 9.02 33.28 9.35
CA GLY D 129 9.52 33.22 7.98
C GLY D 129 10.21 31.88 7.79
N ASP D 130 10.60 31.27 8.90
CA ASP D 130 11.26 29.97 8.92
C ASP D 130 10.26 28.82 8.70
N ARG D 131 9.10 28.96 9.35
CA ARG D 131 8.02 27.97 9.26
C ARG D 131 7.51 27.82 7.82
N GLU D 132 7.42 28.96 7.12
CA GLU D 132 7.21 28.97 5.67
C GLU D 132 8.30 28.23 4.90
N TYR D 133 9.56 28.32 5.34
CA TYR D 133 10.60 27.54 4.69
C TYR D 133 10.49 26.08 5.07
N ALA D 134 10.40 25.80 6.36
CA ALA D 134 10.30 24.40 6.81
C ALA D 134 9.05 23.68 6.30
N TYR D 135 8.11 24.42 5.69
CA TYR D 135 7.00 23.76 5.00
C TYR D 135 7.56 23.18 3.74
N ILE D 136 8.27 24.04 3.01
CA ILE D 136 8.72 23.69 1.69
C ILE D 136 9.90 22.72 1.80
N ASN D 137 10.40 22.54 3.01
CA ASN D 137 11.37 21.47 3.22
C ASN D 137 10.69 20.17 3.68
N SER D 138 9.48 20.27 4.23
CA SER D 138 8.76 19.08 4.69
C SER D 138 7.85 18.54 3.58
N ARG D 139 7.22 19.45 2.86
CA ARG D 139 6.24 19.12 1.87
C ARG D 139 6.96 18.50 0.70
N LEU D 140 8.22 18.89 0.52
CA LEU D 140 9.09 18.34 -0.52
C LEU D 140 9.90 17.16 0.02
N ASN D 141 9.59 16.78 1.26
CA ASN D 141 10.30 15.73 1.98
C ASN D 141 11.83 15.69 1.83
N VAL D 142 12.42 16.80 1.39
CA VAL D 142 13.83 17.07 1.47
C VAL D 142 14.40 16.66 2.81
N PRO D 143 15.37 15.75 2.81
CA PRO D 143 16.04 15.18 3.98
C PRO D 143 16.18 16.16 5.16
N ALA D 144 17.02 17.19 5.03
CA ALA D 144 17.10 18.36 5.95
C ALA D 144 17.41 18.12 7.44
N ALA D 145 18.15 19.07 8.02
CA ALA D 145 18.47 19.07 9.45
C ALA D 145 18.28 20.43 10.10
N SER D 146 17.21 20.61 10.86
CA SER D 146 16.88 21.90 11.48
C SER D 146 17.51 22.07 12.87
N VAL D 147 18.13 23.23 13.06
CA VAL D 147 18.69 23.63 14.35
C VAL D 147 18.06 24.98 14.72
N TYR D 148 17.41 25.04 15.88
CA TYR D 148 16.73 26.28 16.31
C TYR D 148 17.36 26.90 17.56
N GLY D 149 17.51 28.23 17.54
CA GLY D 149 18.00 28.96 18.70
C GLY D 149 18.87 30.13 18.30
N TRP D 150 19.28 30.95 19.27
CA TRP D 150 20.26 31.98 18.99
C TRP D 150 21.58 31.26 18.72
N TRP D 151 22.32 31.72 17.70
CA TRP D 151 23.68 31.22 17.49
C TRP D 151 24.60 31.80 18.56
N GLY D 152 24.49 31.25 19.76
CA GLY D 152 25.20 31.75 20.90
C GLY D 152 24.80 30.98 22.14
N ASP D 153 24.37 29.74 21.96
CA ASP D 153 24.08 28.88 23.10
C ASP D 153 25.08 27.72 23.16
N ALA D 154 25.11 27.02 24.29
CA ALA D 154 26.01 25.89 24.47
C ALA D 154 25.70 24.82 23.45
N ASP D 155 24.45 24.35 23.47
CA ASP D 155 23.99 23.31 22.56
C ASP D 155 23.32 23.88 21.32
N VAL D 156 23.79 25.03 20.85
CA VAL D 156 23.25 25.59 19.61
C VAL D 156 24.34 25.75 18.58
N GLN D 157 25.59 25.69 19.02
CA GLN D 157 26.73 25.60 18.08
C GLN D 157 27.50 24.27 18.26
N GLU D 158 27.28 23.61 19.39
CA GLU D 158 27.81 22.28 19.65
C GLU D 158 27.14 21.30 18.71
N GLN D 159 25.81 21.26 18.79
CA GLN D 159 24.98 20.51 17.86
C GLN D 159 25.47 20.74 16.43
N ILE D 160 25.70 21.99 16.05
CA ILE D 160 26.29 22.30 14.74
C ILE D 160 27.73 21.79 14.58
N ALA D 161 28.48 21.73 15.68
CA ALA D 161 29.82 21.22 15.62
C ALA D 161 29.79 19.76 15.24
N ASP D 162 28.86 19.02 15.85
CA ASP D 162 28.67 17.59 15.55
C ASP D 162 27.65 17.39 14.44
N TRP D 163 27.72 18.25 13.43
CA TRP D 163 26.96 18.06 12.21
C TRP D 163 27.74 18.39 10.94
N GLN D 164 28.63 19.37 10.99
CA GLN D 164 29.59 19.55 9.90
C GLN D 164 30.13 18.15 9.54
N HIS D 165 30.40 17.38 10.60
CA HIS D 165 30.97 16.04 10.52
C HIS D 165 30.20 15.11 9.61
N VAL D 166 28.96 14.83 9.97
CA VAL D 166 28.11 13.98 9.17
C VAL D 166 28.03 14.48 7.74
N ALA D 167 27.34 15.60 7.48
CA ALA D 167 27.16 16.13 6.11
C ALA D 167 28.33 15.77 5.20
N VAL D 168 29.51 16.11 5.70
CA VAL D 168 30.76 15.73 5.09
C VAL D 168 30.75 14.23 4.81
N ALA D 169 30.54 13.42 5.84
CA ALA D 169 30.68 11.98 5.69
C ALA D 169 29.64 11.41 4.74
N TYR D 170 28.60 12.18 4.41
CA TYR D 170 27.61 11.73 3.38
C TYR D 170 28.14 11.95 1.98
N ASN D 171 28.63 13.16 1.69
CA ASN D 171 29.41 13.36 0.47
C ASN D 171 30.53 12.30 0.41
N GLU D 172 31.26 12.14 1.51
CA GLU D 172 32.45 11.27 1.50
C GLU D 172 32.17 9.79 1.32
N SER D 173 31.14 9.24 1.95
CA SER D 173 30.84 7.80 1.78
C SER D 173 30.73 7.40 0.31
N PHE D 174 30.11 8.23 -0.53
CA PHE D 174 30.10 8.02 -1.97
C PHE D 174 31.52 8.02 -2.58
N HIS D 175 32.52 7.90 -1.70
CA HIS D 175 33.91 7.88 -2.08
C HIS D 175 34.62 6.75 -1.37
N ILE D 176 33.84 5.88 -0.74
CA ILE D 176 34.37 4.60 -0.27
C ILE D 176 34.70 3.74 -1.49
N LYS D 177 35.86 3.08 -1.47
CA LYS D 177 36.10 1.88 -2.28
C LYS D 177 36.57 0.72 -1.36
N ILE D 178 35.74 -0.31 -1.24
CA ILE D 178 36.11 -1.48 -0.52
C ILE D 178 36.67 -2.44 -1.55
N ALA D 179 37.93 -2.80 -1.36
CA ALA D 179 38.59 -3.77 -2.22
C ALA D 179 38.56 -5.09 -1.47
N ARG D 180 38.02 -6.11 -2.15
CA ARG D 180 37.89 -7.43 -1.53
C ARG D 180 38.95 -8.44 -1.97
N PHE D 181 39.70 -8.93 -0.99
CA PHE D 181 40.69 -9.98 -1.23
C PHE D 181 40.09 -11.32 -0.82
N GLY D 182 39.04 -11.73 -1.53
CA GLY D 182 38.33 -12.97 -1.26
C GLY D 182 36.89 -12.76 -0.86
N ASP D 183 36.01 -13.54 -1.45
CA ASP D 183 34.56 -13.43 -1.30
C ASP D 183 34.16 -13.59 0.15
N THR D 184 32.86 -13.48 0.43
CA THR D 184 32.34 -13.73 1.76
C THR D 184 32.63 -15.15 2.21
N MET D 185 32.75 -15.33 3.51
CA MET D 185 32.93 -16.66 4.07
C MET D 185 31.78 -17.51 3.61
N ARG D 186 32.00 -18.79 3.39
CA ARG D 186 30.92 -19.68 2.96
C ARG D 186 29.92 -19.93 4.08
N ASP D 187 28.83 -20.57 3.70
CA ASP D 187 27.73 -20.89 4.64
C ASP D 187 27.17 -19.67 5.44
N VAL D 188 27.91 -18.57 5.47
CA VAL D 188 27.51 -17.43 6.29
C VAL D 188 26.42 -16.58 5.62
N ALA D 189 25.47 -16.12 6.43
CA ALA D 189 24.35 -15.34 5.95
C ALA D 189 24.38 -13.84 6.26
N VAL D 190 24.71 -13.44 7.48
CA VAL D 190 24.48 -12.03 7.82
C VAL D 190 25.47 -11.08 7.16
N THR D 191 26.72 -11.50 7.09
CA THR D 191 27.78 -10.66 6.54
C THR D 191 27.67 -10.57 5.03
N GLU D 192 26.45 -10.59 4.53
CA GLU D 192 26.21 -10.55 3.08
C GLU D 192 25.10 -9.54 2.79
N GLY D 193 24.70 -9.38 1.53
CA GLY D 193 23.76 -8.33 1.20
C GLY D 193 24.11 -7.65 -0.11
N ASP D 194 23.10 -7.20 -0.83
CA ASP D 194 23.24 -6.56 -2.14
C ASP D 194 24.45 -5.63 -2.17
N LYS D 195 25.07 -5.46 -3.34
CA LYS D 195 26.19 -4.56 -3.47
C LYS D 195 25.74 -3.45 -4.42
N VAL D 196 24.85 -3.82 -5.32
CA VAL D 196 24.25 -2.87 -6.28
C VAL D 196 23.37 -1.81 -5.60
N ALA D 197 22.65 -2.19 -4.54
CA ALA D 197 21.92 -1.20 -3.75
C ALA D 197 22.80 -0.42 -2.73
N ALA D 198 23.77 -1.07 -2.10
CA ALA D 198 24.69 -0.31 -1.24
C ALA D 198 25.37 0.85 -1.95
N GLN D 199 25.56 0.72 -3.25
CA GLN D 199 26.16 1.77 -4.05
C GLN D 199 25.10 2.73 -4.59
N ILE D 200 23.90 2.25 -4.83
CA ILE D 200 22.85 3.19 -5.17
C ILE D 200 22.56 4.02 -3.94
N LYS D 201 22.49 3.32 -2.81
CA LYS D 201 21.95 3.82 -1.55
C LYS D 201 22.98 4.52 -0.70
N LEU D 202 24.06 3.83 -0.41
CA LEU D 202 25.09 4.41 0.42
C LEU D 202 26.30 4.91 -0.38
N GLY D 203 26.14 5.11 -1.70
CA GLY D 203 27.22 5.52 -2.58
C GLY D 203 28.44 4.61 -2.67
N TRP D 204 28.61 3.70 -1.71
CA TRP D 204 29.84 2.91 -1.56
C TRP D 204 30.05 1.80 -2.64
N THR D 205 31.27 1.25 -2.74
CA THR D 205 31.69 0.58 -3.98
C THR D 205 32.69 -0.57 -3.80
N VAL D 206 32.14 -1.78 -3.72
CA VAL D 206 32.86 -2.98 -3.28
C VAL D 206 33.62 -3.68 -4.42
N ASP D 207 34.91 -3.39 -4.56
CA ASP D 207 35.65 -3.99 -5.65
C ASP D 207 36.40 -5.26 -5.17
N TYR D 208 36.42 -6.31 -6.00
CA TYR D 208 37.02 -7.61 -5.59
C TYR D 208 38.39 -7.86 -6.21
N TYR D 209 39.38 -8.19 -5.38
CA TYR D 209 40.72 -8.37 -5.92
C TYR D 209 41.23 -9.70 -5.41
N PRO D 210 41.86 -10.46 -6.31
CA PRO D 210 42.04 -11.87 -5.96
C PRO D 210 43.18 -11.98 -4.97
N THR D 211 43.15 -13.01 -4.12
CA THR D 211 44.15 -13.07 -3.06
C THR D 211 45.59 -13.20 -3.60
N ASN D 212 45.76 -13.88 -4.73
CA ASN D 212 47.07 -13.96 -5.37
C ASN D 212 47.54 -12.59 -5.89
N GLU D 213 46.63 -11.78 -6.45
CA GLU D 213 46.96 -10.39 -6.84
C GLU D 213 47.75 -9.59 -5.78
N LEU D 214 47.58 -10.00 -4.53
CA LEU D 214 48.02 -9.20 -3.41
C LEU D 214 49.32 -9.76 -2.90
N VAL D 215 49.50 -11.05 -3.08
CA VAL D 215 50.67 -11.75 -2.57
C VAL D 215 51.93 -11.15 -3.20
N ALA D 216 51.83 -10.86 -4.49
CA ALA D 216 52.88 -10.14 -5.20
C ALA D 216 53.29 -8.85 -4.50
N VAL D 217 52.32 -7.97 -4.27
CA VAL D 217 52.58 -6.66 -3.67
C VAL D 217 53.16 -6.77 -2.24
N VAL D 218 52.65 -7.71 -1.45
CA VAL D 218 53.15 -7.98 -0.09
C VAL D 218 54.63 -8.38 -0.01
N ASN D 219 55.01 -9.45 -0.71
CA ASN D 219 56.41 -9.89 -0.82
C ASN D 219 57.32 -8.81 -1.40
N GLY D 220 57.01 -8.38 -2.62
CA GLY D 220 57.76 -7.35 -3.31
C GLY D 220 57.81 -6.02 -2.56
N ILE D 221 58.49 -6.04 -1.42
CA ILE D 221 58.60 -4.91 -0.51
C ILE D 221 59.93 -5.04 0.22
N ALA D 222 60.68 -3.94 0.28
CA ALA D 222 62.04 -3.93 0.83
C ALA D 222 62.14 -4.59 2.20
N GLU D 223 63.12 -5.48 2.37
CA GLU D 223 63.28 -6.19 3.64
C GLU D 223 63.65 -5.21 4.76
N ASP D 224 63.94 -3.97 4.39
CA ASP D 224 64.45 -2.95 5.30
C ASP D 224 63.55 -1.70 5.34
N GLU D 225 62.51 -1.71 4.50
CA GLU D 225 61.40 -0.78 4.62
C GLU D 225 60.59 -1.37 5.76
N ILE D 226 60.74 -2.69 5.92
CA ILE D 226 60.13 -3.45 7.01
C ILE D 226 60.84 -3.14 8.31
N ASP D 227 62.17 -3.13 8.27
CA ASP D 227 62.96 -2.67 9.40
C ASP D 227 62.67 -1.18 9.64
N ALA D 228 62.40 -0.44 8.55
CA ALA D 228 62.00 0.96 8.63
C ALA D 228 60.67 1.12 9.36
N ALA D 229 59.84 0.08 9.30
CA ALA D 229 58.61 0.07 10.05
C ALA D 229 58.90 -0.52 11.42
N TYR D 230 59.95 -1.35 11.48
CA TYR D 230 60.31 -2.01 12.73
C TYR D 230 60.81 -1.00 13.77
N LYS D 231 61.36 0.10 13.29
CA LYS D 231 61.87 1.16 14.17
C LYS D 231 60.75 1.80 15.00
N ASP D 232 59.53 1.78 14.47
CA ASP D 232 58.35 2.22 15.21
C ASP D 232 57.77 1.03 15.97
N LEU D 233 57.83 -0.14 15.35
CA LEU D 233 57.33 -1.37 15.95
C LEU D 233 57.94 -1.61 17.32
N GLU D 234 59.27 -1.67 17.38
CA GLU D 234 59.94 -1.91 18.65
C GLU D 234 59.71 -0.74 19.58
N ALA D 235 59.53 0.44 18.99
CA ALA D 235 59.46 1.68 19.76
C ALA D 235 58.05 2.04 20.23
N ASN D 236 57.10 2.07 19.30
CA ASN D 236 55.75 2.56 19.62
C ASN D 236 54.89 1.56 20.40
N TYR D 237 55.37 0.35 20.58
CA TYR D 237 54.67 -0.66 21.36
C TYR D 237 55.67 -1.53 22.10
N ASP D 238 55.26 -2.11 23.23
CA ASP D 238 56.18 -2.91 24.04
C ASP D 238 56.21 -4.38 23.61
N LEU D 239 57.08 -4.70 22.65
CA LEU D 239 57.21 -6.07 22.15
C LEU D 239 57.61 -7.07 23.26
N VAL D 240 57.08 -8.30 23.23
CA VAL D 240 57.29 -9.24 24.34
C VAL D 240 57.20 -10.76 24.06
N GLU D 241 58.04 -11.53 24.77
CA GLU D 241 58.22 -12.98 24.62
C GLU D 241 58.73 -13.43 23.25
N GLY D 242 57.84 -13.87 22.38
CA GLY D 242 58.24 -14.33 21.07
C GLY D 242 58.25 -13.24 20.02
N ASP D 243 58.23 -11.98 20.45
CA ASP D 243 57.95 -10.87 19.54
C ASP D 243 59.11 -9.96 19.15
N ASN D 244 60.11 -9.85 20.02
CA ASN D 244 61.19 -8.87 19.84
C ASN D 244 62.20 -9.28 18.77
N ASP D 245 63.39 -9.66 19.22
CA ASP D 245 64.42 -10.17 18.35
C ASP D 245 65.03 -11.40 19.00
N HIS D 246 65.60 -12.28 18.19
CA HIS D 246 66.37 -13.43 18.69
C HIS D 246 65.57 -14.49 19.52
N GLU D 247 64.29 -14.22 19.79
CA GLU D 247 63.48 -15.11 20.63
C GLU D 247 62.75 -16.18 19.84
N LYS D 248 61.60 -16.58 20.36
CA LYS D 248 60.76 -17.59 19.70
C LYS D 248 60.32 -17.14 18.30
N TYR D 249 59.10 -16.60 18.22
CA TYR D 249 58.52 -16.19 16.95
C TYR D 249 59.29 -15.00 16.36
N VAL D 250 60.46 -15.29 15.79
CA VAL D 250 61.39 -14.24 15.34
C VAL D 250 60.94 -13.52 14.07
N HIS D 251 60.70 -14.32 13.03
CA HIS D 251 60.31 -13.86 11.71
C HIS D 251 58.85 -13.44 11.71
N ASN D 252 58.12 -13.94 12.68
CA ASN D 252 56.67 -13.80 12.72
C ASN D 252 56.16 -12.37 12.80
N VAL D 253 56.83 -11.52 13.57
CA VAL D 253 56.43 -10.13 13.61
C VAL D 253 56.89 -9.41 12.34
N ARG D 254 58.05 -9.82 11.82
CA ARG D 254 58.49 -9.36 10.50
C ARG D 254 57.79 -10.15 9.40
N TYR D 255 56.56 -10.59 9.70
CA TYR D 255 55.64 -11.13 8.69
C TYR D 255 54.50 -10.18 8.66
N GLN D 256 54.11 -9.69 9.83
CA GLN D 256 52.95 -8.84 9.97
C GLN D 256 53.30 -7.40 9.61
N LEU D 257 54.58 -7.08 9.57
CA LEU D 257 55.00 -5.76 9.11
C LEU D 257 55.10 -5.79 7.59
N ARG D 258 55.21 -7.00 7.04
CA ARG D 258 55.23 -7.20 5.60
C ARG D 258 53.81 -7.18 5.07
N GLU D 259 52.88 -7.71 5.86
CA GLU D 259 51.47 -7.76 5.48
C GLU D 259 50.83 -6.38 5.45
N TYR D 260 51.28 -5.47 6.31
CA TYR D 260 50.72 -4.13 6.32
C TYR D 260 51.25 -3.24 5.18
N LEU D 261 52.56 -3.26 4.94
CA LEU D 261 53.13 -2.36 3.93
C LEU D 261 52.91 -2.84 2.50
N GLY D 262 52.17 -3.94 2.37
CA GLY D 262 51.71 -4.42 1.08
C GLY D 262 50.22 -4.19 0.87
N ILE D 263 49.45 -4.39 1.93
CA ILE D 263 48.05 -4.02 1.91
C ILE D 263 47.97 -2.55 1.56
N LYS D 264 48.47 -1.70 2.46
CA LYS D 264 48.44 -0.25 2.31
C LYS D 264 48.95 0.14 0.94
N LYS D 265 50.13 -0.37 0.60
CA LYS D 265 50.70 -0.17 -0.73
C LYS D 265 49.68 -0.47 -1.82
N PHE D 266 49.00 -1.60 -1.71
CA PHE D 266 48.03 -2.00 -2.73
C PHE D 266 46.86 -1.03 -2.80
N LEU D 267 46.17 -0.89 -1.66
CA LEU D 267 44.97 -0.09 -1.51
C LEU D 267 45.08 1.27 -2.18
N ASP D 268 46.12 2.00 -1.80
CA ASP D 268 46.30 3.37 -2.25
C ASP D 268 46.54 3.49 -3.74
N ASP D 269 47.48 2.71 -4.26
CA ASP D 269 47.90 2.83 -5.66
C ASP D 269 46.73 2.62 -6.65
N ASN D 270 45.58 2.18 -6.13
CA ASN D 270 44.43 1.91 -6.99
C ASN D 270 43.15 2.60 -6.53
N GLY D 271 43.16 3.16 -5.32
CA GLY D 271 42.02 3.96 -4.86
C GLY D 271 41.32 3.59 -3.55
N TYR D 272 41.76 2.51 -2.92
CA TYR D 272 40.93 1.89 -1.88
C TYR D 272 41.22 2.35 -0.42
N ASP D 273 40.13 2.57 0.32
CA ASP D 273 40.14 3.06 1.68
C ASP D 273 39.81 1.96 2.70
N ALA D 274 39.02 0.98 2.25
CA ALA D 274 38.65 -0.20 3.05
C ALA D 274 39.05 -1.48 2.31
N PHE D 275 39.03 -2.61 3.03
CA PHE D 275 39.37 -3.92 2.45
C PHE D 275 38.85 -5.05 3.34
N THR D 276 38.84 -6.27 2.81
CA THR D 276 38.34 -7.42 3.59
C THR D 276 39.42 -8.49 3.93
N ASP D 277 39.03 -9.64 4.50
CA ASP D 277 40.01 -10.63 4.94
C ASP D 277 39.40 -12.02 5.24
N ASN D 278 39.26 -12.85 4.22
CA ASN D 278 38.82 -14.23 4.44
C ASN D 278 39.94 -15.16 4.90
N PHE D 279 39.72 -15.85 6.02
CA PHE D 279 40.67 -16.88 6.45
C PHE D 279 40.46 -18.18 5.69
N GLN D 280 39.43 -18.24 4.86
CA GLN D 280 39.17 -19.40 4.02
C GLN D 280 39.82 -19.21 2.63
N ASP D 281 40.78 -18.28 2.54
CA ASP D 281 41.53 -18.00 1.30
C ASP D 281 42.69 -17.07 1.59
N LEU D 282 43.76 -17.59 2.15
CA LEU D 282 44.97 -16.78 2.27
C LEU D 282 46.07 -17.41 1.42
N GLU D 283 45.69 -17.81 0.20
CA GLU D 283 46.55 -18.65 -0.62
C GLU D 283 47.69 -17.88 -1.27
N GLY D 284 48.77 -17.80 -0.51
CA GLY D 284 49.99 -17.09 -0.84
C GLY D 284 50.39 -16.17 0.31
N LEU D 285 49.77 -16.36 1.46
CA LEU D 285 50.04 -15.47 2.58
C LEU D 285 50.54 -16.22 3.79
N GLU D 286 51.38 -15.55 4.57
CA GLU D 286 52.12 -16.20 5.64
C GLU D 286 51.26 -16.43 6.86
N GLN D 287 50.61 -15.38 7.33
CA GLN D 287 49.82 -15.45 8.56
C GLN D 287 48.69 -14.42 8.57
N LEU D 288 47.63 -14.74 9.30
CA LEU D 288 46.38 -13.99 9.20
C LEU D 288 46.56 -12.52 9.44
N PRO D 289 46.40 -11.70 8.40
CA PRO D 289 46.46 -10.24 8.53
C PRO D 289 45.69 -9.74 9.76
N GLY D 290 46.44 -9.34 10.79
CA GLY D 290 45.90 -8.96 12.08
C GLY D 290 46.56 -7.74 12.69
N LEU D 291 47.85 -7.82 13.00
CA LEU D 291 48.60 -6.65 13.42
C LEU D 291 48.64 -5.72 12.23
N ALA D 292 48.71 -6.33 11.06
CA ALA D 292 48.70 -5.61 9.79
C ALA D 292 47.45 -4.75 9.66
N VAL D 293 46.34 -5.27 10.14
CA VAL D 293 45.09 -4.52 10.05
C VAL D 293 45.05 -3.45 11.17
N GLN D 294 45.46 -3.84 12.38
CA GLN D 294 45.44 -2.98 13.58
C GLN D 294 46.29 -1.72 13.43
N LEU D 295 47.20 -1.71 12.47
CA LEU D 295 47.86 -0.48 12.05
C LEU D 295 46.97 0.27 11.04
N LEU D 296 46.56 -0.45 10.00
CA LEU D 296 45.67 0.09 8.97
C LEU D 296 44.39 0.61 9.59
N MET D 297 43.89 -0.12 10.58
CA MET D 297 42.75 0.33 11.37
C MET D 297 43.01 1.70 12.01
N ILE D 298 44.28 2.02 12.21
CA ILE D 298 44.65 3.22 12.94
C ILE D 298 45.17 4.31 12.02
N ASP D 299 44.85 4.21 10.74
CA ASP D 299 45.32 5.16 9.74
C ASP D 299 44.16 5.73 8.90
N GLY D 300 42.97 5.76 9.50
CA GLY D 300 41.77 6.26 8.85
C GLY D 300 41.08 5.21 8.00
N TYR D 301 41.75 4.07 7.82
CA TYR D 301 41.25 3.00 6.95
C TYR D 301 40.03 2.27 7.51
N GLY D 302 39.34 1.54 6.64
CA GLY D 302 38.20 0.75 7.05
C GLY D 302 38.47 -0.70 6.73
N PHE D 303 37.90 -1.60 7.52
CA PHE D 303 38.14 -3.00 7.28
C PHE D 303 37.07 -3.91 7.92
N GLY D 304 36.62 -4.90 7.18
CA GLY D 304 35.69 -5.85 7.75
C GLY D 304 36.13 -7.27 7.48
N PRO D 305 36.19 -8.08 8.55
CA PRO D 305 36.61 -9.47 8.72
C PRO D 305 36.14 -10.39 7.58
N GLU D 306 35.52 -11.53 7.85
CA GLU D 306 35.19 -12.47 6.80
C GLU D 306 34.32 -11.93 5.69
N GLY D 307 34.98 -11.56 4.59
CA GLY D 307 34.36 -11.01 3.37
C GLY D 307 33.50 -9.80 3.61
N ASP D 308 33.16 -9.58 4.88
CA ASP D 308 32.21 -8.60 5.40
C ASP D 308 32.35 -7.18 4.85
N PHE D 309 32.04 -6.97 3.59
CA PHE D 309 32.20 -5.65 2.97
C PHE D 309 31.45 -4.54 3.72
N LYS D 310 30.46 -4.95 4.51
CA LYS D 310 29.67 -4.02 5.30
C LYS D 310 30.44 -3.50 6.51
N MET D 311 31.04 -4.37 7.30
CA MET D 311 31.77 -3.84 8.45
C MET D 311 33.16 -3.29 8.09
N ALA D 312 33.26 -2.75 6.88
CA ALA D 312 34.52 -2.44 6.25
C ALA D 312 34.38 -1.07 5.66
N GLY D 313 33.40 -0.96 4.75
CA GLY D 313 32.91 0.32 4.29
C GLY D 313 32.09 1.12 5.29
N LEU D 314 31.66 0.53 6.41
CA LEU D 314 30.98 1.29 7.48
C LEU D 314 32.00 1.75 8.54
N THR D 315 33.03 0.92 8.78
CA THR D 315 34.15 1.25 9.67
C THR D 315 34.80 2.48 9.11
N ARG D 316 34.99 2.49 7.82
CA ARG D 316 35.37 3.71 7.15
C ARG D 316 34.42 4.79 7.54
N LEU D 317 33.13 4.54 7.37
CA LEU D 317 32.07 5.58 7.44
C LEU D 317 32.05 6.37 8.74
N LEU D 318 31.90 5.68 9.87
CA LEU D 318 32.03 6.33 11.18
C LEU D 318 33.43 6.94 11.40
N LYS D 319 34.47 6.20 11.02
CA LYS D 319 35.84 6.69 11.18
C LYS D 319 36.15 7.91 10.31
N ILE D 320 35.17 8.37 9.55
CA ILE D 320 35.39 9.49 8.66
C ILE D 320 34.59 10.65 9.17
N ALA D 321 33.86 10.42 10.24
CA ALA D 321 33.13 11.47 10.90
C ALA D 321 33.57 11.35 12.33
N ALA D 322 34.78 10.80 12.46
CA ALA D 322 35.44 10.65 13.75
C ALA D 322 36.80 11.34 13.67
N ASP D 323 36.88 12.33 12.80
CA ASP D 323 37.98 13.28 12.87
C ASP D 323 37.68 14.34 13.92
N ASN D 324 37.32 13.91 15.14
CA ASN D 324 37.13 14.79 16.31
C ASN D 324 37.41 14.12 17.68
N LYS D 325 37.18 12.82 17.74
CA LYS D 325 37.47 11.99 18.93
C LYS D 325 37.92 10.57 18.49
N GLN D 326 37.46 9.54 19.21
CA GLN D 326 37.87 8.14 18.97
C GLN D 326 36.70 7.19 18.70
N THR D 327 36.91 6.17 17.88
CA THR D 327 35.82 5.24 17.51
C THR D 327 36.25 3.79 17.70
N ALA D 328 35.80 2.89 16.80
CA ALA D 328 36.15 1.46 16.79
C ALA D 328 35.35 0.61 15.77
N LEU D 329 35.33 -0.70 16.05
CA LEU D 329 34.57 -1.73 15.32
C LEU D 329 34.75 -2.97 16.15
N MET D 330 33.74 -3.84 16.24
CA MET D 330 33.77 -4.90 17.23
C MET D 330 32.88 -6.09 16.81
N GLU D 331 33.20 -7.29 17.27
CA GLU D 331 32.34 -8.46 17.05
C GLU D 331 31.80 -8.74 18.46
N ASP D 332 30.91 -9.71 18.65
CA ASP D 332 30.40 -9.97 20.00
C ASP D 332 30.66 -11.42 20.41
N TYR D 333 31.85 -11.70 20.93
CA TYR D 333 32.29 -13.09 21.11
C TYR D 333 31.59 -13.90 22.22
N THR D 334 31.84 -13.59 23.48
CA THR D 334 31.13 -14.23 24.57
C THR D 334 30.52 -13.20 25.55
N LEU D 335 29.64 -13.66 26.43
CA LEU D 335 29.00 -12.78 27.40
C LEU D 335 28.79 -13.49 28.74
N ASP D 336 28.71 -12.70 29.81
CA ASP D 336 28.56 -13.24 31.15
C ASP D 336 27.15 -12.93 31.69
N LEU D 337 26.41 -13.97 32.04
CA LEU D 337 25.14 -13.79 32.74
C LEU D 337 25.41 -13.68 34.23
N ARG D 338 25.57 -12.45 34.70
CA ARG D 338 25.82 -12.21 36.11
C ARG D 338 24.70 -11.35 36.63
N HIS D 339 24.20 -11.69 37.82
CA HIS D 339 23.04 -11.02 38.42
C HIS D 339 23.19 -9.50 38.43
N GLY D 340 24.43 -9.02 38.39
CA GLY D 340 24.73 -7.60 38.40
C GLY D 340 25.91 -7.17 37.55
N HIS D 341 26.69 -8.16 37.12
CA HIS D 341 27.78 -7.89 36.19
C HIS D 341 27.42 -8.40 34.79
N GLU D 342 26.17 -8.14 34.38
CA GLU D 342 25.70 -8.45 33.03
C GLU D 342 26.67 -7.81 32.05
N ALA D 343 27.17 -8.59 31.09
CA ALA D 343 28.24 -8.12 30.20
C ALA D 343 28.55 -9.03 29.00
N ILE D 344 28.97 -8.41 27.90
CA ILE D 344 29.34 -9.13 26.67
C ILE D 344 30.82 -8.87 26.25
N MET D 345 31.51 -9.88 25.74
CA MET D 345 32.97 -9.77 25.46
C MET D 345 33.30 -9.50 23.99
N GLY D 346 33.31 -8.23 23.60
CA GLY D 346 33.48 -7.85 22.21
C GLY D 346 34.92 -7.79 21.73
N SER D 347 35.31 -8.69 20.83
CA SER D 347 36.66 -8.69 20.28
C SER D 347 36.74 -9.60 19.04
N HIS D 348 37.58 -9.28 18.06
CA HIS D 348 37.75 -10.18 16.92
C HIS D 348 39.08 -10.93 17.07
N MET D 349 39.19 -11.99 16.26
CA MET D 349 40.32 -12.92 16.18
C MET D 349 41.71 -12.32 16.41
N LEU D 350 42.10 -11.39 15.55
CA LEU D 350 43.42 -10.79 15.61
C LEU D 350 43.31 -9.30 15.45
N GLU D 351 42.21 -8.85 14.88
CA GLU D 351 42.06 -7.47 14.47
C GLU D 351 41.12 -6.75 15.39
N VAL D 352 41.60 -6.13 16.47
CA VAL D 352 40.74 -5.36 17.36
C VAL D 352 41.33 -3.99 17.47
N ASP D 353 40.65 -2.96 16.97
CA ASP D 353 41.24 -1.61 16.85
C ASP D 353 41.99 -1.03 18.06
N PRO D 354 43.19 -0.50 17.81
CA PRO D 354 43.95 0.22 18.83
C PRO D 354 43.47 1.66 18.91
N THR D 355 42.16 1.88 18.79
CA THR D 355 41.58 3.22 18.80
C THR D 355 40.90 3.50 20.14
N LEU D 356 40.94 2.52 21.03
CA LEU D 356 40.26 2.63 22.33
C LEU D 356 41.11 2.25 23.53
N ALA D 357 42.38 1.89 23.28
CA ALA D 357 43.21 1.16 24.25
C ALA D 357 43.66 1.84 25.56
N SER D 358 44.68 1.22 26.16
CA SER D 358 45.39 1.71 27.35
C SER D 358 46.92 1.62 27.16
N ASP D 359 47.44 0.41 27.36
CA ASP D 359 48.83 0.11 27.07
C ASP D 359 48.97 -0.25 25.59
N LYS D 360 49.95 -1.08 25.23
CA LYS D 360 49.94 -1.76 23.94
C LYS D 360 50.88 -2.95 23.82
N PRO D 361 50.66 -4.01 24.62
CA PRO D 361 51.44 -5.24 24.46
C PRO D 361 51.39 -5.80 23.03
N ARG D 362 52.54 -6.11 22.47
CA ARG D 362 52.66 -6.69 21.14
C ARG D 362 53.04 -8.15 21.30
N VAL D 363 52.07 -9.04 21.23
CA VAL D 363 52.28 -10.45 21.62
C VAL D 363 52.27 -11.50 20.48
N GLU D 364 52.71 -12.73 20.79
CA GLU D 364 52.55 -13.89 19.90
C GLU D 364 51.88 -15.05 20.62
N VAL D 365 52.45 -16.25 20.47
CA VAL D 365 51.91 -17.47 21.05
C VAL D 365 50.45 -17.67 20.66
N HIS D 366 50.22 -18.42 19.60
CA HIS D 366 48.86 -18.53 19.07
C HIS D 366 48.43 -19.96 18.77
N PRO D 367 49.05 -20.58 17.74
CA PRO D 367 48.73 -21.80 17.00
C PRO D 367 47.44 -21.60 16.22
N LEU D 368 47.26 -20.39 15.69
CA LEU D 368 46.08 -20.02 14.92
C LEU D 368 45.95 -20.83 13.64
N GLY D 369 45.25 -21.94 13.73
CA GLY D 369 44.96 -22.76 12.56
C GLY D 369 43.70 -22.22 11.94
N ILE D 370 43.14 -21.21 12.60
CA ILE D 370 41.98 -20.50 12.11
C ILE D 370 42.39 -19.76 10.86
N GLY D 371 42.60 -20.53 9.80
CA GLY D 371 43.10 -20.04 8.54
C GLY D 371 44.04 -21.09 7.98
N GLY D 372 44.69 -21.80 8.90
CA GLY D 372 45.71 -22.77 8.56
C GLY D 372 47.05 -22.08 8.39
N LYS D 373 47.34 -21.09 9.24
CA LYS D 373 48.45 -20.15 9.05
C LYS D 373 49.39 -19.92 10.25
N ASP D 374 50.58 -19.37 9.97
CA ASP D 374 51.66 -19.14 10.94
C ASP D 374 51.17 -18.37 12.16
N ASP D 375 51.62 -18.78 13.35
CA ASP D 375 51.34 -18.07 14.60
C ASP D 375 51.54 -16.57 14.41
N PRO D 376 50.43 -15.81 14.41
CA PRO D 376 50.46 -14.39 14.11
C PRO D 376 50.71 -13.52 15.34
N ALA D 377 51.29 -12.35 15.14
CA ALA D 377 51.49 -11.40 16.23
C ALA D 377 50.45 -10.29 16.13
N ARG D 378 50.02 -9.80 17.28
CA ARG D 378 48.92 -8.86 17.34
C ARG D 378 49.15 -7.83 18.44
N LEU D 379 48.18 -6.95 18.63
CA LEU D 379 48.26 -5.93 19.67
C LEU D 379 47.28 -6.24 20.79
N VAL D 380 47.71 -7.03 21.77
CA VAL D 380 46.86 -7.38 22.91
C VAL D 380 46.81 -6.22 23.87
N PHE D 381 45.61 -5.76 24.23
CA PHE D 381 45.50 -4.76 25.29
C PHE D 381 44.25 -4.87 26.17
N THR D 382 43.63 -3.72 26.42
CA THR D 382 42.36 -3.63 27.13
C THR D 382 41.86 -2.19 26.98
N GLY D 383 40.87 -2.03 26.10
CA GLY D 383 40.42 -0.73 25.62
C GLY D 383 39.84 0.27 26.62
N ALA D 384 38.86 1.05 26.16
CA ALA D 384 38.31 2.14 26.97
C ALA D 384 36.99 1.79 27.69
N GLU D 385 36.61 2.62 28.64
CA GLU D 385 35.37 2.44 29.39
C GLU D 385 34.63 3.76 29.65
N GLY D 386 33.96 4.27 28.62
CA GLY D 386 33.19 5.51 28.67
C GLY D 386 31.87 5.41 27.92
N LYS D 387 31.45 6.50 27.27
CA LYS D 387 30.22 6.52 26.46
C LYS D 387 30.26 5.50 25.30
N GLY D 388 29.10 5.06 24.82
CA GLY D 388 29.10 4.15 23.68
C GLY D 388 27.78 3.91 22.95
N TYR D 389 27.92 3.45 21.71
CA TYR D 389 26.78 3.07 20.88
C TYR D 389 27.21 2.18 19.70
N ASP D 390 26.82 0.90 19.75
CA ASP D 390 27.09 -0.04 18.67
C ASP D 390 26.20 0.26 17.45
N ILE D 391 26.76 0.07 16.26
CA ILE D 391 25.97 -0.01 15.02
C ILE D 391 26.21 -1.33 14.24
N THR D 392 25.35 -1.58 13.27
CA THR D 392 25.47 -2.68 12.32
C THR D 392 24.36 -2.44 11.30
N LEU D 393 24.65 -2.67 10.01
CA LEU D 393 23.72 -2.43 8.90
C LEU D 393 23.34 -3.77 8.29
N SER D 394 22.04 -4.01 8.05
CA SER D 394 21.59 -5.35 7.66
C SER D 394 20.69 -5.36 6.41
N TYR D 395 20.96 -6.22 5.41
CA TYR D 395 20.10 -6.26 4.18
C TYR D 395 18.90 -7.17 4.35
N PHE D 396 17.71 -6.57 4.40
CA PHE D 396 16.56 -7.29 4.92
C PHE D 396 15.49 -7.30 3.83
N ASP D 397 15.88 -7.54 2.57
CA ASP D 397 14.89 -7.87 1.53
C ASP D 397 14.14 -6.70 0.91
N ASP D 398 14.50 -5.51 1.35
CA ASP D 398 13.87 -4.31 0.85
C ASP D 398 14.80 -3.12 1.02
N GLY D 399 16.10 -3.35 0.88
CA GLY D 399 17.10 -2.36 1.15
C GLY D 399 17.60 -2.57 2.56
N TYR D 400 18.53 -1.72 3.01
CA TYR D 400 19.06 -1.88 4.37
C TYR D 400 18.34 -1.16 5.53
N LYS D 401 18.70 -1.62 6.72
CA LYS D 401 18.07 -1.20 7.94
C LYS D 401 19.12 -1.24 9.05
N PHE D 402 19.87 -0.13 9.21
CA PHE D 402 20.70 0.11 10.39
C PHE D 402 19.95 -0.17 11.68
N ILE D 403 20.42 -1.12 12.47
CA ILE D 403 19.84 -1.43 13.76
C ILE D 403 20.86 -1.02 14.82
N GLY D 404 20.46 -0.09 15.69
CA GLY D 404 21.41 0.52 16.61
C GLY D 404 21.06 0.53 18.08
N TYR D 405 22.02 0.14 18.91
CA TYR D 405 21.87 0.09 20.35
C TYR D 405 22.52 1.33 20.95
N PRO D 406 22.13 1.68 22.19
CA PRO D 406 22.80 2.60 23.09
C PRO D 406 23.36 1.79 24.25
N VAL D 407 24.53 2.16 24.76
CA VAL D 407 25.20 1.34 25.76
C VAL D 407 26.24 2.09 26.56
N ASP D 408 26.67 1.49 27.66
CA ASP D 408 27.79 1.97 28.45
C ASP D 408 28.83 0.86 28.52
N CYS D 409 29.94 1.05 27.82
CA CYS D 409 30.98 0.04 27.79
C CYS D 409 31.95 0.28 28.93
N LYS D 410 32.26 -0.78 29.67
CA LYS D 410 33.06 -0.71 30.88
C LYS D 410 34.32 -1.54 30.76
N THR D 411 35.17 -1.43 31.77
CA THR D 411 36.40 -2.20 31.83
C THR D 411 36.08 -3.66 32.15
N PRO D 412 37.07 -4.55 31.96
CA PRO D 412 36.86 -5.94 32.36
C PRO D 412 37.33 -6.15 33.80
N GLU D 413 36.91 -7.23 34.45
CA GLU D 413 37.41 -7.57 35.78
C GLU D 413 38.70 -8.40 35.71
N ALA D 414 39.62 -7.95 34.87
CA ALA D 414 40.98 -8.50 34.77
C ALA D 414 41.80 -7.64 33.82
N GLU D 415 43.06 -8.03 33.62
CA GLU D 415 43.88 -7.43 32.58
C GLU D 415 43.67 -8.24 31.30
N MET D 416 44.75 -8.71 30.71
CA MET D 416 44.66 -9.66 29.62
C MET D 416 45.49 -10.90 29.91
N PRO D 417 45.10 -11.66 30.95
CA PRO D 417 45.91 -12.80 31.39
C PRO D 417 45.85 -13.95 30.39
N LYS D 418 45.07 -14.99 30.68
CA LYS D 418 44.86 -16.04 29.68
C LYS D 418 44.03 -15.46 28.54
N LEU D 419 44.65 -14.62 27.73
CA LEU D 419 43.95 -13.79 26.77
C LEU D 419 44.93 -13.28 25.71
N PRO D 420 45.00 -13.98 24.57
CA PRO D 420 45.97 -13.70 23.50
C PRO D 420 45.69 -12.43 22.71
N VAL D 421 44.48 -11.89 22.84
CA VAL D 421 44.14 -10.64 22.18
C VAL D 421 43.38 -9.66 23.08
N ALA D 422 43.06 -8.51 22.52
CA ALA D 422 42.46 -7.38 23.24
C ALA D 422 40.95 -7.52 23.48
N LYS D 423 40.41 -6.52 24.17
CA LYS D 423 38.97 -6.46 24.46
C LYS D 423 38.49 -5.07 24.92
N GLN D 424 37.26 -4.76 24.55
CA GLN D 424 36.52 -3.59 25.05
C GLN D 424 35.15 -4.09 25.46
N MET D 425 35.04 -4.62 26.67
CA MET D 425 33.80 -5.22 27.16
C MET D 425 32.64 -4.21 27.28
N TRP D 426 31.42 -4.72 27.44
CA TRP D 426 30.23 -3.88 27.71
C TRP D 426 28.99 -4.58 28.28
N THR D 427 28.13 -3.78 28.91
CA THR D 427 26.78 -4.17 29.33
C THR D 427 25.77 -3.32 28.55
N PRO D 428 24.89 -3.96 27.76
CA PRO D 428 24.05 -3.12 26.90
C PRO D 428 23.10 -2.23 27.72
N GLU D 429 22.95 -0.96 27.33
CA GLU D 429 22.25 0.03 28.17
C GLU D 429 20.84 -0.36 28.55
N ILE D 430 20.02 -0.79 27.59
CA ILE D 430 18.65 -1.18 27.93
C ILE D 430 18.65 -2.43 28.82
N GLY D 431 19.79 -3.11 28.84
CA GLY D 431 19.91 -4.35 29.55
C GLY D 431 20.34 -5.40 28.55
N LEU D 432 20.97 -6.46 29.04
CA LEU D 432 21.42 -7.54 28.16
C LEU D 432 20.20 -8.19 27.56
N ALA D 433 19.37 -8.78 28.41
CA ALA D 433 18.14 -9.39 27.93
C ALA D 433 17.35 -8.39 27.08
N GLU D 434 17.31 -7.12 27.49
CA GLU D 434 16.54 -6.12 26.75
C GLU D 434 17.31 -5.46 25.61
N GLY D 435 18.55 -5.87 25.41
CA GLY D 435 19.35 -5.32 24.34
C GLY D 435 19.62 -6.41 23.32
N ALA D 436 19.11 -7.59 23.66
CA ALA D 436 19.13 -8.71 22.74
C ALA D 436 17.71 -8.95 22.22
N LYS D 437 16.71 -8.71 23.07
CA LYS D 437 15.33 -8.84 22.68
C LYS D 437 15.11 -7.99 21.45
N GLN D 438 14.97 -6.69 21.62
CA GLN D 438 14.71 -5.81 20.48
C GLN D 438 15.89 -5.77 19.47
N TRP D 439 16.80 -6.74 19.57
CA TRP D 439 17.94 -6.83 18.67
C TRP D 439 17.88 -8.12 17.89
N MET D 440 17.85 -9.26 18.60
CA MET D 440 17.61 -10.58 18.01
C MET D 440 16.21 -10.72 17.40
N LYS D 441 15.38 -9.70 17.59
CA LYS D 441 14.07 -9.65 16.97
C LYS D 441 14.18 -9.01 15.60
N TYR D 442 15.14 -8.10 15.47
CA TYR D 442 15.24 -7.22 14.30
C TYR D 442 16.67 -7.23 13.75
N GLY D 443 16.85 -7.65 12.50
CA GLY D 443 18.15 -7.61 11.85
C GLY D 443 19.33 -8.14 12.65
N GLY D 444 20.21 -7.21 13.00
CA GLY D 444 21.27 -7.43 13.96
C GLY D 444 22.24 -8.57 13.74
N GLY D 445 23.45 -8.23 13.34
CA GLY D 445 24.49 -9.22 13.21
C GLY D 445 25.53 -9.09 14.30
N HIS D 446 26.74 -9.53 14.00
CA HIS D 446 27.80 -9.66 15.00
C HIS D 446 28.93 -8.70 14.72
N HIS D 447 29.32 -8.66 13.46
CA HIS D 447 30.29 -7.68 13.01
C HIS D 447 29.61 -6.30 13.17
N THR D 448 29.99 -5.60 14.24
CA THR D 448 29.29 -4.40 14.70
C THR D 448 30.26 -3.27 15.04
N VAL D 449 30.05 -2.10 14.47
CA VAL D 449 30.85 -0.94 14.83
C VAL D 449 30.39 -0.33 16.17
N LEU D 450 31.16 -0.60 17.24
CA LEU D 450 31.01 0.13 18.50
C LEU D 450 31.80 1.45 18.50
N THR D 451 31.13 2.53 18.91
CA THR D 451 31.68 3.87 18.90
C THR D 451 31.49 4.47 20.28
N LEU D 452 32.51 5.17 20.79
CA LEU D 452 32.39 5.88 22.05
C LEU D 452 32.11 7.37 21.79
N ALA D 453 32.55 7.84 20.62
CA ALA D 453 32.51 9.26 20.27
C ALA D 453 31.16 9.76 19.80
N LEU D 454 30.70 9.25 18.65
CA LEU D 454 29.51 9.75 17.96
C LEU D 454 28.24 9.63 18.81
N SER D 455 27.19 10.39 18.48
CA SER D 455 26.06 10.50 19.39
C SER D 455 24.84 9.64 19.03
N GLU D 456 24.07 9.24 20.05
CA GLU D 456 22.91 8.35 19.88
C GLU D 456 22.00 8.81 18.75
N GLU D 457 22.07 10.10 18.42
CA GLU D 457 21.21 10.67 17.41
C GLU D 457 21.95 11.56 16.42
N GLN D 458 23.27 11.68 16.55
CA GLN D 458 24.03 12.43 15.56
C GLN D 458 24.23 11.52 14.35
N LEU D 459 24.00 10.23 14.62
CA LEU D 459 24.01 9.19 13.60
C LEU D 459 22.62 9.05 12.95
N GLU D 460 21.57 9.20 13.73
CA GLU D 460 20.22 9.13 13.20
C GLU D 460 20.07 10.11 12.06
N GLN D 461 20.83 11.21 12.09
CA GLN D 461 20.82 12.22 11.02
C GLN D 461 21.46 11.79 9.71
N LEU D 462 22.58 11.08 9.77
CA LEU D 462 23.29 10.68 8.57
C LEU D 462 22.54 9.53 7.97
N ALA D 463 22.04 8.66 8.87
CA ALA D 463 21.16 7.53 8.51
C ALA D 463 19.92 8.02 7.76
N ARG D 464 19.14 8.86 8.43
CA ARG D 464 18.04 9.59 7.84
C ARG D 464 18.43 10.28 6.54
N LEU D 465 19.73 10.44 6.28
CA LEU D 465 20.21 11.22 5.13
C LEU D 465 20.68 10.36 3.96
N PHE D 466 21.49 9.34 4.24
CA PHE D 466 21.87 8.35 3.20
C PHE D 466 20.55 7.74 2.64
N LYS D 467 19.58 7.62 3.55
CA LYS D 467 18.14 7.36 3.34
C LYS D 467 17.77 5.92 3.66
N VAL D 468 18.00 5.48 4.88
CA VAL D 468 17.63 4.12 5.20
C VAL D 468 17.20 4.01 6.66
N ASP D 469 16.24 3.11 6.93
CA ASP D 469 15.66 2.85 8.25
C ASP D 469 16.67 2.78 9.39
N PHE D 470 16.27 3.13 10.61
CA PHE D 470 17.15 2.98 11.75
C PHE D 470 16.44 2.47 13.01
N ILE D 471 16.67 1.23 13.37
CA ILE D 471 16.12 0.76 14.63
C ILE D 471 17.08 1.21 15.73
N ASN D 472 16.81 2.35 16.37
CA ASN D 472 17.53 2.67 17.60
C ASN D 472 16.93 1.89 18.78
N ILE D 473 17.61 1.82 19.91
CA ILE D 473 17.03 1.27 21.15
C ILE D 473 17.78 1.79 22.39
N LYS D 474 17.16 2.67 23.18
CA LYS D 474 17.79 3.19 24.39
C LYS D 474 18.15 2.11 25.41
N MET E 1 -2.10 -37.57 31.57
CA MET E 1 -3.52 -37.41 31.26
C MET E 1 -3.78 -36.23 30.31
N ARG E 2 -3.39 -35.03 30.74
CA ARG E 2 -3.52 -33.85 29.90
C ARG E 2 -2.66 -34.01 28.65
N LYS E 3 -3.02 -33.30 27.57
CA LYS E 3 -2.41 -33.54 26.26
C LYS E 3 -0.95 -33.13 26.08
N MET E 4 -0.34 -32.51 27.09
CA MET E 4 1.09 -32.22 27.04
C MET E 4 1.89 -33.45 27.47
N GLN E 5 1.20 -34.59 27.53
CA GLN E 5 1.81 -35.88 27.85
C GLN E 5 2.11 -36.69 26.59
N ASP E 6 1.43 -36.39 25.48
CA ASP E 6 1.67 -37.14 24.23
C ASP E 6 2.37 -36.30 23.14
N TYR E 7 2.59 -35.03 23.43
CA TYR E 7 3.46 -34.20 22.62
C TYR E 7 4.89 -34.50 23.03
N LYS E 8 5.84 -34.14 22.16
CA LYS E 8 7.25 -34.14 22.53
C LYS E 8 7.89 -32.88 21.96
N PHE E 9 8.96 -32.39 22.56
CA PHE E 9 9.72 -31.28 21.98
C PHE E 9 11.17 -31.67 21.71
N TRP E 10 11.64 -31.34 20.51
CA TRP E 10 12.96 -31.73 20.04
C TRP E 10 13.95 -30.61 20.32
N PHE E 11 15.22 -30.81 20.02
CA PHE E 11 16.24 -29.80 20.31
C PHE E 11 17.43 -30.01 19.36
N VAL E 12 18.02 -28.92 18.91
CA VAL E 12 19.18 -28.97 18.03
C VAL E 12 20.33 -28.05 18.48
N VAL E 13 21.54 -28.62 18.62
CA VAL E 13 22.71 -27.85 19.01
C VAL E 13 23.40 -27.25 17.79
N GLY E 14 23.29 -25.94 17.64
CA GLY E 14 23.96 -25.29 16.54
C GLY E 14 25.47 -25.31 16.72
N SER E 15 26.17 -25.89 15.75
CA SER E 15 27.63 -25.87 15.72
C SER E 15 28.06 -25.95 14.25
N GLN E 16 29.36 -25.91 14.01
CA GLN E 16 29.85 -26.04 12.65
C GLN E 16 31.09 -26.88 12.55
N PRO E 17 31.24 -27.58 11.41
CA PRO E 17 32.33 -28.44 10.93
C PRO E 17 33.58 -27.65 10.52
N LEU E 18 34.20 -26.97 11.48
CA LEU E 18 35.57 -26.47 11.33
C LEU E 18 36.22 -26.22 12.69
N TYR E 19 35.94 -27.12 13.63
CA TYR E 19 36.52 -27.07 14.96
C TYR E 19 37.28 -28.36 15.30
N GLY E 20 36.87 -29.47 14.68
CA GLY E 20 37.51 -30.74 14.90
C GLY E 20 36.57 -31.76 15.52
N PRO E 21 36.83 -33.06 15.26
CA PRO E 21 35.97 -34.20 15.63
C PRO E 21 35.67 -34.23 17.12
N GLU E 22 36.58 -33.67 17.91
CA GLU E 22 36.41 -33.56 19.35
C GLU E 22 36.46 -32.09 19.80
N ALA E 23 35.79 -31.25 19.02
CA ALA E 23 35.52 -29.86 19.35
C ALA E 23 34.16 -29.54 18.75
N LEU E 24 33.65 -30.51 17.99
CA LEU E 24 32.27 -30.51 17.51
C LEU E 24 31.45 -31.31 18.51
N ALA E 25 31.81 -32.58 18.71
CA ALA E 25 31.09 -33.46 19.64
C ALA E 25 31.13 -32.96 21.09
N GLU E 26 31.97 -31.96 21.33
CA GLU E 26 32.03 -31.24 22.61
C GLU E 26 30.69 -30.57 22.93
N VAL E 27 29.88 -30.37 21.89
CA VAL E 27 28.54 -29.85 22.08
C VAL E 27 27.53 -30.97 21.94
N GLU E 28 28.00 -32.16 21.60
CA GLU E 28 27.16 -33.35 21.68
C GLU E 28 27.19 -33.88 23.12
N LYS E 29 27.87 -33.14 23.98
CA LYS E 29 27.94 -33.44 25.41
C LYS E 29 27.80 -32.18 26.28
N ASP E 30 27.55 -31.05 25.64
CA ASP E 30 27.35 -29.80 26.37
C ASP E 30 25.89 -29.39 26.35
N ALA E 31 25.27 -29.43 25.18
CA ALA E 31 23.84 -29.23 25.09
C ALA E 31 23.06 -30.52 25.22
N ARG E 32 23.70 -31.57 25.69
CA ARG E 32 23.00 -32.78 26.04
C ARG E 32 22.65 -32.69 27.52
N LYS E 33 23.21 -31.67 28.17
CA LYS E 33 22.98 -31.36 29.59
C LYS E 33 21.79 -30.45 29.75
N LEU E 34 21.91 -29.23 29.21
CA LEU E 34 20.79 -28.33 29.04
C LEU E 34 19.53 -29.14 28.72
N VAL E 35 19.60 -29.98 27.69
CA VAL E 35 18.58 -31.00 27.45
C VAL E 35 18.30 -31.85 28.71
N ASP E 36 19.23 -32.73 29.09
CA ASP E 36 19.03 -33.67 30.19
C ASP E 36 18.69 -32.99 31.52
N GLY E 37 19.29 -31.82 31.72
CA GLY E 37 19.21 -31.13 33.00
C GLY E 37 18.03 -30.20 33.09
N LEU E 38 17.17 -30.21 32.08
CA LEU E 38 15.92 -29.49 32.17
C LEU E 38 14.75 -30.36 31.74
N ASN E 39 14.44 -31.34 32.59
CA ASN E 39 13.23 -32.14 32.49
C ASN E 39 12.74 -32.59 33.88
N LYS E 40 13.70 -32.81 34.79
CA LYS E 40 13.38 -33.20 36.17
C LYS E 40 12.78 -32.03 36.94
N GLY E 41 13.65 -31.25 37.58
CA GLY E 41 13.25 -30.01 38.22
C GLY E 41 13.46 -28.84 37.30
N GLY E 42 13.13 -29.03 36.02
CA GLY E 42 13.37 -28.04 34.98
C GLY E 42 12.27 -27.04 34.79
N LYS E 43 11.27 -27.07 35.69
CA LYS E 43 10.13 -26.13 35.69
C LYS E 43 9.24 -26.18 34.44
N LEU E 44 8.93 -27.38 33.96
CA LEU E 44 8.05 -27.53 32.79
C LEU E 44 6.90 -28.50 33.06
N ASP E 45 6.01 -28.63 32.07
CA ASP E 45 4.97 -29.64 32.11
C ASP E 45 5.09 -30.55 30.89
N TYR E 46 5.82 -30.08 29.88
CA TYR E 46 5.95 -30.78 28.62
C TYR E 46 7.38 -31.29 28.46
N PRO E 47 7.55 -32.43 27.77
CA PRO E 47 8.75 -33.27 27.85
C PRO E 47 9.79 -33.22 26.70
N VAL E 48 10.90 -32.50 26.93
CA VAL E 48 11.91 -32.27 25.92
C VAL E 48 12.84 -33.45 25.58
N GLU E 49 13.42 -33.42 24.38
CA GLU E 49 14.08 -34.57 23.73
C GLU E 49 15.15 -34.01 22.79
N PHE E 50 16.28 -34.70 22.64
CA PHE E 50 17.37 -34.21 21.76
C PHE E 50 17.58 -35.10 20.52
N LYS E 51 17.93 -34.45 19.41
CA LYS E 51 18.21 -35.11 18.13
C LYS E 51 19.56 -34.62 17.58
N LEU E 52 19.71 -34.53 16.26
CA LEU E 52 21.03 -34.37 15.61
C LEU E 52 21.91 -33.17 16.00
N VAL E 53 23.15 -33.22 15.56
CA VAL E 53 24.06 -32.09 15.64
C VAL E 53 24.01 -31.24 14.36
N ALA E 54 23.52 -30.01 14.48
CA ALA E 54 23.28 -29.15 13.33
C ALA E 54 24.53 -28.45 12.88
N THR E 55 25.05 -28.85 11.71
CA THR E 55 26.25 -28.28 11.13
C THR E 55 25.98 -27.87 9.70
N THR E 56 25.60 -28.86 8.91
CA THR E 56 25.43 -28.71 7.47
C THR E 56 23.99 -28.30 7.18
N ALA E 57 23.64 -28.15 5.92
CA ALA E 57 22.29 -27.74 5.57
C ALA E 57 21.33 -28.93 5.45
N ASP E 58 21.73 -29.92 4.66
CA ASP E 58 20.94 -31.15 4.51
C ASP E 58 20.58 -31.77 5.83
N SER E 59 21.26 -31.34 6.89
CA SER E 59 20.89 -31.85 8.20
C SER E 59 19.75 -31.03 8.82
N ILE E 60 19.73 -29.73 8.58
CA ILE E 60 18.61 -28.93 8.99
C ILE E 60 17.34 -29.17 8.11
N THR E 61 17.50 -29.42 6.82
CA THR E 61 16.32 -29.74 6.01
C THR E 61 15.85 -31.11 6.42
N LYS E 62 16.62 -31.81 7.22
CA LYS E 62 16.22 -33.11 7.72
C LYS E 62 15.57 -32.98 9.12
N PHE E 63 16.21 -32.23 10.01
CA PHE E 63 15.64 -31.90 11.33
C PHE E 63 14.27 -31.25 11.24
N MET E 64 14.23 -30.01 10.74
CA MET E 64 12.98 -29.28 10.65
C MET E 64 11.91 -30.14 9.93
N LYS E 65 12.27 -30.77 8.82
CA LYS E 65 11.31 -31.58 8.09
C LYS E 65 10.85 -32.87 8.78
N GLU E 66 11.73 -33.56 9.50
CA GLU E 66 11.30 -34.81 10.13
C GLU E 66 10.24 -34.54 11.18
N ALA E 67 10.32 -33.37 11.80
CA ALA E 67 9.24 -32.90 12.65
C ALA E 67 7.98 -32.89 11.79
N ASN E 68 7.86 -31.86 10.93
CA ASN E 68 6.72 -31.64 10.03
C ASN E 68 5.85 -32.88 9.89
N TYR E 69 6.49 -33.99 9.52
CA TYR E 69 5.82 -35.26 9.33
C TYR E 69 5.30 -35.72 10.63
N ASN E 70 6.21 -36.28 11.42
CA ASN E 70 5.85 -37.00 12.64
C ASN E 70 5.01 -36.12 13.53
N ASP E 71 3.71 -36.36 13.45
CA ASP E 71 2.72 -35.53 14.09
C ASP E 71 2.99 -35.48 15.58
N ASP E 72 3.63 -36.52 16.10
CA ASP E 72 3.86 -36.64 17.55
C ASP E 72 4.76 -35.52 18.14
N VAL E 73 5.73 -35.07 17.35
CA VAL E 73 6.48 -33.83 17.64
C VAL E 73 5.52 -32.69 17.97
N ALA E 74 5.96 -31.73 18.79
CA ALA E 74 5.12 -30.58 19.11
C ALA E 74 5.76 -29.25 18.80
N GLY E 75 7.06 -29.11 19.05
CA GLY E 75 7.77 -27.86 18.84
C GLY E 75 9.26 -27.99 18.52
N VAL E 76 9.97 -26.86 18.66
CA VAL E 76 11.38 -26.80 18.33
C VAL E 76 12.07 -25.69 19.10
N ILE E 77 12.93 -26.03 20.06
CA ILE E 77 13.72 -25.00 20.74
C ILE E 77 15.14 -24.97 20.20
N THR E 78 15.50 -23.92 19.47
CA THR E 78 16.84 -23.88 18.89
C THR E 78 17.76 -22.95 19.66
N TRP E 79 19.01 -23.38 19.79
CA TRP E 79 20.07 -22.60 20.42
C TRP E 79 21.42 -22.92 19.80
N MET E 80 22.07 -21.91 19.26
CA MET E 80 23.31 -22.15 18.55
C MET E 80 24.51 -21.99 19.49
N HIS E 81 25.23 -23.08 19.71
CA HIS E 81 26.43 -23.07 20.55
C HIS E 81 27.45 -22.08 20.00
N THR E 82 28.23 -22.55 19.04
CA THR E 82 29.20 -21.72 18.36
C THR E 82 28.54 -20.68 17.43
N PHE E 83 29.11 -20.51 16.24
CA PHE E 83 28.67 -19.52 15.26
C PHE E 83 28.26 -20.28 14.06
N SER E 84 27.03 -20.79 14.06
CA SER E 84 26.61 -21.55 12.89
C SER E 84 26.34 -20.56 11.79
N PRO E 85 26.82 -20.89 10.59
CA PRO E 85 26.70 -20.08 9.40
C PRO E 85 25.28 -20.26 8.81
N ALA E 86 24.46 -19.25 9.07
CA ALA E 86 22.99 -19.37 9.02
C ALA E 86 22.44 -19.91 7.70
N LYS E 87 22.80 -19.23 6.61
CA LYS E 87 22.52 -19.62 5.23
C LYS E 87 22.31 -21.12 5.10
N ASN E 88 23.15 -21.90 5.81
CA ASN E 88 22.94 -23.35 5.87
C ASN E 88 21.66 -23.81 6.62
N TRP E 89 20.90 -22.86 7.15
CA TRP E 89 19.61 -23.13 7.84
C TRP E 89 18.36 -22.96 6.99
N ILE E 90 18.52 -22.38 5.80
CA ILE E 90 17.47 -21.61 5.12
C ILE E 90 16.20 -22.31 4.68
N ARG E 91 16.30 -23.40 3.90
CA ARG E 91 15.15 -24.27 3.57
C ARG E 91 14.40 -24.72 4.84
N GLY E 92 15.16 -25.22 5.79
CA GLY E 92 14.65 -25.58 7.09
C GLY E 92 13.71 -24.59 7.69
N THR E 93 14.18 -23.39 8.00
CA THR E 93 13.32 -22.29 8.52
C THR E 93 12.15 -21.86 7.58
N GLU E 94 12.16 -22.32 6.33
CA GLU E 94 11.10 -22.00 5.40
C GLU E 94 10.22 -23.20 5.13
N LEU E 95 10.79 -24.40 5.21
CA LEU E 95 10.04 -25.66 5.20
C LEU E 95 9.50 -25.91 6.60
N LEU E 96 9.74 -24.98 7.50
CA LEU E 96 9.30 -25.12 8.88
C LEU E 96 7.79 -25.09 8.94
N GLN E 97 7.19 -25.98 9.74
CA GLN E 97 5.76 -25.92 10.00
C GLN E 97 5.40 -26.12 11.48
N LYS E 98 6.34 -25.84 12.40
CA LYS E 98 6.11 -25.91 13.86
C LYS E 98 6.70 -24.71 14.65
N PRO E 99 6.13 -24.37 15.83
CA PRO E 99 6.49 -23.12 16.54
C PRO E 99 7.91 -23.04 17.10
N LEU E 100 8.70 -22.11 16.57
CA LEU E 100 10.16 -22.11 16.76
C LEU E 100 10.69 -21.07 17.75
N LEU E 101 11.78 -21.43 18.43
CA LEU E 101 12.29 -20.62 19.52
C LEU E 101 13.81 -20.51 19.54
N HIS E 102 14.34 -19.35 19.14
CA HIS E 102 15.74 -19.07 19.39
C HIS E 102 15.82 -19.05 20.91
N LEU E 103 16.32 -20.14 21.50
CA LEU E 103 16.63 -20.15 22.92
C LEU E 103 18.06 -19.59 23.09
N ALA E 104 18.20 -18.28 23.08
CA ALA E 104 19.51 -17.64 23.16
C ALA E 104 20.11 -17.81 24.56
N THR E 105 21.07 -18.71 24.67
CA THR E 105 21.67 -19.02 25.96
C THR E 105 23.17 -19.38 25.79
N GLN E 106 23.83 -19.67 26.93
CA GLN E 106 25.24 -20.11 26.93
C GLN E 106 25.42 -21.36 27.81
N PHE E 107 26.63 -21.90 27.86
CA PHE E 107 26.92 -23.04 28.74
C PHE E 107 27.17 -22.55 30.15
N LEU E 108 28.30 -21.88 30.33
CA LEU E 108 28.59 -21.21 31.59
C LEU E 108 27.79 -19.93 31.61
N ASN E 109 28.07 -19.06 32.56
CA ASN E 109 27.43 -17.77 32.60
C ASN E 109 28.41 -16.75 33.14
N ASN E 110 29.64 -17.22 33.39
CA ASN E 110 30.69 -16.39 33.96
C ASN E 110 31.53 -15.76 32.86
N ILE E 111 32.79 -15.50 33.19
CA ILE E 111 33.79 -15.01 32.26
C ILE E 111 35.18 -15.33 32.84
N PRO E 112 35.60 -16.60 32.77
CA PRO E 112 36.83 -17.07 33.41
C PRO E 112 38.05 -16.23 33.06
N PHE E 113 38.12 -15.04 33.63
CA PHE E 113 39.18 -14.07 33.33
C PHE E 113 40.57 -14.66 33.45
N ASP E 114 40.79 -15.49 34.47
CA ASP E 114 42.07 -16.12 34.70
C ASP E 114 42.36 -17.22 33.68
N SER E 115 41.31 -17.80 33.11
CA SER E 115 41.49 -18.87 32.13
C SER E 115 40.50 -18.83 30.96
N ILE E 116 40.78 -17.98 29.97
CA ILE E 116 39.91 -17.82 28.80
C ILE E 116 40.72 -17.61 27.50
N ASP E 117 41.44 -18.65 27.08
CA ASP E 117 42.25 -18.62 25.86
C ASP E 117 41.40 -18.67 24.59
N MET E 118 42.00 -19.03 23.47
CA MET E 118 41.26 -19.15 22.22
C MET E 118 40.49 -20.47 22.09
N ASP E 119 41.01 -21.56 22.69
CA ASP E 119 40.26 -22.83 22.79
C ASP E 119 39.21 -22.80 23.92
N TYR E 120 38.92 -21.60 24.42
CA TYR E 120 37.88 -21.36 25.43
C TYR E 120 36.97 -20.26 24.92
N MET E 121 37.40 -19.66 23.82
CA MET E 121 36.62 -18.66 23.11
C MET E 121 36.17 -19.24 21.77
N ASN E 122 36.71 -20.41 21.42
CA ASN E 122 36.24 -21.16 20.25
C ASN E 122 35.02 -22.02 20.56
N LEU E 123 34.84 -22.37 21.82
CA LEU E 123 33.57 -22.92 22.30
C LEU E 123 32.83 -21.77 23.00
N HIS E 124 31.66 -22.06 23.56
CA HIS E 124 30.85 -21.05 24.28
C HIS E 124 30.88 -19.62 23.70
N GLN E 125 30.84 -19.52 22.38
CA GLN E 125 30.87 -18.23 21.67
C GLN E 125 29.49 -17.78 21.16
N SER E 126 28.46 -18.02 21.96
CA SER E 126 27.08 -17.88 21.50
C SER E 126 26.62 -16.44 21.40
N ALA E 127 27.53 -15.52 21.69
CA ALA E 127 27.14 -14.12 21.70
C ALA E 127 27.06 -13.55 20.29
N HIS E 128 27.41 -14.38 19.32
CA HIS E 128 27.33 -14.00 17.91
C HIS E 128 26.67 -15.04 17.00
N GLY E 129 26.42 -16.24 17.54
CA GLY E 129 26.00 -17.41 16.79
C GLY E 129 24.53 -17.73 16.93
N ASP E 130 23.91 -17.12 17.95
CA ASP E 130 22.46 -17.09 18.04
C ASP E 130 22.02 -15.68 17.64
N ARG E 131 22.89 -14.99 16.89
CA ARG E 131 22.57 -13.72 16.21
C ARG E 131 22.58 -13.90 14.68
N GLU E 132 23.55 -14.68 14.19
CA GLU E 132 23.56 -15.11 12.80
C GLU E 132 22.32 -15.94 12.58
N TYR E 133 22.01 -16.84 13.53
CA TYR E 133 20.80 -17.66 13.42
C TYR E 133 19.63 -16.76 13.59
N ALA E 134 19.71 -15.81 14.50
CA ALA E 134 18.65 -14.82 14.59
C ALA E 134 18.36 -14.20 13.21
N TYR E 135 19.28 -13.38 12.70
CA TYR E 135 19.06 -12.65 11.44
C TYR E 135 18.25 -13.40 10.42
N ILE E 136 18.68 -14.63 10.12
CA ILE E 136 17.95 -15.48 9.18
C ILE E 136 16.46 -15.41 9.49
N ASN E 137 16.08 -15.47 10.77
CA ASN E 137 14.68 -15.38 11.14
C ASN E 137 14.12 -13.97 10.93
N SER E 138 14.60 -12.96 11.65
CA SER E 138 14.09 -11.57 11.51
C SER E 138 13.88 -11.09 10.06
N ARG E 139 14.25 -11.95 9.12
CA ARG E 139 14.39 -11.66 7.72
C ARG E 139 13.54 -12.63 6.92
N LEU E 140 13.49 -13.87 7.40
CA LEU E 140 12.52 -14.85 6.95
C LEU E 140 11.24 -14.65 7.74
N ASN E 141 10.86 -13.38 7.93
CA ASN E 141 9.75 -12.96 8.83
C ASN E 141 9.03 -14.07 9.64
N VAL E 142 9.83 -14.93 10.27
CA VAL E 142 9.34 -16.08 11.02
C VAL E 142 8.64 -15.69 12.30
N PRO E 143 7.42 -16.21 12.51
CA PRO E 143 6.55 -16.25 13.69
C PRO E 143 7.27 -17.02 14.79
N ALA E 144 7.86 -16.33 15.76
CA ALA E 144 8.81 -16.97 16.68
C ALA E 144 9.09 -16.13 17.92
N ALA E 145 9.34 -16.81 19.05
CA ALA E 145 9.64 -16.12 20.31
C ALA E 145 11.15 -15.92 20.55
N SER E 146 11.52 -15.40 21.72
CA SER E 146 12.92 -15.19 22.09
C SER E 146 13.18 -15.21 23.60
N VAL E 147 13.70 -16.34 24.08
CA VAL E 147 14.16 -16.43 25.47
C VAL E 147 15.64 -15.99 25.56
N TYR E 148 15.98 -15.11 26.52
CA TYR E 148 17.37 -14.66 26.72
C TYR E 148 17.88 -14.87 28.16
N GLY E 149 18.99 -15.59 28.29
CA GLY E 149 19.61 -15.89 29.59
C GLY E 149 20.25 -17.27 29.69
N TRP E 150 20.92 -17.57 30.80
CA TRP E 150 21.45 -18.91 31.04
C TRP E 150 20.27 -19.85 31.19
N TRP E 151 20.48 -21.13 30.95
CA TRP E 151 19.41 -22.11 31.11
C TRP E 151 19.34 -22.52 32.57
N GLY E 152 20.37 -22.17 33.33
CA GLY E 152 20.41 -22.42 34.76
C GLY E 152 19.63 -21.40 35.58
N ASP E 153 18.93 -20.51 34.91
CA ASP E 153 18.02 -19.60 35.58
C ASP E 153 16.63 -20.23 35.68
N ALA E 154 16.02 -20.07 36.85
CA ALA E 154 14.66 -20.55 37.08
C ALA E 154 13.61 -19.51 36.66
N ASP E 155 14.10 -18.30 36.34
CA ASP E 155 13.26 -17.23 35.82
C ASP E 155 13.02 -17.43 34.33
N VAL E 156 14.09 -17.67 33.57
CA VAL E 156 13.94 -17.97 32.13
C VAL E 156 13.69 -19.46 31.93
N GLN E 157 13.59 -20.22 33.01
CA GLN E 157 13.00 -21.54 32.96
C GLN E 157 11.50 -21.34 32.81
N GLU E 158 10.97 -20.31 33.45
CA GLU E 158 9.56 -19.89 33.24
C GLU E 158 9.31 -19.48 31.79
N GLN E 159 10.08 -18.48 31.34
CA GLN E 159 10.06 -17.97 29.97
C GLN E 159 9.96 -19.08 28.94
N ILE E 160 10.56 -20.23 29.27
CA ILE E 160 10.53 -21.41 28.45
C ILE E 160 9.25 -22.19 28.68
N ALA E 161 8.85 -22.30 29.95
CA ALA E 161 7.64 -23.02 30.33
C ALA E 161 6.39 -22.32 29.80
N ASP E 162 6.35 -21.01 30.01
CA ASP E 162 5.26 -20.18 29.51
C ASP E 162 5.13 -20.24 27.98
N TRP E 163 6.21 -20.62 27.29
CA TRP E 163 6.17 -20.82 25.86
C TRP E 163 5.76 -22.25 25.49
N GLN E 164 6.21 -23.25 26.26
CA GLN E 164 5.90 -24.64 25.94
C GLN E 164 4.40 -24.81 25.80
N HIS E 165 3.69 -23.90 26.48
CA HIS E 165 2.24 -23.87 26.48
C HIS E 165 1.65 -23.38 25.14
N VAL E 166 2.00 -22.17 24.73
CA VAL E 166 1.49 -21.55 23.51
C VAL E 166 1.74 -22.42 22.29
N ALA E 167 2.81 -23.19 22.38
CA ALA E 167 3.27 -24.07 21.31
C ALA E 167 2.43 -25.33 21.31
N VAL E 168 1.77 -25.55 22.44
CA VAL E 168 0.96 -26.74 22.59
C VAL E 168 -0.45 -26.46 22.08
N ALA E 169 -0.98 -25.29 22.43
CA ALA E 169 -2.34 -24.91 22.02
C ALA E 169 -2.46 -24.57 20.54
N TYR E 170 -1.42 -23.93 19.96
CA TYR E 170 -1.38 -23.66 18.52
C TYR E 170 -1.52 -24.97 17.78
N ASN E 171 -0.57 -25.86 18.04
CA ASN E 171 -0.56 -27.17 17.45
C ASN E 171 -1.90 -27.85 17.68
N GLU E 172 -2.60 -27.38 18.71
CA GLU E 172 -3.86 -27.99 19.12
C GLU E 172 -5.08 -27.42 18.38
N SER E 173 -5.26 -26.10 18.49
CA SER E 173 -6.41 -25.36 17.95
C SER E 173 -6.69 -25.66 16.51
N PHE E 174 -5.95 -26.58 15.91
CA PHE E 174 -6.09 -26.92 14.50
C PHE E 174 -6.78 -28.31 14.30
N HIS E 175 -7.18 -28.89 15.43
CA HIS E 175 -7.89 -30.15 15.47
C HIS E 175 -9.24 -29.92 16.15
N ILE E 176 -9.41 -28.72 16.71
CA ILE E 176 -10.55 -28.35 17.54
C ILE E 176 -11.78 -28.28 16.66
N LYS E 177 -12.65 -29.28 16.78
CA LYS E 177 -13.87 -29.34 15.94
C LYS E 177 -15.08 -28.79 16.66
N ILE E 178 -16.16 -28.63 15.90
CA ILE E 178 -17.36 -28.00 16.42
C ILE E 178 -18.60 -28.51 15.68
N ALA E 179 -19.57 -28.94 16.48
CA ALA E 179 -20.89 -29.27 15.99
C ALA E 179 -21.84 -28.19 16.48
N ARG E 180 -22.62 -27.62 15.57
CA ARG E 180 -23.66 -26.66 15.95
C ARG E 180 -25.05 -27.21 15.69
N PHE E 181 -25.81 -27.28 16.77
CA PHE E 181 -27.24 -27.47 16.71
C PHE E 181 -27.80 -26.14 17.25
N GLY E 182 -27.89 -25.15 16.35
CA GLY E 182 -28.23 -23.77 16.68
C GLY E 182 -27.30 -22.79 15.94
N ASP E 183 -27.87 -21.93 15.08
CA ASP E 183 -27.10 -20.97 14.27
C ASP E 183 -26.76 -19.77 15.14
N THR E 184 -26.65 -18.61 14.51
CA THR E 184 -26.42 -17.36 15.21
C THR E 184 -27.76 -16.84 15.68
N MET E 185 -27.76 -16.21 16.85
CA MET E 185 -28.95 -15.53 17.37
C MET E 185 -29.45 -14.46 16.39
N ARG E 186 -30.76 -14.42 16.18
CA ARG E 186 -31.42 -13.52 15.23
C ARG E 186 -30.85 -12.11 15.17
N ASP E 187 -30.08 -11.86 14.11
CA ASP E 187 -29.47 -10.55 13.83
C ASP E 187 -28.38 -10.06 14.84
N VAL E 188 -27.63 -10.97 15.45
CA VAL E 188 -26.55 -10.57 16.33
C VAL E 188 -25.19 -10.74 15.65
N ALA E 189 -24.41 -9.66 15.66
CA ALA E 189 -23.18 -9.55 14.87
C ALA E 189 -21.84 -10.10 15.41
N VAL E 190 -21.40 -9.71 16.63
CA VAL E 190 -20.07 -10.20 17.07
C VAL E 190 -19.95 -11.72 17.23
N THR E 191 -21.07 -12.42 17.23
CA THR E 191 -21.09 -13.87 17.35
C THR E 191 -21.17 -14.49 15.94
N GLU E 192 -20.58 -13.78 14.98
CA GLU E 192 -20.58 -14.19 13.58
C GLU E 192 -19.31 -13.66 12.98
N GLY E 193 -18.43 -14.57 12.58
CA GLY E 193 -17.23 -14.17 11.88
C GLY E 193 -17.21 -14.99 10.62
N ASP E 194 -16.16 -14.91 9.83
CA ASP E 194 -16.14 -15.73 8.62
C ASP E 194 -15.82 -17.22 8.91
N LYS E 195 -16.54 -18.10 8.25
CA LYS E 195 -16.30 -19.50 8.48
C LYS E 195 -15.02 -20.00 7.81
N VAL E 196 -14.97 -20.07 6.48
CA VAL E 196 -13.75 -20.42 5.74
C VAL E 196 -12.52 -19.53 6.02
N ALA E 197 -12.72 -18.47 6.79
CA ALA E 197 -11.57 -17.68 7.27
C ALA E 197 -10.95 -18.29 8.53
N ALA E 198 -11.71 -18.28 9.62
CA ALA E 198 -11.28 -18.89 10.87
C ALA E 198 -10.75 -20.30 10.81
N GLN E 199 -11.07 -21.05 9.77
CA GLN E 199 -10.62 -22.45 9.69
C GLN E 199 -9.21 -22.52 9.12
N ILE E 200 -9.02 -21.73 8.06
CA ILE E 200 -7.71 -21.47 7.46
C ILE E 200 -6.76 -20.93 8.51
N LYS E 201 -7.27 -19.98 9.30
CA LYS E 201 -6.47 -19.07 10.10
C LYS E 201 -6.31 -19.49 11.54
N LEU E 202 -7.16 -20.40 11.98
CA LEU E 202 -7.19 -20.86 13.38
C LEU E 202 -7.50 -22.32 13.45
N GLY E 203 -7.51 -23.00 12.29
CA GLY E 203 -7.66 -24.45 12.23
C GLY E 203 -9.03 -25.04 12.52
N TRP E 204 -9.81 -24.34 13.35
CA TRP E 204 -11.16 -24.74 13.74
C TRP E 204 -11.98 -25.17 12.54
N THR E 205 -12.34 -26.44 12.43
CA THR E 205 -13.43 -26.84 11.52
C THR E 205 -14.71 -26.76 12.31
N VAL E 206 -15.73 -26.11 11.77
CA VAL E 206 -17.02 -25.97 12.45
C VAL E 206 -18.13 -26.58 11.58
N ASP E 207 -18.69 -27.69 12.00
CA ASP E 207 -19.81 -28.25 11.27
C ASP E 207 -21.14 -28.14 12.07
N TYR E 208 -22.26 -28.11 11.36
CA TYR E 208 -23.56 -27.87 11.99
C TYR E 208 -24.57 -29.00 11.83
N TYR E 209 -24.36 -30.09 12.55
CA TYR E 209 -25.35 -31.17 12.64
C TYR E 209 -26.63 -30.61 13.26
N PRO E 210 -27.80 -31.07 12.79
CA PRO E 210 -29.05 -30.33 13.09
C PRO E 210 -29.48 -30.49 14.53
N THR E 211 -30.31 -29.56 15.03
CA THR E 211 -30.78 -29.50 16.44
C THR E 211 -31.67 -30.69 16.85
N ASN E 212 -32.46 -31.16 15.90
CA ASN E 212 -33.14 -32.41 16.01
C ASN E 212 -32.19 -33.60 16.07
N GLU E 213 -31.08 -33.57 15.32
CA GLU E 213 -30.07 -34.63 15.34
C GLU E 213 -29.52 -34.89 16.74
N LEU E 214 -29.52 -33.84 17.56
CA LEU E 214 -29.17 -33.95 18.96
C LEU E 214 -30.31 -34.64 19.67
N VAL E 215 -31.48 -33.99 19.62
CA VAL E 215 -32.72 -34.47 20.21
C VAL E 215 -32.79 -35.99 20.23
N ALA E 216 -32.57 -36.60 19.06
CA ALA E 216 -32.42 -38.06 18.91
C ALA E 216 -31.54 -38.70 19.99
N VAL E 217 -30.35 -38.16 20.18
CA VAL E 217 -29.38 -38.77 21.10
C VAL E 217 -29.77 -38.59 22.58
N VAL E 218 -30.21 -37.38 22.92
CA VAL E 218 -30.59 -37.02 24.29
C VAL E 218 -31.66 -37.96 24.86
N ASN E 219 -32.52 -38.43 23.96
CA ASN E 219 -33.57 -39.42 24.25
C ASN E 219 -33.13 -40.86 23.99
N GLY E 220 -31.83 -41.06 23.82
CA GLY E 220 -31.28 -42.38 23.65
C GLY E 220 -30.40 -42.72 24.83
N ILE E 221 -30.67 -42.07 25.95
CA ILE E 221 -29.94 -42.35 27.19
C ILE E 221 -30.67 -43.44 27.94
N ALA E 222 -29.92 -44.44 28.41
CA ALA E 222 -30.47 -45.51 29.23
C ALA E 222 -31.10 -44.89 30.46
N GLU E 223 -32.36 -45.21 30.73
CA GLU E 223 -33.04 -44.66 31.89
C GLU E 223 -32.35 -45.10 33.17
N ASP E 224 -31.53 -46.15 33.05
CA ASP E 224 -30.68 -46.62 34.13
C ASP E 224 -29.44 -45.73 34.27
N GLU E 225 -29.03 -45.11 33.16
CA GLU E 225 -28.02 -44.05 33.18
C GLU E 225 -28.72 -42.73 33.54
N ILE E 226 -30.04 -42.80 33.63
CA ILE E 226 -30.87 -41.74 34.20
C ILE E 226 -31.17 -42.03 35.68
N ASP E 227 -30.31 -42.83 36.29
CA ASP E 227 -30.30 -43.08 37.73
C ASP E 227 -28.88 -43.39 38.21
N ALA E 228 -28.13 -44.13 37.39
CA ALA E 228 -26.77 -44.56 37.73
C ALA E 228 -25.72 -43.48 37.46
N ALA E 229 -26.04 -42.55 36.58
CA ALA E 229 -25.20 -41.38 36.38
C ALA E 229 -25.65 -40.27 37.34
N TYR E 230 -26.83 -40.45 37.91
CA TYR E 230 -27.41 -39.48 38.82
C TYR E 230 -26.60 -39.42 40.10
N LYS E 231 -26.40 -40.57 40.73
CA LYS E 231 -25.76 -40.64 42.04
C LYS E 231 -24.28 -40.29 42.02
N ASP E 232 -23.66 -40.30 40.85
CA ASP E 232 -22.28 -39.86 40.73
C ASP E 232 -22.23 -38.34 40.67
N LEU E 233 -23.37 -37.74 40.34
CA LEU E 233 -23.51 -36.28 40.37
C LEU E 233 -23.77 -35.80 41.79
N GLU E 234 -24.86 -36.31 42.38
CA GLU E 234 -25.24 -35.93 43.73
C GLU E 234 -24.43 -36.68 44.80
N ALA E 235 -23.12 -36.74 44.56
CA ALA E 235 -22.13 -37.18 45.53
C ALA E 235 -20.98 -36.17 45.40
N ASN E 236 -21.30 -35.04 44.79
CA ASN E 236 -20.37 -33.94 44.60
C ASN E 236 -21.07 -32.57 44.66
N TYR E 237 -22.40 -32.58 44.73
CA TYR E 237 -23.19 -31.33 44.73
C TYR E 237 -24.35 -31.29 45.73
N ASP E 238 -24.57 -30.12 46.32
CA ASP E 238 -25.65 -29.91 47.26
C ASP E 238 -26.75 -29.03 46.64
N LEU E 239 -27.99 -29.52 46.60
CA LEU E 239 -29.05 -28.85 45.85
C LEU E 239 -29.76 -27.69 46.56
N VAL E 240 -31.02 -27.49 46.19
CA VAL E 240 -31.85 -26.42 46.76
C VAL E 240 -33.34 -26.76 46.71
N GLU E 241 -34.12 -25.98 47.44
CA GLU E 241 -35.57 -26.17 47.56
C GLU E 241 -36.27 -26.16 46.21
N GLY E 242 -36.31 -27.30 45.55
CA GLY E 242 -36.97 -27.42 44.27
C GLY E 242 -36.47 -28.63 43.51
N ASP E 243 -35.15 -28.73 43.39
CA ASP E 243 -34.54 -29.86 42.72
C ASP E 243 -34.17 -30.95 43.72
N ASN E 244 -34.99 -31.10 44.76
CA ASN E 244 -34.72 -32.04 45.85
C ASN E 244 -34.89 -33.52 45.46
N ASP E 245 -34.74 -34.41 46.44
CA ASP E 245 -34.76 -35.85 46.22
C ASP E 245 -36.10 -36.34 45.67
N HIS E 246 -37.18 -35.77 46.18
CA HIS E 246 -38.51 -36.07 45.69
C HIS E 246 -39.36 -34.81 45.72
N GLU E 247 -38.72 -33.66 45.50
CA GLU E 247 -39.46 -32.42 45.35
C GLU E 247 -40.19 -32.48 44.02
N LYS E 248 -41.16 -31.60 43.84
CA LYS E 248 -42.01 -31.63 42.65
C LYS E 248 -41.20 -31.46 41.36
N TYR E 249 -40.09 -30.73 41.44
CA TYR E 249 -39.27 -30.44 40.27
C TYR E 249 -38.15 -31.47 40.06
N VAL E 250 -38.40 -32.71 40.46
CA VAL E 250 -37.38 -33.75 40.37
C VAL E 250 -37.13 -34.19 38.94
N HIS E 251 -38.22 -34.50 38.22
CA HIS E 251 -38.13 -35.14 36.91
C HIS E 251 -37.40 -34.29 35.84
N ASN E 252 -37.68 -32.99 35.80
CA ASN E 252 -37.01 -32.11 34.84
C ASN E 252 -35.54 -31.88 35.19
N VAL E 253 -35.18 -31.97 36.46
CA VAL E 253 -33.77 -31.91 36.86
C VAL E 253 -33.07 -33.24 36.53
N ARG E 254 -33.88 -34.26 36.27
CA ARG E 254 -33.36 -35.57 35.86
C ARG E 254 -33.20 -35.69 34.34
N TYR E 255 -34.10 -35.04 33.59
CA TYR E 255 -33.98 -34.90 32.14
C TYR E 255 -33.22 -33.60 31.82
N GLN E 256 -32.39 -33.17 32.76
CA GLN E 256 -31.53 -32.00 32.62
C GLN E 256 -30.08 -32.45 32.53
N LEU E 257 -29.90 -33.73 32.78
CA LEU E 257 -28.61 -34.37 32.65
C LEU E 257 -28.80 -35.61 31.82
N ARG E 258 -29.97 -35.75 31.20
CA ARG E 258 -30.13 -36.73 30.14
C ARG E 258 -29.61 -36.03 28.89
N GLU E 259 -29.29 -34.75 29.10
CA GLU E 259 -28.67 -33.86 28.11
C GLU E 259 -27.13 -33.92 28.14
N TYR E 260 -26.53 -33.72 29.31
CA TYR E 260 -25.07 -33.76 29.44
C TYR E 260 -24.50 -35.03 28.86
N LEU E 261 -25.20 -36.14 29.15
CA LEU E 261 -24.79 -37.50 28.79
C LEU E 261 -24.90 -37.85 27.31
N GLY E 262 -25.94 -37.36 26.66
CA GLY E 262 -26.14 -37.60 25.24
C GLY E 262 -25.49 -36.53 24.39
N ILE E 263 -25.01 -35.50 25.05
CA ILE E 263 -24.18 -34.55 24.34
C ILE E 263 -22.79 -35.18 24.24
N LYS E 264 -22.22 -35.56 25.39
CA LYS E 264 -20.92 -36.24 25.44
C LYS E 264 -20.87 -37.39 24.46
N LYS E 265 -21.94 -38.17 24.36
CA LYS E 265 -22.02 -39.21 23.35
C LYS E 265 -21.78 -38.53 22.02
N PHE E 266 -22.69 -37.63 21.65
CA PHE E 266 -22.59 -36.89 20.39
C PHE E 266 -21.20 -36.24 20.26
N LEU E 267 -20.88 -35.36 21.21
CA LEU E 267 -19.58 -34.68 21.27
C LEU E 267 -18.40 -35.62 21.04
N ASP E 268 -18.31 -36.69 21.81
CA ASP E 268 -17.27 -37.67 21.56
C ASP E 268 -17.52 -38.55 20.33
N ASP E 269 -18.75 -38.58 19.80
CA ASP E 269 -19.02 -39.36 18.59
C ASP E 269 -18.50 -38.70 17.31
N ASN E 270 -19.07 -37.55 16.94
CA ASN E 270 -18.57 -36.79 15.79
C ASN E 270 -17.26 -36.08 16.11
N GLY E 271 -16.83 -36.23 17.36
CA GLY E 271 -15.50 -35.82 17.81
C GLY E 271 -15.33 -34.32 17.97
N TYR E 272 -16.30 -33.72 18.66
CA TYR E 272 -16.50 -32.28 18.61
C TYR E 272 -16.28 -31.53 19.93
N ASP E 273 -15.11 -31.74 20.53
CA ASP E 273 -14.65 -31.00 21.72
C ASP E 273 -15.21 -29.59 21.99
N ALA E 274 -15.57 -28.89 20.93
CA ALA E 274 -16.22 -27.60 21.04
C ALA E 274 -17.66 -27.72 20.54
N PHE E 275 -18.61 -27.19 21.29
CA PHE E 275 -19.98 -27.23 20.78
C PHE E 275 -20.71 -25.90 21.02
N THR E 276 -21.76 -25.68 20.22
CA THR E 276 -22.60 -24.50 20.37
C THR E 276 -24.06 -24.85 20.59
N ASP E 277 -24.76 -24.01 21.35
CA ASP E 277 -26.22 -24.11 21.46
C ASP E 277 -26.87 -22.81 20.96
N ASN E 278 -28.19 -22.81 20.86
CA ASN E 278 -28.95 -21.59 20.55
C ASN E 278 -30.36 -21.66 21.12
N PHE E 279 -30.75 -20.69 21.93
CA PHE E 279 -32.08 -20.74 22.49
C PHE E 279 -33.21 -20.47 21.46
N GLN E 280 -32.96 -19.63 20.45
CA GLN E 280 -33.93 -19.38 19.39
C GLN E 280 -34.17 -20.65 18.56
N ASP E 281 -33.55 -21.75 18.98
CA ASP E 281 -33.59 -23.04 18.26
C ASP E 281 -33.46 -24.16 19.28
N LEU E 282 -34.57 -24.52 19.93
CA LEU E 282 -34.65 -25.71 20.81
C LEU E 282 -35.93 -26.47 20.48
N GLU E 283 -36.46 -26.22 19.28
CA GLU E 283 -37.79 -26.69 18.90
C GLU E 283 -37.91 -28.20 18.69
N GLY E 284 -37.70 -28.98 19.74
CA GLY E 284 -37.81 -30.42 19.61
C GLY E 284 -37.46 -31.16 20.87
N LEU E 285 -36.73 -30.49 21.74
CA LEU E 285 -36.35 -31.07 23.02
C LEU E 285 -36.94 -30.22 24.12
N GLU E 286 -36.82 -30.69 25.36
CA GLU E 286 -37.46 -30.00 26.48
C GLU E 286 -36.67 -28.79 26.94
N GLN E 287 -36.25 -28.81 28.21
CA GLN E 287 -35.60 -27.67 28.86
C GLN E 287 -34.20 -27.31 28.32
N LEU E 288 -33.72 -26.15 28.76
CA LEU E 288 -32.50 -25.55 28.25
C LEU E 288 -31.28 -25.97 29.06
N PRO E 289 -30.28 -26.58 28.39
CA PRO E 289 -28.98 -26.99 28.95
C PRO E 289 -28.23 -25.88 29.66
N GLY E 290 -27.67 -26.18 30.82
CA GLY E 290 -26.87 -25.22 31.55
C GLY E 290 -25.79 -25.93 32.34
N LEU E 291 -26.22 -26.52 33.45
CA LEU E 291 -25.33 -27.35 34.24
C LEU E 291 -24.66 -28.34 33.30
N ALA E 292 -25.45 -28.93 32.39
CA ALA E 292 -24.95 -29.98 31.51
C ALA E 292 -23.80 -29.45 30.67
N VAL E 293 -23.86 -28.18 30.30
CA VAL E 293 -22.71 -27.52 29.68
C VAL E 293 -21.59 -27.46 30.73
N GLN E 294 -21.95 -27.05 31.94
CA GLN E 294 -20.99 -26.93 33.03
C GLN E 294 -20.42 -28.30 33.39
N LEU E 295 -21.22 -29.34 33.17
CA LEU E 295 -20.75 -30.72 33.37
C LEU E 295 -20.10 -31.27 32.10
N LEU E 296 -19.82 -30.35 31.17
CA LEU E 296 -18.89 -30.56 30.06
C LEU E 296 -17.76 -29.51 30.21
N MET E 297 -18.09 -28.36 30.80
CA MET E 297 -17.15 -27.24 30.85
C MET E 297 -15.92 -27.47 31.73
N ILE E 298 -16.14 -27.74 33.01
CA ILE E 298 -15.07 -28.05 33.95
C ILE E 298 -14.37 -29.36 33.59
N ASP E 299 -15.08 -30.23 32.87
CA ASP E 299 -14.44 -31.37 32.22
C ASP E 299 -13.36 -30.92 31.18
N GLY E 300 -13.70 -30.85 29.90
CA GLY E 300 -12.75 -30.43 28.88
C GLY E 300 -13.32 -30.11 27.49
N TYR E 301 -14.18 -29.09 27.41
CA TYR E 301 -15.03 -28.91 26.25
C TYR E 301 -15.21 -27.43 25.90
N GLY E 302 -15.08 -27.10 24.61
CA GLY E 302 -15.36 -25.74 24.16
C GLY E 302 -16.84 -25.49 24.00
N PHE E 303 -17.34 -24.44 24.65
CA PHE E 303 -18.73 -24.02 24.44
C PHE E 303 -18.93 -22.56 24.03
N GLY E 304 -19.44 -22.39 22.82
CA GLY E 304 -19.88 -21.10 22.36
C GLY E 304 -21.36 -20.92 22.60
N PRO E 305 -21.70 -19.97 23.50
CA PRO E 305 -22.94 -19.51 24.13
C PRO E 305 -24.08 -19.31 23.13
N GLU E 306 -24.65 -18.12 23.04
CA GLU E 306 -25.79 -17.92 22.15
C GLU E 306 -25.46 -18.16 20.68
N GLY E 307 -24.83 -19.30 20.42
CA GLY E 307 -24.48 -19.76 19.08
C GLY E 307 -23.04 -19.50 18.66
N ASP E 308 -22.32 -18.76 19.51
CA ASP E 308 -21.06 -18.04 19.19
C ASP E 308 -19.81 -18.92 19.01
N PHE E 309 -19.68 -19.58 17.85
CA PHE E 309 -18.56 -20.49 17.60
C PHE E 309 -17.13 -19.95 17.85
N LYS E 310 -16.92 -18.65 17.77
CA LYS E 310 -15.59 -18.12 18.07
C LYS E 310 -15.25 -18.29 19.53
N MET E 311 -15.95 -17.56 20.39
CA MET E 311 -15.80 -17.65 21.86
C MET E 311 -15.95 -19.09 22.38
N ALA E 312 -16.56 -19.96 21.56
CA ALA E 312 -16.50 -21.38 21.82
C ALA E 312 -15.04 -21.69 21.95
N GLY E 313 -14.34 -21.51 20.83
CA GLY E 313 -12.92 -21.82 20.70
C GLY E 313 -11.99 -21.08 21.65
N LEU E 314 -12.17 -19.78 21.78
CA LEU E 314 -11.29 -19.04 22.68
C LEU E 314 -11.59 -19.43 24.13
N THR E 315 -12.70 -20.13 24.36
CA THR E 315 -12.94 -20.74 25.66
C THR E 315 -12.25 -22.09 25.67
N ARG E 316 -12.01 -22.66 24.49
CA ARG E 316 -11.48 -24.01 24.34
C ARG E 316 -9.98 -24.00 23.99
N LEU E 317 -9.54 -22.89 23.39
CA LEU E 317 -8.12 -22.68 23.06
C LEU E 317 -7.36 -22.35 24.33
N LEU E 318 -7.83 -21.31 25.01
CA LEU E 318 -7.15 -20.80 26.18
C LEU E 318 -7.22 -21.76 27.36
N LYS E 319 -8.18 -22.70 27.34
CA LYS E 319 -8.13 -23.80 28.28
C LYS E 319 -7.04 -24.75 27.81
N ILE E 320 -7.13 -25.22 26.58
CA ILE E 320 -6.17 -26.15 25.96
C ILE E 320 -4.69 -25.91 26.29
N ALA E 321 -4.36 -24.71 26.74
CA ALA E 321 -2.98 -24.42 27.14
C ALA E 321 -2.81 -24.50 28.66
N ALA E 322 -3.94 -24.55 29.36
CA ALA E 322 -3.94 -24.71 30.80
C ALA E 322 -4.05 -26.19 31.18
N ASP E 323 -2.92 -26.86 31.26
CA ASP E 323 -2.84 -28.24 31.74
C ASP E 323 -2.76 -28.27 33.25
N ASN E 324 -2.66 -27.08 33.87
CA ASN E 324 -2.53 -26.95 35.32
C ASN E 324 -2.82 -25.55 35.86
N LYS E 325 -4.03 -25.04 35.60
CA LYS E 325 -4.41 -23.69 36.01
C LYS E 325 -5.92 -23.55 36.27
N GLN E 326 -6.50 -22.43 35.84
CA GLN E 326 -7.94 -22.17 35.94
C GLN E 326 -8.53 -22.12 34.55
N THR E 327 -9.21 -20.99 34.24
CA THR E 327 -9.65 -20.56 32.89
C THR E 327 -11.12 -20.82 32.54
N ALA E 328 -11.82 -19.78 32.08
CA ALA E 328 -13.29 -19.80 31.93
C ALA E 328 -13.90 -19.28 30.59
N LEU E 329 -15.02 -18.57 30.67
CA LEU E 329 -15.77 -18.02 29.52
C LEU E 329 -16.87 -17.09 30.04
N MET E 330 -16.83 -15.81 29.66
CA MET E 330 -17.61 -14.76 30.34
C MET E 330 -18.32 -13.68 29.49
N GLU E 331 -19.64 -13.80 29.29
CA GLU E 331 -20.43 -12.70 28.74
C GLU E 331 -20.75 -11.74 29.85
N ASP E 332 -20.01 -10.63 29.92
CA ASP E 332 -20.22 -9.59 30.93
C ASP E 332 -21.72 -9.37 31.05
N TYR E 333 -22.23 -9.25 32.27
CA TYR E 333 -23.69 -9.08 32.43
C TYR E 333 -24.18 -7.85 33.17
N THR E 334 -23.29 -6.96 33.60
CA THR E 334 -23.60 -5.62 34.15
C THR E 334 -22.42 -4.89 34.81
N LEU E 335 -22.39 -3.56 34.63
CA LEU E 335 -21.35 -2.75 35.24
C LEU E 335 -21.86 -2.02 36.47
N ASP E 336 -20.94 -1.70 37.38
CA ASP E 336 -21.27 -1.08 38.65
C ASP E 336 -20.48 0.22 38.81
N LEU E 337 -21.12 1.36 38.55
CA LEU E 337 -20.43 2.65 38.57
C LEU E 337 -20.38 3.31 39.95
N ARG E 338 -19.18 3.71 40.38
CA ARG E 338 -18.98 4.23 41.73
C ARG E 338 -17.70 5.03 41.81
N HIS E 339 -17.81 6.35 41.69
CA HIS E 339 -16.66 7.27 41.50
C HIS E 339 -15.41 7.02 42.34
N GLY E 340 -14.94 5.78 42.38
CA GLY E 340 -13.77 5.41 43.17
C GLY E 340 -13.76 3.94 43.58
N HIS E 341 -14.68 3.16 43.00
CA HIS E 341 -14.78 1.74 43.27
C HIS E 341 -15.59 1.07 42.17
N GLU E 342 -15.22 1.36 40.93
CA GLU E 342 -15.93 0.86 39.75
C GLU E 342 -15.60 -0.60 39.47
N ALA E 343 -16.50 -1.28 38.76
CA ALA E 343 -16.36 -2.72 38.52
C ALA E 343 -17.27 -3.23 37.41
N ILE E 344 -16.99 -4.46 36.99
CA ILE E 344 -17.75 -5.14 35.96
C ILE E 344 -18.07 -6.49 36.57
N MET E 345 -19.15 -7.12 36.13
CA MET E 345 -19.53 -8.43 36.64
C MET E 345 -20.25 -9.13 35.52
N GLY E 346 -19.94 -10.41 35.30
CA GLY E 346 -20.51 -11.12 34.19
C GLY E 346 -20.91 -12.55 34.46
N SER E 347 -22.06 -12.94 33.94
CA SER E 347 -22.54 -14.32 34.02
C SER E 347 -23.09 -14.73 32.68
N HIS E 348 -24.10 -15.59 32.71
CA HIS E 348 -24.81 -15.95 31.50
C HIS E 348 -26.20 -16.45 31.85
N MET E 349 -26.88 -17.06 30.88
CA MET E 349 -28.15 -17.71 31.16
C MET E 349 -27.92 -18.68 32.31
N LEU E 350 -27.09 -19.69 32.07
CA LEU E 350 -26.86 -20.75 33.04
C LEU E 350 -25.38 -21.15 33.09
N GLU E 351 -24.69 -21.03 31.96
CA GLU E 351 -23.32 -21.52 31.83
C GLU E 351 -22.26 -20.54 32.33
N VAL E 352 -21.66 -20.88 33.46
CA VAL E 352 -20.45 -20.24 33.94
C VAL E 352 -19.50 -21.37 34.24
N ASP E 353 -18.34 -21.41 33.57
CA ASP E 353 -17.43 -22.54 33.67
C ASP E 353 -17.05 -22.83 35.13
N PRO E 354 -17.53 -23.96 35.67
CA PRO E 354 -17.33 -24.36 37.08
C PRO E 354 -15.90 -24.76 37.39
N THR E 355 -14.97 -24.16 36.65
CA THR E 355 -13.54 -24.42 36.78
C THR E 355 -12.88 -23.28 37.54
N LEU E 356 -13.73 -22.38 38.02
CA LEU E 356 -13.28 -21.26 38.84
C LEU E 356 -14.03 -21.34 40.16
N ALA E 357 -14.72 -22.46 40.37
CA ALA E 357 -15.55 -22.68 41.54
C ALA E 357 -14.82 -22.85 42.87
N SER E 358 -15.58 -22.75 43.95
CA SER E 358 -15.13 -23.03 45.31
C SER E 358 -16.32 -23.61 46.09
N ASP E 359 -17.50 -23.48 45.51
CA ASP E 359 -18.66 -24.27 45.92
C ASP E 359 -19.48 -24.61 44.66
N LYS E 360 -20.69 -25.14 44.82
CA LYS E 360 -21.62 -25.37 43.70
C LYS E 360 -23.06 -25.79 44.08
N PRO E 361 -23.78 -24.94 44.84
CA PRO E 361 -25.12 -25.32 45.33
C PRO E 361 -26.22 -25.39 44.26
N ARG E 362 -26.40 -26.55 43.64
CA ARG E 362 -27.38 -26.78 42.54
C ARG E 362 -28.72 -26.05 42.68
N VAL E 363 -28.67 -24.73 42.78
CA VAL E 363 -29.88 -23.92 42.90
C VAL E 363 -30.81 -24.17 41.71
N GLU E 364 -32.07 -23.82 41.87
CA GLU E 364 -33.03 -23.92 40.78
C GLU E 364 -33.73 -22.57 40.64
N VAL E 365 -34.97 -22.47 41.10
CA VAL E 365 -35.80 -21.27 40.87
C VAL E 365 -35.73 -21.00 39.38
N HIS E 366 -36.05 -22.03 38.61
CA HIS E 366 -35.60 -22.13 37.24
C HIS E 366 -36.53 -21.50 36.20
N PRO E 367 -36.91 -20.23 36.40
CA PRO E 367 -37.68 -19.49 35.38
C PRO E 367 -36.99 -19.56 34.01
N LEU E 368 -37.79 -19.61 32.93
CA LEU E 368 -37.25 -19.54 31.58
C LEU E 368 -38.31 -19.31 30.50
N GLY E 369 -38.59 -18.04 30.23
CA GLY E 369 -39.44 -17.65 29.11
C GLY E 369 -38.54 -17.34 27.92
N ILE E 370 -37.27 -17.75 28.08
CA ILE E 370 -36.20 -17.61 27.08
C ILE E 370 -35.98 -18.94 26.38
N GLY E 371 -36.48 -19.07 25.16
CA GLY E 371 -36.41 -20.32 24.45
C GLY E 371 -37.74 -21.06 24.51
N GLY E 372 -38.60 -20.61 25.41
CA GLY E 372 -39.95 -21.14 25.53
C GLY E 372 -40.00 -22.56 26.08
N LYS E 373 -38.97 -22.92 26.84
CA LYS E 373 -38.87 -24.28 27.35
C LYS E 373 -38.72 -24.34 28.87
N ASP E 374 -38.99 -25.54 29.41
CA ASP E 374 -39.21 -25.79 30.84
C ASP E 374 -38.14 -25.28 31.78
N ASP E 375 -38.52 -25.15 33.04
CA ASP E 375 -37.60 -24.83 34.12
C ASP E 375 -36.40 -25.76 34.13
N PRO E 376 -35.20 -25.23 33.82
CA PRO E 376 -34.02 -26.08 33.79
C PRO E 376 -33.16 -25.95 35.04
N ALA E 377 -32.62 -27.07 35.50
CA ALA E 377 -31.67 -27.03 36.61
C ALA E 377 -30.30 -26.54 36.14
N ARG E 378 -29.50 -26.09 37.09
CA ARG E 378 -28.21 -25.48 36.81
C ARG E 378 -27.43 -25.45 38.10
N LEU E 379 -26.27 -24.81 38.10
CA LEU E 379 -25.55 -24.59 39.35
C LEU E 379 -25.75 -23.14 39.82
N VAL E 380 -24.90 -22.71 40.75
CA VAL E 380 -24.89 -21.34 41.26
C VAL E 380 -23.79 -21.25 42.31
N PHE E 381 -22.58 -20.95 41.87
CA PHE E 381 -21.41 -21.02 42.74
C PHE E 381 -20.62 -19.73 42.83
N THR E 382 -19.34 -19.85 43.19
CA THR E 382 -18.47 -18.70 43.36
C THR E 382 -17.29 -18.74 42.39
N GLY E 383 -16.51 -17.67 42.36
CA GLY E 383 -15.34 -17.58 41.51
C GLY E 383 -14.04 -17.37 42.27
N ALA E 384 -12.93 -17.37 41.53
CA ALA E 384 -11.60 -17.21 42.12
C ALA E 384 -11.18 -15.73 42.29
N GLU E 385 -10.80 -15.35 43.50
CA GLU E 385 -10.40 -13.96 43.74
C GLU E 385 -8.92 -13.80 43.39
N GLY E 386 -8.47 -12.56 43.18
CA GLY E 386 -7.06 -12.31 42.93
C GLY E 386 -6.70 -11.63 41.61
N LYS E 387 -6.45 -12.43 40.57
CA LYS E 387 -6.11 -11.92 39.23
C LYS E 387 -6.73 -12.72 38.06
N GLY E 388 -6.05 -12.69 36.92
CA GLY E 388 -6.55 -13.31 35.70
C GLY E 388 -6.48 -12.40 34.47
N TYR E 389 -7.04 -12.87 33.35
CA TYR E 389 -7.07 -12.09 32.11
C TYR E 389 -8.41 -12.23 31.40
N ASP E 390 -8.69 -11.32 30.47
CA ASP E 390 -9.95 -11.32 29.70
C ASP E 390 -9.61 -11.05 28.24
N ILE E 391 -10.26 -11.73 27.30
CA ILE E 391 -9.97 -11.54 25.88
C ILE E 391 -11.08 -12.05 24.95
N THR E 392 -11.44 -11.27 23.92
CA THR E 392 -12.47 -11.70 22.95
C THR E 392 -12.00 -12.06 21.51
N LEU E 393 -12.88 -11.88 20.54
CA LEU E 393 -12.56 -12.13 19.12
C LEU E 393 -13.64 -11.54 18.17
N SER E 394 -13.21 -10.92 17.07
CA SER E 394 -14.17 -10.28 16.17
C SER E 394 -13.76 -10.00 14.72
N TYR E 395 -14.34 -10.73 13.77
CA TYR E 395 -14.13 -10.46 12.35
C TYR E 395 -14.35 -8.99 12.10
N PHE E 396 -13.24 -8.32 11.82
CA PHE E 396 -13.25 -6.88 11.60
C PHE E 396 -13.11 -6.50 10.12
N ASP E 397 -13.32 -7.45 9.20
CA ASP E 397 -13.52 -7.19 7.73
C ASP E 397 -12.27 -7.34 6.88
N ASP E 398 -11.12 -7.08 7.48
CA ASP E 398 -9.84 -7.32 6.86
C ASP E 398 -9.29 -8.61 7.41
N GLY E 399 -10.09 -9.21 8.29
CA GLY E 399 -9.70 -10.40 9.03
C GLY E 399 -9.87 -10.25 10.53
N TYR E 400 -9.49 -11.27 11.28
CA TYR E 400 -9.85 -11.32 12.68
C TYR E 400 -8.87 -10.47 13.45
N LYS E 401 -9.24 -10.07 14.67
CA LYS E 401 -8.26 -9.59 15.62
C LYS E 401 -8.56 -10.00 17.06
N PHE E 402 -7.61 -9.70 17.95
CA PHE E 402 -7.60 -10.19 19.32
C PHE E 402 -7.41 -9.02 20.28
N ILE E 403 -8.45 -8.70 21.06
CA ILE E 403 -8.31 -7.77 22.20
C ILE E 403 -8.31 -8.53 23.53
N GLY E 404 -7.46 -8.11 24.46
CA GLY E 404 -7.05 -8.98 25.55
C GLY E 404 -6.83 -8.41 26.94
N TYR E 405 -7.94 -8.03 27.57
CA TYR E 405 -7.96 -7.32 28.84
C TYR E 405 -7.14 -7.97 29.94
N PRO E 406 -6.48 -7.12 30.75
CA PRO E 406 -5.74 -7.35 32.00
C PRO E 406 -6.44 -6.72 33.20
N VAL E 407 -7.08 -7.52 34.05
CA VAL E 407 -7.77 -6.97 35.23
C VAL E 407 -8.03 -7.99 36.36
N ASP E 408 -8.71 -7.53 37.42
CA ASP E 408 -8.91 -8.33 38.62
C ASP E 408 -10.38 -8.56 38.96
N CYS E 409 -10.66 -9.77 39.45
CA CYS E 409 -11.98 -10.17 39.97
C CYS E 409 -11.85 -10.83 41.35
N LYS E 410 -12.90 -10.73 42.16
CA LYS E 410 -12.89 -11.32 43.50
C LYS E 410 -14.24 -11.94 43.93
N THR E 411 -14.77 -11.50 45.08
CA THR E 411 -16.05 -12.00 45.60
C THR E 411 -17.10 -10.89 45.78
N PRO E 412 -18.39 -11.26 45.68
CA PRO E 412 -19.56 -10.36 45.72
C PRO E 412 -19.75 -9.60 47.03
N GLU E 413 -20.71 -8.67 47.05
CA GLU E 413 -21.02 -7.89 48.24
C GLU E 413 -22.02 -8.62 49.12
N ALA E 414 -23.28 -8.25 48.98
CA ALA E 414 -24.37 -8.89 49.72
C ALA E 414 -24.65 -10.26 49.15
N GLU E 415 -25.56 -10.97 49.79
CA GLU E 415 -25.94 -12.30 49.33
C GLU E 415 -26.68 -12.22 48.00
N MET E 416 -26.50 -13.25 47.17
CA MET E 416 -27.12 -13.30 45.85
C MET E 416 -27.96 -14.55 45.57
N PRO E 417 -29.02 -14.79 46.37
CA PRO E 417 -29.92 -15.88 46.02
C PRO E 417 -30.99 -15.38 45.04
N LYS E 418 -30.96 -14.07 44.78
CA LYS E 418 -31.84 -13.44 43.82
C LYS E 418 -31.33 -13.60 42.38
N LEU E 419 -30.17 -14.24 42.25
CA LEU E 419 -29.64 -14.67 40.95
C LEU E 419 -29.30 -16.15 40.96
N PRO E 420 -30.17 -16.98 40.36
CA PRO E 420 -30.05 -18.45 40.40
C PRO E 420 -28.96 -18.96 39.45
N VAL E 421 -28.02 -18.07 39.16
CA VAL E 421 -26.87 -18.30 38.29
C VAL E 421 -25.62 -17.79 39.00
N ALA E 422 -24.45 -18.12 38.46
CA ALA E 422 -23.18 -17.73 39.05
C ALA E 422 -22.82 -16.28 38.78
N LYS E 423 -21.73 -15.84 39.41
CA LYS E 423 -21.28 -14.45 39.32
C LYS E 423 -19.76 -14.34 39.53
N GLN E 424 -19.18 -13.20 39.13
CA GLN E 424 -17.74 -12.92 39.28
C GLN E 424 -17.41 -11.48 38.91
N MET E 425 -17.58 -10.57 39.86
CA MET E 425 -17.47 -9.11 39.60
C MET E 425 -16.03 -8.57 39.49
N TRP E 426 -15.61 -8.20 38.26
CA TRP E 426 -14.23 -7.68 38.04
C TRP E 426 -14.09 -6.18 37.73
N THR E 427 -12.86 -5.68 37.73
CA THR E 427 -12.60 -4.27 37.45
C THR E 427 -11.74 -4.07 36.20
N PRO E 428 -10.88 -3.03 36.22
CA PRO E 428 -9.95 -2.74 35.11
C PRO E 428 -8.60 -2.17 35.58
N GLU E 429 -7.56 -2.43 34.81
CA GLU E 429 -6.19 -2.11 35.17
C GLU E 429 -5.83 -0.63 35.00
N ILE E 430 -6.35 0.01 33.94
CA ILE E 430 -6.09 1.44 33.74
C ILE E 430 -7.37 2.30 33.79
N GLY E 431 -8.21 2.05 34.79
CA GLY E 431 -9.44 2.79 34.96
C GLY E 431 -10.53 2.17 34.11
N LEU E 432 -11.70 1.97 34.69
CA LEU E 432 -12.77 1.26 34.00
C LEU E 432 -13.24 1.99 32.74
N ALA E 433 -13.25 3.31 32.77
CA ALA E 433 -13.58 4.07 31.57
C ALA E 433 -12.65 3.70 30.43
N GLU E 434 -11.37 4.09 30.56
CA GLU E 434 -10.33 3.80 29.57
C GLU E 434 -10.31 2.34 29.11
N GLY E 435 -10.31 1.43 30.08
CA GLY E 435 -10.39 0.01 29.79
C GLY E 435 -11.63 -0.34 28.98
N ALA E 436 -12.68 0.46 29.10
CA ALA E 436 -13.87 0.20 28.30
C ALA E 436 -13.83 1.04 27.04
N LYS E 437 -13.26 2.23 27.13
CA LYS E 437 -13.24 3.12 25.98
C LYS E 437 -12.41 2.57 24.81
N GLN E 438 -11.25 2.01 25.11
CA GLN E 438 -10.38 1.48 24.06
C GLN E 438 -10.82 0.10 23.55
N TRP E 439 -11.67 -0.59 24.31
CA TRP E 439 -12.24 -1.86 23.89
C TRP E 439 -13.41 -1.55 23.00
N MET E 440 -14.10 -0.45 23.33
CA MET E 440 -15.30 0.01 22.63
C MET E 440 -15.00 0.28 21.16
N LYS E 441 -14.42 1.43 20.88
CA LYS E 441 -14.28 1.87 19.50
C LYS E 441 -13.19 1.11 18.70
N TYR E 442 -12.73 -0.02 19.20
CA TYR E 442 -11.75 -0.84 18.48
C TYR E 442 -12.22 -2.29 18.34
N GLY E 443 -13.53 -2.49 18.42
CA GLY E 443 -14.12 -3.79 18.13
C GLY E 443 -14.13 -4.77 19.27
N GLY E 444 -14.93 -5.83 19.13
CA GLY E 444 -15.03 -6.87 20.15
C GLY E 444 -16.11 -6.62 21.19
N GLY E 445 -16.65 -7.69 21.75
CA GLY E 445 -17.72 -7.59 22.72
C GLY E 445 -17.76 -8.54 23.91
N HIS E 446 -18.93 -8.56 24.53
CA HIS E 446 -19.23 -9.31 25.75
C HIS E 446 -18.60 -10.69 25.93
N HIS E 447 -19.00 -11.66 25.11
CA HIS E 447 -18.40 -13.00 25.14
C HIS E 447 -16.88 -12.98 25.19
N THR E 448 -16.29 -12.53 26.29
CA THR E 448 -14.84 -12.61 26.39
C THR E 448 -14.46 -14.05 26.67
N VAL E 449 -13.27 -14.24 27.22
CA VAL E 449 -12.89 -15.48 27.87
C VAL E 449 -11.91 -15.07 28.95
N LEU E 450 -12.30 -15.33 30.19
CA LEU E 450 -11.44 -15.00 31.31
C LEU E 450 -10.58 -16.20 31.63
N THR E 451 -9.28 -16.00 31.65
CA THR E 451 -8.37 -17.09 31.95
C THR E 451 -7.38 -16.76 33.05
N LEU E 452 -7.63 -17.31 34.24
CA LEU E 452 -6.72 -17.15 35.37
C LEU E 452 -5.59 -18.16 35.23
N ALA E 453 -4.68 -17.93 34.29
CA ALA E 453 -3.69 -18.94 33.90
C ALA E 453 -2.46 -18.35 33.18
N LEU E 454 -2.72 -17.53 32.17
CA LEU E 454 -1.70 -17.03 31.26
C LEU E 454 -1.69 -15.50 31.32
N SER E 455 -0.80 -14.85 30.57
CA SER E 455 -0.67 -13.39 30.64
C SER E 455 -0.20 -12.73 29.34
N GLU E 456 -0.15 -11.40 29.34
CA GLU E 456 0.13 -10.57 28.17
C GLU E 456 1.34 -11.05 27.38
N GLU E 457 2.37 -11.47 28.11
CA GLU E 457 3.56 -12.09 27.53
C GLU E 457 3.18 -13.43 26.92
N GLN E 458 2.37 -14.20 27.64
CA GLN E 458 2.01 -15.53 27.21
C GLN E 458 1.08 -15.47 26.02
N LEU E 459 0.30 -14.40 25.96
CA LEU E 459 -0.70 -14.27 24.91
C LEU E 459 -0.26 -13.39 23.73
N GLU E 460 1.00 -12.94 23.75
CA GLU E 460 1.59 -12.31 22.56
C GLU E 460 2.31 -13.37 21.72
N GLN E 461 2.08 -14.63 22.03
CA GLN E 461 2.72 -15.74 21.34
C GLN E 461 1.75 -16.50 20.45
N LEU E 462 0.54 -16.80 20.94
CA LEU E 462 -0.39 -17.59 20.16
C LEU E 462 -0.76 -16.83 18.92
N ALA E 463 -1.25 -15.61 19.11
CA ALA E 463 -1.58 -14.78 17.96
C ALA E 463 -0.34 -14.64 17.05
N ARG E 464 0.74 -14.08 17.58
CA ARG E 464 2.02 -13.95 16.85
C ARG E 464 2.39 -15.18 15.99
N LEU E 465 2.04 -16.37 16.46
CA LEU E 465 2.32 -17.58 15.70
C LEU E 465 1.10 -17.95 14.86
N PHE E 466 -0.08 -17.53 15.32
CA PHE E 466 -1.29 -17.73 14.53
C PHE E 466 -1.36 -16.62 13.48
N LYS E 467 -0.42 -15.68 13.58
CA LYS E 467 -0.31 -14.54 12.67
C LYS E 467 -1.65 -13.84 12.52
N VAL E 468 -2.27 -13.50 13.63
CA VAL E 468 -3.40 -12.59 13.64
C VAL E 468 -3.01 -11.43 14.53
N ASP E 469 -3.38 -10.21 14.12
CA ASP E 469 -3.04 -9.02 14.88
C ASP E 469 -3.60 -9.11 16.32
N PHE E 470 -3.07 -8.30 17.23
CA PHE E 470 -3.47 -8.39 18.63
C PHE E 470 -3.44 -7.04 19.34
N ILE E 471 -4.61 -6.44 19.48
CA ILE E 471 -4.77 -5.17 20.15
C ILE E 471 -4.74 -5.41 21.65
N ASN E 472 -3.59 -5.11 22.26
CA ASN E 472 -3.34 -5.40 23.67
C ASN E 472 -3.97 -4.37 24.61
N ILE E 473 -4.88 -4.82 25.47
CA ILE E 473 -5.60 -3.90 26.36
C ILE E 473 -5.38 -4.21 27.85
N LYS E 474 -4.71 -3.31 28.56
CA LYS E 474 -4.35 -3.55 29.95
C LYS E 474 -5.00 -2.54 30.91
N MET F 1 -27.96 36.10 19.63
CA MET F 1 -26.62 36.32 20.17
C MET F 1 -25.64 35.31 19.59
N ARG F 2 -25.97 34.03 19.69
CA ARG F 2 -25.13 32.96 19.17
C ARG F 2 -25.79 32.32 17.94
N LYS F 3 -25.71 31.00 17.85
CA LYS F 3 -26.37 30.25 16.80
C LYS F 3 -26.65 28.80 17.23
N MET F 4 -26.11 28.40 18.39
CA MET F 4 -26.40 27.09 18.97
C MET F 4 -27.89 26.90 19.29
N GLN F 5 -28.68 27.95 19.11
CA GLN F 5 -30.13 27.91 19.32
C GLN F 5 -30.83 27.22 18.15
N ASP F 6 -30.26 27.36 16.95
CA ASP F 6 -30.86 26.76 15.77
C ASP F 6 -30.86 25.24 15.86
N TYR F 7 -29.99 24.71 16.71
CA TYR F 7 -29.65 23.29 16.67
C TYR F 7 -30.30 22.48 17.83
N LYS F 8 -30.19 21.15 17.79
CA LYS F 8 -30.65 20.24 18.86
C LYS F 8 -29.79 18.97 18.97
N PHE F 9 -30.39 17.87 19.43
CA PHE F 9 -29.71 16.57 19.64
C PHE F 9 -30.68 15.44 20.01
N TRP F 10 -30.61 14.30 19.32
CA TRP F 10 -31.61 13.22 19.42
C TRP F 10 -31.11 11.95 20.12
N PHE F 11 -31.99 11.29 20.86
CA PHE F 11 -31.59 10.14 21.69
C PHE F 11 -32.24 8.82 21.23
N VAL F 12 -31.46 7.73 21.15
CA VAL F 12 -32.02 6.41 20.82
C VAL F 12 -31.61 5.33 21.85
N VAL F 13 -32.57 4.54 22.29
CA VAL F 13 -32.30 3.41 23.17
C VAL F 13 -32.49 2.08 22.41
N GLY F 14 -32.12 0.98 23.05
CA GLY F 14 -32.23 -0.32 22.42
C GLY F 14 -33.12 -1.31 23.16
N SER F 15 -33.54 -2.35 22.44
CA SER F 15 -34.36 -3.42 22.99
C SER F 15 -34.62 -4.46 21.92
N GLN F 16 -35.35 -5.51 22.31
CA GLN F 16 -35.74 -6.57 21.39
C GLN F 16 -37.20 -6.88 21.62
N PRO F 17 -37.97 -6.98 20.52
CA PRO F 17 -39.44 -7.16 20.54
C PRO F 17 -39.86 -8.46 21.21
N LEU F 18 -38.93 -9.39 21.41
CA LEU F 18 -39.25 -10.69 21.99
C LEU F 18 -39.56 -10.64 23.50
N TYR F 19 -39.19 -9.53 24.15
CA TYR F 19 -39.37 -9.41 25.60
C TYR F 19 -40.83 -9.50 26.02
N GLY F 20 -41.68 -8.85 25.24
CA GLY F 20 -43.07 -8.63 25.60
C GLY F 20 -43.28 -7.13 25.77
N PRO F 21 -44.41 -6.60 25.26
CA PRO F 21 -44.70 -5.16 25.25
C PRO F 21 -44.57 -4.42 26.59
N GLU F 22 -44.45 -5.13 27.72
CA GLU F 22 -44.16 -4.49 29.01
C GLU F 22 -42.67 -4.34 29.22
N ALA F 23 -41.95 -5.40 28.91
CA ALA F 23 -40.49 -5.35 28.92
C ALA F 23 -40.00 -4.71 27.62
N LEU F 24 -40.88 -3.94 26.98
CA LEU F 24 -40.57 -3.16 25.77
C LEU F 24 -40.83 -1.67 26.03
N ALA F 25 -41.38 -1.37 27.21
CA ALA F 25 -41.72 0.00 27.57
C ALA F 25 -41.05 0.43 28.86
N GLU F 26 -40.49 -0.53 29.58
CA GLU F 26 -39.66 -0.19 30.74
C GLU F 26 -38.44 0.59 30.25
N VAL F 27 -38.07 0.38 28.98
CA VAL F 27 -36.96 1.11 28.35
C VAL F 27 -37.28 2.56 28.03
N GLU F 28 -38.49 2.83 27.53
CA GLU F 28 -38.90 4.19 27.19
C GLU F 28 -39.22 4.95 28.45
N LYS F 29 -39.28 4.23 29.56
CA LYS F 29 -39.38 4.82 30.87
C LYS F 29 -38.07 5.51 31.14
N ASP F 30 -36.99 4.85 30.72
CA ASP F 30 -35.63 5.23 31.09
C ASP F 30 -35.00 6.27 30.13
N ALA F 31 -35.70 6.54 29.04
CA ALA F 31 -35.22 7.46 28.04
C ALA F 31 -35.88 8.83 28.17
N ARG F 32 -37.16 8.85 28.54
CA ARG F 32 -37.83 10.09 28.91
C ARG F 32 -37.47 10.44 30.35
N LYS F 33 -36.18 10.40 30.68
CA LYS F 33 -35.76 10.62 32.07
C LYS F 33 -34.28 10.96 32.15
N LEU F 34 -33.45 10.04 31.67
CA LEU F 34 -32.00 10.24 31.57
C LEU F 34 -31.70 11.51 30.78
N VAL F 35 -32.34 11.60 29.61
CA VAL F 35 -32.34 12.82 28.80
C VAL F 35 -32.97 13.98 29.57
N ASP F 36 -33.97 13.64 30.39
CA ASP F 36 -34.76 14.64 31.09
C ASP F 36 -34.03 15.15 32.33
N GLY F 37 -33.12 14.34 32.83
CA GLY F 37 -32.25 14.72 33.93
C GLY F 37 -31.04 15.53 33.50
N LEU F 38 -30.54 15.25 32.31
CA LEU F 38 -29.45 16.05 31.74
C LEU F 38 -29.95 17.45 31.44
N ASN F 39 -31.17 17.52 30.93
CA ASN F 39 -31.78 18.81 30.64
C ASN F 39 -32.09 19.56 31.94
N LYS F 40 -32.21 18.81 33.03
CA LYS F 40 -32.30 19.39 34.36
C LYS F 40 -30.88 19.59 34.88
N GLY F 41 -30.19 18.47 35.11
CA GLY F 41 -28.79 18.52 35.47
C GLY F 41 -27.96 18.76 34.22
N GLY F 42 -27.25 17.72 33.77
CA GLY F 42 -26.42 17.79 32.58
C GLY F 42 -25.41 18.93 32.56
N LYS F 43 -25.92 20.16 32.43
CA LYS F 43 -25.12 21.39 32.34
C LYS F 43 -24.46 21.59 30.96
N LEU F 44 -25.24 21.37 29.91
CA LEU F 44 -24.73 21.60 28.57
C LEU F 44 -24.71 23.07 28.18
N ASP F 45 -25.39 23.38 27.08
CA ASP F 45 -25.32 24.68 26.44
C ASP F 45 -26.23 24.58 25.23
N TYR F 46 -26.64 23.36 24.95
CA TYR F 46 -27.60 23.06 23.89
C TYR F 46 -28.56 22.08 24.55
N PRO F 47 -29.34 21.31 23.75
CA PRO F 47 -30.37 20.52 24.45
C PRO F 47 -30.52 19.10 23.95
N VAL F 48 -30.91 18.16 24.82
CA VAL F 48 -31.18 16.77 24.41
C VAL F 48 -32.68 16.32 24.37
N GLU F 49 -33.11 15.77 23.23
CA GLU F 49 -34.48 15.28 22.97
C GLU F 49 -34.58 13.74 22.80
N PHE F 50 -35.37 13.07 23.64
CA PHE F 50 -35.45 11.61 23.59
C PHE F 50 -36.45 11.05 22.58
N LYS F 51 -36.01 10.83 21.34
CA LYS F 51 -36.95 10.37 20.30
C LYS F 51 -37.09 8.82 20.22
N LEU F 52 -37.83 8.31 19.24
CA LEU F 52 -38.28 6.89 19.25
C LEU F 52 -37.29 5.77 19.64
N VAL F 53 -37.64 5.03 20.70
CA VAL F 53 -36.90 3.84 21.14
C VAL F 53 -36.95 2.80 20.03
N ALA F 54 -35.85 2.13 19.75
CA ALA F 54 -35.84 1.24 18.58
C ALA F 54 -35.50 -0.21 18.88
N THR F 55 -36.18 -1.11 18.18
CA THR F 55 -35.93 -2.53 18.34
C THR F 55 -36.00 -3.27 17.01
N THR F 56 -36.16 -2.53 15.91
CA THR F 56 -36.19 -3.14 14.59
C THR F 56 -35.24 -2.49 13.57
N ALA F 57 -34.73 -3.30 12.65
CA ALA F 57 -33.86 -2.82 11.57
C ALA F 57 -34.48 -1.77 10.64
N ASP F 58 -35.81 -1.72 10.57
CA ASP F 58 -36.49 -0.74 9.73
C ASP F 58 -36.75 0.55 10.53
N SER F 59 -36.52 0.47 11.83
CA SER F 59 -36.77 1.60 12.70
C SER F 59 -35.53 2.44 12.89
N ILE F 60 -34.40 1.78 13.13
CA ILE F 60 -33.17 2.52 13.39
C ILE F 60 -32.77 3.13 12.09
N THR F 61 -33.14 2.46 11.00
CA THR F 61 -32.96 3.04 9.67
C THR F 61 -33.66 4.39 9.53
N LYS F 62 -34.98 4.42 9.59
CA LYS F 62 -35.74 5.66 9.33
C LYS F 62 -35.57 6.82 10.32
N PHE F 63 -35.17 6.53 11.55
CA PHE F 63 -34.62 7.52 12.49
C PHE F 63 -33.46 8.22 11.81
N MET F 64 -32.34 7.49 11.70
CA MET F 64 -31.13 7.92 11.00
C MET F 64 -31.49 8.62 9.70
N LYS F 65 -32.37 8.02 8.90
CA LYS F 65 -32.91 8.64 7.68
C LYS F 65 -33.55 9.97 8.03
N GLU F 66 -34.47 9.93 9.00
CA GLU F 66 -35.19 11.12 9.44
C GLU F 66 -34.26 12.25 9.93
N ALA F 67 -33.22 11.90 10.69
CA ALA F 67 -32.25 12.90 11.15
C ALA F 67 -31.71 13.71 9.99
N ASN F 68 -30.81 13.11 9.24
CA ASN F 68 -30.30 13.64 7.97
C ASN F 68 -31.06 14.81 7.32
N TYR F 69 -32.26 14.57 6.81
CA TYR F 69 -33.06 15.64 6.17
C TYR F 69 -33.43 16.77 7.15
N ASN F 70 -33.80 16.39 8.36
CA ASN F 70 -34.12 17.37 9.38
C ASN F 70 -32.85 18.12 9.73
N ASP F 71 -32.43 19.03 8.84
CA ASP F 71 -31.10 19.66 8.96
C ASP F 71 -31.00 20.68 10.07
N ASP F 72 -31.94 20.66 11.01
CA ASP F 72 -31.79 21.43 12.22
C ASP F 72 -31.22 20.52 13.33
N VAL F 73 -31.16 19.21 13.09
CA VAL F 73 -30.64 18.28 14.09
C VAL F 73 -29.17 17.94 13.82
N ALA F 74 -28.37 18.11 14.87
CA ALA F 74 -26.94 18.31 14.72
C ALA F 74 -26.18 17.30 15.51
N GLY F 75 -26.86 16.26 15.96
CA GLY F 75 -26.26 15.32 16.88
C GLY F 75 -27.06 14.05 16.98
N VAL F 76 -26.45 13.03 17.57
CA VAL F 76 -27.14 11.77 17.80
C VAL F 76 -26.49 11.11 18.99
N ILE F 77 -27.27 10.98 20.08
CA ILE F 77 -26.80 10.26 21.27
C ILE F 77 -27.41 8.85 21.32
N THR F 78 -26.54 7.84 21.29
CA THR F 78 -26.94 6.44 21.24
C THR F 78 -26.55 5.70 22.50
N TRP F 79 -27.53 4.98 23.06
CA TRP F 79 -27.30 4.10 24.21
C TRP F 79 -28.24 2.91 24.12
N MET F 80 -27.66 1.72 24.17
CA MET F 80 -28.46 0.51 24.16
C MET F 80 -28.79 0.05 25.60
N HIS F 81 -30.02 0.31 26.03
CA HIS F 81 -30.52 -0.08 27.34
C HIS F 81 -30.60 -1.61 27.43
N THR F 82 -30.65 -2.25 26.26
CA THR F 82 -30.70 -3.70 26.17
C THR F 82 -29.80 -4.28 25.08
N PHE F 83 -29.58 -5.59 25.13
CA PHE F 83 -28.92 -6.30 24.08
C PHE F 83 -29.56 -5.93 22.75
N SER F 84 -28.83 -5.15 21.96
CA SER F 84 -29.35 -4.66 20.70
C SER F 84 -28.56 -5.21 19.53
N PRO F 85 -29.03 -6.30 18.94
CA PRO F 85 -28.44 -6.87 17.73
C PRO F 85 -28.21 -5.80 16.69
N ALA F 86 -26.93 -5.48 16.48
CA ALA F 86 -26.51 -4.38 15.63
C ALA F 86 -26.54 -4.71 14.15
N LYS F 87 -26.91 -5.93 13.78
CA LYS F 87 -27.18 -6.27 12.37
C LYS F 87 -28.32 -5.37 11.92
N ASN F 88 -28.94 -4.71 12.89
CA ASN F 88 -30.07 -3.84 12.67
C ASN F 88 -29.70 -2.35 12.82
N TRP F 89 -28.46 -2.10 13.25
CA TRP F 89 -27.93 -0.72 13.36
C TRP F 89 -27.05 -0.42 12.16
N ILE F 90 -26.77 -1.51 11.42
CA ILE F 90 -25.90 -1.52 10.25
C ILE F 90 -26.29 -0.39 9.32
N ARG F 91 -27.42 -0.49 8.62
CA ARG F 91 -27.82 0.55 7.65
C ARG F 91 -28.16 1.88 8.31
N GLY F 92 -28.47 1.89 9.58
CA GLY F 92 -28.59 3.17 10.23
C GLY F 92 -27.23 3.83 10.23
N THR F 93 -26.36 3.41 11.16
CA THR F 93 -24.97 3.86 11.19
C THR F 93 -24.31 4.02 9.82
N GLU F 94 -24.49 3.05 8.93
CA GLU F 94 -24.00 3.10 7.54
C GLU F 94 -24.45 4.34 6.77
N LEU F 95 -25.72 4.72 6.93
CA LEU F 95 -26.27 5.89 6.26
C LEU F 95 -26.40 7.09 7.21
N LEU F 96 -26.05 6.91 8.49
CA LEU F 96 -25.95 8.05 9.44
C LEU F 96 -24.94 9.12 8.99
N GLN F 97 -25.44 10.30 8.69
CA GLN F 97 -24.64 11.36 8.09
C GLN F 97 -24.44 12.54 9.07
N LYS F 98 -24.37 12.21 10.37
CA LYS F 98 -24.25 13.19 11.49
C LYS F 98 -23.64 12.59 12.77
N PRO F 99 -22.90 13.42 13.54
CA PRO F 99 -22.07 12.96 14.65
C PRO F 99 -22.73 12.10 15.69
N LEU F 100 -22.39 10.81 15.68
CA LEU F 100 -22.91 9.86 16.66
C LEU F 100 -22.15 10.03 17.95
N LEU F 101 -22.76 9.54 19.04
CA LEU F 101 -22.13 9.48 20.36
C LEU F 101 -22.46 8.17 21.01
N HIS F 102 -21.45 7.39 21.39
CA HIS F 102 -21.76 6.18 22.17
C HIS F 102 -21.93 6.58 23.62
N LEU F 103 -23.05 6.20 24.23
CA LEU F 103 -23.19 6.40 25.66
C LEU F 103 -23.47 5.08 26.37
N ALA F 104 -22.42 4.29 26.60
CA ALA F 104 -22.57 3.11 27.46
C ALA F 104 -22.71 3.61 28.90
N THR F 105 -23.87 3.36 29.49
CA THR F 105 -24.25 3.86 30.80
C THR F 105 -25.40 3.00 31.31
N GLN F 106 -25.67 3.05 32.61
CA GLN F 106 -26.80 2.28 33.15
C GLN F 106 -27.85 3.16 33.81
N PHE F 107 -29.12 2.77 33.63
CA PHE F 107 -30.24 3.48 34.21
C PHE F 107 -30.02 3.60 35.70
N LEU F 108 -29.37 2.59 36.27
CA LEU F 108 -28.96 2.57 37.67
C LEU F 108 -27.44 2.71 37.83
N ASN F 109 -26.99 3.71 38.60
CA ASN F 109 -25.57 3.90 38.82
C ASN F 109 -24.95 2.83 39.73
N ASN F 110 -25.71 1.77 40.01
CA ASN F 110 -25.23 0.58 40.72
C ASN F 110 -26.30 -0.52 40.74
N ILE F 111 -25.94 -1.71 40.28
CA ILE F 111 -26.88 -2.83 40.20
C ILE F 111 -27.34 -3.31 41.59
N PRO F 112 -28.66 -3.37 41.80
CA PRO F 112 -29.23 -3.82 43.08
C PRO F 112 -28.74 -5.22 43.47
N PHE F 113 -27.61 -5.26 44.16
CA PHE F 113 -26.93 -6.51 44.54
C PHE F 113 -27.82 -7.54 45.22
N ASP F 114 -28.73 -7.06 46.07
CA ASP F 114 -29.57 -7.93 46.86
C ASP F 114 -30.96 -8.14 46.25
N SER F 115 -31.13 -7.78 44.98
CA SER F 115 -32.43 -7.90 44.34
C SER F 115 -32.41 -7.98 42.80
N ILE F 116 -31.26 -8.30 42.24
CA ILE F 116 -31.10 -8.40 40.79
C ILE F 116 -31.44 -9.81 40.30
N ASP F 117 -32.47 -9.92 39.47
CA ASP F 117 -32.84 -11.23 38.96
C ASP F 117 -32.98 -11.15 37.45
N MET F 118 -33.61 -12.18 36.87
CA MET F 118 -33.73 -12.28 35.42
C MET F 118 -34.84 -11.40 34.81
N ASP F 119 -35.58 -10.69 35.67
CA ASP F 119 -36.50 -9.66 35.23
C ASP F 119 -35.74 -8.34 35.02
N TYR F 120 -34.66 -8.19 35.77
CA TYR F 120 -33.78 -7.03 35.66
C TYR F 120 -32.55 -7.40 34.85
N MET F 121 -32.64 -8.52 34.15
CA MET F 121 -31.62 -8.91 33.19
C MET F 121 -32.15 -8.89 31.76
N ASN F 122 -33.44 -9.15 31.58
CA ASN F 122 -34.12 -8.90 30.30
C ASN F 122 -34.45 -7.41 30.16
N LEU F 123 -33.62 -6.59 30.80
CA LEU F 123 -33.82 -5.17 31.02
C LEU F 123 -32.60 -4.66 31.80
N HIS F 124 -32.24 -3.39 31.63
CA HIS F 124 -31.05 -2.82 32.25
C HIS F 124 -29.81 -3.71 32.09
N GLN F 125 -29.15 -3.61 30.95
CA GLN F 125 -27.92 -4.36 30.69
C GLN F 125 -27.15 -3.68 29.57
N SER F 126 -26.05 -3.04 29.94
CA SER F 126 -25.27 -2.21 29.01
C SER F 126 -23.88 -2.79 28.77
N ALA F 127 -23.39 -3.52 29.75
CA ALA F 127 -22.07 -4.15 29.68
C ALA F 127 -21.89 -5.03 28.44
N HIS F 128 -22.94 -5.13 27.64
CA HIS F 128 -22.82 -5.80 26.35
C HIS F 128 -23.50 -5.04 25.23
N GLY F 129 -24.82 -5.12 25.16
CA GLY F 129 -25.61 -4.43 24.16
C GLY F 129 -25.10 -3.08 23.69
N ASP F 130 -24.34 -2.40 24.56
CA ASP F 130 -23.58 -1.20 24.21
C ASP F 130 -22.30 -1.57 23.45
N ARG F 131 -21.46 -2.36 24.10
CA ARG F 131 -20.29 -2.95 23.47
C ARG F 131 -20.65 -3.60 22.13
N GLU F 132 -21.75 -4.35 22.08
CA GLU F 132 -22.21 -5.03 20.86
C GLU F 132 -22.63 -4.02 19.77
N TYR F 133 -22.95 -2.80 20.19
CA TYR F 133 -23.18 -1.73 19.24
C TYR F 133 -21.84 -1.38 18.66
N ALA F 134 -20.80 -1.50 19.48
CA ALA F 134 -19.48 -1.00 19.11
C ALA F 134 -18.75 -1.81 18.01
N TYR F 135 -18.93 -3.13 17.95
CA TYR F 135 -18.45 -3.87 16.78
C TYR F 135 -18.89 -3.08 15.56
N ILE F 136 -20.19 -3.00 15.36
CA ILE F 136 -20.81 -2.26 14.26
C ILE F 136 -20.56 -0.74 14.14
N ASN F 137 -20.06 -0.09 15.19
CA ASN F 137 -19.70 1.30 15.04
C ASN F 137 -18.25 1.39 14.65
N SER F 138 -17.44 0.46 15.17
CA SER F 138 -16.01 0.36 14.81
C SER F 138 -15.75 -0.38 13.49
N ARG F 139 -16.75 -1.11 13.01
CA ARG F 139 -16.68 -1.97 11.83
C ARG F 139 -17.03 -1.19 10.57
N LEU F 140 -17.95 -0.23 10.72
CA LEU F 140 -18.40 0.60 9.62
C LEU F 140 -17.63 1.87 9.77
N ASN F 141 -16.64 1.85 10.65
CA ASN F 141 -15.69 2.95 10.76
C ASN F 141 -16.35 4.27 11.11
N VAL F 142 -17.09 4.30 12.22
CA VAL F 142 -17.87 5.47 12.54
C VAL F 142 -17.01 6.52 13.23
N PRO F 143 -16.90 7.69 12.61
CA PRO F 143 -16.19 8.88 13.08
C PRO F 143 -16.69 9.43 14.42
N ALA F 144 -17.10 8.59 15.36
CA ALA F 144 -17.85 9.07 16.53
C ALA F 144 -17.04 9.22 17.83
N ALA F 145 -17.51 10.08 18.74
CA ALA F 145 -16.92 10.10 20.09
C ALA F 145 -17.59 9.07 21.00
N SER F 146 -17.04 8.82 22.19
CA SER F 146 -17.50 7.72 23.05
C SER F 146 -17.33 8.02 24.55
N VAL F 147 -18.40 7.80 25.33
CA VAL F 147 -18.42 8.14 26.77
C VAL F 147 -18.97 7.04 27.69
N TYR F 148 -18.11 6.51 28.55
CA TYR F 148 -18.58 5.54 29.55
C TYR F 148 -18.93 6.18 30.89
N GLY F 149 -19.79 5.49 31.65
CA GLY F 149 -20.19 5.94 32.98
C GLY F 149 -21.64 6.37 33.07
N TRP F 150 -22.21 6.27 34.26
CA TRP F 150 -23.57 6.74 34.49
C TRP F 150 -23.59 8.24 34.17
N TRP F 151 -24.62 8.68 33.45
CA TRP F 151 -24.75 10.08 33.10
C TRP F 151 -24.84 10.92 34.36
N GLY F 152 -25.28 10.27 35.45
CA GLY F 152 -25.56 10.96 36.71
C GLY F 152 -24.42 11.77 37.26
N ASP F 153 -23.23 11.18 37.32
CA ASP F 153 -22.05 11.90 37.76
C ASP F 153 -21.86 13.13 36.87
N ALA F 154 -21.27 14.18 37.43
CA ALA F 154 -20.95 15.35 36.66
C ALA F 154 -19.67 15.12 35.85
N ASP F 155 -19.28 13.84 35.73
CA ASP F 155 -18.10 13.45 34.95
C ASP F 155 -18.42 13.23 33.47
N VAL F 156 -19.44 12.42 33.21
CA VAL F 156 -19.97 12.31 31.85
C VAL F 156 -20.48 13.68 31.41
N GLN F 157 -21.58 14.11 32.02
CA GLN F 157 -22.17 15.44 31.88
C GLN F 157 -21.26 16.57 31.38
N GLU F 158 -20.00 16.55 31.80
CA GLU F 158 -19.05 17.64 31.48
C GLU F 158 -18.34 17.50 30.13
N GLN F 159 -18.48 16.34 29.50
CA GLN F 159 -17.86 16.12 28.20
C GLN F 159 -18.94 15.95 27.11
N ILE F 160 -20.14 15.55 27.53
CA ILE F 160 -21.28 15.35 26.66
C ILE F 160 -21.79 16.71 26.22
N ALA F 161 -21.46 17.72 27.00
CA ALA F 161 -21.79 19.08 26.63
C ALA F 161 -20.67 19.59 25.77
N ASP F 162 -19.49 19.04 26.00
CA ASP F 162 -18.30 19.46 25.29
C ASP F 162 -18.40 19.05 23.82
N TRP F 163 -18.57 17.75 23.60
CA TRP F 163 -18.80 17.16 22.28
C TRP F 163 -20.06 17.71 21.58
N GLN F 164 -20.85 18.47 22.33
CA GLN F 164 -22.06 19.09 21.80
C GLN F 164 -21.66 20.31 21.01
N HIS F 165 -20.66 21.07 21.48
CA HIS F 165 -20.14 22.18 20.65
C HIS F 165 -19.32 21.65 19.44
N VAL F 166 -18.48 20.65 19.69
CA VAL F 166 -17.73 19.95 18.64
C VAL F 166 -18.57 19.53 17.45
N ALA F 167 -19.87 19.35 17.68
CA ALA F 167 -20.72 18.72 16.70
C ALA F 167 -21.27 19.80 15.83
N VAL F 168 -21.92 20.75 16.48
CA VAL F 168 -22.54 21.87 15.80
C VAL F 168 -21.57 22.54 14.85
N ALA F 169 -20.29 22.27 15.01
CA ALA F 169 -19.39 22.92 14.11
C ALA F 169 -19.29 22.14 12.82
N TYR F 170 -19.24 20.81 12.87
CA TYR F 170 -19.24 20.06 11.62
C TYR F 170 -20.58 20.34 10.91
N ASN F 171 -21.63 20.52 11.70
CA ASN F 171 -22.89 20.97 11.15
C ASN F 171 -22.67 22.30 10.46
N GLU F 172 -22.02 23.23 11.15
CA GLU F 172 -21.99 24.63 10.70
C GLU F 172 -20.97 24.95 9.62
N SER F 173 -19.88 24.19 9.56
CA SER F 173 -18.83 24.43 8.60
C SER F 173 -19.34 24.25 7.20
N PHE F 174 -20.04 23.16 6.98
CA PHE F 174 -20.51 22.88 5.66
C PHE F 174 -21.52 23.97 5.19
N HIS F 175 -21.54 25.10 5.92
CA HIS F 175 -22.32 26.33 5.63
C HIS F 175 -21.41 27.57 5.62
N ILE F 176 -20.16 27.42 6.07
CA ILE F 176 -19.31 28.59 6.36
C ILE F 176 -18.78 29.12 5.03
N LYS F 177 -19.42 30.11 4.44
CA LYS F 177 -18.92 30.70 3.22
C LYS F 177 -17.91 31.78 3.66
N ILE F 178 -17.29 32.44 2.69
CA ILE F 178 -16.13 33.32 2.91
C ILE F 178 -15.65 34.06 1.66
N ALA F 179 -15.72 35.39 1.67
CA ALA F 179 -15.17 36.24 0.60
C ALA F 179 -13.68 36.32 0.68
N ARG F 180 -13.04 36.54 -0.46
CA ARG F 180 -11.60 36.77 -0.48
C ARG F 180 -11.26 38.08 -1.16
N PHE F 181 -11.15 39.10 -0.32
CA PHE F 181 -10.78 40.44 -0.74
C PHE F 181 -9.36 40.41 -1.29
N GLY F 182 -9.24 39.82 -2.48
CA GLY F 182 -7.97 39.59 -3.17
C GLY F 182 -7.43 38.17 -3.00
N ASP F 183 -6.78 37.63 -4.02
CA ASP F 183 -6.25 36.25 -3.96
C ASP F 183 -4.98 36.04 -3.12
N THR F 184 -4.22 35.00 -3.45
CA THR F 184 -3.12 34.59 -2.61
C THR F 184 -1.89 35.53 -2.69
N MET F 185 -1.21 35.73 -1.56
CA MET F 185 -0.08 36.65 -1.45
C MET F 185 1.06 36.30 -2.42
N ARG F 186 1.74 37.31 -2.96
CA ARG F 186 2.82 37.10 -3.92
C ARG F 186 3.97 36.23 -3.40
N ASP F 187 4.22 35.12 -4.11
CA ASP F 187 5.37 34.24 -3.90
C ASP F 187 5.42 33.52 -2.54
N VAL F 188 4.28 33.12 -1.97
CA VAL F 188 4.30 32.45 -0.65
C VAL F 188 3.53 31.09 -0.62
N ALA F 189 3.91 30.20 0.31
CA ALA F 189 3.41 28.81 0.37
C ALA F 189 2.25 28.45 1.34
N VAL F 190 2.47 28.58 2.64
CA VAL F 190 1.55 28.03 3.64
C VAL F 190 0.12 28.55 3.47
N THR F 191 0.03 29.77 2.98
CA THR F 191 -1.26 30.42 2.75
C THR F 191 -2.16 29.69 1.75
N GLU F 192 -1.55 29.06 0.74
CA GLU F 192 -2.29 28.33 -0.28
C GLU F 192 -2.65 26.89 0.12
N GLY F 193 -3.45 26.27 -0.75
CA GLY F 193 -4.04 24.96 -0.54
C GLY F 193 -5.11 24.73 -1.59
N ASP F 194 -5.62 23.50 -1.72
CA ASP F 194 -6.66 23.25 -2.71
C ASP F 194 -8.01 23.77 -2.27
N LYS F 195 -8.62 24.53 -3.16
CA LYS F 195 -9.99 24.99 -2.93
C LYS F 195 -10.85 23.76 -2.84
N VAL F 196 -11.01 23.06 -3.98
CA VAL F 196 -11.61 21.73 -4.10
C VAL F 196 -11.50 20.84 -2.85
N ALA F 197 -10.34 20.77 -2.21
CA ALA F 197 -10.14 19.80 -1.11
C ALA F 197 -10.74 20.24 0.19
N ALA F 198 -10.66 21.53 0.45
CA ALA F 198 -11.10 22.08 1.72
C ALA F 198 -12.58 21.99 1.78
N GLN F 199 -13.19 21.91 0.61
CA GLN F 199 -14.64 22.07 0.44
C GLN F 199 -15.42 20.78 0.54
N ILE F 200 -14.76 19.66 0.31
CA ILE F 200 -15.40 18.36 0.38
C ILE F 200 -15.13 17.85 1.76
N LYS F 201 -14.02 18.32 2.32
CA LYS F 201 -13.48 17.84 3.57
C LYS F 201 -14.08 18.58 4.77
N LEU F 202 -14.12 19.89 4.61
CA LEU F 202 -14.30 20.83 5.69
C LEU F 202 -15.48 21.70 5.26
N GLY F 203 -16.02 21.41 4.09
CA GLY F 203 -17.10 22.20 3.54
C GLY F 203 -16.93 23.71 3.44
N TRP F 204 -15.84 24.27 3.94
CA TRP F 204 -15.75 25.73 3.94
C TRP F 204 -15.71 26.23 2.49
N THR F 205 -16.69 27.05 2.12
CA THR F 205 -16.80 27.47 0.72
C THR F 205 -16.09 28.77 0.47
N VAL F 206 -14.97 28.72 -0.26
CA VAL F 206 -14.12 29.88 -0.55
C VAL F 206 -14.52 30.54 -1.89
N ASP F 207 -14.93 31.81 -1.84
CA ASP F 207 -15.10 32.58 -3.06
C ASP F 207 -14.31 33.90 -3.05
N TYR F 208 -13.87 34.34 -4.22
CA TYR F 208 -13.07 35.56 -4.35
C TYR F 208 -13.75 36.59 -5.25
N TYR F 209 -13.51 37.85 -4.90
CA TYR F 209 -14.02 39.00 -5.62
C TYR F 209 -12.90 40.03 -5.72
N PRO F 210 -12.83 40.74 -6.86
CA PRO F 210 -11.89 41.85 -7.06
C PRO F 210 -12.02 42.85 -5.93
N THR F 211 -10.99 43.64 -5.65
CA THR F 211 -11.16 44.64 -4.60
C THR F 211 -12.01 45.83 -5.08
N ASN F 212 -12.04 46.08 -6.40
CA ASN F 212 -12.96 47.08 -7.00
C ASN F 212 -14.38 47.11 -6.40
N GLU F 213 -15.06 45.97 -6.39
CA GLU F 213 -16.38 45.82 -5.78
C GLU F 213 -16.50 46.42 -4.35
N LEU F 214 -15.71 45.95 -3.39
CA LEU F 214 -15.82 46.39 -1.97
C LEU F 214 -15.43 47.87 -1.73
N VAL F 215 -14.66 48.40 -2.68
CA VAL F 215 -14.18 49.78 -2.60
C VAL F 215 -15.21 50.80 -3.11
N ALA F 216 -15.72 50.59 -4.33
CA ALA F 216 -16.82 51.42 -4.84
C ALA F 216 -18.12 51.14 -4.09
N VAL F 217 -18.08 50.18 -3.16
CA VAL F 217 -19.12 49.99 -2.16
C VAL F 217 -18.90 50.99 -1.01
N VAL F 218 -17.67 51.07 -0.51
CA VAL F 218 -17.31 52.11 0.47
C VAL F 218 -17.55 53.49 -0.12
N ASN F 219 -17.36 53.59 -1.43
CA ASN F 219 -17.56 54.83 -2.15
C ASN F 219 -19.03 55.25 -2.20
N GLY F 220 -19.81 54.77 -1.24
CA GLY F 220 -21.24 55.03 -1.16
C GLY F 220 -21.83 55.01 0.24
N ILE F 221 -21.01 55.33 1.24
CA ILE F 221 -21.44 55.39 2.63
C ILE F 221 -21.62 56.85 3.08
N ALA F 222 -22.81 57.18 3.58
CA ALA F 222 -23.08 58.55 4.03
C ALA F 222 -22.38 58.87 5.36
N GLU F 223 -21.92 60.11 5.49
CA GLU F 223 -21.06 60.52 6.59
C GLU F 223 -21.74 60.38 7.95
N ASP F 224 -23.07 60.43 7.92
CA ASP F 224 -23.89 60.24 9.12
C ASP F 224 -23.64 58.90 9.82
N GLU F 225 -23.86 57.81 9.10
CA GLU F 225 -23.69 56.47 9.66
C GLU F 225 -22.33 56.31 10.32
N ILE F 226 -21.30 56.74 9.60
CA ILE F 226 -19.92 56.63 10.05
C ILE F 226 -19.59 57.57 11.20
N ASP F 227 -20.52 58.49 11.52
CA ASP F 227 -20.43 59.27 12.75
C ASP F 227 -20.76 58.39 13.96
N ALA F 228 -22.02 58.02 14.06
CA ALA F 228 -22.57 57.32 15.24
C ALA F 228 -21.90 55.98 15.54
N ALA F 229 -20.86 55.66 14.78
CA ALA F 229 -20.09 54.46 15.01
C ALA F 229 -18.97 54.73 16.03
N TYR F 230 -18.28 55.86 15.85
CA TYR F 230 -17.20 56.25 16.76
C TYR F 230 -17.81 56.54 18.10
N LYS F 231 -18.98 57.17 18.06
CA LYS F 231 -19.74 57.45 19.27
C LYS F 231 -20.04 56.16 20.02
N ASP F 232 -20.17 55.07 19.27
CA ASP F 232 -20.20 53.72 19.84
C ASP F 232 -18.78 53.18 20.16
N LEU F 233 -17.76 53.81 19.58
CA LEU F 233 -16.37 53.41 19.77
C LEU F 233 -15.75 53.98 21.03
N GLU F 234 -16.03 55.26 21.28
CA GLU F 234 -15.50 55.99 22.45
C GLU F 234 -16.33 55.74 23.68
N ALA F 235 -17.24 54.77 23.61
CA ALA F 235 -17.98 54.34 24.78
C ALA F 235 -17.52 52.94 25.18
N ASN F 236 -16.89 52.23 24.25
CA ASN F 236 -16.27 50.94 24.56
C ASN F 236 -14.74 51.02 24.79
N TYR F 237 -14.09 51.96 24.11
CA TYR F 237 -12.63 52.09 24.21
C TYR F 237 -12.19 53.29 25.04
N ASP F 238 -10.88 53.56 25.01
CA ASP F 238 -10.30 54.72 25.68
C ASP F 238 -9.38 55.45 24.69
N LEU F 239 -10.00 56.02 23.65
CA LEU F 239 -9.28 56.65 22.53
C LEU F 239 -8.03 57.43 22.96
N VAL F 240 -7.01 57.41 22.10
CA VAL F 240 -5.72 58.01 22.43
C VAL F 240 -5.74 59.53 22.29
N GLU F 241 -4.61 60.15 22.63
CA GLU F 241 -4.47 61.60 22.56
C GLU F 241 -4.88 62.12 21.18
N GLY F 242 -4.31 61.53 20.12
CA GLY F 242 -4.56 61.98 18.75
C GLY F 242 -5.29 61.01 17.82
N ASP F 243 -6.51 60.66 18.20
CA ASP F 243 -7.40 59.80 17.39
C ASP F 243 -8.73 60.51 17.18
N ASN F 244 -9.35 60.89 18.30
CA ASN F 244 -10.65 61.56 18.34
C ASN F 244 -10.61 63.02 17.83
N ASP F 245 -11.30 63.91 18.55
CA ASP F 245 -11.55 65.28 18.09
C ASP F 245 -10.30 66.16 17.93
N HIS F 246 -10.30 66.97 16.87
CA HIS F 246 -9.24 67.94 16.55
C HIS F 246 -7.82 67.36 16.51
N GLU F 247 -7.72 66.03 16.42
CA GLU F 247 -6.44 65.34 16.44
C GLU F 247 -5.65 65.51 15.14
N LYS F 248 -4.33 65.37 15.25
CA LYS F 248 -3.42 65.48 14.10
C LYS F 248 -3.73 64.46 13.01
N TYR F 249 -4.63 63.53 13.34
CA TYR F 249 -5.06 62.46 12.45
C TYR F 249 -6.37 61.88 12.98
N VAL F 250 -7.49 62.37 12.47
CA VAL F 250 -8.78 61.97 13.02
C VAL F 250 -9.76 61.38 12.01
N HIS F 251 -9.75 61.89 10.77
CA HIS F 251 -10.64 61.36 9.71
C HIS F 251 -9.97 60.18 9.01
N ASN F 252 -8.91 59.71 9.68
CA ASN F 252 -8.25 58.45 9.41
C ASN F 252 -8.86 57.25 10.20
N VAL F 253 -9.57 57.56 11.28
CA VAL F 253 -10.32 56.55 12.03
C VAL F 253 -11.75 56.50 11.47
N ARG F 254 -12.17 57.62 10.90
CA ARG F 254 -13.42 57.69 10.13
C ARG F 254 -13.34 56.99 8.74
N TYR F 255 -12.13 56.93 8.18
CA TYR F 255 -11.82 56.06 7.01
C TYR F 255 -11.33 54.67 7.43
N GLN F 256 -11.56 54.31 8.69
CA GLN F 256 -11.31 52.95 9.17
C GLN F 256 -12.60 52.47 9.77
N LEU F 257 -13.59 53.35 9.73
CA LEU F 257 -14.97 52.93 9.99
C LEU F 257 -15.79 53.02 8.69
N ARG F 258 -15.26 53.66 7.66
CA ARG F 258 -15.88 53.56 6.32
C ARG F 258 -15.58 52.18 5.76
N GLU F 259 -15.04 51.31 6.62
CA GLU F 259 -14.66 49.95 6.25
C GLU F 259 -15.29 48.94 7.22
N TYR F 260 -15.04 49.09 8.51
CA TYR F 260 -15.60 48.20 9.54
C TYR F 260 -17.11 48.12 9.49
N LEU F 261 -17.75 49.00 8.75
CA LEU F 261 -19.17 48.91 8.59
C LEU F 261 -19.41 48.30 7.22
N GLY F 262 -18.67 48.78 6.21
CA GLY F 262 -18.77 48.30 4.83
C GLY F 262 -18.37 46.84 4.58
N ILE F 263 -17.53 46.30 5.45
CA ILE F 263 -17.27 44.87 5.44
C ILE F 263 -18.42 44.15 6.14
N LYS F 264 -18.92 44.71 7.24
CA LYS F 264 -20.03 44.11 7.97
C LYS F 264 -21.34 44.31 7.18
N LYS F 265 -21.23 45.00 6.05
CA LYS F 265 -22.34 45.16 5.10
C LYS F 265 -22.02 44.57 3.74
N PHE F 266 -20.90 43.86 3.67
CA PHE F 266 -20.59 43.09 2.45
C PHE F 266 -20.62 41.58 2.75
N LEU F 267 -19.84 41.21 3.76
CA LEU F 267 -19.87 39.89 4.37
C LEU F 267 -21.26 39.29 4.54
N ASP F 268 -22.12 40.04 5.19
CA ASP F 268 -23.49 39.61 5.47
C ASP F 268 -24.47 39.80 4.28
N ASP F 269 -24.41 40.97 3.65
CA ASP F 269 -25.21 41.30 2.47
C ASP F 269 -24.92 40.42 1.23
N ASN F 270 -23.99 39.48 1.40
CA ASN F 270 -23.75 38.39 0.45
C ASN F 270 -23.32 37.13 1.21
N GLY F 271 -23.64 37.12 2.49
CA GLY F 271 -23.52 35.93 3.30
C GLY F 271 -22.17 35.26 3.43
N TYR F 272 -21.11 36.02 3.26
CA TYR F 272 -19.80 35.46 3.51
C TYR F 272 -19.54 35.53 5.01
N ASP F 273 -19.38 34.38 5.64
CA ASP F 273 -19.26 34.31 7.08
C ASP F 273 -17.93 34.90 7.56
N ALA F 274 -16.97 35.06 6.64
CA ALA F 274 -15.61 35.47 6.96
C ALA F 274 -14.90 36.08 5.75
N PHE F 275 -13.72 36.69 5.93
CA PHE F 275 -13.02 37.41 4.83
C PHE F 275 -11.47 37.34 4.84
N THR F 276 -10.86 37.49 3.66
CA THR F 276 -9.38 37.65 3.58
C THR F 276 -8.89 38.99 3.05
N ASP F 277 -8.12 39.70 3.87
CA ASP F 277 -7.55 40.99 3.47
C ASP F 277 -6.05 41.01 3.42
N ASN F 278 -5.49 41.30 2.25
CA ASN F 278 -4.04 41.43 2.10
C ASN F 278 -3.61 42.77 1.56
N PHE F 279 -2.35 43.11 1.80
CA PHE F 279 -1.86 44.41 1.41
C PHE F 279 -1.53 44.58 -0.08
N GLN F 280 -1.12 43.53 -0.76
CA GLN F 280 -0.77 43.66 -2.18
C GLN F 280 -1.99 43.94 -3.05
N ASP F 281 -3.12 44.21 -2.41
CA ASP F 281 -4.32 44.56 -3.15
C ASP F 281 -5.18 45.58 -2.43
N LEU F 282 -4.84 46.86 -2.54
CA LEU F 282 -5.59 47.94 -1.92
C LEU F 282 -5.76 49.08 -2.88
N GLU F 283 -5.63 48.83 -4.17
CA GLU F 283 -5.51 49.94 -5.11
C GLU F 283 -6.78 50.77 -5.15
N GLY F 284 -6.84 51.81 -4.31
CA GLY F 284 -7.99 52.69 -4.23
C GLY F 284 -8.70 52.68 -2.89
N LEU F 285 -8.04 52.12 -1.87
CA LEU F 285 -8.53 52.18 -0.50
C LEU F 285 -7.66 53.14 0.32
N GLU F 286 -8.26 53.72 1.35
CA GLU F 286 -7.58 54.63 2.27
C GLU F 286 -6.36 53.98 2.92
N GLN F 287 -6.48 53.55 4.17
CA GLN F 287 -5.42 52.72 4.74
C GLN F 287 -5.64 51.23 4.44
N LEU F 288 -5.15 50.40 5.34
CA LEU F 288 -5.37 48.97 5.28
C LEU F 288 -6.24 48.57 6.46
N PRO F 289 -7.30 47.79 6.21
CA PRO F 289 -8.13 47.23 7.27
C PRO F 289 -7.33 46.85 8.51
N GLY F 290 -7.73 47.37 9.67
CA GLY F 290 -7.04 47.06 10.90
C GLY F 290 -7.91 46.98 12.14
N LEU F 291 -8.20 48.11 12.78
CA LEU F 291 -9.08 48.09 13.93
C LEU F 291 -10.44 47.67 13.41
N ALA F 292 -10.69 48.00 12.16
CA ALA F 292 -11.89 47.53 11.45
C ALA F 292 -11.98 46.00 11.41
N VAL F 293 -10.87 45.32 11.69
CA VAL F 293 -10.91 43.88 11.71
C VAL F 293 -10.62 43.32 13.10
N GLN F 294 -10.85 44.14 14.12
CA GLN F 294 -10.81 43.64 15.48
C GLN F 294 -12.19 43.88 16.06
N LEU F 295 -13.00 44.58 15.28
CA LEU F 295 -14.41 44.85 15.56
C LEU F 295 -15.25 44.08 14.55
N LEU F 296 -14.67 42.98 14.06
CA LEU F 296 -15.35 41.95 13.26
C LEU F 296 -15.02 40.62 13.89
N MET F 297 -13.82 40.54 14.42
CA MET F 297 -13.40 39.33 15.11
C MET F 297 -14.21 39.18 16.40
N ILE F 298 -14.45 40.29 17.10
CA ILE F 298 -15.22 40.30 18.35
C ILE F 298 -16.71 40.10 18.09
N ASP F 299 -17.12 40.46 16.88
CA ASP F 299 -18.46 40.18 16.32
C ASP F 299 -18.49 38.79 15.69
N GLY F 300 -17.57 37.93 16.13
CA GLY F 300 -17.51 36.56 15.69
C GLY F 300 -16.95 36.29 14.29
N TYR F 301 -17.26 37.18 13.33
CA TYR F 301 -16.91 36.99 11.92
C TYR F 301 -15.43 36.65 11.74
N GLY F 302 -15.08 35.90 10.69
CA GLY F 302 -13.75 35.31 10.56
C GLY F 302 -12.67 35.97 9.69
N PHE F 303 -11.46 36.10 10.24
CA PHE F 303 -10.41 36.82 9.53
C PHE F 303 -9.20 35.95 9.18
N GLY F 304 -8.74 36.15 7.94
CA GLY F 304 -7.60 35.44 7.39
C GLY F 304 -6.64 36.41 6.75
N PRO F 305 -5.58 36.73 7.51
CA PRO F 305 -4.39 37.59 7.47
C PRO F 305 -4.02 37.94 6.06
N GLU F 306 -2.85 37.49 5.65
CA GLU F 306 -2.32 37.82 4.34
C GLU F 306 -2.91 36.89 3.27
N GLY F 307 -4.23 36.78 3.24
CA GLY F 307 -4.89 35.96 2.24
C GLY F 307 -5.21 34.54 2.68
N ASP F 308 -4.62 34.14 3.79
CA ASP F 308 -4.64 32.77 4.26
C ASP F 308 -6.03 32.25 4.67
N PHE F 309 -6.79 31.75 3.69
CA PHE F 309 -8.13 31.18 3.95
C PHE F 309 -8.14 29.88 4.79
N LYS F 310 -6.96 29.30 5.02
CA LYS F 310 -6.83 28.15 5.91
C LYS F 310 -6.92 28.60 7.35
N MET F 311 -6.35 29.75 7.71
CA MET F 311 -6.67 30.30 9.04
C MET F 311 -7.95 31.18 9.01
N ALA F 312 -8.25 31.79 7.87
CA ALA F 312 -9.51 32.54 7.74
C ALA F 312 -10.73 31.83 8.29
N GLY F 313 -11.22 30.83 7.57
CA GLY F 313 -12.34 30.04 8.03
C GLY F 313 -12.06 29.22 9.28
N LEU F 314 -10.79 28.86 9.49
CA LEU F 314 -10.43 28.03 10.64
C LEU F 314 -10.84 28.73 11.91
N THR F 315 -10.81 30.06 11.88
CA THR F 315 -11.19 30.87 13.03
C THR F 315 -12.72 30.94 13.14
N ARG F 316 -13.40 31.16 12.02
CA ARG F 316 -14.86 31.01 11.97
C ARG F 316 -15.30 29.56 12.29
N LEU F 317 -14.51 28.58 11.85
CA LEU F 317 -14.74 27.20 12.27
C LEU F 317 -14.52 27.03 13.77
N LEU F 318 -13.74 27.93 14.36
CA LEU F 318 -13.31 27.78 15.76
C LEU F 318 -13.81 28.93 16.62
N LYS F 319 -14.62 29.81 16.03
CA LYS F 319 -15.29 30.83 16.81
C LYS F 319 -16.80 30.57 16.91
N ILE F 320 -17.25 29.47 16.31
CA ILE F 320 -18.61 29.01 16.51
C ILE F 320 -18.63 28.22 17.81
N ALA F 321 -17.44 27.82 18.24
CA ALA F 321 -17.19 27.31 19.57
C ALA F 321 -17.01 28.47 20.55
N ALA F 322 -16.81 29.67 20.01
CA ALA F 322 -16.77 30.88 20.83
C ALA F 322 -18.17 31.33 21.17
N ASP F 323 -19.11 30.40 21.09
CA ASP F 323 -20.34 30.52 21.85
C ASP F 323 -19.89 30.35 23.30
N ASN F 324 -19.68 31.47 23.97
CA ASN F 324 -19.15 31.53 25.32
C ASN F 324 -17.74 30.95 25.48
N LYS F 325 -16.80 31.40 24.62
CA LYS F 325 -15.39 30.99 24.68
C LYS F 325 -14.39 32.05 24.14
N GLN F 326 -13.17 32.04 24.69
CA GLN F 326 -12.08 32.94 24.29
C GLN F 326 -11.28 32.35 23.13
N THR F 327 -11.33 33.00 21.97
CA THR F 327 -10.75 32.41 20.76
C THR F 327 -10.28 33.46 19.74
N ALA F 328 -9.12 33.23 19.12
CA ALA F 328 -8.51 34.20 18.21
C ALA F 328 -7.45 33.67 17.24
N LEU F 329 -7.25 34.41 16.14
CA LEU F 329 -6.12 34.26 15.21
C LEU F 329 -4.80 34.40 15.94
N MET F 330 -3.69 34.26 15.22
CA MET F 330 -2.33 34.52 15.75
C MET F 330 -1.19 34.22 14.75
N GLU F 331 -0.38 35.24 14.41
CA GLU F 331 0.79 35.08 13.52
C GLU F 331 2.12 35.47 14.21
N ASP F 332 2.87 34.47 14.73
CA ASP F 332 4.07 34.69 15.55
C ASP F 332 5.08 35.71 15.01
N TYR F 333 5.31 36.77 15.79
CA TYR F 333 5.99 37.97 15.29
C TYR F 333 7.43 38.20 15.75
N THR F 334 7.83 37.60 16.88
CA THR F 334 9.23 37.62 17.34
C THR F 334 9.35 36.58 18.46
N LEU F 335 10.58 36.25 18.85
CA LEU F 335 10.81 35.37 19.99
C LEU F 335 11.67 36.05 21.02
N ASP F 336 11.96 35.32 22.09
CA ASP F 336 12.85 35.81 23.14
C ASP F 336 13.89 34.76 23.51
N LEU F 337 15.09 35.21 23.85
CA LEU F 337 16.14 34.31 24.30
C LEU F 337 16.50 34.55 25.76
N ARG F 338 16.57 33.44 26.49
CA ARG F 338 16.77 33.38 27.93
C ARG F 338 16.74 31.90 28.34
N HIS F 339 17.32 31.59 29.49
CA HIS F 339 17.26 30.26 30.07
C HIS F 339 16.11 30.16 31.08
N GLY F 340 14.94 30.66 30.71
CA GLY F 340 13.80 30.70 31.62
C GLY F 340 12.72 31.62 31.12
N HIS F 341 13.08 32.52 30.21
CA HIS F 341 12.14 33.49 29.66
C HIS F 341 12.10 33.49 28.12
N GLU F 342 12.22 32.30 27.53
CA GLU F 342 12.02 32.08 26.09
C GLU F 342 10.54 32.21 25.76
N ALA F 343 10.21 33.15 24.86
CA ALA F 343 8.81 33.43 24.57
C ALA F 343 8.54 33.56 23.10
N ILE F 344 7.25 33.62 22.78
CA ILE F 344 6.76 33.75 21.42
C ILE F 344 5.71 34.85 21.46
N MET F 345 6.14 36.10 21.27
CA MET F 345 5.24 37.24 21.34
C MET F 345 4.44 37.32 20.04
N GLY F 346 3.18 36.90 20.11
CA GLY F 346 2.35 36.76 18.94
C GLY F 346 1.57 38.01 18.60
N SER F 347 1.36 38.26 17.32
CA SER F 347 0.68 39.46 16.85
C SER F 347 0.47 39.48 15.33
N HIS F 348 0.22 40.65 14.77
CA HIS F 348 0.07 40.78 13.32
C HIS F 348 0.23 42.21 12.83
N MET F 349 0.26 42.39 11.50
CA MET F 349 0.40 43.69 10.85
C MET F 349 -0.41 44.76 11.56
N LEU F 350 -1.65 44.41 11.91
CA LEU F 350 -2.54 45.26 12.71
C LEU F 350 -3.46 44.37 13.55
N GLU F 351 -3.61 43.11 13.13
CA GLU F 351 -4.82 42.31 13.40
C GLU F 351 -4.80 41.30 14.55
N VAL F 352 -4.95 41.73 15.79
CA VAL F 352 -4.98 40.75 16.86
C VAL F 352 -6.34 40.74 17.50
N ASP F 353 -7.05 39.63 17.40
CA ASP F 353 -8.42 39.57 17.93
C ASP F 353 -8.53 39.95 19.43
N PRO F 354 -9.04 41.15 19.70
CA PRO F 354 -9.11 41.60 21.09
C PRO F 354 -10.03 40.78 21.97
N THR F 355 -10.05 39.46 21.84
CA THR F 355 -10.96 38.69 22.69
C THR F 355 -10.31 38.39 24.05
N LEU F 356 -9.00 38.17 24.02
CA LEU F 356 -8.18 37.96 25.19
C LEU F 356 -7.55 39.28 25.65
N ALA F 357 -8.18 39.98 26.59
CA ALA F 357 -7.69 41.33 26.96
C ALA F 357 -8.08 41.82 28.38
N SER F 358 -7.70 43.05 28.73
CA SER F 358 -8.12 43.66 30.01
C SER F 358 -8.70 45.10 29.91
N ASP F 359 -8.65 45.66 28.69
CA ASP F 359 -9.14 47.02 28.42
C ASP F 359 -9.40 47.27 26.91
N LYS F 360 -8.44 47.95 26.26
CA LYS F 360 -8.32 48.07 24.79
C LYS F 360 -8.84 49.36 24.15
N PRO F 361 -7.96 50.35 23.96
CA PRO F 361 -8.22 51.72 23.50
C PRO F 361 -7.75 52.09 22.09
N ARG F 362 -8.67 52.50 21.22
CA ARG F 362 -8.39 52.82 19.81
C ARG F 362 -7.29 53.85 19.56
N VAL F 363 -6.26 53.46 18.79
CA VAL F 363 -5.06 54.28 18.52
C VAL F 363 -4.51 54.16 17.08
N GLU F 364 -4.29 55.29 16.39
CA GLU F 364 -3.84 55.27 14.98
C GLU F 364 -2.33 55.32 14.77
N VAL F 365 -1.62 54.73 15.74
CA VAL F 365 -0.16 54.84 15.91
C VAL F 365 0.72 54.71 14.67
N HIS F 366 1.45 53.61 14.55
CA HIS F 366 2.58 53.53 13.61
C HIS F 366 2.20 53.86 12.16
N PRO F 367 3.22 54.17 11.34
CA PRO F 367 3.06 54.46 9.91
C PRO F 367 3.34 53.22 9.07
N LEU F 368 2.32 52.40 8.83
CA LEU F 368 2.48 51.11 8.15
C LEU F 368 3.06 51.21 6.74
N GLY F 369 4.37 51.02 6.64
CA GLY F 369 5.08 51.20 5.38
C GLY F 369 4.94 50.05 4.40
N ILE F 370 3.90 49.24 4.59
CA ILE F 370 3.62 48.16 3.65
C ILE F 370 2.62 48.63 2.59
N GLY F 371 2.50 47.84 1.52
CA GLY F 371 1.73 48.21 0.34
C GLY F 371 0.40 48.81 0.70
N GLY F 372 0.39 50.13 0.87
CA GLY F 372 -0.77 50.88 1.30
C GLY F 372 -0.45 52.33 1.61
N LYS F 373 -1.46 53.18 1.49
CA LYS F 373 -1.34 54.63 1.64
C LYS F 373 -1.12 55.17 3.08
N ASP F 374 -2.20 55.41 3.81
CA ASP F 374 -2.15 56.13 5.10
C ASP F 374 -1.94 55.22 6.33
N ASP F 375 -1.85 55.81 7.53
CA ASP F 375 -1.47 55.07 8.75
C ASP F 375 -2.63 54.74 9.68
N PRO F 376 -2.92 53.44 9.82
CA PRO F 376 -4.13 52.90 10.48
C PRO F 376 -4.13 52.56 11.99
N ALA F 377 -5.33 52.71 12.55
CA ALA F 377 -5.59 52.55 13.98
C ALA F 377 -5.84 51.12 14.42
N ARG F 378 -5.62 50.85 15.70
CA ARG F 378 -5.74 49.49 16.20
C ARG F 378 -5.86 49.40 17.72
N LEU F 379 -6.32 48.26 18.21
CA LEU F 379 -6.47 48.07 19.64
C LEU F 379 -5.20 47.43 20.23
N VAL F 380 -4.69 48.04 21.30
CA VAL F 380 -3.52 47.56 21.97
C VAL F 380 -3.98 47.21 23.40
N PHE F 381 -3.61 46.02 23.89
CA PHE F 381 -4.23 45.46 25.10
C PHE F 381 -3.39 44.31 25.66
N THR F 382 -3.53 43.98 26.95
CA THR F 382 -2.81 42.82 27.51
C THR F 382 -3.69 41.56 27.64
N GLY F 383 -3.19 40.46 27.05
CA GLY F 383 -3.96 39.24 26.83
C GLY F 383 -4.17 38.33 28.02
N ALA F 384 -4.99 37.29 27.83
CA ALA F 384 -5.43 36.41 28.93
C ALA F 384 -4.42 35.31 29.26
N GLU F 385 -4.43 34.86 30.51
CA GLU F 385 -3.41 33.92 31.00
C GLU F 385 -4.01 32.56 31.39
N GLY F 386 -3.28 31.47 31.07
CA GLY F 386 -3.71 30.11 31.43
C GLY F 386 -3.42 28.96 30.46
N LYS F 387 -4.19 27.88 30.58
CA LYS F 387 -4.16 26.75 29.64
C LYS F 387 -4.87 27.09 28.33
N GLY F 388 -4.43 26.43 27.26
CA GLY F 388 -4.97 26.64 25.93
C GLY F 388 -3.95 26.26 24.89
N TYR F 389 -4.39 25.58 23.84
CA TYR F 389 -3.49 25.11 22.80
C TYR F 389 -3.51 26.08 21.64
N ASP F 390 -2.66 25.83 20.65
CA ASP F 390 -2.77 26.55 19.38
C ASP F 390 -2.63 25.62 18.17
N ILE F 391 -3.59 25.70 17.23
CA ILE F 391 -3.67 24.82 16.03
C ILE F 391 -3.48 25.54 14.68
N THR F 392 -3.02 24.79 13.68
CA THR F 392 -2.91 25.25 12.29
C THR F 392 -3.53 24.25 11.28
N LEU F 393 -3.93 24.74 10.12
CA LEU F 393 -4.21 23.83 9.00
C LEU F 393 -3.15 24.02 7.91
N SER F 394 -2.51 22.91 7.51
CA SER F 394 -1.55 22.91 6.39
C SER F 394 -1.97 21.88 5.30
N TYR F 395 -1.77 22.23 4.02
CA TYR F 395 -2.16 21.40 2.84
C TYR F 395 -1.01 20.61 2.26
N PHE F 396 -0.81 19.38 2.71
CA PHE F 396 0.45 18.70 2.44
C PHE F 396 0.48 17.59 1.36
N ASP F 397 0.11 17.95 0.13
CA ASP F 397 0.22 17.09 -1.07
C ASP F 397 -0.71 15.86 -1.18
N ASP F 398 -0.75 15.03 -0.16
CA ASP F 398 -1.77 13.99 -0.07
C ASP F 398 -3.09 14.56 0.44
N GLY F 399 -3.04 15.69 1.15
CA GLY F 399 -4.21 16.41 1.63
C GLY F 399 -4.03 17.00 3.02
N TYR F 400 -4.92 17.92 3.41
CA TYR F 400 -4.85 18.62 4.70
C TYR F 400 -4.53 17.78 5.91
N LYS F 401 -3.87 18.47 6.83
CA LYS F 401 -3.38 17.91 8.08
C LYS F 401 -3.51 19.02 9.13
N PHE F 402 -3.80 18.62 10.36
CA PHE F 402 -3.99 19.55 11.48
C PHE F 402 -2.89 19.39 12.55
N ILE F 403 -1.97 20.36 12.60
CA ILE F 403 -0.95 20.38 13.64
C ILE F 403 -1.30 21.44 14.69
N GLY F 404 -1.21 21.07 15.97
CA GLY F 404 -1.68 21.91 17.06
C GLY F 404 -1.06 21.65 18.43
N TYR F 405 -0.36 22.66 18.95
CA TYR F 405 0.46 22.47 20.14
C TYR F 405 -0.19 23.04 21.40
N PRO F 406 -0.04 22.31 22.52
CA PRO F 406 -0.48 22.70 23.87
C PRO F 406 0.47 23.76 24.41
N VAL F 407 -0.02 24.80 25.05
CA VAL F 407 0.87 25.84 25.57
C VAL F 407 0.40 26.47 26.87
N ASP F 408 1.30 27.24 27.48
CA ASP F 408 0.98 28.17 28.54
C ASP F 408 1.16 29.58 27.99
N CYS F 409 0.12 30.40 28.05
CA CYS F 409 0.23 31.81 27.70
C CYS F 409 -0.19 32.66 28.89
N LYS F 410 0.53 33.76 29.13
CA LYS F 410 0.22 34.68 30.22
C LYS F 410 0.53 36.13 29.82
N THR F 411 0.82 36.96 30.83
CA THR F 411 1.16 38.38 30.63
C THR F 411 2.67 38.57 30.57
N PRO F 412 3.16 39.30 29.55
CA PRO F 412 4.59 39.45 29.18
C PRO F 412 5.53 40.05 30.25
N GLU F 413 6.69 40.53 29.80
CA GLU F 413 7.76 41.04 30.68
C GLU F 413 7.64 42.52 31.07
N ALA F 414 7.35 43.37 30.08
CA ALA F 414 7.01 44.78 30.29
C ALA F 414 6.37 45.37 29.04
N GLU F 415 5.25 46.08 29.22
CA GLU F 415 4.49 46.63 28.09
C GLU F 415 5.27 47.68 27.28
N MET F 416 5.25 47.53 25.97
CA MET F 416 5.98 48.42 25.07
C MET F 416 5.16 49.60 24.58
N PRO F 417 5.60 50.82 24.89
CA PRO F 417 4.97 52.01 24.31
C PRO F 417 5.61 52.32 22.96
N LYS F 418 5.84 51.29 22.15
CA LYS F 418 6.51 51.45 20.86
C LYS F 418 5.82 50.63 19.77
N LEU F 419 4.83 49.84 20.19
CA LEU F 419 4.13 48.91 19.30
C LEU F 419 2.76 49.46 18.88
N PRO F 420 2.40 49.26 17.60
CA PRO F 420 1.06 49.65 17.12
C PRO F 420 0.13 48.45 17.10
N VAL F 421 0.54 47.38 17.77
CA VAL F 421 -0.13 46.07 17.73
C VAL F 421 -0.09 45.41 19.09
N ALA F 422 -0.96 44.43 19.31
CA ALA F 422 -1.08 43.71 20.59
C ALA F 422 -0.13 42.52 20.74
N LYS F 423 -0.23 41.81 21.85
CA LYS F 423 0.71 40.72 22.14
C LYS F 423 0.03 39.43 22.57
N GLN F 424 0.73 38.31 22.36
CA GLN F 424 0.24 37.03 22.83
C GLN F 424 1.44 36.23 23.28
N MET F 425 2.17 36.79 24.22
CA MET F 425 3.33 36.11 24.75
C MET F 425 2.89 34.75 25.25
N TRP F 426 3.42 33.70 24.65
CA TRP F 426 3.27 32.35 25.20
C TRP F 426 4.57 31.55 25.23
N THR F 427 4.53 30.44 25.96
CA THR F 427 5.68 29.56 26.11
C THR F 427 5.18 28.15 25.91
N PRO F 428 5.16 27.71 24.64
CA PRO F 428 4.70 26.41 24.13
C PRO F 428 5.04 25.34 25.12
N GLU F 429 4.13 24.43 25.41
CA GLU F 429 4.43 23.35 26.34
C GLU F 429 5.58 22.57 25.72
N ILE F 430 6.11 21.58 26.42
CA ILE F 430 7.26 20.81 25.89
C ILE F 430 8.50 21.65 25.56
N GLY F 431 8.33 22.97 25.43
CA GLY F 431 9.46 23.88 25.33
C GLY F 431 9.75 24.48 23.96
N LEU F 432 9.76 25.81 23.90
CA LEU F 432 9.99 26.58 22.67
C LEU F 432 10.87 25.94 21.58
N ALA F 433 12.06 25.49 21.94
CA ALA F 433 12.92 24.91 20.93
C ALA F 433 12.35 23.57 20.47
N GLU F 434 11.73 22.84 21.39
CA GLU F 434 11.18 21.51 21.09
C GLU F 434 9.90 21.59 20.25
N GLY F 435 8.91 22.32 20.77
CA GLY F 435 7.62 22.43 20.12
C GLY F 435 7.72 22.88 18.67
N ALA F 436 8.46 23.94 18.41
CA ALA F 436 8.63 24.44 17.05
C ALA F 436 9.68 23.63 16.28
N LYS F 437 10.07 22.50 16.89
CA LYS F 437 10.91 21.49 16.24
C LYS F 437 10.01 20.39 15.68
N GLN F 438 9.26 19.74 16.54
CA GLN F 438 8.22 18.84 16.08
C GLN F 438 7.22 19.57 15.16
N TRP F 439 7.19 20.90 15.21
CA TRP F 439 6.27 21.67 14.40
C TRP F 439 6.92 22.04 13.09
N MET F 440 8.05 22.75 13.13
CA MET F 440 8.76 23.12 11.89
C MET F 440 8.93 21.88 10.98
N LYS F 441 9.10 20.71 11.60
CA LYS F 441 9.20 19.42 10.91
C LYS F 441 7.86 18.87 10.42
N TYR F 442 7.19 18.09 11.27
CA TYR F 442 5.86 17.56 10.96
C TYR F 442 4.94 18.75 10.71
N GLY F 443 4.81 19.13 9.44
CA GLY F 443 3.91 20.19 9.03
C GLY F 443 4.43 21.55 9.40
N GLY F 444 3.51 22.48 9.67
CA GLY F 444 3.85 23.67 10.42
C GLY F 444 4.12 24.96 9.68
N GLY F 445 3.16 25.88 9.78
CA GLY F 445 3.19 27.14 9.05
C GLY F 445 3.25 28.37 9.93
N HIS F 446 2.86 29.53 9.42
CA HIS F 446 3.13 30.78 10.12
C HIS F 446 1.91 31.61 10.52
N HIS F 447 0.75 30.97 10.52
CA HIS F 447 -0.48 31.54 11.05
C HIS F 447 -1.04 30.43 11.93
N THR F 448 -1.31 30.73 13.20
CA THR F 448 -1.88 29.70 14.07
C THR F 448 -3.29 30.11 14.49
N VAL F 449 -3.97 29.24 15.24
CA VAL F 449 -5.22 29.62 15.91
C VAL F 449 -5.00 29.47 17.41
N LEU F 450 -5.15 30.56 18.15
CA LEU F 450 -4.99 30.52 19.59
C LEU F 450 -6.37 30.59 20.21
N THR F 451 -6.72 29.52 20.90
CA THR F 451 -7.97 29.47 21.63
C THR F 451 -7.61 29.26 23.07
N LEU F 452 -7.85 30.28 23.89
CA LEU F 452 -7.49 30.22 25.28
C LEU F 452 -8.59 29.44 26.00
N ALA F 453 -9.42 28.76 25.21
CA ALA F 453 -10.67 28.15 25.67
C ALA F 453 -10.80 26.65 25.32
N LEU F 454 -10.96 26.37 24.03
CA LEU F 454 -11.10 25.00 23.51
C LEU F 454 -9.89 24.10 23.78
N SER F 455 -10.14 22.80 23.86
CA SER F 455 -9.12 21.84 24.35
C SER F 455 -8.55 20.89 23.30
N GLU F 456 -7.58 20.09 23.74
CA GLU F 456 -7.02 19.00 22.93
C GLU F 456 -8.10 17.96 22.63
N GLU F 457 -8.49 17.21 23.65
CA GLU F 457 -9.50 16.15 23.52
C GLU F 457 -10.80 16.67 22.89
N GLN F 458 -10.91 17.99 22.75
CA GLN F 458 -12.00 18.61 22.00
C GLN F 458 -11.66 18.71 20.50
N LEU F 459 -10.55 19.34 20.14
CA LEU F 459 -10.17 19.43 18.72
C LEU F 459 -10.04 18.04 18.04
N GLU F 460 -9.77 17.02 18.86
CA GLU F 460 -9.59 15.64 18.39
C GLU F 460 -10.89 14.88 18.36
N GLN F 461 -11.96 15.61 18.06
CA GLN F 461 -13.29 15.05 17.97
C GLN F 461 -13.92 15.61 16.72
N LEU F 462 -13.21 16.50 16.05
CA LEU F 462 -13.77 17.27 14.94
C LEU F 462 -12.94 17.10 13.67
N ALA F 463 -11.70 16.64 13.77
CA ALA F 463 -11.07 16.19 12.55
C ALA F 463 -11.83 14.91 12.29
N ARG F 464 -11.70 13.96 13.22
CA ARG F 464 -12.45 12.69 13.23
C ARG F 464 -13.75 12.71 12.42
N LEU F 465 -14.56 13.73 12.63
CA LEU F 465 -15.78 13.94 11.88
C LEU F 465 -15.59 14.77 10.60
N PHE F 466 -14.45 15.45 10.43
CA PHE F 466 -14.13 16.11 9.15
C PHE F 466 -13.26 15.09 8.41
N LYS F 467 -12.65 14.22 9.22
CA LYS F 467 -11.78 13.10 8.82
C LYS F 467 -10.49 13.53 8.14
N VAL F 468 -9.72 14.33 8.87
CA VAL F 468 -8.36 14.72 8.49
C VAL F 468 -7.42 14.41 9.68
N ASP F 469 -6.20 14.97 9.65
CA ASP F 469 -5.06 14.46 10.44
C ASP F 469 -4.61 15.27 11.69
N PHE F 470 -4.92 14.78 12.89
CA PHE F 470 -4.66 15.57 14.09
C PHE F 470 -3.33 15.25 14.79
N ILE F 471 -2.43 16.23 14.84
CA ILE F 471 -1.15 16.11 15.54
C ILE F 471 -1.28 16.03 17.08
N ASN F 472 -0.17 15.81 17.78
CA ASN F 472 -0.20 15.81 19.25
C ASN F 472 1.08 16.31 19.95
N ILE F 473 1.25 17.62 19.95
CA ILE F 473 2.41 18.24 20.56
C ILE F 473 2.03 18.94 21.89
N LYS F 474 2.25 18.24 23.02
CA LYS F 474 1.98 18.77 24.37
C LYS F 474 3.23 19.20 25.16
#